data_2L5D
#
_entry.id   2L5D
#
loop_
_entity.id
_entity.type
_entity.pdbx_description
1 polymer 'Piwi-like protein 1'
2 polymer "5'-R(*UP*GP*AP*CP*A)-3'"
#
loop_
_entity_poly.entity_id
_entity_poly.type
_entity_poly.pdbx_seq_one_letter_code
_entity_poly.pdbx_strand_id
1 'polypeptide(L)'
;CTDVSHKVLRSETVLDFMFNFYHQTEEHKFQEQVSKELIGLVVLTKYNNKTYRVDDIDWDQNPKSTFKKADGSEVSFLEY
YRKQYNQEITDLKQPVLVSQPKRRRGPGGTLPGPAMLIPELCYLTGLTDKMRND
;
A
2 'polyribonucleotide' UGACA B
#
loop_
_chem_comp.id
_chem_comp.type
_chem_comp.name
_chem_comp.formula
A RNA linking ADENOSINE-5'-MONOPHOSPHATE 'C10 H14 N5 O7 P'
C RNA linking CYTIDINE-5'-MONOPHOSPHATE 'C9 H14 N3 O8 P'
G RNA linking GUANOSINE-5'-MONOPHOSPHATE 'C10 H14 N5 O8 P'
U RNA linking URIDINE-5'-MONOPHOSPHATE 'C9 H13 N2 O9 P'
#
# COMPACT_ATOMS: atom_id res chain seq x y z
N CYS A 1 17.94 -14.80 -11.18
CA CYS A 1 18.56 -15.14 -9.87
C CYS A 1 19.03 -13.88 -9.16
N THR A 2 18.80 -13.83 -7.85
CA THR A 2 19.21 -12.69 -7.03
C THR A 2 18.74 -11.36 -7.62
N ASP A 3 17.51 -11.34 -8.14
CA ASP A 3 16.95 -10.13 -8.73
C ASP A 3 16.09 -9.38 -7.71
N VAL A 4 16.18 -8.06 -7.75
CA VAL A 4 15.41 -7.23 -6.83
C VAL A 4 14.87 -5.97 -7.51
N SER A 5 14.21 -5.12 -6.73
CA SER A 5 13.63 -3.88 -7.24
C SER A 5 12.74 -4.11 -8.47
N HIS A 6 12.17 -3.02 -8.97
CA HIS A 6 11.30 -3.09 -10.14
C HIS A 6 11.06 -1.68 -10.72
N LYS A 7 11.52 -1.47 -11.94
CA LYS A 7 11.36 -0.19 -12.61
C LYS A 7 9.90 0.12 -12.88
N VAL A 8 9.24 0.65 -11.85
CA VAL A 8 7.82 1.01 -11.91
C VAL A 8 7.06 0.16 -12.93
N LEU A 9 6.59 -1.00 -12.49
CA LEU A 9 5.86 -1.90 -13.36
C LEU A 9 4.51 -1.31 -13.78
N ARG A 10 3.97 -1.81 -14.88
CA ARG A 10 2.70 -1.34 -15.41
C ARG A 10 1.56 -1.65 -14.43
N SER A 11 1.24 -2.93 -14.29
CA SER A 11 0.16 -3.36 -13.41
C SER A 11 0.60 -4.52 -12.52
N GLU A 12 0.34 -4.38 -11.22
CA GLU A 12 0.69 -5.38 -10.23
C GLU A 12 0.54 -4.79 -8.84
N THR A 13 -0.21 -5.46 -8.00
CA THR A 13 -0.43 -4.99 -6.64
C THR A 13 0.76 -5.35 -5.75
N VAL A 14 1.09 -4.48 -4.79
CA VAL A 14 2.23 -4.72 -3.92
C VAL A 14 2.06 -6.01 -3.12
N LEU A 15 0.88 -6.61 -3.21
CA LEU A 15 0.62 -7.87 -2.56
C LEU A 15 1.29 -8.95 -3.38
N ASP A 16 1.11 -8.82 -4.69
CA ASP A 16 1.72 -9.73 -5.65
C ASP A 16 3.22 -9.52 -5.61
N PHE A 17 3.58 -8.28 -5.30
CA PHE A 17 4.97 -7.86 -5.19
C PHE A 17 5.58 -8.46 -3.93
N MET A 18 5.12 -7.96 -2.79
CA MET A 18 5.57 -8.45 -1.50
C MET A 18 5.39 -9.98 -1.43
N PHE A 19 4.63 -10.51 -2.40
CA PHE A 19 4.39 -11.96 -2.51
C PHE A 19 5.67 -12.66 -2.92
N ASN A 20 6.18 -12.30 -4.09
CA ASN A 20 7.40 -12.90 -4.57
C ASN A 20 8.48 -12.71 -3.53
N PHE A 21 8.43 -11.56 -2.87
CA PHE A 21 9.37 -11.23 -1.81
C PHE A 21 9.20 -12.20 -0.65
N TYR A 22 8.01 -12.78 -0.55
CA TYR A 22 7.72 -13.78 0.48
C TYR A 22 8.44 -15.08 0.14
N HIS A 23 8.59 -15.33 -1.15
CA HIS A 23 9.23 -16.55 -1.64
C HIS A 23 10.77 -16.48 -1.61
N GLN A 24 11.32 -15.38 -1.11
CA GLN A 24 12.79 -15.24 -1.06
C GLN A 24 13.32 -15.13 0.38
N THR A 25 13.58 -13.89 0.79
CA THR A 25 14.11 -13.57 2.12
C THR A 25 13.48 -14.37 3.26
N GLU A 26 14.17 -14.40 4.41
CA GLU A 26 13.71 -15.11 5.59
C GLU A 26 12.39 -14.52 6.10
N GLU A 27 12.09 -14.70 7.39
CA GLU A 27 10.87 -14.14 7.97
C GLU A 27 11.14 -12.72 8.45
N HIS A 28 11.97 -12.61 9.49
CA HIS A 28 12.36 -11.33 10.06
C HIS A 28 12.96 -10.44 8.97
N LYS A 29 13.87 -11.02 8.18
CA LYS A 29 14.53 -10.31 7.12
C LYS A 29 13.51 -9.84 6.12
N PHE A 30 12.62 -10.75 5.74
CA PHE A 30 11.58 -10.45 4.78
C PHE A 30 10.99 -9.09 5.05
N GLN A 31 10.12 -9.06 6.04
CA GLN A 31 9.42 -7.85 6.43
C GLN A 31 10.32 -6.62 6.39
N GLU A 32 11.54 -6.76 6.90
CA GLU A 32 12.48 -5.64 6.91
C GLU A 32 12.72 -5.07 5.51
N GLN A 33 13.15 -5.92 4.58
CA GLN A 33 13.43 -5.47 3.21
C GLN A 33 12.18 -5.04 2.47
N VAL A 34 11.25 -5.98 2.29
CA VAL A 34 10.00 -5.67 1.58
C VAL A 34 9.61 -4.25 1.83
N SER A 35 9.34 -3.93 3.08
CA SER A 35 8.96 -2.59 3.42
C SER A 35 9.93 -1.63 2.76
N LYS A 36 11.21 -1.74 3.07
CA LYS A 36 12.19 -0.84 2.48
C LYS A 36 11.93 -0.65 0.99
N GLU A 37 11.37 -1.67 0.36
CA GLU A 37 11.06 -1.65 -1.06
C GLU A 37 9.84 -0.77 -1.37
N LEU A 38 8.84 -0.79 -0.49
CA LEU A 38 7.62 0.00 -0.67
C LEU A 38 7.65 1.29 0.16
N ILE A 39 8.34 1.27 1.30
CA ILE A 39 8.49 2.43 2.15
C ILE A 39 9.07 3.59 1.35
N GLY A 40 8.64 4.81 1.65
CA GLY A 40 9.12 5.98 0.92
C GLY A 40 8.72 5.93 -0.55
N LEU A 41 8.11 4.83 -0.93
CA LEU A 41 7.65 4.58 -2.30
C LEU A 41 6.15 4.76 -2.29
N VAL A 42 5.48 4.72 -3.43
CA VAL A 42 4.03 4.90 -3.43
C VAL A 42 3.32 3.77 -4.20
N VAL A 43 2.02 3.61 -3.93
CA VAL A 43 1.24 2.57 -4.57
C VAL A 43 -0.01 3.12 -5.24
N LEU A 44 -0.55 2.36 -6.19
CA LEU A 44 -1.75 2.76 -6.93
C LEU A 44 -2.96 1.97 -6.45
N THR A 45 -3.95 2.65 -5.91
CA THR A 45 -5.14 1.96 -5.43
C THR A 45 -6.01 1.58 -6.62
N LYS A 46 -6.03 0.27 -6.91
CA LYS A 46 -6.76 -0.27 -8.05
C LYS A 46 -8.24 0.15 -8.06
N TYR A 47 -8.88 0.17 -6.89
CA TYR A 47 -10.30 0.53 -6.83
C TYR A 47 -10.56 1.97 -7.25
N ASN A 48 -9.74 2.89 -6.77
CA ASN A 48 -9.91 4.30 -7.09
C ASN A 48 -8.69 4.87 -7.80
N ASN A 49 -7.98 4.02 -8.55
CA ASN A 49 -6.77 4.41 -9.29
C ASN A 49 -6.12 5.65 -8.70
N LYS A 50 -5.83 5.60 -7.41
CA LYS A 50 -5.21 6.73 -6.73
C LYS A 50 -3.94 6.29 -6.01
N THR A 51 -2.85 7.01 -6.27
CA THR A 51 -1.57 6.67 -5.69
C THR A 51 -1.22 7.49 -4.43
N TYR A 52 -0.83 6.76 -3.38
CA TYR A 52 -0.40 7.38 -2.12
C TYR A 52 1.01 6.91 -1.80
N ARG A 53 1.73 7.68 -1.00
CA ARG A 53 3.11 7.33 -0.68
C ARG A 53 3.22 6.39 0.51
N VAL A 54 3.40 5.09 0.23
CA VAL A 54 3.56 4.10 1.28
C VAL A 54 4.88 4.34 2.01
N ASP A 55 4.75 4.75 3.26
CA ASP A 55 5.89 5.03 4.13
C ASP A 55 6.04 3.95 5.17
N ASP A 56 5.02 3.11 5.26
CA ASP A 56 5.00 2.01 6.21
C ASP A 56 4.06 0.92 5.75
N ILE A 57 4.51 -0.32 5.78
CA ILE A 57 3.66 -1.45 5.44
C ILE A 57 3.06 -1.99 6.72
N ASP A 58 1.76 -1.91 6.85
CA ASP A 58 1.10 -2.38 8.05
C ASP A 58 1.09 -3.92 8.08
N TRP A 59 2.17 -4.49 8.62
CA TRP A 59 2.31 -5.93 8.71
C TRP A 59 1.50 -6.51 9.88
N ASP A 60 0.28 -6.04 10.04
CA ASP A 60 -0.56 -6.51 11.14
C ASP A 60 -1.99 -6.77 10.68
N GLN A 61 -2.62 -5.77 10.09
CA GLN A 61 -4.01 -5.89 9.64
C GLN A 61 -4.10 -6.52 8.26
N ASN A 62 -5.25 -7.13 7.98
CA ASN A 62 -5.51 -7.78 6.71
C ASN A 62 -6.55 -6.98 5.92
N PRO A 63 -6.82 -7.32 4.64
CA PRO A 63 -7.81 -6.60 3.83
C PRO A 63 -9.23 -6.80 4.36
N LYS A 64 -9.33 -7.37 5.56
CA LYS A 64 -10.61 -7.62 6.18
C LYS A 64 -10.94 -6.57 7.24
N SER A 65 -9.90 -5.92 7.76
CA SER A 65 -10.09 -4.88 8.77
C SER A 65 -11.38 -4.12 8.50
N THR A 66 -12.19 -3.89 9.54
CA THR A 66 -13.45 -3.21 9.35
C THR A 66 -13.52 -1.86 10.04
N PHE A 67 -14.61 -1.15 9.74
CA PHE A 67 -14.89 0.15 10.31
C PHE A 67 -16.32 0.55 9.96
N LYS A 68 -16.98 1.27 10.86
CA LYS A 68 -18.36 1.68 10.61
C LYS A 68 -18.43 2.76 9.54
N LYS A 69 -19.62 2.91 8.96
CA LYS A 69 -19.85 3.88 7.91
C LYS A 69 -20.46 5.15 8.48
N ALA A 70 -21.08 5.93 7.60
CA ALA A 70 -21.73 7.17 7.98
C ALA A 70 -22.65 6.97 9.18
N ASP A 71 -23.65 6.12 8.99
CA ASP A 71 -24.61 5.82 10.04
C ASP A 71 -24.04 4.79 11.00
N GLY A 72 -22.91 4.19 10.63
CA GLY A 72 -22.28 3.20 11.49
C GLY A 72 -22.23 1.83 10.84
N SER A 73 -22.37 1.76 9.52
CA SER A 73 -22.30 0.47 8.84
C SER A 73 -20.89 -0.06 8.89
N GLU A 74 -20.69 -1.18 9.56
CA GLU A 74 -19.36 -1.73 9.67
C GLU A 74 -18.99 -2.51 8.41
N VAL A 75 -18.11 -1.92 7.61
CA VAL A 75 -17.64 -2.57 6.40
C VAL A 75 -16.13 -2.76 6.44
N SER A 76 -15.69 -3.87 5.89
CA SER A 76 -14.27 -4.20 5.83
C SER A 76 -13.64 -3.64 4.58
N PHE A 77 -12.31 -3.59 4.54
CA PHE A 77 -11.62 -3.13 3.36
C PHE A 77 -12.21 -3.86 2.17
N LEU A 78 -12.21 -5.18 2.29
CA LEU A 78 -12.77 -6.06 1.28
C LEU A 78 -14.13 -5.54 0.83
N GLU A 79 -14.98 -5.21 1.79
CA GLU A 79 -16.30 -4.69 1.49
C GLU A 79 -16.24 -3.31 0.88
N TYR A 80 -15.88 -2.31 1.68
CA TYR A 80 -15.78 -0.93 1.19
C TYR A 80 -15.24 -0.87 -0.23
N TYR A 81 -14.24 -1.71 -0.49
CA TYR A 81 -13.57 -1.74 -1.78
C TYR A 81 -14.34 -2.54 -2.83
N ARG A 82 -14.96 -3.64 -2.42
CA ARG A 82 -15.70 -4.50 -3.34
C ARG A 82 -17.09 -3.93 -3.68
N LYS A 83 -17.77 -3.43 -2.68
CA LYS A 83 -19.10 -2.88 -2.86
C LYS A 83 -19.06 -1.52 -3.53
N GLN A 84 -18.26 -0.60 -2.98
CA GLN A 84 -18.18 0.72 -3.52
C GLN A 84 -17.44 0.80 -4.86
N TYR A 85 -16.43 -0.04 -5.06
CA TYR A 85 -15.65 0.04 -6.30
C TYR A 85 -15.43 -1.32 -6.97
N ASN A 86 -15.78 -2.40 -6.28
CA ASN A 86 -15.61 -3.74 -6.84
C ASN A 86 -14.20 -3.98 -7.38
N GLN A 87 -13.22 -4.12 -6.48
CA GLN A 87 -11.85 -4.37 -6.89
C GLN A 87 -11.38 -5.74 -6.45
N GLU A 88 -12.32 -6.58 -6.12
CA GLU A 88 -12.07 -7.93 -5.63
C GLU A 88 -10.70 -8.07 -4.97
N ILE A 89 -10.70 -8.05 -3.65
CA ILE A 89 -9.47 -8.18 -2.88
C ILE A 89 -8.81 -9.52 -3.16
N THR A 90 -9.54 -10.57 -2.79
CA THR A 90 -9.15 -11.96 -2.99
C THR A 90 -8.09 -12.40 -1.97
N ASP A 91 -6.93 -11.78 -2.00
CA ASP A 91 -5.87 -12.12 -1.04
C ASP A 91 -6.17 -11.42 0.27
N LEU A 92 -7.30 -11.82 0.84
CA LEU A 92 -7.81 -11.26 2.08
C LEU A 92 -6.99 -11.70 3.29
N LYS A 93 -5.73 -12.08 3.07
CA LYS A 93 -4.90 -12.49 4.20
C LYS A 93 -3.47 -11.94 4.14
N GLN A 94 -3.28 -10.79 3.51
CA GLN A 94 -1.96 -10.18 3.45
C GLN A 94 -1.95 -8.95 4.36
N PRO A 95 -0.87 -8.13 4.45
CA PRO A 95 -0.89 -6.99 5.34
C PRO A 95 -1.60 -5.81 4.75
N VAL A 96 -1.22 -4.63 5.20
CA VAL A 96 -1.79 -3.39 4.72
C VAL A 96 -0.66 -2.44 4.36
N LEU A 97 -1.01 -1.32 3.79
CA LEU A 97 -0.03 -0.33 3.41
C LEU A 97 -0.33 1.02 4.03
N VAL A 98 0.26 1.30 5.17
CA VAL A 98 0.02 2.58 5.79
C VAL A 98 0.83 3.65 5.09
N SER A 99 0.13 4.36 4.21
CA SER A 99 0.72 5.45 3.45
C SER A 99 0.72 6.70 4.30
N GLN A 100 1.89 7.27 4.53
CA GLN A 100 2.00 8.46 5.37
C GLN A 100 2.91 9.52 4.77
N PRO A 101 2.54 10.80 4.94
CA PRO A 101 3.32 11.94 4.44
C PRO A 101 4.65 12.06 5.15
N LYS A 102 4.62 11.68 6.41
CA LYS A 102 5.76 11.72 7.28
C LYS A 102 6.74 12.84 6.92
N ARG A 103 6.20 14.04 6.74
CA ARG A 103 6.98 15.22 6.42
C ARG A 103 8.24 15.31 7.29
N ARG A 104 9.20 16.12 6.84
CA ARG A 104 10.46 16.30 7.57
C ARG A 104 10.28 17.23 8.76
N ARG A 105 9.02 17.59 9.08
CA ARG A 105 8.71 18.48 10.20
C ARG A 105 9.58 19.74 10.17
N GLY A 106 10.26 19.93 9.04
CA GLY A 106 11.13 21.08 8.87
C GLY A 106 10.42 22.40 9.06
N PRO A 107 10.21 23.14 7.96
CA PRO A 107 9.55 24.44 7.97
C PRO A 107 8.03 24.33 7.89
N GLY A 108 7.53 24.01 6.70
CA GLY A 108 6.09 23.87 6.52
C GLY A 108 5.71 23.38 5.14
N GLY A 109 6.27 22.24 4.74
CA GLY A 109 5.95 21.67 3.44
C GLY A 109 4.72 20.82 3.48
N THR A 110 4.63 20.04 4.53
CA THR A 110 3.57 19.09 4.73
C THR A 110 3.46 18.17 3.55
N LEU A 111 3.77 16.91 3.76
CA LEU A 111 3.75 15.94 2.68
C LEU A 111 2.33 15.42 2.46
N PRO A 112 2.03 14.93 1.25
CA PRO A 112 0.73 14.39 0.89
C PRO A 112 0.70 12.89 0.65
N GLY A 113 -0.49 12.39 0.30
CA GLY A 113 -0.69 10.99 -0.04
C GLY A 113 -0.80 10.00 1.12
N PRO A 114 -1.61 10.27 2.17
CA PRO A 114 -1.79 9.31 3.26
C PRO A 114 -3.01 8.42 3.06
N ALA A 115 -2.87 7.12 3.36
CA ALA A 115 -3.98 6.19 3.15
C ALA A 115 -3.71 4.77 3.64
N MET A 116 -4.77 4.09 4.10
CA MET A 116 -4.68 2.70 4.50
C MET A 116 -5.02 1.87 3.26
N LEU A 117 -4.01 1.28 2.65
CA LEU A 117 -4.19 0.56 1.39
C LEU A 117 -4.16 -0.94 1.48
N ILE A 118 -4.80 -1.56 0.51
CA ILE A 118 -4.82 -3.01 0.38
C ILE A 118 -3.69 -3.40 -0.55
N PRO A 119 -2.76 -4.23 -0.09
CA PRO A 119 -1.64 -4.66 -0.93
C PRO A 119 -2.14 -5.35 -2.19
N GLU A 120 -3.32 -5.97 -2.13
CA GLU A 120 -3.87 -6.68 -3.30
C GLU A 120 -4.47 -5.74 -4.35
N LEU A 121 -4.35 -4.43 -4.17
CA LEU A 121 -4.89 -3.49 -5.17
C LEU A 121 -3.90 -2.39 -5.55
N CYS A 122 -2.80 -2.33 -4.84
CA CYS A 122 -1.78 -1.29 -5.02
C CYS A 122 -0.82 -1.53 -6.18
N TYR A 123 -1.14 -1.02 -7.36
CA TYR A 123 -0.24 -1.15 -8.50
C TYR A 123 1.07 -0.45 -8.19
N LEU A 124 2.11 -1.24 -7.88
CA LEU A 124 3.41 -0.70 -7.54
C LEU A 124 3.79 0.40 -8.51
N THR A 125 4.21 1.53 -7.98
CA THR A 125 4.59 2.67 -8.80
C THR A 125 6.11 2.85 -8.86
N GLY A 126 6.53 4.06 -8.55
CA GLY A 126 7.91 4.46 -8.56
C GLY A 126 7.96 5.95 -8.38
N LEU A 127 6.77 6.46 -8.09
CA LEU A 127 6.51 7.86 -7.87
C LEU A 127 7.39 8.43 -6.77
N THR A 128 7.34 7.80 -5.61
CA THR A 128 8.12 8.22 -4.45
C THR A 128 7.94 9.72 -4.22
N ASP A 129 6.75 10.18 -4.58
CA ASP A 129 6.38 11.59 -4.48
C ASP A 129 6.87 12.22 -3.17
N LYS A 130 7.77 13.19 -3.32
CA LYS A 130 8.33 13.90 -2.18
C LYS A 130 7.62 15.22 -1.96
N MET A 131 7.13 15.78 -3.06
CA MET A 131 6.42 17.07 -3.07
C MET A 131 5.94 17.48 -1.68
N ARG A 132 6.50 18.58 -1.19
CA ARG A 132 6.17 19.12 0.12
C ARG A 132 6.52 20.60 0.16
N ASN A 133 7.70 20.94 -0.36
CA ASN A 133 8.18 22.33 -0.40
C ASN A 133 8.66 22.79 0.96
N ASP A 134 9.56 22.03 1.56
CA ASP A 134 10.11 22.35 2.86
C ASP A 134 11.19 23.42 2.73
N CYS A 1 19.74 -12.50 -12.07
CA CYS A 1 18.48 -13.28 -12.03
C CYS A 1 17.67 -12.95 -10.77
N THR A 2 18.37 -12.72 -9.67
CA THR A 2 17.72 -12.39 -8.41
C THR A 2 17.86 -10.90 -8.08
N ASP A 3 16.79 -10.16 -8.31
CA ASP A 3 16.78 -8.72 -8.05
C ASP A 3 15.67 -8.36 -7.06
N VAL A 4 16.01 -7.54 -6.07
CA VAL A 4 15.05 -7.12 -5.06
C VAL A 4 14.70 -5.65 -5.22
N SER A 5 14.95 -5.12 -6.40
CA SER A 5 14.68 -3.74 -6.71
C SER A 5 13.83 -3.60 -7.97
N HIS A 6 12.90 -2.66 -7.94
CA HIS A 6 12.01 -2.43 -9.08
C HIS A 6 11.95 -0.95 -9.43
N LYS A 7 11.99 -0.64 -10.72
CA LYS A 7 11.96 0.75 -11.18
C LYS A 7 10.65 1.04 -11.90
N VAL A 8 9.87 1.93 -11.30
CA VAL A 8 8.59 2.35 -11.86
C VAL A 8 7.98 1.31 -12.78
N LEU A 9 7.26 0.36 -12.18
CA LEU A 9 6.61 -0.69 -12.95
C LEU A 9 5.28 -0.21 -13.50
N ARG A 10 4.62 -1.07 -14.26
CA ARG A 10 3.34 -0.72 -14.86
C ARG A 10 2.18 -1.16 -13.97
N SER A 11 1.95 -2.47 -13.91
CA SER A 11 0.86 -3.02 -13.10
C SER A 11 1.40 -3.79 -11.90
N GLU A 12 0.60 -4.75 -11.45
CA GLU A 12 0.96 -5.58 -10.31
C GLU A 12 0.79 -4.83 -9.00
N THR A 13 0.00 -5.41 -8.11
CA THR A 13 -0.24 -4.85 -6.80
C THR A 13 0.89 -5.26 -5.85
N VAL A 14 1.18 -4.42 -4.86
CA VAL A 14 2.27 -4.68 -3.94
C VAL A 14 2.07 -5.96 -3.16
N LEU A 15 0.89 -6.56 -3.27
CA LEU A 15 0.62 -7.81 -2.62
C LEU A 15 1.30 -8.90 -3.41
N ASP A 16 1.18 -8.80 -4.74
CA ASP A 16 1.80 -9.73 -5.65
C ASP A 16 3.30 -9.52 -5.59
N PHE A 17 3.65 -8.27 -5.29
CA PHE A 17 5.04 -7.85 -5.17
C PHE A 17 5.63 -8.42 -3.89
N MET A 18 5.15 -7.90 -2.77
CA MET A 18 5.58 -8.36 -1.46
C MET A 18 5.38 -9.88 -1.36
N PHE A 19 4.65 -10.45 -2.33
CA PHE A 19 4.41 -11.90 -2.40
C PHE A 19 5.68 -12.62 -2.79
N ASN A 20 6.18 -12.32 -3.99
CA ASN A 20 7.38 -12.94 -4.46
C ASN A 20 8.49 -12.72 -3.44
N PHE A 21 8.46 -11.53 -2.85
CA PHE A 21 9.41 -11.16 -1.81
C PHE A 21 9.26 -12.11 -0.62
N TYR A 22 8.05 -12.61 -0.43
CA TYR A 22 7.77 -13.55 0.65
C TYR A 22 8.59 -14.82 0.47
N HIS A 23 8.59 -15.34 -0.75
CA HIS A 23 9.31 -16.57 -1.07
C HIS A 23 10.82 -16.45 -0.85
N GLN A 24 11.41 -15.38 -1.38
CA GLN A 24 12.86 -15.17 -1.28
C GLN A 24 13.35 -15.07 0.18
N THR A 25 13.61 -13.83 0.61
CA THR A 25 14.10 -13.53 1.95
C THR A 25 13.44 -14.35 3.07
N GLU A 26 14.13 -14.40 4.22
CA GLU A 26 13.64 -15.13 5.39
C GLU A 26 12.32 -14.56 5.89
N GLU A 27 12.01 -14.76 7.17
CA GLU A 27 10.80 -14.22 7.75
C GLU A 27 11.05 -12.81 8.28
N HIS A 28 11.88 -12.73 9.32
CA HIS A 28 12.27 -11.47 9.92
C HIS A 28 12.85 -10.53 8.87
N LYS A 29 13.82 -11.05 8.10
CA LYS A 29 14.47 -10.30 7.06
C LYS A 29 13.45 -9.80 6.08
N PHE A 30 12.62 -10.73 5.62
CA PHE A 30 11.57 -10.42 4.67
C PHE A 30 10.96 -9.08 4.97
N GLN A 31 10.11 -9.07 5.97
CA GLN A 31 9.40 -7.89 6.39
C GLN A 31 10.28 -6.65 6.37
N GLU A 32 11.50 -6.77 6.88
CA GLU A 32 12.43 -5.64 6.93
C GLU A 32 12.68 -5.07 5.52
N GLN A 33 13.10 -5.92 4.60
CA GLN A 33 13.40 -5.46 3.24
C GLN A 33 12.17 -5.04 2.47
N VAL A 34 11.21 -5.96 2.30
CA VAL A 34 9.98 -5.63 1.57
C VAL A 34 9.62 -4.20 1.82
N SER A 35 9.32 -3.90 3.08
CA SER A 35 8.97 -2.56 3.44
C SER A 35 9.96 -1.60 2.79
N LYS A 36 11.25 -1.74 3.08
CA LYS A 36 12.23 -0.85 2.50
C LYS A 36 11.93 -0.61 1.01
N GLU A 37 11.42 -1.65 0.35
CA GLU A 37 11.08 -1.60 -1.06
C GLU A 37 9.86 -0.69 -1.34
N LEU A 38 8.88 -0.72 -0.44
CA LEU A 38 7.66 0.09 -0.60
C LEU A 38 7.70 1.37 0.26
N ILE A 39 8.37 1.30 1.40
CA ILE A 39 8.51 2.43 2.29
C ILE A 39 9.09 3.63 1.54
N GLY A 40 8.60 4.82 1.84
CA GLY A 40 9.08 6.01 1.15
C GLY A 40 8.73 5.98 -0.33
N LEU A 41 8.15 4.85 -0.74
CA LEU A 41 7.73 4.62 -2.10
C LEU A 41 6.22 4.79 -2.13
N VAL A 42 5.58 4.73 -3.27
CA VAL A 42 4.13 4.89 -3.30
C VAL A 42 3.46 3.77 -4.10
N VAL A 43 2.16 3.58 -3.89
CA VAL A 43 1.42 2.54 -4.57
C VAL A 43 0.24 3.13 -5.35
N LEU A 44 -0.46 2.28 -6.09
CA LEU A 44 -1.61 2.68 -6.90
C LEU A 44 -2.84 1.87 -6.51
N THR A 45 -3.86 2.51 -5.98
CA THR A 45 -5.05 1.79 -5.57
C THR A 45 -5.89 1.44 -6.79
N LYS A 46 -5.90 0.14 -7.10
CA LYS A 46 -6.62 -0.39 -8.25
C LYS A 46 -8.09 -0.01 -8.25
N TYR A 47 -8.73 0.00 -7.07
CA TYR A 47 -10.15 0.31 -7.01
C TYR A 47 -10.48 1.69 -7.59
N ASN A 48 -9.91 2.75 -7.02
CA ASN A 48 -10.16 4.09 -7.51
C ASN A 48 -8.88 4.74 -8.02
N ASN A 49 -8.06 3.94 -8.71
CA ASN A 49 -6.80 4.38 -9.28
C ASN A 49 -6.21 5.60 -8.59
N LYS A 50 -5.74 5.42 -7.36
CA LYS A 50 -5.16 6.52 -6.61
C LYS A 50 -3.82 6.13 -6.01
N THR A 51 -2.81 6.93 -6.28
CA THR A 51 -1.49 6.64 -5.76
C THR A 51 -1.18 7.39 -4.48
N TYR A 52 -0.86 6.64 -3.44
CA TYR A 52 -0.50 7.24 -2.16
C TYR A 52 0.92 6.83 -1.82
N ARG A 53 1.53 7.56 -0.90
CA ARG A 53 2.91 7.30 -0.53
C ARG A 53 3.03 6.31 0.62
N VAL A 54 3.32 5.05 0.28
CA VAL A 54 3.52 4.03 1.30
C VAL A 54 4.81 4.30 2.05
N ASP A 55 4.64 4.73 3.28
CA ASP A 55 5.72 5.08 4.18
C ASP A 55 5.90 3.98 5.20
N ASP A 56 4.90 3.13 5.27
CA ASP A 56 4.88 2.01 6.19
C ASP A 56 3.97 0.92 5.69
N ILE A 57 4.44 -0.31 5.72
CA ILE A 57 3.62 -1.46 5.34
C ILE A 57 3.02 -2.04 6.60
N ASP A 58 1.73 -1.87 6.78
CA ASP A 58 1.08 -2.35 7.98
C ASP A 58 1.08 -3.88 8.00
N TRP A 59 2.15 -4.47 8.52
CA TRP A 59 2.29 -5.92 8.61
C TRP A 59 1.48 -6.47 9.78
N ASP A 60 0.27 -5.95 9.99
CA ASP A 60 -0.57 -6.39 11.09
C ASP A 60 -2.00 -6.66 10.64
N GLN A 61 -2.64 -5.67 10.03
CA GLN A 61 -4.02 -5.80 9.60
C GLN A 61 -4.13 -6.48 8.24
N ASN A 62 -5.26 -7.13 8.01
CA ASN A 62 -5.54 -7.81 6.76
C ASN A 62 -6.57 -7.02 5.96
N PRO A 63 -6.80 -7.35 4.67
CA PRO A 63 -7.77 -6.64 3.84
C PRO A 63 -9.21 -6.87 4.31
N LYS A 64 -9.35 -7.44 5.52
CA LYS A 64 -10.66 -7.73 6.10
C LYS A 64 -11.03 -6.75 7.19
N SER A 65 -10.04 -6.31 7.97
CA SER A 65 -10.26 -5.36 9.06
C SER A 65 -11.38 -4.38 8.72
N THR A 66 -12.13 -3.95 9.72
CA THR A 66 -13.25 -3.04 9.50
C THR A 66 -13.00 -1.62 10.00
N PHE A 67 -13.88 -0.73 9.56
CA PHE A 67 -13.85 0.67 9.94
C PHE A 67 -15.16 1.34 9.56
N LYS A 68 -15.52 2.38 10.29
CA LYS A 68 -16.77 3.09 10.03
C LYS A 68 -16.68 3.97 8.80
N LYS A 69 -17.86 4.32 8.29
CA LYS A 69 -17.98 5.17 7.11
C LYS A 69 -18.26 6.61 7.51
N ALA A 70 -18.54 7.44 6.51
CA ALA A 70 -18.85 8.85 6.72
C ALA A 70 -19.64 9.09 8.01
N ASP A 71 -20.75 8.37 8.16
CA ASP A 71 -21.59 8.51 9.32
C ASP A 71 -21.32 7.41 10.35
N GLY A 72 -20.56 6.39 9.95
CA GLY A 72 -20.26 5.31 10.88
C GLY A 72 -20.63 3.95 10.34
N SER A 73 -20.91 3.85 9.04
CA SER A 73 -21.24 2.54 8.49
C SER A 73 -20.00 1.69 8.62
N GLU A 74 -20.06 0.64 9.41
CA GLU A 74 -18.88 -0.17 9.59
C GLU A 74 -18.73 -1.17 8.46
N VAL A 75 -17.78 -0.90 7.58
CA VAL A 75 -17.49 -1.78 6.46
C VAL A 75 -16.04 -2.25 6.53
N SER A 76 -15.81 -3.47 6.07
CA SER A 76 -14.47 -4.02 6.06
C SER A 76 -13.74 -3.55 4.82
N PHE A 77 -12.42 -3.51 4.87
CA PHE A 77 -11.65 -3.09 3.71
C PHE A 77 -12.22 -3.77 2.48
N LEU A 78 -12.12 -5.09 2.48
CA LEU A 78 -12.63 -5.91 1.41
C LEU A 78 -13.99 -5.41 0.96
N GLU A 79 -14.87 -5.16 1.92
CA GLU A 79 -16.21 -4.67 1.63
C GLU A 79 -16.15 -3.31 0.94
N TYR A 80 -15.70 -2.29 1.65
CA TYR A 80 -15.60 -0.95 1.10
C TYR A 80 -15.22 -0.99 -0.37
N TYR A 81 -14.12 -1.65 -0.63
CA TYR A 81 -13.57 -1.75 -1.98
C TYR A 81 -14.42 -2.62 -2.90
N ARG A 82 -15.06 -3.64 -2.34
CA ARG A 82 -15.88 -4.59 -3.09
C ARG A 82 -17.25 -4.02 -3.46
N LYS A 83 -17.82 -3.22 -2.58
CA LYS A 83 -19.14 -2.66 -2.77
C LYS A 83 -19.05 -1.27 -3.38
N GLN A 84 -18.10 -0.47 -2.90
CA GLN A 84 -17.94 0.89 -3.41
C GLN A 84 -17.28 0.92 -4.78
N TYR A 85 -16.30 0.05 -5.00
CA TYR A 85 -15.59 0.02 -6.29
C TYR A 85 -15.53 -1.37 -6.91
N ASN A 86 -16.24 -2.34 -6.33
CA ASN A 86 -16.23 -3.71 -6.85
C ASN A 86 -14.81 -4.13 -7.18
N GLN A 87 -13.93 -3.93 -6.22
CA GLN A 87 -12.52 -4.25 -6.40
C GLN A 87 -12.15 -5.50 -5.60
N GLU A 88 -12.50 -6.65 -6.16
CA GLU A 88 -12.21 -7.93 -5.52
C GLU A 88 -10.81 -7.99 -4.94
N ILE A 89 -10.74 -8.09 -3.62
CA ILE A 89 -9.49 -8.19 -2.91
C ILE A 89 -8.87 -9.56 -3.16
N THR A 90 -9.64 -10.58 -2.80
CA THR A 90 -9.30 -11.98 -3.00
C THR A 90 -8.27 -12.49 -2.00
N ASP A 91 -7.05 -11.96 -2.07
CA ASP A 91 -6.01 -12.40 -1.14
C ASP A 91 -6.55 -12.35 0.26
N LEU A 92 -7.02 -11.17 0.63
CA LEU A 92 -7.59 -10.94 1.94
C LEU A 92 -6.76 -11.53 3.07
N LYS A 93 -5.57 -12.05 2.77
CA LYS A 93 -4.75 -12.61 3.83
C LYS A 93 -3.32 -12.06 3.83
N GLN A 94 -3.14 -10.83 3.33
CA GLN A 94 -1.83 -10.21 3.33
C GLN A 94 -1.89 -8.98 4.26
N PRO A 95 -0.83 -8.15 4.37
CA PRO A 95 -0.89 -7.01 5.27
C PRO A 95 -1.56 -5.82 4.63
N VAL A 96 -1.22 -4.65 5.12
CA VAL A 96 -1.76 -3.41 4.61
C VAL A 96 -0.63 -2.46 4.26
N LEU A 97 -0.98 -1.39 3.59
CA LEU A 97 -0.03 -0.38 3.22
C LEU A 97 -0.39 0.95 3.85
N VAL A 98 0.17 1.26 5.01
CA VAL A 98 -0.14 2.52 5.64
C VAL A 98 0.63 3.65 4.96
N SER A 99 -0.09 4.39 4.13
CA SER A 99 0.48 5.52 3.40
C SER A 99 0.41 6.78 4.25
N GLN A 100 1.57 7.36 4.57
CA GLN A 100 1.61 8.56 5.39
C GLN A 100 2.79 9.47 5.04
N PRO A 101 2.56 10.80 4.93
CA PRO A 101 3.62 11.77 4.63
C PRO A 101 4.59 11.93 5.80
N LYS A 102 5.82 12.36 5.49
CA LYS A 102 6.84 12.56 6.51
C LYS A 102 6.98 14.04 6.90
N ARG A 103 6.27 14.44 7.95
CA ARG A 103 6.32 15.81 8.44
C ARG A 103 7.76 16.26 8.65
N ARG A 104 8.02 17.55 8.42
CA ARG A 104 9.36 18.10 8.58
C ARG A 104 9.47 18.92 9.87
N ARG A 105 10.58 19.63 9.98
CA ARG A 105 10.84 20.49 11.13
C ARG A 105 11.49 21.79 10.66
N GLY A 106 11.52 21.96 9.34
CA GLY A 106 12.09 23.15 8.74
C GLY A 106 11.24 23.73 7.62
N PRO A 107 11.72 23.66 6.37
CA PRO A 107 11.04 24.14 5.18
C PRO A 107 10.27 23.03 4.48
N GLY A 108 10.31 23.04 3.15
CA GLY A 108 9.63 22.01 2.39
C GLY A 108 8.31 22.48 1.83
N GLY A 109 7.23 21.75 2.14
CA GLY A 109 5.92 22.13 1.65
C GLY A 109 5.15 20.98 1.03
N THR A 110 3.81 21.08 1.10
CA THR A 110 2.90 20.05 0.57
C THR A 110 3.02 18.77 1.38
N LEU A 111 1.89 18.23 1.78
CA LEU A 111 1.92 17.04 2.64
C LEU A 111 1.00 15.89 2.21
N PRO A 112 -0.32 16.13 2.19
CA PRO A 112 -1.36 15.15 1.85
C PRO A 112 -0.92 13.98 0.96
N GLY A 113 -1.79 12.98 0.93
CA GLY A 113 -1.54 11.78 0.17
C GLY A 113 -1.45 10.51 1.02
N PRO A 114 -2.02 10.47 2.26
CA PRO A 114 -1.97 9.28 3.09
C PRO A 114 -3.19 8.40 2.89
N ALA A 115 -3.06 7.11 3.15
CA ALA A 115 -4.19 6.21 2.94
C ALA A 115 -3.93 4.80 3.44
N MET A 116 -4.98 4.16 3.94
CA MET A 116 -4.91 2.78 4.36
C MET A 116 -5.20 1.97 3.10
N LEU A 117 -4.24 1.19 2.65
CA LEU A 117 -4.40 0.48 1.38
C LEU A 117 -4.39 -1.04 1.49
N ILE A 118 -4.92 -1.66 0.44
CA ILE A 118 -4.94 -3.10 0.31
C ILE A 118 -3.87 -3.47 -0.70
N PRO A 119 -2.71 -3.98 -0.25
CA PRO A 119 -1.63 -4.38 -1.15
C PRO A 119 -2.12 -5.15 -2.38
N GLU A 120 -3.21 -5.92 -2.23
CA GLU A 120 -3.75 -6.72 -3.35
C GLU A 120 -4.25 -5.86 -4.51
N LEU A 121 -4.32 -4.55 -4.31
CA LEU A 121 -4.81 -3.67 -5.37
C LEU A 121 -3.84 -2.52 -5.66
N CYS A 122 -2.79 -2.40 -4.86
CA CYS A 122 -1.86 -1.30 -4.99
C CYS A 122 -0.75 -1.51 -6.02
N TYR A 123 -0.99 -1.07 -7.26
CA TYR A 123 0.01 -1.19 -8.31
C TYR A 123 1.29 -0.50 -7.92
N LEU A 124 2.38 -1.25 -7.85
CA LEU A 124 3.67 -0.71 -7.47
C LEU A 124 4.06 0.41 -8.42
N THR A 125 4.43 1.54 -7.85
CA THR A 125 4.83 2.70 -8.64
C THR A 125 6.34 2.93 -8.59
N GLY A 126 6.69 4.20 -8.45
CA GLY A 126 8.07 4.63 -8.39
C GLY A 126 8.08 6.12 -8.16
N LEU A 127 6.88 6.60 -7.86
CA LEU A 127 6.61 7.99 -7.61
C LEU A 127 7.46 8.54 -6.48
N THR A 128 7.43 7.85 -5.36
CA THR A 128 8.21 8.25 -4.18
C THR A 128 7.93 9.70 -3.80
N ASP A 129 6.67 10.07 -3.90
CA ASP A 129 6.25 11.43 -3.56
C ASP A 129 6.21 11.61 -2.04
N LYS A 130 7.39 11.88 -1.46
CA LYS A 130 7.49 12.07 -0.01
C LYS A 130 6.64 13.25 0.46
N MET A 131 6.69 14.32 -0.31
CA MET A 131 5.96 15.55 0.01
C MET A 131 6.60 16.23 1.22
N ARG A 132 6.48 17.56 1.25
CA ARG A 132 7.09 18.37 2.30
C ARG A 132 8.39 17.75 2.79
N ASN A 133 8.34 17.04 3.92
CA ASN A 133 9.50 16.40 4.50
C ASN A 133 10.74 17.27 4.28
N ASP A 134 10.52 18.58 4.35
CA ASP A 134 11.58 19.56 4.16
C ASP A 134 12.49 19.19 3.00
N CYS A 1 13.27 -16.40 -13.24
CA CYS A 1 12.18 -16.19 -12.26
C CYS A 1 12.67 -15.44 -11.03
N THR A 2 13.95 -15.06 -11.05
CA THR A 2 14.55 -14.34 -9.95
C THR A 2 14.90 -12.91 -10.34
N ASP A 3 14.01 -11.97 -10.01
CA ASP A 3 14.23 -10.57 -10.33
C ASP A 3 14.14 -9.70 -9.07
N VAL A 4 15.06 -8.76 -8.95
CA VAL A 4 15.09 -7.87 -7.80
C VAL A 4 15.05 -6.40 -8.24
N SER A 5 15.14 -5.50 -7.27
CA SER A 5 15.10 -4.06 -7.56
C SER A 5 14.00 -3.70 -8.54
N HIS A 6 12.76 -3.82 -8.08
CA HIS A 6 11.60 -3.52 -8.92
C HIS A 6 11.39 -2.00 -9.02
N LYS A 7 11.48 -1.48 -10.24
CA LYS A 7 11.30 -0.06 -10.48
C LYS A 7 10.07 0.20 -11.33
N VAL A 8 9.14 0.96 -10.76
CA VAL A 8 7.91 1.34 -11.44
C VAL A 8 7.50 0.35 -12.52
N LEU A 9 6.74 -0.67 -12.12
CA LEU A 9 6.28 -1.69 -13.04
C LEU A 9 4.97 -1.28 -13.71
N ARG A 10 4.61 -1.99 -14.77
CA ARG A 10 3.38 -1.70 -15.50
C ARG A 10 2.17 -1.82 -14.59
N SER A 11 1.87 -3.06 -14.18
CA SER A 11 0.74 -3.32 -13.29
C SER A 11 1.05 -4.49 -12.36
N GLU A 12 0.77 -4.28 -11.07
CA GLU A 12 1.02 -5.29 -10.06
C GLU A 12 0.75 -4.72 -8.68
N THR A 13 -0.08 -5.39 -7.91
CA THR A 13 -0.39 -4.96 -6.57
C THR A 13 0.76 -5.32 -5.63
N VAL A 14 0.97 -4.51 -4.61
CA VAL A 14 2.07 -4.72 -3.68
C VAL A 14 1.94 -6.04 -2.94
N LEU A 15 0.78 -6.64 -3.03
CA LEU A 15 0.57 -7.93 -2.41
C LEU A 15 1.24 -8.95 -3.29
N ASP A 16 1.07 -8.78 -4.59
CA ASP A 16 1.67 -9.64 -5.58
C ASP A 16 3.17 -9.40 -5.55
N PHE A 17 3.52 -8.17 -5.20
CA PHE A 17 4.91 -7.75 -5.11
C PHE A 17 5.54 -8.35 -3.87
N MET A 18 5.10 -7.86 -2.72
CA MET A 18 5.57 -8.34 -1.43
C MET A 18 5.43 -9.87 -1.34
N PHE A 19 4.70 -10.44 -2.31
CA PHE A 19 4.53 -11.90 -2.38
C PHE A 19 5.79 -12.54 -2.91
N ASN A 20 6.13 -12.18 -4.14
CA ASN A 20 7.33 -12.70 -4.76
C ASN A 20 8.51 -12.43 -3.84
N PHE A 21 8.35 -11.39 -3.03
CA PHE A 21 9.35 -11.02 -2.04
C PHE A 21 9.29 -11.98 -0.86
N TYR A 22 8.08 -12.40 -0.53
CA TYR A 22 7.86 -13.34 0.57
C TYR A 22 8.78 -14.54 0.43
N HIS A 23 8.95 -14.99 -0.79
CA HIS A 23 9.81 -16.15 -1.08
C HIS A 23 11.29 -15.77 -1.16
N GLN A 24 11.58 -14.80 -2.01
CA GLN A 24 12.95 -14.33 -2.26
C GLN A 24 13.77 -14.17 -0.97
N THR A 25 13.13 -13.72 0.11
CA THR A 25 13.84 -13.49 1.36
C THR A 25 13.30 -14.31 2.53
N GLU A 26 14.12 -14.44 3.59
CA GLU A 26 13.76 -15.18 4.79
C GLU A 26 12.53 -14.60 5.46
N GLU A 27 12.36 -14.85 6.76
CA GLU A 27 11.23 -14.31 7.51
C GLU A 27 11.59 -12.93 8.06
N HIS A 28 12.51 -12.92 9.02
CA HIS A 28 12.99 -11.69 9.64
C HIS A 28 13.39 -10.70 8.55
N LYS A 29 14.24 -11.18 7.64
CA LYS A 29 14.71 -10.39 6.54
C LYS A 29 13.54 -9.83 5.80
N PHE A 30 12.76 -10.75 5.24
CA PHE A 30 11.60 -10.42 4.46
C PHE A 30 11.02 -9.10 4.87
N GLN A 31 10.27 -9.14 5.94
CA GLN A 31 9.59 -7.98 6.46
C GLN A 31 10.46 -6.72 6.42
N GLU A 32 11.67 -6.82 6.96
CA GLU A 32 12.58 -5.67 6.97
C GLU A 32 12.78 -5.11 5.55
N GLN A 33 13.20 -5.96 4.63
CA GLN A 33 13.46 -5.55 3.24
C GLN A 33 12.21 -5.09 2.51
N VAL A 34 11.26 -6.01 2.32
CA VAL A 34 10.02 -5.68 1.62
C VAL A 34 9.64 -4.26 1.87
N SER A 35 9.37 -3.94 3.12
CA SER A 35 9.02 -2.59 3.44
C SER A 35 10.01 -1.64 2.80
N LYS A 36 11.29 -1.78 3.10
CA LYS A 36 12.29 -0.91 2.52
C LYS A 36 12.05 -0.73 1.02
N GLU A 37 11.45 -1.76 0.41
CA GLU A 37 11.15 -1.74 -1.02
C GLU A 37 9.95 -0.84 -1.34
N LEU A 38 8.93 -0.83 -0.47
CA LEU A 38 7.73 -0.02 -0.67
C LEU A 38 7.80 1.29 0.12
N ILE A 39 8.39 1.22 1.29
CA ILE A 39 8.57 2.39 2.14
C ILE A 39 9.17 3.55 1.34
N GLY A 40 8.68 4.77 1.58
CA GLY A 40 9.19 5.91 0.86
C GLY A 40 8.83 5.87 -0.62
N LEU A 41 8.18 4.78 -1.01
CA LEU A 41 7.73 4.55 -2.38
C LEU A 41 6.24 4.80 -2.38
N VAL A 42 5.59 4.77 -3.53
CA VAL A 42 4.15 4.98 -3.55
C VAL A 42 3.43 3.88 -4.33
N VAL A 43 2.17 3.65 -3.98
CA VAL A 43 1.38 2.62 -4.63
C VAL A 43 0.18 3.22 -5.35
N LEU A 44 -0.63 2.35 -5.96
CA LEU A 44 -1.81 2.78 -6.73
C LEU A 44 -3.03 1.96 -6.32
N THR A 45 -4.08 2.62 -5.85
CA THR A 45 -5.27 1.91 -5.44
C THR A 45 -6.06 1.49 -6.67
N LYS A 46 -6.02 0.19 -6.95
CA LYS A 46 -6.68 -0.38 -8.12
C LYS A 46 -8.15 0.02 -8.21
N TYR A 47 -8.83 0.02 -7.06
CA TYR A 47 -10.25 0.36 -7.03
C TYR A 47 -10.51 1.81 -7.42
N ASN A 48 -9.65 2.71 -6.97
CA ASN A 48 -9.82 4.14 -7.28
C ASN A 48 -8.58 4.73 -7.94
N ASN A 49 -7.83 3.90 -8.68
CA ASN A 49 -6.61 4.35 -9.37
C ASN A 49 -6.03 5.58 -8.69
N LYS A 50 -5.79 5.46 -7.39
CA LYS A 50 -5.26 6.54 -6.58
C LYS A 50 -3.94 6.16 -5.93
N THR A 51 -2.91 6.97 -6.16
CA THR A 51 -1.58 6.68 -5.63
C THR A 51 -1.24 7.44 -4.35
N TYR A 52 -0.70 6.71 -3.37
CA TYR A 52 -0.25 7.31 -2.10
C TYR A 52 1.17 6.89 -1.82
N ARG A 53 1.88 7.67 -1.04
CA ARG A 53 3.25 7.35 -0.70
C ARG A 53 3.30 6.35 0.45
N VAL A 54 3.49 5.07 0.12
CA VAL A 54 3.60 4.04 1.15
C VAL A 54 4.89 4.28 1.92
N ASP A 55 4.69 4.70 3.17
CA ASP A 55 5.76 5.03 4.09
C ASP A 55 5.91 3.94 5.12
N ASP A 56 4.91 3.09 5.21
CA ASP A 56 4.90 2.00 6.16
C ASP A 56 3.97 0.89 5.70
N ILE A 57 4.46 -0.34 5.67
CA ILE A 57 3.63 -1.47 5.33
C ILE A 57 3.08 -2.03 6.63
N ASP A 58 1.78 -1.92 6.82
CA ASP A 58 1.18 -2.39 8.05
C ASP A 58 1.17 -3.91 8.11
N TRP A 59 2.26 -4.48 8.61
CA TRP A 59 2.41 -5.92 8.72
C TRP A 59 1.66 -6.44 9.95
N ASP A 60 0.43 -5.96 10.15
CA ASP A 60 -0.35 -6.37 11.32
C ASP A 60 -1.81 -6.73 10.97
N GLN A 61 -2.44 -5.92 10.11
CA GLN A 61 -3.84 -6.18 9.76
C GLN A 61 -3.98 -6.80 8.39
N ASN A 62 -5.13 -7.43 8.16
CA ASN A 62 -5.44 -8.08 6.90
C ASN A 62 -6.42 -7.23 6.10
N PRO A 63 -6.64 -7.55 4.81
CA PRO A 63 -7.57 -6.78 3.95
C PRO A 63 -9.03 -6.91 4.40
N LYS A 64 -9.25 -7.45 5.61
CA LYS A 64 -10.58 -7.63 6.13
C LYS A 64 -10.94 -6.57 7.17
N SER A 65 -9.94 -6.00 7.83
CA SER A 65 -10.19 -4.97 8.84
C SER A 65 -11.38 -4.09 8.44
N THR A 66 -12.13 -3.61 9.44
CA THR A 66 -13.32 -2.82 9.16
C THR A 66 -13.26 -1.39 9.69
N PHE A 67 -14.25 -0.61 9.23
CA PHE A 67 -14.43 0.78 9.63
C PHE A 67 -15.87 1.18 9.30
N LYS A 68 -16.38 2.25 9.90
CA LYS A 68 -17.75 2.66 9.64
C LYS A 68 -17.87 3.52 8.39
N LYS A 69 -19.09 3.59 7.87
CA LYS A 69 -19.41 4.36 6.69
C LYS A 69 -19.69 5.81 7.03
N ALA A 70 -20.45 6.47 6.17
CA ALA A 70 -20.83 7.86 6.38
C ALA A 70 -21.70 8.00 7.62
N ASP A 71 -22.77 7.21 7.64
CA ASP A 71 -23.69 7.20 8.76
C ASP A 71 -23.18 6.30 9.88
N GLY A 72 -22.23 5.43 9.54
CA GLY A 72 -21.67 4.53 10.53
C GLY A 72 -21.77 3.07 10.14
N SER A 73 -21.99 2.79 8.86
CA SER A 73 -22.08 1.40 8.42
C SER A 73 -20.69 0.78 8.45
N GLU A 74 -20.50 -0.22 9.29
CA GLU A 74 -19.20 -0.83 9.40
C GLU A 74 -18.94 -1.81 8.26
N VAL A 75 -18.08 -1.39 7.33
CA VAL A 75 -17.67 -2.24 6.22
C VAL A 75 -16.17 -2.46 6.25
N SER A 76 -15.75 -3.63 5.80
CA SER A 76 -14.34 -3.99 5.77
C SER A 76 -13.67 -3.46 4.52
N PHE A 77 -12.34 -3.44 4.50
CA PHE A 77 -11.63 -2.97 3.32
C PHE A 77 -12.20 -3.69 2.11
N LEU A 78 -12.08 -5.01 2.16
CA LEU A 78 -12.59 -5.88 1.11
C LEU A 78 -13.99 -5.42 0.68
N GLU A 79 -14.83 -5.16 1.67
CA GLU A 79 -16.18 -4.71 1.42
C GLU A 79 -16.20 -3.34 0.78
N TYR A 80 -15.79 -2.32 1.51
CA TYR A 80 -15.73 -0.95 0.99
C TYR A 80 -15.25 -0.93 -0.45
N TYR A 81 -14.31 -1.80 -0.76
CA TYR A 81 -13.73 -1.86 -2.09
C TYR A 81 -14.55 -2.70 -3.08
N ARG A 82 -15.23 -3.73 -2.59
CA ARG A 82 -16.03 -4.61 -3.45
C ARG A 82 -17.44 -4.06 -3.68
N LYS A 83 -18.01 -3.47 -2.66
CA LYS A 83 -19.35 -2.94 -2.74
C LYS A 83 -19.35 -1.55 -3.36
N GLN A 84 -18.35 -0.75 -3.02
CA GLN A 84 -18.28 0.60 -3.55
C GLN A 84 -17.58 0.66 -4.90
N TYR A 85 -16.57 -0.19 -5.11
CA TYR A 85 -15.83 -0.19 -6.37
C TYR A 85 -15.72 -1.58 -7.00
N ASN A 86 -16.32 -2.58 -6.37
CA ASN A 86 -16.25 -3.94 -6.86
C ASN A 86 -14.81 -4.30 -7.18
N GLN A 87 -13.97 -4.21 -6.15
CA GLN A 87 -12.56 -4.49 -6.28
C GLN A 87 -12.17 -5.63 -5.35
N GLU A 88 -12.60 -6.83 -5.69
CA GLU A 88 -12.30 -8.01 -4.88
C GLU A 88 -10.82 -8.06 -4.53
N ILE A 89 -10.56 -8.33 -3.27
CA ILE A 89 -9.20 -8.43 -2.75
C ILE A 89 -8.62 -9.81 -3.03
N THR A 90 -9.39 -10.82 -2.67
CA THR A 90 -9.02 -12.23 -2.85
C THR A 90 -7.95 -12.67 -1.84
N ASP A 91 -6.82 -12.00 -1.84
CA ASP A 91 -5.75 -12.34 -0.91
C ASP A 91 -6.03 -11.64 0.41
N LEU A 92 -7.15 -12.01 0.98
CA LEU A 92 -7.65 -11.46 2.22
C LEU A 92 -6.79 -11.84 3.42
N LYS A 93 -5.54 -12.23 3.20
CA LYS A 93 -4.70 -12.60 4.32
C LYS A 93 -3.27 -12.05 4.25
N GLN A 94 -3.10 -10.87 3.65
CA GLN A 94 -1.78 -10.26 3.59
C GLN A 94 -1.80 -9.03 4.50
N PRO A 95 -0.75 -8.19 4.58
CA PRO A 95 -0.79 -7.05 5.46
C PRO A 95 -1.49 -5.87 4.85
N VAL A 96 -1.16 -4.69 5.31
CA VAL A 96 -1.74 -3.48 4.79
C VAL A 96 -0.64 -2.52 4.36
N LEU A 97 -1.05 -1.36 3.87
CA LEU A 97 -0.12 -0.36 3.43
C LEU A 97 -0.42 0.98 4.07
N VAL A 98 0.15 1.25 5.23
CA VAL A 98 -0.10 2.52 5.86
C VAL A 98 0.73 3.59 5.16
N SER A 99 0.06 4.32 4.27
CA SER A 99 0.70 5.39 3.52
C SER A 99 0.79 6.63 4.38
N GLN A 100 1.99 7.17 4.53
CA GLN A 100 2.19 8.35 5.37
C GLN A 100 3.10 9.37 4.70
N PRO A 101 2.72 10.66 4.75
CA PRO A 101 3.51 11.74 4.17
C PRO A 101 4.76 12.04 4.98
N LYS A 102 5.78 12.58 4.31
CA LYS A 102 7.03 12.90 4.98
C LYS A 102 6.95 14.28 5.63
N ARG A 103 5.79 14.60 6.19
CA ARG A 103 5.56 15.87 6.86
C ARG A 103 6.70 16.22 7.80
N ARG A 104 7.64 17.03 7.32
CA ARG A 104 8.78 17.43 8.14
C ARG A 104 8.52 18.76 8.84
N ARG A 105 8.93 18.85 10.09
CA ARG A 105 8.77 20.06 10.89
C ARG A 105 9.86 21.06 10.54
N GLY A 106 10.85 20.56 9.80
CA GLY A 106 11.97 21.38 9.37
C GLY A 106 11.58 22.76 8.91
N PRO A 107 11.43 22.95 7.59
CA PRO A 107 11.05 24.21 6.98
C PRO A 107 9.56 24.47 7.06
N GLY A 108 8.80 23.75 6.26
CA GLY A 108 7.35 23.92 6.26
C GLY A 108 6.71 23.50 4.96
N GLY A 109 7.17 22.38 4.40
CA GLY A 109 6.60 21.89 3.15
C GLY A 109 5.31 21.17 3.35
N THR A 110 5.30 20.35 4.38
CA THR A 110 4.15 19.52 4.73
C THR A 110 3.79 18.62 3.56
N LEU A 111 3.76 17.32 3.82
CA LEU A 111 3.47 16.37 2.77
C LEU A 111 2.07 15.77 2.88
N PRO A 112 1.49 15.38 1.73
CA PRO A 112 0.18 14.77 1.63
C PRO A 112 0.22 13.31 1.18
N GLY A 113 -0.96 12.80 0.80
CA GLY A 113 -1.09 11.45 0.29
C GLY A 113 -1.08 10.32 1.31
N PRO A 114 -1.75 10.45 2.47
CA PRO A 114 -1.80 9.38 3.46
C PRO A 114 -3.00 8.48 3.27
N ALA A 115 -2.79 7.17 3.42
CA ALA A 115 -3.87 6.22 3.21
C ALA A 115 -3.47 4.78 3.53
N MET A 116 -4.24 4.11 4.38
CA MET A 116 -3.96 2.71 4.64
C MET A 116 -4.58 1.95 3.47
N LEU A 117 -3.76 1.18 2.77
CA LEU A 117 -4.20 0.52 1.54
C LEU A 117 -4.14 -1.00 1.53
N ILE A 118 -4.91 -1.59 0.62
CA ILE A 118 -4.88 -3.04 0.43
C ILE A 118 -3.73 -3.37 -0.50
N PRO A 119 -2.79 -4.20 -0.07
CA PRO A 119 -1.65 -4.57 -0.90
C PRO A 119 -2.12 -5.28 -2.17
N GLU A 120 -3.18 -6.08 -2.06
CA GLU A 120 -3.71 -6.82 -3.21
C GLU A 120 -4.32 -5.91 -4.24
N LEU A 121 -4.33 -4.60 -3.98
CA LEU A 121 -4.91 -3.66 -4.93
C LEU A 121 -3.98 -2.48 -5.23
N CYS A 122 -2.86 -2.39 -4.54
CA CYS A 122 -1.97 -1.25 -4.75
C CYS A 122 -0.88 -1.48 -5.80
N TYR A 123 -1.11 -0.97 -7.01
CA TYR A 123 -0.13 -1.07 -8.08
C TYR A 123 1.14 -0.35 -7.68
N LEU A 124 2.21 -1.10 -7.49
CA LEU A 124 3.47 -0.53 -7.08
C LEU A 124 3.89 0.57 -8.05
N THR A 125 4.25 1.72 -7.50
CA THR A 125 4.68 2.83 -8.34
C THR A 125 5.98 3.44 -7.88
N GLY A 126 6.93 3.44 -8.78
CA GLY A 126 8.24 4.00 -8.52
C GLY A 126 8.15 5.50 -8.46
N LEU A 127 6.91 5.96 -8.44
CA LEU A 127 6.57 7.35 -8.36
C LEU A 127 7.41 8.09 -7.32
N THR A 128 7.43 7.55 -6.11
CA THR A 128 8.16 8.14 -4.99
C THR A 128 7.87 9.63 -4.90
N ASP A 129 6.68 9.99 -5.35
CA ASP A 129 6.22 11.39 -5.36
C ASP A 129 6.60 12.14 -4.09
N LYS A 130 7.82 12.65 -4.03
CA LYS A 130 8.30 13.38 -2.88
C LYS A 130 7.49 14.64 -2.63
N MET A 131 7.32 15.42 -3.68
CA MET A 131 6.55 16.68 -3.58
C MET A 131 7.01 17.49 -2.38
N ARG A 132 6.17 18.42 -1.95
CA ARG A 132 6.46 19.26 -0.81
C ARG A 132 7.71 20.10 -1.08
N ASN A 133 8.89 19.57 -0.74
CA ASN A 133 10.16 20.25 -0.97
C ASN A 133 10.04 21.76 -0.94
N ASP A 134 9.44 22.29 0.13
CA ASP A 134 9.26 23.72 0.26
C ASP A 134 10.30 24.31 1.23
N CYS A 1 13.38 -15.15 -14.09
CA CYS A 1 14.58 -15.88 -13.60
C CYS A 1 14.97 -15.43 -12.20
N THR A 2 14.06 -15.66 -11.25
CA THR A 2 14.29 -15.28 -9.85
C THR A 2 14.80 -13.84 -9.74
N ASP A 3 14.20 -12.95 -10.52
CA ASP A 3 14.60 -11.55 -10.51
C ASP A 3 14.16 -10.86 -9.23
N VAL A 4 14.89 -9.83 -8.84
CA VAL A 4 14.57 -9.09 -7.62
C VAL A 4 14.59 -7.58 -7.88
N SER A 5 14.39 -6.80 -6.82
CA SER A 5 14.37 -5.35 -6.91
C SER A 5 13.52 -4.86 -8.08
N HIS A 6 12.21 -4.84 -7.89
CA HIS A 6 11.29 -4.39 -8.92
C HIS A 6 11.40 -2.88 -9.13
N LYS A 7 11.70 -2.48 -10.37
CA LYS A 7 11.84 -1.07 -10.70
C LYS A 7 10.69 -0.58 -11.56
N VAL A 8 9.99 0.40 -11.03
CA VAL A 8 8.86 1.02 -11.71
C VAL A 8 8.19 0.10 -12.73
N LEU A 9 7.25 -0.70 -12.24
CA LEU A 9 6.53 -1.62 -13.09
C LEU A 9 5.28 -0.96 -13.67
N ARG A 10 4.57 -1.70 -14.51
CA ARG A 10 3.35 -1.18 -15.14
C ARG A 10 2.13 -1.44 -14.25
N SER A 11 1.78 -2.71 -14.11
CA SER A 11 0.63 -3.10 -13.28
C SER A 11 0.99 -4.28 -12.40
N GLU A 12 0.76 -4.13 -11.11
CA GLU A 12 1.06 -5.17 -10.13
C GLU A 12 0.89 -4.65 -8.72
N THR A 13 -0.11 -5.17 -8.03
CA THR A 13 -0.37 -4.76 -6.68
C THR A 13 0.80 -5.15 -5.79
N VAL A 14 1.07 -4.33 -4.78
CA VAL A 14 2.21 -4.56 -3.89
C VAL A 14 2.06 -5.87 -3.13
N LEU A 15 0.88 -6.46 -3.19
CA LEU A 15 0.66 -7.73 -2.56
C LEU A 15 1.29 -8.78 -3.43
N ASP A 16 1.12 -8.59 -4.74
CA ASP A 16 1.71 -9.47 -5.73
C ASP A 16 3.21 -9.30 -5.67
N PHE A 17 3.61 -8.07 -5.33
CA PHE A 17 5.01 -7.71 -5.19
C PHE A 17 5.58 -8.34 -3.93
N MET A 18 5.15 -7.82 -2.79
CA MET A 18 5.58 -8.34 -1.50
C MET A 18 5.39 -9.86 -1.45
N PHE A 19 4.65 -10.39 -2.44
CA PHE A 19 4.41 -11.83 -2.56
C PHE A 19 5.68 -12.51 -3.04
N ASN A 20 6.18 -12.05 -4.18
CA ASN A 20 7.39 -12.59 -4.74
C ASN A 20 8.51 -12.45 -3.72
N PHE A 21 8.38 -11.44 -2.86
CA PHE A 21 9.34 -11.17 -1.80
C PHE A 21 9.13 -12.16 -0.68
N TYR A 22 7.92 -12.70 -0.60
CA TYR A 22 7.57 -13.70 0.41
C TYR A 22 8.22 -15.04 0.09
N HIS A 23 8.40 -15.31 -1.19
CA HIS A 23 8.98 -16.56 -1.66
C HIS A 23 10.51 -16.56 -1.65
N GLN A 24 11.11 -15.47 -1.17
CA GLN A 24 12.57 -15.37 -1.15
C GLN A 24 13.12 -15.21 0.28
N THR A 25 13.47 -13.98 0.63
CA THR A 25 14.02 -13.62 1.94
C THR A 25 13.40 -14.40 3.10
N GLU A 26 14.15 -14.47 4.21
CA GLU A 26 13.69 -15.18 5.42
C GLU A 26 12.39 -14.55 5.93
N GLU A 27 11.96 -14.92 7.12
CA GLU A 27 10.73 -14.36 7.69
C GLU A 27 11.00 -12.99 8.28
N HIS A 28 11.82 -12.96 9.34
CA HIS A 28 12.20 -11.71 9.99
C HIS A 28 12.77 -10.74 8.95
N LYS A 29 13.60 -11.29 8.08
CA LYS A 29 14.23 -10.53 7.03
C LYS A 29 13.15 -9.95 6.17
N PHE A 30 12.43 -10.85 5.53
CA PHE A 30 11.34 -10.50 4.63
C PHE A 30 10.74 -9.18 5.04
N GLN A 31 9.91 -9.25 6.05
CA GLN A 31 9.20 -8.09 6.57
C GLN A 31 10.05 -6.83 6.58
N GLU A 32 11.22 -6.89 7.21
CA GLU A 32 12.10 -5.73 7.27
C GLU A 32 12.40 -5.16 5.87
N GLN A 33 12.94 -6.02 5.00
CA GLN A 33 13.29 -5.59 3.64
C GLN A 33 12.10 -5.12 2.83
N VAL A 34 11.15 -6.04 2.58
CA VAL A 34 9.96 -5.71 1.79
C VAL A 34 9.57 -4.28 2.02
N SER A 35 9.28 -3.94 3.26
CA SER A 35 8.92 -2.58 3.56
C SER A 35 9.93 -1.66 2.93
N LYS A 36 11.19 -1.78 3.30
CA LYS A 36 12.22 -0.91 2.72
C LYS A 36 12.01 -0.75 1.22
N GLU A 37 11.44 -1.78 0.60
CA GLU A 37 11.17 -1.78 -0.83
C GLU A 37 10.00 -0.87 -1.20
N LEU A 38 8.96 -0.86 -0.36
CA LEU A 38 7.77 -0.03 -0.60
C LEU A 38 7.80 1.28 0.20
N ILE A 39 8.45 1.25 1.35
CA ILE A 39 8.60 2.43 2.18
C ILE A 39 9.22 3.57 1.36
N GLY A 40 8.75 4.79 1.58
CA GLY A 40 9.28 5.92 0.83
C GLY A 40 8.93 5.84 -0.64
N LEU A 41 8.28 4.74 -1.01
CA LEU A 41 7.86 4.48 -2.38
C LEU A 41 6.36 4.76 -2.45
N VAL A 42 5.77 4.74 -3.63
CA VAL A 42 4.34 5.02 -3.72
C VAL A 42 3.60 3.92 -4.50
N VAL A 43 2.30 3.79 -4.25
CA VAL A 43 1.51 2.77 -4.89
C VAL A 43 0.27 3.33 -5.57
N LEU A 44 -0.47 2.46 -6.26
CA LEU A 44 -1.70 2.84 -6.97
C LEU A 44 -2.88 2.03 -6.46
N THR A 45 -3.89 2.67 -5.90
CA THR A 45 -5.03 1.95 -5.40
C THR A 45 -5.91 1.51 -6.57
N LYS A 46 -5.86 0.22 -6.85
CA LYS A 46 -6.58 -0.38 -7.98
C LYS A 46 -8.06 0.00 -8.03
N TYR A 47 -8.70 0.20 -6.87
CA TYR A 47 -10.12 0.53 -6.87
C TYR A 47 -10.40 1.88 -7.50
N ASN A 48 -9.89 2.94 -6.90
CA ASN A 48 -10.12 4.28 -7.41
C ASN A 48 -8.87 4.86 -8.08
N ASN A 49 -7.96 3.97 -8.49
CA ASN A 49 -6.72 4.35 -9.14
C ASN A 49 -6.09 5.58 -8.50
N LYS A 50 -5.76 5.46 -7.21
CA LYS A 50 -5.17 6.58 -6.48
C LYS A 50 -3.78 6.24 -5.99
N THR A 51 -2.82 7.08 -6.33
CA THR A 51 -1.46 6.83 -5.92
C THR A 51 -1.06 7.61 -4.67
N TYR A 52 -0.63 6.85 -3.66
CA TYR A 52 -0.17 7.44 -2.40
C TYR A 52 1.25 7.00 -2.15
N ARG A 53 1.92 7.69 -1.24
CA ARG A 53 3.30 7.35 -0.96
C ARG A 53 3.39 6.43 0.27
N VAL A 54 3.52 5.14 0.02
CA VAL A 54 3.65 4.17 1.09
C VAL A 54 4.96 4.38 1.84
N ASP A 55 4.82 4.83 3.08
CA ASP A 55 5.93 5.11 3.95
C ASP A 55 6.05 4.05 5.04
N ASP A 56 5.01 3.25 5.14
CA ASP A 56 4.96 2.19 6.13
C ASP A 56 4.03 1.08 5.68
N ILE A 57 4.53 -0.14 5.62
CA ILE A 57 3.67 -1.26 5.29
C ILE A 57 3.08 -1.75 6.60
N ASP A 58 1.78 -1.57 6.76
CA ASP A 58 1.15 -1.96 8.00
C ASP A 58 1.14 -3.49 8.14
N TRP A 59 2.22 -4.02 8.68
CA TRP A 59 2.37 -5.46 8.87
C TRP A 59 1.60 -5.92 10.10
N ASP A 60 0.41 -5.37 10.29
CA ASP A 60 -0.41 -5.71 11.44
C ASP A 60 -1.82 -6.12 11.05
N GLN A 61 -2.48 -5.33 10.19
CA GLN A 61 -3.84 -5.63 9.78
C GLN A 61 -3.87 -6.29 8.42
N ASN A 62 -5.08 -6.67 8.01
CA ASN A 62 -5.30 -7.32 6.72
C ASN A 62 -6.45 -6.63 6.00
N PRO A 63 -6.67 -6.94 4.71
CA PRO A 63 -7.76 -6.34 3.92
C PRO A 63 -9.13 -6.77 4.45
N LYS A 64 -9.14 -7.39 5.64
CA LYS A 64 -10.36 -7.85 6.26
C LYS A 64 -10.79 -6.90 7.35
N SER A 65 -9.82 -6.21 7.95
CA SER A 65 -10.12 -5.23 9.00
C SER A 65 -11.39 -4.47 8.67
N THR A 66 -12.13 -4.06 9.70
CA THR A 66 -13.37 -3.34 9.48
C THR A 66 -13.35 -1.89 9.95
N PHE A 67 -14.44 -1.20 9.64
CA PHE A 67 -14.63 0.20 9.98
C PHE A 67 -16.08 0.59 9.72
N LYS A 68 -16.63 1.41 10.59
CA LYS A 68 -18.01 1.84 10.46
C LYS A 68 -18.21 2.80 9.31
N LYS A 69 -19.46 2.92 8.88
CA LYS A 69 -19.84 3.80 7.80
C LYS A 69 -20.43 5.10 8.33
N ALA A 70 -20.94 5.93 7.42
CA ALA A 70 -21.55 7.20 7.77
C ALA A 70 -22.31 7.13 9.10
N ASP A 71 -23.22 6.17 9.21
CA ASP A 71 -24.02 6.00 10.40
C ASP A 71 -23.44 4.91 11.31
N GLY A 72 -22.50 4.14 10.80
CA GLY A 72 -21.89 3.09 11.61
C GLY A 72 -21.98 1.73 10.96
N SER A 73 -22.29 1.67 9.66
CA SER A 73 -22.33 0.38 9.01
C SER A 73 -20.93 -0.17 9.05
N GLU A 74 -20.72 -1.27 9.75
CA GLU A 74 -19.39 -1.81 9.84
C GLU A 74 -19.04 -2.64 8.62
N VAL A 75 -18.19 -2.09 7.76
CA VAL A 75 -17.72 -2.79 6.57
C VAL A 75 -16.21 -2.93 6.62
N SER A 76 -15.74 -4.05 6.09
CA SER A 76 -14.31 -4.34 6.04
C SER A 76 -13.70 -3.85 4.75
N PHE A 77 -12.38 -3.69 4.73
CA PHE A 77 -11.70 -3.25 3.51
C PHE A 77 -12.27 -4.04 2.34
N LEU A 78 -12.13 -5.35 2.44
CA LEU A 78 -12.63 -6.26 1.42
C LEU A 78 -14.04 -5.89 1.00
N GLU A 79 -14.87 -5.55 1.97
CA GLU A 79 -16.25 -5.18 1.71
C GLU A 79 -16.35 -3.83 1.01
N TYR A 80 -16.07 -2.75 1.74
CA TYR A 80 -16.13 -1.41 1.16
C TYR A 80 -15.57 -1.42 -0.25
N TYR A 81 -14.46 -2.11 -0.40
CA TYR A 81 -13.81 -2.23 -1.68
C TYR A 81 -14.63 -3.02 -2.68
N ARG A 82 -14.90 -4.27 -2.35
CA ARG A 82 -15.69 -5.14 -3.22
C ARG A 82 -17.03 -4.52 -3.54
N LYS A 83 -17.86 -4.55 -2.55
CA LYS A 83 -19.21 -4.02 -2.62
C LYS A 83 -19.28 -2.68 -3.35
N GLN A 84 -18.48 -1.71 -2.91
CA GLN A 84 -18.52 -0.38 -3.50
C GLN A 84 -17.88 -0.27 -4.89
N TYR A 85 -16.59 -0.57 -4.99
CA TYR A 85 -15.88 -0.43 -6.27
C TYR A 85 -15.62 -1.77 -6.97
N ASN A 86 -15.76 -2.85 -6.22
CA ASN A 86 -15.56 -4.20 -6.76
C ASN A 86 -14.16 -4.43 -7.34
N GLN A 87 -13.17 -4.54 -6.45
CA GLN A 87 -11.80 -4.79 -6.85
C GLN A 87 -11.28 -6.03 -6.13
N GLU A 88 -12.04 -7.12 -6.27
CA GLU A 88 -11.73 -8.40 -5.63
C GLU A 88 -10.35 -8.43 -4.98
N ILE A 89 -10.35 -8.38 -3.66
CA ILE A 89 -9.13 -8.45 -2.89
C ILE A 89 -8.51 -9.82 -3.08
N THR A 90 -9.29 -10.81 -2.67
CA THR A 90 -8.97 -12.23 -2.80
C THR A 90 -7.90 -12.67 -1.82
N ASP A 91 -6.68 -12.20 -1.99
CA ASP A 91 -5.61 -12.56 -1.08
C ASP A 91 -6.08 -12.30 0.32
N LEU A 92 -6.41 -11.04 0.56
CA LEU A 92 -6.91 -10.61 1.83
C LEU A 92 -6.11 -11.13 3.01
N LYS A 93 -5.02 -11.83 2.76
CA LYS A 93 -4.23 -12.36 3.85
C LYS A 93 -2.85 -11.75 3.93
N GLN A 94 -2.69 -10.56 3.36
CA GLN A 94 -1.43 -9.87 3.42
C GLN A 94 -1.58 -8.67 4.35
N PRO A 95 -0.52 -7.87 4.59
CA PRO A 95 -0.65 -6.73 5.49
C PRO A 95 -1.35 -5.58 4.82
N VAL A 96 -1.08 -4.39 5.30
CA VAL A 96 -1.67 -3.21 4.73
C VAL A 96 -0.58 -2.24 4.31
N LEU A 97 -0.99 -1.09 3.80
CA LEU A 97 -0.05 -0.09 3.35
C LEU A 97 -0.38 1.28 3.91
N VAL A 98 0.24 1.64 5.03
CA VAL A 98 -0.03 2.94 5.60
C VAL A 98 0.81 4.02 4.90
N SER A 99 0.14 4.79 4.05
CA SER A 99 0.77 5.89 3.36
C SER A 99 0.86 7.03 4.37
N GLN A 100 1.96 7.78 4.38
CA GLN A 100 2.11 8.82 5.40
C GLN A 100 1.97 10.25 4.90
N PRO A 101 1.32 11.10 5.73
CA PRO A 101 1.09 12.54 5.48
C PRO A 101 2.35 13.36 5.25
N LYS A 102 2.16 14.67 5.21
CA LYS A 102 3.23 15.62 4.99
C LYS A 102 4.06 15.84 6.25
N ARG A 103 5.21 15.20 6.29
CA ARG A 103 6.12 15.34 7.43
C ARG A 103 6.37 16.80 7.76
N ARG A 104 6.50 17.63 6.72
CA ARG A 104 6.72 19.07 6.90
C ARG A 104 5.83 19.86 5.94
N ARG A 105 5.89 21.18 6.03
CA ARG A 105 5.08 22.04 5.16
C ARG A 105 5.80 23.35 4.86
N GLY A 106 7.09 23.40 5.21
CA GLY A 106 7.87 24.60 4.98
C GLY A 106 8.20 24.81 3.51
N PRO A 107 9.48 24.66 3.14
CA PRO A 107 9.97 24.82 1.79
C PRO A 107 10.12 23.48 1.10
N GLY A 108 10.59 23.48 -0.12
CA GLY A 108 10.77 22.23 -0.83
C GLY A 108 9.82 22.07 -2.01
N GLY A 109 9.03 21.00 -1.98
CA GLY A 109 8.09 20.76 -3.06
C GLY A 109 7.66 19.31 -3.15
N THR A 110 6.55 19.06 -3.86
CA THR A 110 5.99 17.73 -3.99
C THR A 110 5.54 17.23 -2.63
N LEU A 111 4.40 16.56 -2.56
CA LEU A 111 3.94 16.10 -1.27
C LEU A 111 3.22 14.75 -1.30
N PRO A 112 2.97 14.18 -0.11
CA PRO A 112 2.34 12.87 0.03
C PRO A 112 0.81 12.88 0.13
N GLY A 113 0.30 11.80 0.73
CA GLY A 113 -1.13 11.59 0.89
C GLY A 113 -1.40 10.29 1.64
N PRO A 114 -1.62 10.38 2.96
CA PRO A 114 -1.84 9.21 3.81
C PRO A 114 -3.05 8.40 3.43
N ALA A 115 -2.95 7.08 3.58
CA ALA A 115 -4.05 6.20 3.22
C ALA A 115 -3.81 4.74 3.60
N MET A 116 -4.81 4.10 4.20
CA MET A 116 -4.72 2.67 4.50
C MET A 116 -5.03 1.94 3.21
N LEU A 117 -3.99 1.40 2.57
CA LEU A 117 -4.17 0.78 1.28
C LEU A 117 -4.03 -0.73 1.27
N ILE A 118 -4.85 -1.38 0.45
CA ILE A 118 -4.79 -2.82 0.29
C ILE A 118 -3.64 -3.15 -0.66
N PRO A 119 -2.67 -3.95 -0.22
CA PRO A 119 -1.53 -4.31 -1.06
C PRO A 119 -2.00 -5.08 -2.29
N GLU A 120 -3.11 -5.80 -2.15
CA GLU A 120 -3.67 -6.58 -3.26
C GLU A 120 -4.26 -5.68 -4.33
N LEU A 121 -4.23 -4.37 -4.09
CA LEU A 121 -4.76 -3.44 -5.06
C LEU A 121 -3.76 -2.33 -5.42
N CYS A 122 -2.72 -2.17 -4.62
CA CYS A 122 -1.76 -1.08 -4.85
C CYS A 122 -0.74 -1.36 -5.95
N TYR A 123 -1.08 -0.96 -7.17
CA TYR A 123 -0.20 -1.11 -8.32
C TYR A 123 1.10 -0.38 -8.09
N LEU A 124 2.15 -1.15 -7.82
CA LEU A 124 3.46 -0.60 -7.64
C LEU A 124 3.71 0.45 -8.72
N THR A 125 4.12 1.62 -8.29
CA THR A 125 4.36 2.72 -9.22
C THR A 125 5.81 2.87 -9.61
N GLY A 126 6.54 3.46 -8.70
CA GLY A 126 7.94 3.76 -8.89
C GLY A 126 8.11 5.24 -8.83
N LEU A 127 6.98 5.87 -8.57
CA LEU A 127 6.86 7.31 -8.46
C LEU A 127 7.89 7.88 -7.48
N THR A 128 7.88 7.34 -6.27
CA THR A 128 8.78 7.76 -5.22
C THR A 128 8.66 9.23 -4.93
N ASP A 129 7.84 9.51 -3.94
CA ASP A 129 7.59 10.86 -3.52
C ASP A 129 8.61 11.32 -2.48
N LYS A 130 9.73 11.87 -2.95
CA LYS A 130 10.76 12.37 -2.07
C LYS A 130 10.15 13.26 -1.01
N MET A 131 9.03 13.83 -1.41
CA MET A 131 8.23 14.71 -0.56
C MET A 131 8.88 16.07 -0.37
N ARG A 132 8.06 17.04 0.03
CA ARG A 132 8.53 18.40 0.24
C ARG A 132 9.61 18.43 1.31
N ASN A 133 9.22 18.67 2.56
CA ASN A 133 10.15 18.74 3.68
C ASN A 133 11.47 19.36 3.26
N ASP A 134 11.36 20.32 2.36
CA ASP A 134 12.54 21.02 1.85
C ASP A 134 13.60 20.05 1.37
N CYS A 1 16.55 -16.25 -10.40
CA CYS A 1 15.10 -16.32 -10.71
C CYS A 1 14.26 -15.79 -9.57
N THR A 2 14.80 -14.80 -8.86
CA THR A 2 14.09 -14.20 -7.73
C THR A 2 13.24 -13.01 -8.18
N ASP A 3 13.51 -12.53 -9.39
CA ASP A 3 12.78 -11.41 -9.96
C ASP A 3 12.78 -10.21 -9.02
N VAL A 4 13.92 -9.99 -8.41
CA VAL A 4 14.10 -8.88 -7.47
C VAL A 4 14.45 -7.59 -8.20
N SER A 5 14.72 -6.54 -7.44
CA SER A 5 15.08 -5.23 -7.99
C SER A 5 14.14 -4.82 -9.11
N HIS A 6 13.01 -4.22 -8.75
CA HIS A 6 12.02 -3.77 -9.73
C HIS A 6 12.20 -2.28 -10.02
N LYS A 7 12.01 -1.91 -11.28
CA LYS A 7 12.14 -0.52 -11.69
C LYS A 7 10.83 0.00 -12.26
N VAL A 8 10.27 0.98 -11.57
CA VAL A 8 9.03 1.62 -11.97
C VAL A 8 8.15 0.70 -12.82
N LEU A 9 7.41 -0.17 -12.14
CA LEU A 9 6.52 -1.10 -12.83
C LEU A 9 5.22 -0.42 -13.23
N ARG A 10 4.36 -1.16 -13.90
CA ARG A 10 3.08 -0.64 -14.36
C ARG A 10 1.92 -1.12 -13.49
N SER A 11 1.63 -2.43 -13.58
CA SER A 11 0.55 -3.01 -12.81
C SER A 11 1.07 -3.81 -11.63
N GLU A 12 0.28 -4.79 -11.20
CA GLU A 12 0.63 -5.64 -10.08
C GLU A 12 0.48 -4.93 -8.76
N THR A 13 -0.31 -5.51 -7.87
CA THR A 13 -0.52 -4.96 -6.55
C THR A 13 0.63 -5.38 -5.64
N VAL A 14 0.90 -4.55 -4.64
CA VAL A 14 2.01 -4.82 -3.74
C VAL A 14 1.85 -6.11 -2.97
N LEU A 15 0.69 -6.72 -3.05
CA LEU A 15 0.48 -8.01 -2.40
C LEU A 15 1.19 -9.03 -3.24
N ASP A 16 0.99 -8.93 -4.55
CA ASP A 16 1.61 -9.84 -5.50
C ASP A 16 3.10 -9.56 -5.52
N PHE A 17 3.45 -8.34 -5.14
CA PHE A 17 4.83 -7.92 -5.08
C PHE A 17 5.48 -8.46 -3.82
N MET A 18 5.01 -7.94 -2.68
CA MET A 18 5.49 -8.36 -1.38
C MET A 18 5.37 -9.89 -1.26
N PHE A 19 4.67 -10.51 -2.21
CA PHE A 19 4.52 -11.96 -2.28
C PHE A 19 5.80 -12.55 -2.84
N ASN A 20 6.06 -12.18 -4.08
CA ASN A 20 7.25 -12.62 -4.77
C ASN A 20 8.44 -12.41 -3.86
N PHE A 21 8.35 -11.32 -3.12
CA PHE A 21 9.38 -10.96 -2.15
C PHE A 21 9.38 -11.97 -1.00
N TYR A 22 8.18 -12.36 -0.56
CA TYR A 22 8.04 -13.33 0.53
C TYR A 22 8.99 -14.49 0.35
N HIS A 23 9.11 -14.93 -0.89
CA HIS A 23 10.00 -16.06 -1.23
C HIS A 23 11.46 -15.63 -1.30
N GLN A 24 11.73 -14.65 -2.14
CA GLN A 24 13.08 -14.13 -2.38
C GLN A 24 13.89 -13.93 -1.09
N THR A 25 13.21 -13.74 0.03
CA THR A 25 13.89 -13.49 1.30
C THR A 25 13.33 -14.33 2.44
N GLU A 26 14.10 -14.44 3.53
CA GLU A 26 13.70 -15.20 4.71
C GLU A 26 12.43 -14.63 5.32
N GLU A 27 12.22 -14.87 6.60
CA GLU A 27 11.06 -14.34 7.31
C GLU A 27 11.39 -12.97 7.88
N HIS A 28 12.28 -12.96 8.87
CA HIS A 28 12.74 -11.74 9.52
C HIS A 28 13.20 -10.72 8.47
N LYS A 29 14.23 -11.11 7.71
CA LYS A 29 14.76 -10.27 6.67
C LYS A 29 13.65 -9.73 5.82
N PHE A 30 12.91 -10.66 5.23
CA PHE A 30 11.78 -10.35 4.37
C PHE A 30 11.13 -9.05 4.77
N GLN A 31 10.33 -9.12 5.80
CA GLN A 31 9.59 -7.99 6.30
C GLN A 31 10.42 -6.71 6.28
N GLU A 32 11.64 -6.78 6.80
CA GLU A 32 12.52 -5.61 6.83
C GLU A 32 12.76 -5.05 5.42
N GLN A 33 13.08 -5.93 4.48
CA GLN A 33 13.38 -5.49 3.11
C GLN A 33 12.13 -5.08 2.36
N VAL A 34 11.17 -6.01 2.20
CA VAL A 34 9.93 -5.70 1.49
C VAL A 34 9.56 -4.27 1.74
N SER A 35 9.30 -3.95 3.00
CA SER A 35 8.96 -2.61 3.36
C SER A 35 9.93 -1.67 2.70
N LYS A 36 11.22 -1.78 3.00
CA LYS A 36 12.20 -0.90 2.40
C LYS A 36 11.93 -0.70 0.90
N GLU A 37 11.34 -1.72 0.29
CA GLU A 37 11.01 -1.69 -1.13
C GLU A 37 9.80 -0.79 -1.43
N LEU A 38 8.82 -0.76 -0.54
CA LEU A 38 7.61 0.06 -0.70
C LEU A 38 7.67 1.33 0.15
N ILE A 39 8.35 1.25 1.29
CA ILE A 39 8.53 2.41 2.17
C ILE A 39 9.13 3.57 1.39
N GLY A 40 8.68 4.78 1.69
CA GLY A 40 9.18 5.95 0.99
C GLY A 40 8.81 5.91 -0.49
N LEU A 41 8.21 4.80 -0.89
CA LEU A 41 7.77 4.56 -2.25
C LEU A 41 6.27 4.74 -2.24
N VAL A 42 5.61 4.71 -3.39
CA VAL A 42 4.17 4.90 -3.41
C VAL A 42 3.47 3.77 -4.18
N VAL A 43 2.16 3.61 -3.95
CA VAL A 43 1.40 2.56 -4.62
C VAL A 43 0.20 3.15 -5.35
N LEU A 44 -0.56 2.29 -6.01
CA LEU A 44 -1.73 2.70 -6.79
C LEU A 44 -2.97 1.92 -6.36
N THR A 45 -3.97 2.60 -5.82
CA THR A 45 -5.17 1.92 -5.40
C THR A 45 -6.01 1.56 -6.61
N LYS A 46 -6.04 0.28 -6.93
CA LYS A 46 -6.75 -0.23 -8.09
C LYS A 46 -8.23 0.20 -8.11
N TYR A 47 -8.87 0.18 -6.95
CA TYR A 47 -10.29 0.54 -6.87
C TYR A 47 -10.55 1.99 -7.28
N ASN A 48 -9.67 2.90 -6.87
CA ASN A 48 -9.83 4.31 -7.19
C ASN A 48 -8.56 4.89 -7.83
N ASN A 49 -7.84 4.05 -8.56
CA ASN A 49 -6.60 4.45 -9.24
C ASN A 49 -5.95 5.66 -8.57
N LYS A 50 -5.66 5.53 -7.28
CA LYS A 50 -5.03 6.62 -6.54
C LYS A 50 -3.69 6.21 -5.97
N THR A 51 -2.67 6.99 -6.25
CA THR A 51 -1.36 6.67 -5.75
C THR A 51 -1.01 7.42 -4.48
N TYR A 52 -0.68 6.66 -3.42
CA TYR A 52 -0.30 7.24 -2.14
C TYR A 52 1.11 6.84 -1.79
N ARG A 53 1.81 7.70 -1.08
CA ARG A 53 3.18 7.42 -0.70
C ARG A 53 3.24 6.45 0.47
N VAL A 54 3.46 5.18 0.16
CA VAL A 54 3.58 4.16 1.20
C VAL A 54 4.90 4.33 1.94
N ASP A 55 4.77 4.72 3.20
CA ASP A 55 5.90 4.96 4.07
C ASP A 55 6.03 3.87 5.12
N ASP A 56 4.99 3.05 5.20
CA ASP A 56 4.94 1.96 6.15
C ASP A 56 4.00 0.87 5.71
N ILE A 57 4.47 -0.37 5.70
CA ILE A 57 3.62 -1.50 5.36
C ILE A 57 3.09 -2.08 6.66
N ASP A 58 1.79 -1.95 6.88
CA ASP A 58 1.19 -2.45 8.11
C ASP A 58 1.13 -3.97 8.11
N TRP A 59 2.21 -4.62 8.56
CA TRP A 59 2.26 -6.08 8.60
C TRP A 59 1.54 -6.62 9.84
N ASP A 60 0.33 -6.12 10.08
CA ASP A 60 -0.43 -6.56 11.25
C ASP A 60 -1.90 -6.86 10.91
N GLN A 61 -2.57 -5.93 10.23
CA GLN A 61 -3.97 -6.11 9.90
C GLN A 61 -4.16 -6.63 8.49
N ASN A 62 -5.29 -7.33 8.28
CA ASN A 62 -5.61 -7.89 6.97
C ASN A 62 -6.74 -7.09 6.32
N PRO A 63 -6.95 -7.26 5.00
CA PRO A 63 -7.97 -6.52 4.24
C PRO A 63 -9.41 -6.66 4.75
N LYS A 64 -9.63 -7.31 5.88
CA LYS A 64 -10.97 -7.47 6.39
C LYS A 64 -11.29 -6.42 7.43
N SER A 65 -10.25 -5.77 7.94
CA SER A 65 -10.42 -4.72 8.93
C SER A 65 -11.60 -3.84 8.55
N THR A 66 -12.38 -3.42 9.54
CA THR A 66 -13.56 -2.61 9.25
C THR A 66 -13.45 -1.18 9.77
N PHE A 67 -14.45 -0.41 9.38
CA PHE A 67 -14.58 0.99 9.75
C PHE A 67 -15.98 1.47 9.42
N LYS A 68 -16.55 2.34 10.24
CA LYS A 68 -17.89 2.82 9.99
C LYS A 68 -17.93 3.82 8.84
N LYS A 69 -19.11 4.00 8.26
CA LYS A 69 -19.30 4.90 7.16
C LYS A 69 -19.77 6.26 7.63
N ALA A 70 -20.33 7.04 6.70
CA ALA A 70 -20.84 8.36 7.00
C ALA A 70 -21.72 8.35 8.25
N ASP A 71 -22.82 7.61 8.17
CA ASP A 71 -23.74 7.49 9.28
C ASP A 71 -23.22 6.51 10.32
N GLY A 72 -22.25 5.68 9.91
CA GLY A 72 -21.69 4.71 10.83
C GLY A 72 -21.78 3.29 10.30
N SER A 73 -21.96 3.13 9.00
CA SER A 73 -22.04 1.79 8.42
C SER A 73 -20.68 1.13 8.52
N GLU A 74 -20.58 0.06 9.28
CA GLU A 74 -19.30 -0.60 9.43
C GLU A 74 -19.01 -1.51 8.25
N VAL A 75 -18.09 -1.08 7.40
CA VAL A 75 -17.66 -1.88 6.25
C VAL A 75 -16.16 -2.10 6.31
N SER A 76 -15.73 -3.24 5.79
CA SER A 76 -14.31 -3.60 5.77
C SER A 76 -13.68 -3.21 4.45
N PHE A 77 -12.35 -3.15 4.44
CA PHE A 77 -11.63 -2.83 3.21
C PHE A 77 -12.22 -3.67 2.09
N LEU A 78 -12.08 -4.97 2.26
CA LEU A 78 -12.59 -5.97 1.33
C LEU A 78 -13.98 -5.59 0.84
N GLU A 79 -14.76 -5.00 1.75
CA GLU A 79 -16.12 -4.58 1.44
C GLU A 79 -16.13 -3.23 0.73
N TYR A 80 -15.83 -2.15 1.45
CA TYR A 80 -15.82 -0.81 0.87
C TYR A 80 -15.26 -0.83 -0.55
N TYR A 81 -14.28 -1.69 -0.78
CA TYR A 81 -13.62 -1.76 -2.07
C TYR A 81 -14.40 -2.59 -3.10
N ARG A 82 -14.89 -3.76 -2.69
CA ARG A 82 -15.64 -4.62 -3.60
C ARG A 82 -17.07 -4.13 -3.82
N LYS A 83 -17.72 -3.73 -2.75
CA LYS A 83 -19.08 -3.26 -2.82
C LYS A 83 -19.17 -1.91 -3.54
N GLN A 84 -18.31 -0.97 -3.13
CA GLN A 84 -18.34 0.34 -3.72
C GLN A 84 -17.70 0.43 -5.11
N TYR A 85 -16.43 0.05 -5.21
CA TYR A 85 -15.71 0.14 -6.49
C TYR A 85 -15.53 -1.20 -7.19
N ASN A 86 -15.95 -2.28 -6.53
CA ASN A 86 -15.85 -3.63 -7.09
C ASN A 86 -14.43 -4.12 -7.27
N GLN A 87 -13.51 -3.71 -6.41
CA GLN A 87 -12.15 -4.18 -6.49
C GLN A 87 -11.92 -5.25 -5.43
N GLU A 88 -12.62 -6.35 -5.59
CA GLU A 88 -12.55 -7.46 -4.65
C GLU A 88 -11.10 -7.80 -4.31
N ILE A 89 -10.83 -7.77 -3.01
CA ILE A 89 -9.51 -8.07 -2.47
C ILE A 89 -9.11 -9.52 -2.78
N THR A 90 -9.98 -10.44 -2.36
CA THR A 90 -9.77 -11.87 -2.54
C THR A 90 -8.73 -12.42 -1.59
N ASP A 91 -7.51 -11.89 -1.68
CA ASP A 91 -6.44 -12.33 -0.81
C ASP A 91 -6.53 -11.62 0.52
N LEU A 92 -7.54 -12.01 1.28
CA LEU A 92 -7.80 -11.43 2.58
C LEU A 92 -6.79 -11.92 3.63
N LYS A 93 -5.59 -12.28 3.16
CA LYS A 93 -4.54 -12.76 4.05
C LYS A 93 -3.29 -11.88 4.03
N GLN A 94 -3.34 -10.75 3.34
CA GLN A 94 -2.21 -9.86 3.24
C GLN A 94 -2.24 -8.79 4.33
N PRO A 95 -1.18 -7.95 4.44
CA PRO A 95 -1.15 -6.89 5.42
C PRO A 95 -1.82 -5.63 4.88
N VAL A 96 -1.39 -4.48 5.35
CA VAL A 96 -1.93 -3.22 4.89
C VAL A 96 -0.78 -2.31 4.47
N LEU A 97 -1.12 -1.22 3.82
CA LEU A 97 -0.13 -0.25 3.39
C LEU A 97 -0.41 1.10 4.01
N VAL A 98 0.19 1.38 5.15
CA VAL A 98 -0.02 2.67 5.78
C VAL A 98 0.79 3.73 5.05
N SER A 99 0.11 4.49 4.20
CA SER A 99 0.73 5.56 3.44
C SER A 99 0.82 6.80 4.31
N GLN A 100 2.04 7.30 4.51
CA GLN A 100 2.24 8.47 5.34
C GLN A 100 3.00 9.58 4.62
N PRO A 101 2.43 10.81 4.60
CA PRO A 101 3.05 11.96 3.95
C PRO A 101 4.15 12.54 4.79
N LYS A 102 4.13 12.08 6.00
CA LYS A 102 5.06 12.47 7.04
C LYS A 102 5.40 13.95 6.94
N ARG A 103 4.39 14.75 6.60
CA ARG A 103 4.53 16.19 6.46
C ARG A 103 5.20 16.81 7.68
N ARG A 104 5.57 18.08 7.55
CA ARG A 104 6.21 18.80 8.64
C ARG A 104 5.28 18.89 9.85
N ARG A 105 5.72 19.60 10.88
CA ARG A 105 4.93 19.75 12.10
C ARG A 105 3.86 20.84 11.93
N GLY A 106 4.15 21.84 11.10
CA GLY A 106 3.21 22.90 10.88
C GLY A 106 3.01 23.22 9.41
N PRO A 107 3.45 24.41 8.97
CA PRO A 107 3.35 24.86 7.60
C PRO A 107 4.60 24.49 6.82
N GLY A 108 4.93 25.29 5.80
CA GLY A 108 6.11 25.01 5.02
C GLY A 108 6.07 23.65 4.37
N GLY A 109 5.88 23.62 3.05
CA GLY A 109 5.82 22.36 2.36
C GLY A 109 4.49 21.67 2.51
N THR A 110 4.36 20.98 3.61
CA THR A 110 3.16 20.21 3.94
C THR A 110 2.96 19.10 2.92
N LEU A 111 2.72 17.89 3.39
CA LEU A 111 2.57 16.78 2.48
C LEU A 111 1.23 16.04 2.62
N PRO A 112 0.76 15.49 1.50
CA PRO A 112 -0.47 14.74 1.40
C PRO A 112 -0.27 13.28 0.99
N GLY A 113 -1.39 12.61 0.71
CA GLY A 113 -1.37 11.23 0.23
C GLY A 113 -1.35 10.14 1.31
N PRO A 114 -2.05 10.28 2.45
CA PRO A 114 -2.08 9.24 3.46
C PRO A 114 -3.26 8.29 3.28
N ALA A 115 -3.04 7.00 3.52
CA ALA A 115 -4.11 6.03 3.30
C ALA A 115 -3.76 4.60 3.74
N MET A 116 -4.69 3.96 4.45
CA MET A 116 -4.52 2.55 4.80
C MET A 116 -4.99 1.77 3.58
N LEU A 117 -4.03 1.34 2.77
CA LEU A 117 -4.33 0.69 1.51
C LEU A 117 -4.20 -0.82 1.54
N ILE A 118 -5.00 -1.47 0.70
CA ILE A 118 -4.96 -2.91 0.57
C ILE A 118 -3.85 -3.30 -0.40
N PRO A 119 -2.72 -3.81 0.10
CA PRO A 119 -1.62 -4.24 -0.75
C PRO A 119 -2.11 -5.08 -1.95
N GLU A 120 -3.26 -5.76 -1.81
CA GLU A 120 -3.80 -6.59 -2.90
C GLU A 120 -4.35 -5.78 -4.06
N LEU A 121 -4.50 -4.48 -3.88
CA LEU A 121 -5.02 -3.64 -4.96
C LEU A 121 -4.06 -2.50 -5.31
N CYS A 122 -2.97 -2.37 -4.57
CA CYS A 122 -2.03 -1.27 -4.80
C CYS A 122 -0.95 -1.55 -5.84
N TYR A 123 -1.19 -1.08 -7.06
CA TYR A 123 -0.23 -1.24 -8.14
C TYR A 123 1.08 -0.56 -7.78
N LEU A 124 2.14 -1.35 -7.69
CA LEU A 124 3.44 -0.82 -7.33
C LEU A 124 3.85 0.29 -8.28
N THR A 125 4.27 1.40 -7.72
CA THR A 125 4.70 2.55 -8.50
C THR A 125 6.22 2.64 -8.55
N GLY A 126 6.67 3.87 -8.64
CA GLY A 126 8.07 4.23 -8.68
C GLY A 126 8.15 5.72 -8.52
N LEU A 127 6.98 6.23 -8.17
CA LEU A 127 6.73 7.64 -7.97
C LEU A 127 7.61 8.24 -6.88
N THR A 128 7.53 7.66 -5.68
CA THR A 128 8.30 8.14 -4.55
C THR A 128 8.04 9.62 -4.34
N ASP A 129 6.82 10.01 -4.70
CA ASP A 129 6.37 11.40 -4.62
C ASP A 129 6.82 12.06 -3.32
N LYS A 130 7.74 13.00 -3.44
CA LYS A 130 8.25 13.73 -2.28
C LYS A 130 7.45 15.01 -2.06
N MET A 131 7.13 15.69 -3.16
CA MET A 131 6.36 16.93 -3.12
C MET A 131 6.88 17.87 -2.04
N ARG A 132 6.04 18.82 -1.65
CA ARG A 132 6.37 19.80 -0.65
C ARG A 132 7.67 20.55 -0.98
N ASN A 133 8.82 19.90 -0.77
CA ASN A 133 10.11 20.51 -1.05
C ASN A 133 10.24 21.86 -0.34
N ASP A 134 10.02 21.84 0.97
CA ASP A 134 10.11 23.05 1.78
C ASP A 134 9.37 24.22 1.12
N CYS A 1 20.74 -11.86 -14.86
CA CYS A 1 20.53 -10.48 -14.34
C CYS A 1 19.48 -10.46 -13.24
N THR A 2 19.86 -10.94 -12.06
CA THR A 2 18.95 -10.97 -10.92
C THR A 2 19.26 -9.85 -9.94
N ASP A 3 18.30 -8.93 -9.78
CA ASP A 3 18.47 -7.81 -8.88
C ASP A 3 17.14 -7.41 -8.24
N VAL A 4 17.21 -6.49 -7.30
CA VAL A 4 16.03 -6.00 -6.60
C VAL A 4 15.64 -4.61 -7.08
N SER A 5 14.70 -3.96 -6.38
CA SER A 5 14.24 -2.63 -6.73
C SER A 5 13.53 -2.60 -8.08
N HIS A 6 12.47 -1.79 -8.17
CA HIS A 6 11.69 -1.66 -9.39
C HIS A 6 11.36 -0.20 -9.67
N LYS A 7 11.31 0.16 -10.95
CA LYS A 7 10.99 1.53 -11.35
C LYS A 7 9.67 1.57 -12.10
N VAL A 8 8.71 2.28 -11.50
CA VAL A 8 7.39 2.45 -12.08
C VAL A 8 7.01 1.29 -13.01
N LEU A 9 6.54 0.19 -12.42
CA LEU A 9 6.13 -0.98 -13.18
C LEU A 9 4.78 -0.76 -13.84
N ARG A 10 4.49 -1.56 -14.86
CA ARG A 10 3.23 -1.45 -15.59
C ARG A 10 2.04 -1.70 -14.66
N SER A 11 1.88 -2.95 -14.22
CA SER A 11 0.78 -3.32 -13.33
C SER A 11 1.18 -4.47 -12.42
N GLU A 12 0.87 -4.32 -11.13
CA GLU A 12 1.19 -5.32 -10.12
C GLU A 12 0.95 -4.75 -8.74
N THR A 13 0.08 -5.39 -7.98
CA THR A 13 -0.21 -4.96 -6.63
C THR A 13 0.93 -5.34 -5.68
N VAL A 14 1.12 -4.56 -4.62
CA VAL A 14 2.21 -4.80 -3.68
C VAL A 14 2.04 -6.13 -2.96
N LEU A 15 0.90 -6.75 -3.14
CA LEU A 15 0.66 -8.04 -2.55
C LEU A 15 1.28 -9.07 -3.46
N ASP A 16 1.16 -8.81 -4.76
CA ASP A 16 1.76 -9.66 -5.76
C ASP A 16 3.26 -9.44 -5.71
N PHE A 17 3.61 -8.23 -5.27
CA PHE A 17 5.00 -7.84 -5.13
C PHE A 17 5.57 -8.52 -3.90
N MET A 18 5.04 -8.14 -2.74
CA MET A 18 5.47 -8.74 -1.49
C MET A 18 5.34 -10.25 -1.58
N PHE A 19 4.58 -10.72 -2.59
CA PHE A 19 4.40 -12.14 -2.83
C PHE A 19 5.70 -12.76 -3.30
N ASN A 20 6.21 -12.23 -4.40
CA ASN A 20 7.46 -12.70 -4.94
C ASN A 20 8.55 -12.45 -3.92
N PHE A 21 8.38 -11.37 -3.16
CA PHE A 21 9.30 -11.01 -2.11
C PHE A 21 9.18 -12.00 -0.96
N TYR A 22 8.07 -12.72 -0.95
CA TYR A 22 7.80 -13.74 0.05
C TYR A 22 8.48 -15.05 -0.37
N HIS A 23 8.66 -15.19 -1.67
CA HIS A 23 9.28 -16.37 -2.26
C HIS A 23 10.78 -16.18 -2.42
N GLN A 24 11.22 -14.93 -2.43
CA GLN A 24 12.62 -14.60 -2.60
C GLN A 24 13.36 -14.59 -1.27
N THR A 25 12.69 -14.12 -0.22
CA THR A 25 13.30 -14.02 1.09
C THR A 25 12.41 -14.66 2.18
N GLU A 26 13.00 -15.06 3.32
CA GLU A 26 12.25 -15.72 4.41
C GLU A 26 11.11 -14.84 4.96
N GLU A 27 10.76 -15.01 6.24
CA GLU A 27 9.68 -14.24 6.88
C GLU A 27 10.15 -12.96 7.60
N HIS A 28 10.86 -13.14 8.70
CA HIS A 28 11.36 -12.05 9.54
C HIS A 28 12.04 -10.90 8.76
N LYS A 29 13.20 -11.17 8.19
CA LYS A 29 13.91 -10.13 7.44
C LYS A 29 13.07 -9.68 6.28
N PHE A 30 12.27 -10.59 5.73
CA PHE A 30 11.40 -10.29 4.60
C PHE A 30 10.68 -9.01 4.87
N GLN A 31 9.71 -9.08 5.75
CA GLN A 31 8.92 -7.95 6.15
C GLN A 31 9.80 -6.70 6.28
N GLU A 32 11.00 -6.88 6.84
CA GLU A 32 11.92 -5.75 6.99
C GLU A 32 12.32 -5.16 5.62
N GLN A 33 12.73 -6.03 4.69
CA GLN A 33 13.14 -5.57 3.36
C GLN A 33 11.98 -5.05 2.54
N VAL A 34 11.00 -5.93 2.27
CA VAL A 34 9.82 -5.54 1.51
C VAL A 34 9.50 -4.11 1.81
N SER A 35 9.21 -3.83 3.07
CA SER A 35 8.89 -2.48 3.46
C SER A 35 9.92 -1.54 2.84
N LYS A 36 11.19 -1.71 3.18
CA LYS A 36 12.22 -0.84 2.62
C LYS A 36 11.99 -0.60 1.13
N GLU A 37 11.39 -1.58 0.47
CA GLU A 37 11.09 -1.50 -0.96
C GLU A 37 9.91 -0.57 -1.26
N LEU A 38 8.85 -0.65 -0.44
CA LEU A 38 7.66 0.19 -0.64
C LEU A 38 7.71 1.46 0.21
N ILE A 39 8.34 1.38 1.37
CA ILE A 39 8.51 2.52 2.24
C ILE A 39 9.10 3.71 1.48
N GLY A 40 8.60 4.92 1.76
CA GLY A 40 9.09 6.10 1.07
C GLY A 40 8.75 6.07 -0.42
N LEU A 41 8.19 4.95 -0.84
CA LEU A 41 7.78 4.71 -2.22
C LEU A 41 6.27 4.86 -2.24
N VAL A 42 5.64 4.83 -3.40
CA VAL A 42 4.19 4.98 -3.47
C VAL A 42 3.55 3.84 -4.25
N VAL A 43 2.27 3.63 -4.00
CA VAL A 43 1.53 2.57 -4.68
C VAL A 43 0.33 3.14 -5.42
N LEU A 44 -0.39 2.27 -6.12
CA LEU A 44 -1.56 2.67 -6.90
C LEU A 44 -2.77 1.84 -6.45
N THR A 45 -3.80 2.50 -5.94
CA THR A 45 -4.97 1.78 -5.49
C THR A 45 -5.81 1.34 -6.68
N LYS A 46 -5.81 0.03 -6.92
CA LYS A 46 -6.52 -0.54 -8.05
C LYS A 46 -8.00 -0.17 -8.07
N TYR A 47 -8.64 -0.06 -6.90
CA TYR A 47 -10.05 0.28 -6.86
C TYR A 47 -10.32 1.62 -7.56
N ASN A 48 -9.83 2.71 -7.01
CA ASN A 48 -10.02 4.02 -7.63
C ASN A 48 -8.71 4.60 -8.15
N ASN A 49 -7.91 3.73 -8.80
CA ASN A 49 -6.61 4.11 -9.38
C ASN A 49 -6.02 5.36 -8.75
N LYS A 50 -5.77 5.30 -7.44
CA LYS A 50 -5.20 6.44 -6.74
C LYS A 50 -3.90 6.07 -6.05
N THR A 51 -2.85 6.84 -6.33
CA THR A 51 -1.54 6.56 -5.76
C THR A 51 -1.24 7.33 -4.48
N TYR A 52 -0.80 6.60 -3.45
CA TYR A 52 -0.41 7.21 -2.19
C TYR A 52 1.02 6.81 -1.87
N ARG A 53 1.69 7.60 -1.06
CA ARG A 53 3.07 7.32 -0.73
C ARG A 53 3.18 6.35 0.45
N VAL A 54 3.39 5.07 0.14
CA VAL A 54 3.55 4.07 1.18
C VAL A 54 4.84 4.34 1.95
N ASP A 55 4.65 4.77 3.18
CA ASP A 55 5.72 5.12 4.09
C ASP A 55 5.88 4.06 5.15
N ASP A 56 4.87 3.21 5.24
CA ASP A 56 4.86 2.13 6.21
C ASP A 56 3.94 1.01 5.77
N ILE A 57 4.45 -0.21 5.74
CA ILE A 57 3.63 -1.35 5.40
C ILE A 57 3.09 -1.94 6.69
N ASP A 58 1.80 -1.81 6.91
CA ASP A 58 1.20 -2.31 8.13
C ASP A 58 1.18 -3.84 8.15
N TRP A 59 2.27 -4.42 8.63
CA TRP A 59 2.39 -5.87 8.72
C TRP A 59 1.68 -6.40 9.96
N ASP A 60 0.44 -5.95 10.17
CA ASP A 60 -0.31 -6.37 11.34
C ASP A 60 -1.76 -6.75 11.03
N GLN A 61 -2.42 -5.99 10.16
CA GLN A 61 -3.81 -6.27 9.83
C GLN A 61 -3.94 -7.10 8.56
N ASN A 62 -5.17 -7.18 8.07
CA ASN A 62 -5.48 -7.93 6.86
C ASN A 62 -6.40 -7.08 5.97
N PRO A 63 -6.57 -7.46 4.69
CA PRO A 63 -7.43 -6.70 3.77
C PRO A 63 -8.88 -6.72 4.19
N LYS A 64 -9.12 -7.13 5.43
CA LYS A 64 -10.45 -7.17 5.97
C LYS A 64 -10.70 -5.98 6.87
N SER A 65 -9.81 -5.75 7.83
CA SER A 65 -9.91 -4.62 8.78
C SER A 65 -11.09 -3.69 8.45
N THR A 66 -11.98 -3.50 9.42
CA THR A 66 -13.16 -2.66 9.20
C THR A 66 -13.01 -1.23 9.71
N PHE A 67 -13.95 -0.41 9.27
CA PHE A 67 -14.05 0.99 9.64
C PHE A 67 -15.48 1.45 9.40
N LYS A 68 -15.91 2.52 10.05
CA LYS A 68 -17.28 2.99 9.86
C LYS A 68 -17.43 3.85 8.61
N LYS A 69 -18.67 3.95 8.14
CA LYS A 69 -19.00 4.72 6.96
C LYS A 69 -19.18 6.19 7.29
N ALA A 70 -19.91 6.88 6.43
CA ALA A 70 -20.21 8.30 6.62
C ALA A 70 -20.98 8.51 7.92
N ASP A 71 -22.05 7.74 8.08
CA ASP A 71 -22.88 7.83 9.26
C ASP A 71 -22.37 6.90 10.35
N GLY A 72 -21.58 5.90 9.96
CA GLY A 72 -21.04 4.98 10.93
C GLY A 72 -21.20 3.53 10.54
N SER A 73 -21.52 3.25 9.27
CA SER A 73 -21.67 1.87 8.84
C SER A 73 -20.31 1.21 8.80
N GLU A 74 -20.10 0.20 9.63
CA GLU A 74 -18.82 -0.45 9.67
C GLU A 74 -18.65 -1.46 8.55
N VAL A 75 -17.83 -1.09 7.57
CA VAL A 75 -17.51 -1.97 6.44
C VAL A 75 -16.02 -2.26 6.43
N SER A 76 -15.70 -3.47 6.00
CA SER A 76 -14.31 -3.92 5.94
C SER A 76 -13.62 -3.35 4.72
N PHE A 77 -12.32 -3.53 4.64
CA PHE A 77 -11.57 -3.06 3.48
C PHE A 77 -12.18 -3.74 2.27
N LEU A 78 -12.10 -5.07 2.32
CA LEU A 78 -12.65 -5.93 1.28
C LEU A 78 -14.02 -5.45 0.86
N GLU A 79 -14.83 -5.12 1.86
CA GLU A 79 -16.18 -4.63 1.62
C GLU A 79 -16.14 -3.26 0.94
N TYR A 80 -15.71 -2.24 1.66
CA TYR A 80 -15.62 -0.89 1.11
C TYR A 80 -15.13 -0.90 -0.33
N TYR A 81 -14.19 -1.78 -0.62
CA TYR A 81 -13.61 -1.87 -1.94
C TYR A 81 -14.45 -2.69 -2.92
N ARG A 82 -15.11 -3.72 -2.43
CA ARG A 82 -15.93 -4.58 -3.28
C ARG A 82 -17.33 -4.03 -3.52
N LYS A 83 -17.90 -3.39 -2.53
CA LYS A 83 -19.22 -2.83 -2.63
C LYS A 83 -19.19 -1.46 -3.28
N GLN A 84 -18.22 -0.64 -2.88
CA GLN A 84 -18.11 0.70 -3.41
C GLN A 84 -17.42 0.72 -4.79
N TYR A 85 -16.49 -0.19 -5.04
CA TYR A 85 -15.78 -0.21 -6.32
C TYR A 85 -15.72 -1.60 -6.94
N ASN A 86 -16.17 -2.61 -6.21
CA ASN A 86 -16.14 -3.98 -6.70
C ASN A 86 -14.72 -4.35 -7.06
N GLN A 87 -13.81 -4.03 -6.15
CA GLN A 87 -12.40 -4.30 -6.34
C GLN A 87 -11.97 -5.55 -5.59
N GLU A 88 -12.21 -6.71 -6.23
CA GLU A 88 -11.87 -8.00 -5.65
C GLU A 88 -10.51 -8.00 -4.97
N ILE A 89 -10.54 -8.26 -3.66
CA ILE A 89 -9.33 -8.33 -2.87
C ILE A 89 -8.66 -9.69 -3.07
N THR A 90 -9.42 -10.73 -2.73
CA THR A 90 -9.02 -12.12 -2.89
C THR A 90 -8.01 -12.56 -1.83
N ASP A 91 -6.83 -11.95 -1.84
CA ASP A 91 -5.81 -12.28 -0.86
C ASP A 91 -6.11 -11.56 0.44
N LEU A 92 -7.24 -11.93 1.02
CA LEU A 92 -7.73 -11.33 2.24
C LEU A 92 -6.90 -11.74 3.46
N LYS A 93 -5.64 -12.11 3.25
CA LYS A 93 -4.81 -12.51 4.38
C LYS A 93 -3.40 -11.92 4.32
N GLN A 94 -3.22 -10.78 3.65
CA GLN A 94 -1.91 -10.15 3.61
C GLN A 94 -1.94 -8.90 4.49
N PRO A 95 -0.86 -8.08 4.59
CA PRO A 95 -0.88 -6.92 5.47
C PRO A 95 -1.60 -5.74 4.86
N VAL A 96 -1.28 -4.57 5.36
CA VAL A 96 -1.88 -3.33 4.89
C VAL A 96 -0.77 -2.38 4.48
N LEU A 97 -1.14 -1.25 3.92
CA LEU A 97 -0.16 -0.27 3.51
C LEU A 97 -0.47 1.09 4.08
N VAL A 98 0.11 1.40 5.23
CA VAL A 98 -0.13 2.69 5.83
C VAL A 98 0.69 3.75 5.12
N SER A 99 0.01 4.46 4.23
CA SER A 99 0.62 5.53 3.45
C SER A 99 0.65 6.79 4.30
N GLN A 100 1.83 7.37 4.46
CA GLN A 100 1.96 8.57 5.28
C GLN A 100 3.00 9.53 4.72
N PRO A 101 2.61 10.77 4.39
CA PRO A 101 3.53 11.77 3.87
C PRO A 101 4.38 12.38 4.98
N LYS A 102 5.50 12.98 4.61
CA LYS A 102 6.39 13.60 5.58
C LYS A 102 5.85 14.96 6.02
N ARG A 103 4.57 15.19 5.77
CA ARG A 103 3.90 16.43 6.11
C ARG A 103 4.28 16.92 7.50
N ARG A 104 4.63 18.20 7.60
CA ARG A 104 5.00 18.80 8.87
C ARG A 104 3.77 19.38 9.56
N ARG A 105 4.00 20.12 10.64
CA ARG A 105 2.89 20.73 11.39
C ARG A 105 3.02 22.24 11.45
N GLY A 106 4.00 22.78 10.73
CA GLY A 106 4.20 24.23 10.72
C GLY A 106 4.47 24.77 9.33
N PRO A 107 5.67 25.32 9.10
CA PRO A 107 6.08 25.88 7.82
C PRO A 107 6.60 24.82 6.87
N GLY A 108 7.06 23.71 7.42
CA GLY A 108 7.57 22.63 6.61
C GLY A 108 6.50 22.06 5.69
N GLY A 109 6.81 22.00 4.40
CA GLY A 109 5.89 21.47 3.41
C GLY A 109 4.87 20.52 3.97
N THR A 110 3.60 20.82 3.74
CA THR A 110 2.52 19.95 4.17
C THR A 110 2.14 19.05 3.02
N LEU A 111 2.27 17.76 3.23
CA LEU A 111 2.02 16.80 2.18
C LEU A 111 0.83 15.90 2.47
N PRO A 112 0.20 15.40 1.39
CA PRO A 112 -0.97 14.54 1.44
C PRO A 112 -0.68 13.11 1.00
N GLY A 113 -1.76 12.37 0.74
CA GLY A 113 -1.64 11.00 0.26
C GLY A 113 -1.59 9.91 1.34
N PRO A 114 -2.39 9.99 2.42
CA PRO A 114 -2.40 8.96 3.45
C PRO A 114 -3.49 7.93 3.20
N ALA A 115 -3.20 6.66 3.49
CA ALA A 115 -4.18 5.62 3.25
C ALA A 115 -3.78 4.23 3.77
N MET A 116 -4.72 3.52 4.37
CA MET A 116 -4.48 2.14 4.78
C MET A 116 -4.93 1.32 3.58
N LEU A 117 -3.97 0.98 2.74
CA LEU A 117 -4.24 0.30 1.48
C LEU A 117 -4.20 -1.21 1.53
N ILE A 118 -4.83 -1.79 0.51
CA ILE A 118 -4.83 -3.21 0.32
C ILE A 118 -3.71 -3.55 -0.64
N PRO A 119 -2.69 -4.29 -0.16
CA PRO A 119 -1.56 -4.65 -1.01
C PRO A 119 -2.01 -5.38 -2.27
N GLU A 120 -3.11 -6.14 -2.17
CA GLU A 120 -3.62 -6.87 -3.33
C GLU A 120 -4.18 -5.96 -4.42
N LEU A 121 -4.16 -4.65 -4.19
CA LEU A 121 -4.66 -3.72 -5.20
C LEU A 121 -3.68 -2.57 -5.48
N CYS A 122 -2.64 -2.45 -4.68
CA CYS A 122 -1.71 -1.33 -4.84
C CYS A 122 -0.62 -1.56 -5.89
N TYR A 123 -0.91 -1.13 -7.12
CA TYR A 123 0.05 -1.23 -8.21
C TYR A 123 1.32 -0.50 -7.86
N LEU A 124 2.38 -1.26 -7.61
CA LEU A 124 3.66 -0.68 -7.26
C LEU A 124 4.05 0.38 -8.29
N THR A 125 4.41 1.54 -7.83
CA THR A 125 4.79 2.63 -8.71
C THR A 125 6.30 2.82 -8.75
N GLY A 126 6.71 4.06 -8.58
CA GLY A 126 8.09 4.46 -8.59
C GLY A 126 8.12 5.96 -8.43
N LEU A 127 6.93 6.46 -8.15
CA LEU A 127 6.65 7.86 -7.96
C LEU A 127 7.54 8.46 -6.88
N THR A 128 7.52 7.85 -5.70
CA THR A 128 8.30 8.33 -4.58
C THR A 128 8.09 9.82 -4.38
N ASP A 129 6.88 10.23 -4.73
CA ASP A 129 6.47 11.63 -4.65
C ASP A 129 7.02 12.33 -3.42
N LYS A 130 8.07 13.11 -3.62
CA LYS A 130 8.69 13.86 -2.53
C LYS A 130 7.82 15.05 -2.16
N MET A 131 7.25 15.67 -3.18
CA MET A 131 6.36 16.81 -3.01
C MET A 131 6.98 17.89 -2.13
N ARG A 132 6.10 18.62 -1.46
CA ARG A 132 6.47 19.70 -0.56
C ARG A 132 7.77 19.45 0.19
N ASN A 133 8.46 20.54 0.46
CA ASN A 133 9.74 20.51 1.14
C ASN A 133 9.56 20.39 2.65
N ASP A 134 8.67 19.51 3.05
CA ASP A 134 8.39 19.25 4.46
C ASP A 134 9.63 19.41 5.33
N CYS A 1 16.66 -13.91 -6.10
CA CYS A 1 16.08 -12.63 -6.58
C CYS A 1 16.00 -12.60 -8.10
N THR A 2 14.81 -12.87 -8.63
CA THR A 2 14.61 -12.87 -10.07
C THR A 2 14.01 -11.54 -10.54
N ASP A 3 13.75 -10.64 -9.59
CA ASP A 3 13.19 -9.34 -9.92
C ASP A 3 13.26 -8.41 -8.71
N VAL A 4 13.97 -7.29 -8.87
CA VAL A 4 14.14 -6.33 -7.80
C VAL A 4 13.93 -4.91 -8.30
N SER A 5 14.17 -3.93 -7.42
CA SER A 5 14.01 -2.51 -7.75
C SER A 5 12.64 -2.20 -8.35
N HIS A 6 12.50 -2.40 -9.66
CA HIS A 6 11.24 -2.14 -10.36
C HIS A 6 10.89 -0.66 -10.34
N LYS A 7 10.81 -0.06 -11.52
CA LYS A 7 10.48 1.36 -11.64
C LYS A 7 9.14 1.54 -12.30
N VAL A 8 8.25 2.20 -11.58
CA VAL A 8 6.90 2.50 -12.05
C VAL A 8 6.41 1.51 -13.11
N LEU A 9 5.81 0.43 -12.64
CA LEU A 9 5.29 -0.60 -13.52
C LEU A 9 3.92 -0.20 -14.06
N ARG A 10 3.30 -1.10 -14.81
CA ARG A 10 2.00 -0.85 -15.41
C ARG A 10 0.89 -1.40 -14.50
N SER A 11 1.11 -2.59 -13.96
CA SER A 11 0.13 -3.22 -13.09
C SER A 11 0.78 -3.91 -11.91
N GLU A 12 0.06 -4.88 -11.34
CA GLU A 12 0.54 -5.64 -10.19
C GLU A 12 0.42 -4.86 -8.90
N THR A 13 -0.28 -5.45 -7.93
CA THR A 13 -0.44 -4.85 -6.62
C THR A 13 0.72 -5.26 -5.73
N VAL A 14 1.09 -4.39 -4.78
CA VAL A 14 2.23 -4.68 -3.91
C VAL A 14 2.05 -5.98 -3.12
N LEU A 15 0.87 -6.57 -3.20
CA LEU A 15 0.63 -7.83 -2.53
C LEU A 15 1.30 -8.92 -3.33
N ASP A 16 1.11 -8.83 -4.65
CA ASP A 16 1.72 -9.77 -5.58
C ASP A 16 3.22 -9.53 -5.57
N PHE A 17 3.57 -8.28 -5.27
CA PHE A 17 4.95 -7.84 -5.18
C PHE A 17 5.58 -8.42 -3.92
N MET A 18 5.12 -7.93 -2.78
CA MET A 18 5.59 -8.39 -1.50
C MET A 18 5.41 -9.92 -1.41
N PHE A 19 4.65 -10.47 -2.36
CA PHE A 19 4.41 -11.92 -2.43
C PHE A 19 5.66 -12.63 -2.88
N ASN A 20 6.15 -12.28 -4.07
CA ASN A 20 7.35 -12.89 -4.58
C ASN A 20 8.46 -12.71 -3.56
N PHE A 21 8.45 -11.53 -2.93
CA PHE A 21 9.42 -11.21 -1.90
C PHE A 21 9.28 -12.19 -0.74
N TYR A 22 8.08 -12.73 -0.57
CA TYR A 22 7.81 -13.71 0.47
C TYR A 22 8.51 -15.02 0.18
N HIS A 23 8.54 -15.39 -1.10
CA HIS A 23 9.15 -16.65 -1.54
C HIS A 23 10.68 -16.58 -1.63
N GLN A 24 11.28 -15.45 -1.26
CA GLN A 24 12.73 -15.33 -1.34
C GLN A 24 13.37 -15.12 0.04
N THR A 25 13.66 -13.86 0.36
CA THR A 25 14.28 -13.46 1.62
C THR A 25 13.77 -14.25 2.83
N GLU A 26 14.55 -14.22 3.92
CA GLU A 26 14.19 -14.92 5.16
C GLU A 26 12.91 -14.36 5.73
N GLU A 27 12.65 -14.62 7.01
CA GLU A 27 11.45 -14.10 7.68
C GLU A 27 11.71 -12.69 8.20
N HIS A 28 12.58 -12.61 9.21
CA HIS A 28 12.96 -11.33 9.79
C HIS A 28 13.44 -10.39 8.69
N LYS A 29 14.17 -10.96 7.74
CA LYS A 29 14.69 -10.23 6.62
C LYS A 29 13.54 -9.72 5.81
N PHE A 30 12.80 -10.66 5.25
CA PHE A 30 11.65 -10.37 4.42
C PHE A 30 11.03 -9.05 4.83
N GLN A 31 10.27 -9.10 5.89
CA GLN A 31 9.57 -7.95 6.41
C GLN A 31 10.41 -6.67 6.38
N GLU A 32 11.63 -6.74 6.92
CA GLU A 32 12.51 -5.57 6.95
C GLU A 32 12.73 -5.01 5.54
N GLN A 33 13.17 -5.87 4.63
CA GLN A 33 13.44 -5.46 3.24
C GLN A 33 12.19 -5.02 2.50
N VAL A 34 11.24 -5.96 2.31
CA VAL A 34 10.01 -5.66 1.58
C VAL A 34 9.61 -4.23 1.83
N SER A 35 9.34 -3.93 3.09
CA SER A 35 8.97 -2.59 3.43
C SER A 35 9.94 -1.62 2.77
N LYS A 36 11.23 -1.73 3.06
CA LYS A 36 12.19 -0.83 2.45
C LYS A 36 11.92 -0.65 0.96
N GLU A 37 11.35 -1.69 0.35
CA GLU A 37 11.01 -1.68 -1.07
C GLU A 37 9.80 -0.79 -1.37
N LEU A 38 8.84 -0.76 -0.45
CA LEU A 38 7.62 0.04 -0.63
C LEU A 38 7.66 1.33 0.22
N ILE A 39 8.31 1.26 1.37
CA ILE A 39 8.47 2.42 2.24
C ILE A 39 9.05 3.59 1.45
N GLY A 40 8.60 4.80 1.74
CA GLY A 40 9.09 5.97 1.03
C GLY A 40 8.74 5.92 -0.45
N LEU A 41 8.15 4.80 -0.85
CA LEU A 41 7.73 4.55 -2.23
C LEU A 41 6.22 4.74 -2.26
N VAL A 42 5.58 4.70 -3.42
CA VAL A 42 4.14 4.89 -3.46
C VAL A 42 3.43 3.78 -4.24
N VAL A 43 2.11 3.65 -4.02
CA VAL A 43 1.32 2.63 -4.68
C VAL A 43 0.15 3.26 -5.42
N LEU A 44 -0.63 2.41 -6.09
CA LEU A 44 -1.80 2.84 -6.85
C LEU A 44 -3.03 2.04 -6.38
N THR A 45 -4.05 2.72 -5.90
CA THR A 45 -5.24 2.03 -5.44
C THR A 45 -6.07 1.62 -6.66
N LYS A 46 -6.09 0.31 -6.92
CA LYS A 46 -6.80 -0.23 -8.07
C LYS A 46 -8.29 0.14 -8.06
N TYR A 47 -8.87 0.27 -6.86
CA TYR A 47 -10.28 0.59 -6.75
C TYR A 47 -10.59 2.05 -7.08
N ASN A 48 -9.77 2.96 -6.59
CA ASN A 48 -9.97 4.38 -6.84
C ASN A 48 -8.79 5.01 -7.57
N ASN A 49 -8.06 4.18 -8.33
CA ASN A 49 -6.90 4.65 -9.10
C ASN A 49 -6.24 5.84 -8.43
N LYS A 50 -5.81 5.65 -7.19
CA LYS A 50 -5.17 6.72 -6.44
C LYS A 50 -3.83 6.31 -5.89
N THR A 51 -2.81 7.12 -6.18
CA THR A 51 -1.47 6.82 -5.71
C THR A 51 -1.10 7.58 -4.44
N TYR A 52 -0.67 6.82 -3.44
CA TYR A 52 -0.23 7.38 -2.15
C TYR A 52 1.17 6.88 -1.85
N ARG A 53 1.91 7.64 -1.08
CA ARG A 53 3.28 7.25 -0.77
C ARG A 53 3.34 6.33 0.46
N VAL A 54 3.45 5.03 0.21
CA VAL A 54 3.58 4.05 1.29
C VAL A 54 4.89 4.27 2.02
N ASP A 55 4.75 4.66 3.29
CA ASP A 55 5.90 4.92 4.15
C ASP A 55 6.01 3.86 5.22
N ASP A 56 4.99 3.03 5.31
CA ASP A 56 4.94 1.96 6.29
C ASP A 56 4.01 0.86 5.83
N ILE A 57 4.50 -0.37 5.77
CA ILE A 57 3.66 -1.49 5.40
C ILE A 57 3.06 -2.08 6.66
N ASP A 58 1.75 -1.96 6.81
CA ASP A 58 1.07 -2.46 7.99
C ASP A 58 1.13 -3.99 8.00
N TRP A 59 2.21 -4.52 8.57
CA TRP A 59 2.41 -5.97 8.65
C TRP A 59 1.61 -6.58 9.80
N ASP A 60 0.35 -6.16 9.95
CA ASP A 60 -0.49 -6.67 11.01
C ASP A 60 -1.91 -6.92 10.53
N GLN A 61 -2.59 -5.85 10.12
CA GLN A 61 -3.97 -5.96 9.65
C GLN A 61 -4.07 -6.61 8.28
N ASN A 62 -5.24 -7.16 8.00
CA ASN A 62 -5.52 -7.83 6.73
C ASN A 62 -6.59 -7.05 5.98
N PRO A 63 -6.86 -7.38 4.69
CA PRO A 63 -7.88 -6.69 3.90
C PRO A 63 -9.29 -6.92 4.44
N LYS A 64 -9.36 -7.52 5.63
CA LYS A 64 -10.63 -7.83 6.26
C LYS A 64 -11.00 -6.78 7.30
N SER A 65 -9.99 -6.12 7.85
CA SER A 65 -10.22 -5.07 8.85
C SER A 65 -11.48 -4.28 8.51
N THR A 66 -12.21 -3.85 9.54
CA THR A 66 -13.45 -3.11 9.30
C THR A 66 -13.44 -1.71 9.88
N PHE A 67 -14.53 -1.00 9.58
CA PHE A 67 -14.75 0.36 10.04
C PHE A 67 -16.18 0.78 9.69
N LYS A 68 -16.81 1.56 10.56
CA LYS A 68 -18.18 1.99 10.31
C LYS A 68 -18.25 3.06 9.23
N LYS A 69 -19.44 3.20 8.65
CA LYS A 69 -19.68 4.17 7.60
C LYS A 69 -20.16 5.50 8.16
N ALA A 70 -20.79 6.29 7.30
CA ALA A 70 -21.33 7.58 7.69
C ALA A 70 -22.25 7.46 8.90
N ASP A 71 -23.30 6.67 8.72
CA ASP A 71 -24.27 6.44 9.80
C ASP A 71 -23.73 5.40 10.78
N GLY A 72 -22.70 4.67 10.36
CA GLY A 72 -22.12 3.66 11.23
C GLY A 72 -22.14 2.27 10.62
N SER A 73 -22.30 2.18 9.29
CA SER A 73 -22.29 0.88 8.64
C SER A 73 -20.91 0.28 8.72
N GLU A 74 -20.76 -0.83 9.42
CA GLU A 74 -19.46 -1.44 9.56
C GLU A 74 -19.11 -2.25 8.33
N VAL A 75 -18.18 -1.71 7.53
CA VAL A 75 -17.70 -2.40 6.34
C VAL A 75 -16.20 -2.58 6.40
N SER A 76 -15.75 -3.70 5.84
CA SER A 76 -14.34 -4.04 5.82
C SER A 76 -13.71 -3.58 4.52
N PHE A 77 -12.38 -3.49 4.50
CA PHE A 77 -11.68 -3.11 3.28
C PHE A 77 -12.29 -3.88 2.13
N LEU A 78 -12.23 -5.20 2.25
CA LEU A 78 -12.76 -6.11 1.26
C LEU A 78 -14.13 -5.64 0.79
N GLU A 79 -14.99 -5.31 1.75
CA GLU A 79 -16.33 -4.84 1.45
C GLU A 79 -16.29 -3.46 0.81
N TYR A 80 -15.92 -2.45 1.57
CA TYR A 80 -15.82 -1.08 1.08
C TYR A 80 -15.32 -1.03 -0.37
N TYR A 81 -14.36 -1.89 -0.66
CA TYR A 81 -13.74 -1.92 -1.98
C TYR A 81 -14.54 -2.74 -2.99
N ARG A 82 -15.14 -3.84 -2.55
CA ARG A 82 -15.91 -4.72 -3.43
C ARG A 82 -17.34 -4.23 -3.69
N LYS A 83 -17.93 -3.58 -2.71
CA LYS A 83 -19.28 -3.08 -2.84
C LYS A 83 -19.31 -1.68 -3.42
N GLN A 84 -18.40 -0.84 -2.95
CA GLN A 84 -18.35 0.53 -3.42
C GLN A 84 -17.64 0.67 -4.77
N TYR A 85 -16.57 -0.11 -4.96
CA TYR A 85 -15.81 -0.03 -6.22
C TYR A 85 -15.66 -1.39 -6.88
N ASN A 86 -16.36 -2.40 -6.36
CA ASN A 86 -16.27 -3.74 -6.92
C ASN A 86 -14.81 -4.10 -7.18
N GLN A 87 -14.01 -4.01 -6.13
CA GLN A 87 -12.60 -4.28 -6.22
C GLN A 87 -12.23 -5.52 -5.41
N GLU A 88 -12.60 -6.68 -5.93
CA GLU A 88 -12.32 -7.94 -5.27
C GLU A 88 -10.89 -8.00 -4.79
N ILE A 89 -10.77 -8.31 -3.51
CA ILE A 89 -9.49 -8.40 -2.82
C ILE A 89 -8.77 -9.73 -3.14
N THR A 90 -9.40 -10.82 -2.72
CA THR A 90 -8.91 -12.18 -2.91
C THR A 90 -7.89 -12.58 -1.85
N ASP A 91 -6.73 -11.91 -1.87
CA ASP A 91 -5.71 -12.21 -0.88
C ASP A 91 -6.05 -11.50 0.41
N LEU A 92 -7.17 -11.93 0.98
CA LEU A 92 -7.70 -11.37 2.19
C LEU A 92 -6.89 -11.77 3.42
N LYS A 93 -5.62 -12.13 3.23
CA LYS A 93 -4.78 -12.52 4.36
C LYS A 93 -3.37 -11.93 4.31
N GLN A 94 -3.17 -10.85 3.57
CA GLN A 94 -1.86 -10.22 3.51
C GLN A 94 -1.89 -8.97 4.40
N PRO A 95 -0.82 -8.16 4.49
CA PRO A 95 -0.85 -6.99 5.36
C PRO A 95 -1.58 -5.84 4.72
N VAL A 96 -1.22 -4.64 5.12
CA VAL A 96 -1.82 -3.44 4.58
C VAL A 96 -0.70 -2.44 4.29
N LEU A 97 -1.06 -1.27 3.83
CA LEU A 97 -0.07 -0.28 3.49
C LEU A 97 -0.39 1.08 4.08
N VAL A 98 0.21 1.40 5.22
CA VAL A 98 -0.02 2.69 5.81
C VAL A 98 0.80 3.73 5.06
N SER A 99 0.13 4.50 4.22
CA SER A 99 0.79 5.53 3.45
C SER A 99 0.95 6.79 4.29
N GLN A 100 2.16 7.33 4.29
CA GLN A 100 2.45 8.55 5.04
C GLN A 100 3.39 9.45 4.24
N PRO A 101 2.96 10.67 3.91
CA PRO A 101 3.77 11.62 3.15
C PRO A 101 4.73 12.43 4.00
N LYS A 102 5.95 12.64 3.49
CA LYS A 102 6.97 13.39 4.20
C LYS A 102 7.82 14.28 3.28
N ARG A 103 7.28 15.44 2.86
CA ARG A 103 8.04 16.37 2.03
C ARG A 103 9.40 16.67 2.64
N ARG A 104 9.43 17.62 3.56
CA ARG A 104 10.66 18.00 4.24
C ARG A 104 10.84 17.21 5.53
N ARG A 105 11.42 17.84 6.55
CA ARG A 105 11.63 17.17 7.83
C ARG A 105 11.00 17.96 8.97
N GLY A 106 10.50 19.16 8.67
CA GLY A 106 9.89 19.99 9.69
C GLY A 106 8.43 20.30 9.39
N PRO A 107 8.09 21.59 9.22
CA PRO A 107 6.75 22.05 8.93
C PRO A 107 6.51 22.15 7.43
N GLY A 108 5.69 23.12 7.03
CA GLY A 108 5.42 23.30 5.62
C GLY A 108 4.63 22.15 5.04
N GLY A 109 3.35 22.40 4.78
CA GLY A 109 2.50 21.37 4.21
C GLY A 109 1.29 21.91 3.47
N THR A 110 0.12 21.36 3.81
CA THR A 110 -1.17 21.68 3.18
C THR A 110 -1.38 20.79 1.97
N LEU A 111 -0.99 19.52 2.14
CA LEU A 111 -1.09 18.50 1.09
C LEU A 111 -1.59 17.19 1.68
N PRO A 112 -1.96 16.26 0.81
CA PRO A 112 -2.41 14.94 1.17
C PRO A 112 -1.28 13.93 1.12
N GLY A 113 -1.62 12.66 0.99
CA GLY A 113 -0.59 11.64 0.89
C GLY A 113 -0.86 10.35 1.66
N PRO A 114 -1.39 10.40 2.91
CA PRO A 114 -1.61 9.19 3.69
C PRO A 114 -2.89 8.46 3.37
N ALA A 115 -2.81 7.13 3.48
CA ALA A 115 -3.94 6.27 3.15
C ALA A 115 -3.64 4.80 3.46
N MET A 116 -4.57 4.12 4.15
CA MET A 116 -4.40 2.69 4.39
C MET A 116 -4.72 1.99 3.08
N LEU A 117 -3.85 1.09 2.64
CA LEU A 117 -4.07 0.45 1.35
C LEU A 117 -3.99 -1.07 1.37
N ILE A 118 -4.89 -1.68 0.61
CA ILE A 118 -4.89 -3.13 0.47
C ILE A 118 -3.76 -3.47 -0.47
N PRO A 119 -2.75 -4.25 -0.03
CA PRO A 119 -1.64 -4.60 -0.89
C PRO A 119 -2.12 -5.32 -2.14
N GLU A 120 -3.29 -5.99 -2.07
CA GLU A 120 -3.83 -6.70 -3.22
C GLU A 120 -4.43 -5.78 -4.29
N LEU A 121 -4.39 -4.47 -4.08
CA LEU A 121 -4.93 -3.54 -5.08
C LEU A 121 -3.98 -2.39 -5.42
N CYS A 122 -2.84 -2.35 -4.73
CA CYS A 122 -1.87 -1.27 -4.91
C CYS A 122 -0.88 -1.47 -6.05
N TYR A 123 -1.20 -0.97 -7.23
CA TYR A 123 -0.28 -1.09 -8.36
C TYR A 123 1.04 -0.42 -8.00
N LEU A 124 2.10 -1.22 -7.89
CA LEU A 124 3.40 -0.70 -7.52
C LEU A 124 3.82 0.40 -8.49
N THR A 125 4.24 1.52 -7.95
CA THR A 125 4.66 2.66 -8.77
C THR A 125 6.19 2.83 -8.77
N GLY A 126 6.60 4.05 -8.52
CA GLY A 126 8.00 4.43 -8.49
C GLY A 126 8.07 5.92 -8.32
N LEU A 127 6.90 6.46 -8.03
CA LEU A 127 6.68 7.88 -7.83
C LEU A 127 7.55 8.43 -6.71
N THR A 128 7.48 7.79 -5.56
CA THR A 128 8.25 8.21 -4.39
C THR A 128 8.05 9.69 -4.09
N ASP A 129 6.86 10.16 -4.39
CA ASP A 129 6.51 11.56 -4.18
C ASP A 129 6.04 11.78 -2.75
N LYS A 130 6.95 11.53 -1.81
CA LYS A 130 6.71 11.68 -0.38
C LYS A 130 5.55 12.62 -0.09
N MET A 131 5.68 13.85 -0.55
CA MET A 131 4.65 14.87 -0.33
C MET A 131 4.55 15.27 1.15
N ARG A 132 3.90 16.42 1.40
CA ARG A 132 3.75 17.00 2.76
C ARG A 132 3.95 16.01 3.90
N ASN A 133 4.62 16.48 4.94
CA ASN A 133 4.90 15.68 6.12
C ASN A 133 3.67 15.47 6.98
N ASP A 134 2.67 14.81 6.42
CA ASP A 134 1.42 14.52 7.14
C ASP A 134 0.95 15.73 7.95
N CYS A 1 14.83 -15.90 -14.53
CA CYS A 1 15.85 -14.90 -14.11
C CYS A 1 15.37 -14.11 -12.90
N THR A 2 16.25 -13.94 -11.93
CA THR A 2 15.93 -13.20 -10.70
C THR A 2 16.52 -11.80 -10.74
N ASP A 3 15.66 -10.81 -10.51
CA ASP A 3 16.09 -9.41 -10.51
C ASP A 3 15.50 -8.68 -9.30
N VAL A 4 16.33 -7.83 -8.68
CA VAL A 4 15.90 -7.06 -7.53
C VAL A 4 15.67 -5.60 -7.88
N SER A 5 15.32 -4.80 -6.88
CA SER A 5 15.07 -3.37 -7.07
C SER A 5 14.17 -3.12 -8.28
N HIS A 6 12.87 -3.33 -8.09
CA HIS A 6 11.90 -3.13 -9.17
C HIS A 6 11.93 -1.69 -9.66
N LYS A 7 11.81 -1.50 -10.97
CA LYS A 7 11.82 -0.17 -11.54
C LYS A 7 10.51 0.12 -12.25
N VAL A 8 9.77 1.06 -11.68
CA VAL A 8 8.49 1.51 -12.22
C VAL A 8 7.80 0.42 -13.05
N LEU A 9 7.07 -0.47 -12.39
CA LEU A 9 6.37 -1.55 -13.07
C LEU A 9 4.97 -1.11 -13.50
N ARG A 10 4.44 -1.78 -14.53
CA ARG A 10 3.11 -1.45 -15.04
C ARG A 10 2.00 -1.87 -14.06
N SER A 11 1.31 -2.97 -14.35
CA SER A 11 0.23 -3.43 -13.48
C SER A 11 0.70 -4.56 -12.56
N GLU A 12 0.40 -4.41 -11.27
CA GLU A 12 0.77 -5.38 -10.25
C GLU A 12 0.60 -4.76 -8.88
N THR A 13 -0.14 -5.43 -8.02
CA THR A 13 -0.37 -4.94 -6.67
C THR A 13 0.82 -5.29 -5.77
N VAL A 14 1.14 -4.42 -4.82
CA VAL A 14 2.28 -4.66 -3.95
C VAL A 14 2.12 -5.95 -3.14
N LEU A 15 0.95 -6.56 -3.23
CA LEU A 15 0.73 -7.84 -2.56
C LEU A 15 1.38 -8.90 -3.40
N ASP A 16 1.19 -8.78 -4.70
CA ASP A 16 1.78 -9.69 -5.66
C ASP A 16 3.29 -9.48 -5.61
N PHE A 17 3.65 -8.24 -5.30
CA PHE A 17 5.03 -7.82 -5.19
C PHE A 17 5.63 -8.41 -3.91
N MET A 18 5.18 -7.91 -2.78
CA MET A 18 5.62 -8.39 -1.48
C MET A 18 5.44 -9.91 -1.39
N PHE A 19 4.69 -10.47 -2.35
CA PHE A 19 4.46 -11.92 -2.41
C PHE A 19 5.71 -12.65 -2.85
N ASN A 20 6.20 -12.30 -4.04
CA ASN A 20 7.39 -12.92 -4.54
C ASN A 20 8.47 -12.80 -3.48
N PHE A 21 8.48 -11.65 -2.83
CA PHE A 21 9.41 -11.36 -1.75
C PHE A 21 9.20 -12.36 -0.62
N TYR A 22 7.96 -12.80 -0.46
CA TYR A 22 7.62 -13.78 0.56
C TYR A 22 8.23 -15.14 0.24
N HIS A 23 8.46 -15.39 -1.04
CA HIS A 23 9.02 -16.66 -1.49
C HIS A 23 10.55 -16.65 -1.57
N GLN A 24 11.18 -15.55 -1.20
CA GLN A 24 12.64 -15.45 -1.26
C GLN A 24 13.27 -15.28 0.13
N THR A 25 13.42 -14.02 0.52
CA THR A 25 14.02 -13.64 1.79
C THR A 25 13.43 -14.40 2.98
N GLU A 26 14.22 -14.46 4.06
CA GLU A 26 13.79 -15.14 5.29
C GLU A 26 12.62 -14.39 5.90
N GLU A 27 12.04 -14.92 6.97
CA GLU A 27 10.92 -14.28 7.63
C GLU A 27 11.30 -12.91 8.19
N HIS A 28 12.17 -12.90 9.20
CA HIS A 28 12.61 -11.66 9.83
C HIS A 28 13.11 -10.66 8.77
N LYS A 29 13.94 -11.16 7.86
CA LYS A 29 14.49 -10.35 6.81
C LYS A 29 13.36 -9.79 5.99
N PHE A 30 12.63 -10.72 5.39
CA PHE A 30 11.51 -10.40 4.53
C PHE A 30 10.89 -9.10 4.94
N GLN A 31 10.09 -9.17 5.98
CA GLN A 31 9.37 -8.02 6.49
C GLN A 31 10.22 -6.75 6.50
N GLU A 32 11.41 -6.84 7.08
CA GLU A 32 12.31 -5.69 7.13
C GLU A 32 12.55 -5.10 5.73
N GLN A 33 13.04 -5.94 4.83
CA GLN A 33 13.35 -5.52 3.47
C GLN A 33 12.12 -5.07 2.70
N VAL A 34 11.18 -5.99 2.47
CA VAL A 34 9.98 -5.67 1.71
C VAL A 34 9.57 -4.25 1.96
N SER A 35 9.27 -3.93 3.21
CA SER A 35 8.89 -2.58 3.53
C SER A 35 9.87 -1.63 2.88
N LYS A 36 11.16 -1.73 3.21
CA LYS A 36 12.14 -0.84 2.63
C LYS A 36 11.91 -0.67 1.12
N GLU A 37 11.37 -1.71 0.50
CA GLU A 37 11.08 -1.71 -0.93
C GLU A 37 9.89 -0.81 -1.27
N LEU A 38 8.88 -0.79 -0.40
CA LEU A 38 7.68 0.01 -0.61
C LEU A 38 7.70 1.32 0.19
N ILE A 39 8.41 1.32 1.30
CA ILE A 39 8.55 2.50 2.13
C ILE A 39 9.13 3.64 1.31
N GLY A 40 8.68 4.87 1.58
CA GLY A 40 9.18 6.01 0.83
C GLY A 40 8.78 5.93 -0.64
N LEU A 41 8.14 4.82 -0.99
CA LEU A 41 7.68 4.55 -2.34
C LEU A 41 6.16 4.77 -2.34
N VAL A 42 5.50 4.71 -3.47
CA VAL A 42 4.05 4.93 -3.48
C VAL A 42 3.31 3.81 -4.24
N VAL A 43 2.02 3.68 -3.99
CA VAL A 43 1.21 2.64 -4.63
C VAL A 43 0.00 3.22 -5.34
N LEU A 44 -0.69 2.37 -6.11
CA LEU A 44 -1.89 2.78 -6.85
C LEU A 44 -3.09 1.94 -6.40
N THR A 45 -4.13 2.58 -5.90
CA THR A 45 -5.30 1.85 -5.47
C THR A 45 -6.11 1.43 -6.69
N LYS A 46 -6.10 0.14 -6.97
CA LYS A 46 -6.78 -0.41 -8.15
C LYS A 46 -8.26 -0.06 -8.17
N TYR A 47 -8.88 0.02 -6.99
CA TYR A 47 -10.32 0.32 -6.91
C TYR A 47 -10.65 1.77 -7.24
N ASN A 48 -9.80 2.70 -6.80
CA ASN A 48 -10.03 4.11 -7.06
C ASN A 48 -8.87 4.77 -7.79
N ASN A 49 -8.03 3.93 -8.42
CA ASN A 49 -6.85 4.42 -9.16
C ASN A 49 -6.23 5.61 -8.44
N LYS A 50 -5.92 5.45 -7.17
CA LYS A 50 -5.34 6.54 -6.39
C LYS A 50 -3.96 6.19 -5.87
N THR A 51 -3.00 7.04 -6.13
CA THR A 51 -1.65 6.79 -5.68
C THR A 51 -1.28 7.58 -4.43
N TYR A 52 -0.86 6.85 -3.39
CA TYR A 52 -0.42 7.45 -2.12
C TYR A 52 1.00 7.02 -1.84
N ARG A 53 1.69 7.77 -1.00
CA ARG A 53 3.09 7.46 -0.70
C ARG A 53 3.21 6.50 0.49
N VAL A 54 3.41 5.22 0.19
CA VAL A 54 3.59 4.21 1.23
C VAL A 54 4.91 4.45 1.96
N ASP A 55 4.76 4.88 3.20
CA ASP A 55 5.90 5.17 4.07
C ASP A 55 6.05 4.09 5.11
N ASP A 56 5.04 3.24 5.20
CA ASP A 56 5.02 2.15 6.16
C ASP A 56 4.08 1.05 5.70
N ILE A 57 4.55 -0.18 5.77
CA ILE A 57 3.69 -1.32 5.45
C ILE A 57 3.13 -1.84 6.75
N ASP A 58 1.82 -1.73 6.92
CA ASP A 58 1.21 -2.18 8.16
C ASP A 58 1.24 -3.71 8.25
N TRP A 59 2.34 -4.22 8.78
CA TRP A 59 2.53 -5.66 8.94
C TRP A 59 1.79 -6.17 10.17
N ASP A 60 0.58 -5.66 10.40
CA ASP A 60 -0.20 -6.07 11.56
C ASP A 60 -1.64 -6.39 11.21
N GLN A 61 -2.22 -5.67 10.26
CA GLN A 61 -3.61 -5.90 9.87
C GLN A 61 -3.73 -6.52 8.49
N ASN A 62 -4.94 -6.92 8.15
CA ASN A 62 -5.22 -7.56 6.86
C ASN A 62 -6.34 -6.80 6.14
N PRO A 63 -6.56 -7.09 4.83
CA PRO A 63 -7.61 -6.43 4.04
C PRO A 63 -9.02 -6.76 4.55
N LYS A 64 -9.10 -7.30 5.76
CA LYS A 64 -10.37 -7.65 6.35
C LYS A 64 -10.79 -6.60 7.36
N SER A 65 -9.81 -5.90 7.91
CA SER A 65 -10.07 -4.83 8.88
C SER A 65 -11.34 -4.07 8.51
N THR A 66 -12.09 -3.64 9.52
CA THR A 66 -13.34 -2.93 9.26
C THR A 66 -13.31 -1.47 9.68
N PHE A 67 -14.34 -0.76 9.24
CA PHE A 67 -14.52 0.66 9.50
C PHE A 67 -15.93 1.07 9.10
N LYS A 68 -16.54 2.01 9.82
CA LYS A 68 -17.89 2.43 9.52
C LYS A 68 -17.97 3.26 8.24
N LYS A 69 -19.19 3.32 7.70
CA LYS A 69 -19.46 4.07 6.49
C LYS A 69 -19.74 5.53 6.80
N ALA A 70 -20.47 6.18 5.91
CA ALA A 70 -20.84 7.58 6.07
C ALA A 70 -21.72 7.75 7.30
N ASP A 71 -22.80 6.97 7.33
CA ASP A 71 -23.74 6.99 8.45
C ASP A 71 -23.23 6.13 9.59
N GLY A 72 -22.35 5.18 9.27
CA GLY A 72 -21.80 4.31 10.29
C GLY A 72 -21.86 2.84 9.91
N SER A 73 -22.09 2.53 8.63
CA SER A 73 -22.14 1.13 8.22
C SER A 73 -20.73 0.56 8.30
N GLU A 74 -20.53 -0.41 9.18
CA GLU A 74 -19.22 -0.97 9.34
C GLU A 74 -18.88 -1.99 8.26
N VAL A 75 -18.03 -1.59 7.32
CA VAL A 75 -17.56 -2.47 6.26
C VAL A 75 -16.07 -2.67 6.35
N SER A 76 -15.65 -3.80 5.84
CA SER A 76 -14.25 -4.18 5.82
C SER A 76 -13.61 -3.80 4.50
N PHE A 77 -12.30 -3.56 4.52
CA PHE A 77 -11.59 -3.22 3.29
C PHE A 77 -12.17 -4.02 2.14
N LEU A 78 -12.03 -5.33 2.25
CA LEU A 78 -12.53 -6.27 1.27
C LEU A 78 -13.90 -5.85 0.75
N GLU A 79 -14.82 -5.59 1.66
CA GLU A 79 -16.16 -5.17 1.29
C GLU A 79 -16.16 -3.79 0.66
N TYR A 80 -15.72 -2.78 1.40
CA TYR A 80 -15.69 -1.42 0.89
C TYR A 80 -15.20 -1.40 -0.56
N TYR A 81 -14.26 -2.27 -0.84
CA TYR A 81 -13.65 -2.35 -2.17
C TYR A 81 -14.45 -3.22 -3.15
N ARG A 82 -14.99 -4.33 -2.68
CA ARG A 82 -15.75 -5.26 -3.54
C ARG A 82 -17.19 -4.80 -3.79
N LYS A 83 -17.77 -4.15 -2.82
CA LYS A 83 -19.13 -3.68 -2.94
C LYS A 83 -19.17 -2.27 -3.50
N GLN A 84 -18.37 -1.37 -2.94
CA GLN A 84 -18.36 0.00 -3.43
C GLN A 84 -17.66 0.13 -4.79
N TYR A 85 -16.62 -0.68 -5.04
CA TYR A 85 -15.89 -0.59 -6.31
C TYR A 85 -15.70 -1.95 -6.98
N ASN A 86 -16.24 -3.00 -6.37
CA ASN A 86 -16.08 -4.35 -6.90
C ASN A 86 -14.62 -4.61 -7.21
N GLN A 87 -13.80 -4.52 -6.17
CA GLN A 87 -12.38 -4.72 -6.28
C GLN A 87 -11.94 -5.87 -5.38
N GLU A 88 -12.26 -7.09 -5.82
CA GLU A 88 -11.93 -8.29 -5.08
C GLU A 88 -10.52 -8.26 -4.54
N ILE A 89 -10.41 -8.65 -3.28
CA ILE A 89 -9.15 -8.73 -2.57
C ILE A 89 -8.54 -10.12 -2.73
N THR A 90 -9.31 -11.10 -2.25
CA THR A 90 -8.98 -12.53 -2.30
C THR A 90 -7.88 -12.91 -1.34
N ASP A 91 -6.67 -12.45 -1.59
CA ASP A 91 -5.56 -12.76 -0.70
C ASP A 91 -6.00 -12.47 0.70
N LEU A 92 -6.39 -11.23 0.90
CA LEU A 92 -6.88 -10.75 2.16
C LEU A 92 -6.07 -11.24 3.36
N LYS A 93 -4.94 -11.89 3.11
CA LYS A 93 -4.14 -12.37 4.22
C LYS A 93 -2.73 -11.79 4.21
N GLN A 94 -2.59 -10.60 3.62
CA GLN A 94 -1.31 -9.94 3.59
C GLN A 94 -1.40 -8.70 4.49
N PRO A 95 -0.36 -7.86 4.64
CA PRO A 95 -0.46 -6.71 5.53
C PRO A 95 -1.24 -5.60 4.89
N VAL A 96 -0.99 -4.39 5.34
CA VAL A 96 -1.63 -3.21 4.79
C VAL A 96 -0.53 -2.26 4.37
N LEU A 97 -0.91 -1.16 3.77
CA LEU A 97 0.04 -0.18 3.34
C LEU A 97 -0.28 1.17 3.93
N VAL A 98 0.29 1.45 5.09
CA VAL A 98 0.03 2.73 5.71
C VAL A 98 0.85 3.82 5.02
N SER A 99 0.16 4.53 4.13
CA SER A 99 0.76 5.64 3.40
C SER A 99 0.72 6.85 4.32
N GLN A 100 1.89 7.42 4.62
CA GLN A 100 1.94 8.54 5.54
C GLN A 100 2.86 9.67 5.08
N PRO A 101 2.35 10.91 5.12
CA PRO A 101 3.13 12.09 4.74
C PRO A 101 4.07 12.54 5.85
N LYS A 102 3.49 13.11 6.89
CA LYS A 102 4.26 13.60 8.03
C LYS A 102 4.69 12.47 8.96
N ARG A 103 5.51 11.56 8.45
CA ARG A 103 5.99 10.45 9.24
C ARG A 103 6.73 10.94 10.48
N ARG A 104 7.13 12.21 10.46
CA ARG A 104 7.85 12.82 11.57
C ARG A 104 6.90 13.65 12.44
N ARG A 105 7.48 14.24 13.49
CA ARG A 105 6.73 15.09 14.40
C ARG A 105 7.56 16.31 14.76
N GLY A 106 8.70 16.44 14.10
CA GLY A 106 9.60 17.55 14.32
C GLY A 106 9.06 18.87 13.80
N PRO A 107 9.50 19.28 12.61
CA PRO A 107 9.10 20.52 11.98
C PRO A 107 7.74 20.41 11.29
N GLY A 108 7.71 19.72 10.16
CA GLY A 108 6.46 19.56 9.45
C GLY A 108 6.65 19.20 7.99
N GLY A 109 6.84 20.22 7.15
CA GLY A 109 7.00 19.98 5.72
C GLY A 109 5.87 19.17 5.15
N THR A 110 4.79 19.15 5.90
CA THR A 110 3.56 18.43 5.57
C THR A 110 3.49 17.95 4.12
N LEU A 111 3.27 16.65 3.96
CA LEU A 111 3.16 16.04 2.65
C LEU A 111 1.74 15.53 2.46
N PRO A 112 1.41 15.12 1.24
CA PRO A 112 0.12 14.60 0.88
C PRO A 112 0.12 13.09 0.59
N GLY A 113 -1.07 12.59 0.27
CA GLY A 113 -1.24 11.20 -0.10
C GLY A 113 -1.22 10.19 1.04
N PRO A 114 -2.03 10.35 2.11
CA PRO A 114 -2.11 9.40 3.20
C PRO A 114 -3.25 8.40 3.03
N ALA A 115 -3.02 7.14 3.41
CA ALA A 115 -4.06 6.13 3.23
C ALA A 115 -3.72 4.76 3.84
N MET A 116 -4.74 3.90 3.90
CA MET A 116 -4.60 2.52 4.34
C MET A 116 -4.94 1.67 3.13
N LEU A 117 -3.92 1.18 2.46
CA LEU A 117 -4.10 0.47 1.20
C LEU A 117 -4.02 -1.04 1.28
N ILE A 118 -4.83 -1.68 0.44
CA ILE A 118 -4.81 -3.12 0.34
C ILE A 118 -3.67 -3.50 -0.59
N PRO A 119 -2.69 -4.26 -0.11
CA PRO A 119 -1.56 -4.66 -0.93
C PRO A 119 -2.00 -5.37 -2.20
N GLU A 120 -3.17 -6.05 -2.15
CA GLU A 120 -3.65 -6.77 -3.34
C GLU A 120 -4.31 -5.87 -4.38
N LEU A 121 -4.28 -4.56 -4.17
CA LEU A 121 -4.87 -3.64 -5.17
C LEU A 121 -3.92 -2.49 -5.52
N CYS A 122 -2.82 -2.39 -4.80
CA CYS A 122 -1.85 -1.31 -4.98
C CYS A 122 -0.87 -1.51 -6.13
N TYR A 123 -1.21 -1.02 -7.31
CA TYR A 123 -0.30 -1.11 -8.44
C TYR A 123 1.00 -0.41 -8.10
N LEU A 124 2.07 -1.18 -7.92
CA LEU A 124 3.35 -0.59 -7.60
C LEU A 124 3.64 0.50 -8.62
N THR A 125 3.99 1.67 -8.13
CA THR A 125 4.22 2.81 -9.00
C THR A 125 5.68 3.03 -9.34
N GLY A 126 6.35 3.69 -8.43
CA GLY A 126 7.74 4.05 -8.60
C GLY A 126 7.85 5.55 -8.51
N LEU A 127 6.69 6.13 -8.22
CA LEU A 127 6.52 7.56 -8.06
C LEU A 127 7.48 8.14 -7.04
N THR A 128 7.46 7.56 -5.84
CA THR A 128 8.31 8.00 -4.75
C THR A 128 8.17 9.48 -4.51
N ASP A 129 6.94 9.95 -4.62
CA ASP A 129 6.64 11.37 -4.42
C ASP A 129 6.62 11.71 -2.94
N LYS A 130 7.74 11.48 -2.28
CA LYS A 130 7.89 11.78 -0.87
C LYS A 130 7.51 13.22 -0.57
N MET A 131 8.26 14.09 -1.22
CA MET A 131 8.11 15.54 -1.08
C MET A 131 8.78 16.02 0.20
N ARG A 132 8.33 17.17 0.68
CA ARG A 132 8.88 17.77 1.88
C ARG A 132 10.40 17.87 1.83
N ASN A 133 11.08 16.81 2.24
CA ASN A 133 12.53 16.77 2.26
C ASN A 133 13.07 18.00 2.97
N ASP A 134 12.37 18.40 4.03
CA ASP A 134 12.75 19.56 4.82
C ASP A 134 14.24 19.54 5.16
N CYS A 1 20.17 -15.84 -11.23
CA CYS A 1 18.94 -15.97 -10.40
C CYS A 1 18.06 -14.74 -10.53
N THR A 2 17.06 -14.65 -9.67
CA THR A 2 16.14 -13.51 -9.68
C THR A 2 16.88 -12.20 -9.44
N ASP A 3 16.27 -11.09 -9.87
CA ASP A 3 16.87 -9.78 -9.70
C ASP A 3 16.15 -8.98 -8.63
N VAL A 4 16.93 -8.32 -7.76
CA VAL A 4 16.37 -7.51 -6.69
C VAL A 4 16.32 -6.04 -7.10
N SER A 5 16.09 -5.16 -6.12
CA SER A 5 16.02 -3.72 -6.38
C SER A 5 15.10 -3.42 -7.55
N HIS A 6 13.80 -3.49 -7.29
CA HIS A 6 12.80 -3.22 -8.33
C HIS A 6 12.50 -1.74 -8.44
N LYS A 7 12.45 -1.25 -9.67
CA LYS A 7 12.15 0.15 -9.93
C LYS A 7 10.85 0.30 -10.69
N VAL A 8 9.90 0.97 -10.05
CA VAL A 8 8.59 1.23 -10.62
C VAL A 8 8.18 0.17 -11.64
N LEU A 9 7.61 -0.93 -11.16
CA LEU A 9 7.18 -2.02 -12.02
C LEU A 9 5.73 -1.85 -12.44
N ARG A 10 5.51 -1.79 -13.76
CA ARG A 10 4.19 -1.63 -14.32
C ARG A 10 3.16 -2.55 -13.66
N SER A 11 2.00 -1.97 -13.34
CA SER A 11 0.92 -2.71 -12.71
C SER A 11 1.41 -3.51 -11.52
N GLU A 12 0.66 -4.54 -11.18
CA GLU A 12 0.99 -5.41 -10.08
C GLU A 12 0.82 -4.71 -8.75
N THR A 13 0.06 -5.34 -7.86
CA THR A 13 -0.17 -4.80 -6.52
C THR A 13 0.99 -5.20 -5.61
N VAL A 14 1.31 -4.34 -4.63
CA VAL A 14 2.43 -4.63 -3.75
C VAL A 14 2.24 -5.93 -2.99
N LEU A 15 1.07 -6.53 -3.11
CA LEU A 15 0.81 -7.80 -2.47
C LEU A 15 1.41 -8.90 -3.32
N ASP A 16 1.26 -8.74 -4.63
CA ASP A 16 1.83 -9.67 -5.58
C ASP A 16 3.33 -9.44 -5.57
N PHE A 17 3.68 -8.22 -5.22
CA PHE A 17 5.07 -7.80 -5.12
C PHE A 17 5.68 -8.46 -3.88
N MET A 18 5.14 -8.10 -2.72
CA MET A 18 5.58 -8.66 -1.46
C MET A 18 5.48 -10.19 -1.54
N PHE A 19 4.60 -10.68 -2.42
CA PHE A 19 4.41 -12.11 -2.62
C PHE A 19 5.70 -12.74 -3.09
N ASN A 20 6.23 -12.20 -4.18
CA ASN A 20 7.48 -12.66 -4.72
C ASN A 20 8.55 -12.54 -3.65
N PHE A 21 8.50 -11.40 -2.97
CA PHE A 21 9.43 -11.10 -1.89
C PHE A 21 9.23 -12.05 -0.72
N TYR A 22 8.15 -12.83 -0.77
CA TYR A 22 7.86 -13.80 0.28
C TYR A 22 8.59 -15.12 0.03
N HIS A 23 8.54 -15.58 -1.21
CA HIS A 23 9.19 -16.83 -1.61
C HIS A 23 10.72 -16.73 -1.61
N GLN A 24 11.25 -15.58 -1.23
CA GLN A 24 12.70 -15.40 -1.22
C GLN A 24 13.26 -15.23 0.20
N THR A 25 13.55 -13.98 0.56
CA THR A 25 14.08 -13.61 1.88
C THR A 25 13.47 -14.40 3.03
N GLU A 26 14.19 -14.44 4.16
CA GLU A 26 13.72 -15.14 5.36
C GLU A 26 12.43 -14.53 5.88
N GLU A 27 12.04 -14.86 7.10
CA GLU A 27 10.83 -14.30 7.69
C GLU A 27 11.09 -12.92 8.25
N HIS A 28 11.88 -12.87 9.33
CA HIS A 28 12.25 -11.61 9.96
C HIS A 28 12.81 -10.65 8.90
N LYS A 29 13.61 -11.23 8.00
CA LYS A 29 14.22 -10.48 6.93
C LYS A 29 13.14 -9.93 6.07
N PHE A 30 12.41 -10.85 5.44
CA PHE A 30 11.32 -10.50 4.53
C PHE A 30 10.73 -9.18 4.92
N GLN A 31 9.90 -9.21 5.94
CA GLN A 31 9.20 -8.05 6.42
C GLN A 31 10.08 -6.80 6.48
N GLU A 32 11.24 -6.90 7.11
CA GLU A 32 12.15 -5.76 7.21
C GLU A 32 12.48 -5.18 5.83
N GLN A 33 12.96 -6.05 4.94
CA GLN A 33 13.33 -5.62 3.58
C GLN A 33 12.15 -5.14 2.76
N VAL A 34 11.19 -6.04 2.51
CA VAL A 34 10.01 -5.68 1.71
C VAL A 34 9.67 -4.23 1.95
N SER A 35 9.35 -3.92 3.20
CA SER A 35 9.03 -2.56 3.53
C SER A 35 10.05 -1.63 2.90
N LYS A 36 11.32 -1.77 3.24
CA LYS A 36 12.34 -0.92 2.68
C LYS A 36 12.15 -0.79 1.17
N GLU A 37 11.68 -1.87 0.54
CA GLU A 37 11.43 -1.89 -0.90
C GLU A 37 10.30 -0.94 -1.28
N LEU A 38 9.27 -0.88 -0.45
CA LEU A 38 8.14 0.00 -0.70
C LEU A 38 8.27 1.32 0.07
N ILE A 39 8.51 1.21 1.37
CA ILE A 39 8.68 2.39 2.23
C ILE A 39 9.40 3.53 1.49
N GLY A 40 8.69 4.64 1.34
CA GLY A 40 9.28 5.80 0.70
C GLY A 40 8.77 5.94 -0.72
N LEU A 41 8.08 4.90 -1.16
CA LEU A 41 7.51 4.83 -2.47
C LEU A 41 6.03 5.06 -2.35
N VAL A 42 5.36 5.06 -3.48
CA VAL A 42 3.92 5.22 -3.50
C VAL A 42 3.28 4.07 -4.27
N VAL A 43 2.00 3.80 -3.99
CA VAL A 43 1.29 2.73 -4.67
C VAL A 43 0.12 3.27 -5.45
N LEU A 44 -0.61 2.40 -6.12
CA LEU A 44 -1.77 2.78 -6.91
C LEU A 44 -2.98 1.95 -6.46
N THR A 45 -4.02 2.62 -6.01
CA THR A 45 -5.20 1.90 -5.55
C THR A 45 -6.01 1.42 -6.75
N LYS A 46 -5.99 0.11 -6.95
CA LYS A 46 -6.67 -0.51 -8.07
C LYS A 46 -8.16 -0.17 -8.10
N TYR A 47 -8.78 0.03 -6.93
CA TYR A 47 -10.21 0.36 -6.91
C TYR A 47 -10.49 1.67 -7.62
N ASN A 48 -10.04 2.78 -7.05
CA ASN A 48 -10.24 4.08 -7.68
C ASN A 48 -8.93 4.70 -8.16
N ASN A 49 -8.12 3.88 -8.84
CA ASN A 49 -6.83 4.31 -9.39
C ASN A 49 -6.28 5.55 -8.70
N LYS A 50 -5.88 5.40 -7.45
CA LYS A 50 -5.34 6.53 -6.68
C LYS A 50 -4.00 6.18 -6.08
N THR A 51 -3.01 7.00 -6.36
CA THR A 51 -1.68 6.74 -5.85
C THR A 51 -1.36 7.53 -4.58
N TYR A 52 -0.94 6.80 -3.54
CA TYR A 52 -0.55 7.40 -2.27
C TYR A 52 0.86 6.99 -1.94
N ARG A 53 1.52 7.73 -1.07
CA ARG A 53 2.90 7.44 -0.74
C ARG A 53 3.06 6.48 0.44
N VAL A 54 3.32 5.20 0.13
CA VAL A 54 3.54 4.19 1.16
C VAL A 54 4.88 4.44 1.84
N ASP A 55 4.78 4.74 3.13
CA ASP A 55 5.94 5.02 3.96
C ASP A 55 6.05 4.01 5.08
N ASP A 56 5.01 3.19 5.20
CA ASP A 56 4.95 2.17 6.22
C ASP A 56 4.01 1.05 5.81
N ILE A 57 4.52 -0.17 5.68
CA ILE A 57 3.67 -1.29 5.35
C ILE A 57 3.11 -1.82 6.65
N ASP A 58 1.81 -1.69 6.85
CA ASP A 58 1.21 -2.16 8.08
C ASP A 58 1.21 -3.68 8.14
N TRP A 59 2.30 -4.23 8.65
CA TRP A 59 2.46 -5.68 8.77
C TRP A 59 1.73 -6.18 10.01
N ASP A 60 0.49 -5.74 10.22
CA ASP A 60 -0.27 -6.14 11.38
C ASP A 60 -1.71 -6.54 11.03
N GLN A 61 -2.37 -5.77 10.17
CA GLN A 61 -3.76 -6.06 9.82
C GLN A 61 -3.89 -6.68 8.44
N ASN A 62 -5.05 -7.27 8.19
CA ASN A 62 -5.34 -7.91 6.91
C ASN A 62 -6.38 -7.07 6.15
N PRO A 63 -6.63 -7.38 4.87
CA PRO A 63 -7.62 -6.63 4.07
C PRO A 63 -9.03 -6.79 4.60
N LYS A 64 -9.14 -7.42 5.77
CA LYS A 64 -10.43 -7.65 6.39
C LYS A 64 -10.74 -6.56 7.40
N SER A 65 -9.69 -5.89 7.87
CA SER A 65 -9.86 -4.79 8.81
C SER A 65 -11.07 -3.95 8.45
N THR A 66 -11.72 -3.37 9.46
CA THR A 66 -12.92 -2.57 9.20
C THR A 66 -12.84 -1.17 9.76
N PHE A 67 -13.80 -0.36 9.31
CA PHE A 67 -13.95 1.02 9.73
C PHE A 67 -15.38 1.47 9.48
N LYS A 68 -15.86 2.45 10.23
CA LYS A 68 -17.22 2.91 10.05
C LYS A 68 -17.34 3.86 8.87
N LYS A 69 -18.56 4.02 8.37
CA LYS A 69 -18.83 4.89 7.24
C LYS A 69 -19.29 6.26 7.72
N ALA A 70 -19.72 7.09 6.77
CA ALA A 70 -20.23 8.43 7.06
C ALA A 70 -21.10 8.44 8.31
N ASP A 71 -22.15 7.64 8.28
CA ASP A 71 -23.08 7.54 9.40
C ASP A 71 -22.53 6.61 10.46
N GLY A 72 -21.52 5.82 10.09
CA GLY A 72 -20.92 4.89 11.04
C GLY A 72 -21.06 3.45 10.59
N SER A 73 -21.33 3.23 9.30
CA SER A 73 -21.46 1.87 8.80
C SER A 73 -20.11 1.19 8.84
N GLU A 74 -19.98 0.15 9.64
CA GLU A 74 -18.72 -0.54 9.74
C GLU A 74 -18.53 -1.51 8.58
N VAL A 75 -17.66 -1.12 7.65
CA VAL A 75 -17.34 -1.97 6.49
C VAL A 75 -15.84 -2.24 6.47
N SER A 76 -15.48 -3.41 5.98
CA SER A 76 -14.09 -3.80 5.89
C SER A 76 -13.47 -3.28 4.60
N PHE A 77 -12.18 -3.45 4.45
CA PHE A 77 -11.51 -3.04 3.23
C PHE A 77 -12.13 -3.83 2.10
N LEU A 78 -12.03 -5.14 2.24
CA LEU A 78 -12.58 -6.07 1.27
C LEU A 78 -13.96 -5.60 0.85
N GLU A 79 -14.76 -5.23 1.85
CA GLU A 79 -16.11 -4.76 1.62
C GLU A 79 -16.11 -3.40 0.94
N TYR A 80 -15.72 -2.35 1.66
CA TYR A 80 -15.67 -1.00 1.11
C TYR A 80 -15.23 -0.99 -0.34
N TYR A 81 -14.24 -1.82 -0.65
CA TYR A 81 -13.69 -1.88 -1.99
C TYR A 81 -14.53 -2.74 -2.94
N ARG A 82 -15.12 -3.81 -2.42
CA ARG A 82 -15.94 -4.72 -3.23
C ARG A 82 -17.38 -4.23 -3.45
N LYS A 83 -17.92 -3.53 -2.48
CA LYS A 83 -19.27 -3.03 -2.57
C LYS A 83 -19.30 -1.66 -3.23
N GLN A 84 -18.35 -0.80 -2.85
CA GLN A 84 -18.29 0.54 -3.41
C GLN A 84 -17.70 0.56 -4.82
N TYR A 85 -16.71 -0.31 -5.10
CA TYR A 85 -16.08 -0.33 -6.43
C TYR A 85 -15.88 -1.75 -6.96
N ASN A 86 -16.51 -2.73 -6.33
CA ASN A 86 -16.36 -4.12 -6.75
C ASN A 86 -14.88 -4.46 -6.93
N GLN A 87 -14.11 -4.21 -5.88
CA GLN A 87 -12.69 -4.46 -5.91
C GLN A 87 -12.33 -5.62 -4.98
N GLU A 88 -12.65 -6.83 -5.41
CA GLU A 88 -12.37 -8.01 -4.62
C GLU A 88 -10.88 -8.07 -4.28
N ILE A 89 -10.62 -8.12 -2.99
CA ILE A 89 -9.26 -8.19 -2.46
C ILE A 89 -8.61 -9.53 -2.82
N THR A 90 -9.32 -10.60 -2.48
CA THR A 90 -8.88 -11.98 -2.73
C THR A 90 -7.82 -12.42 -1.73
N ASP A 91 -6.70 -11.72 -1.68
CA ASP A 91 -5.64 -12.06 -0.74
C ASP A 91 -5.94 -11.39 0.57
N LEU A 92 -7.07 -11.79 1.12
CA LEU A 92 -7.58 -11.26 2.37
C LEU A 92 -6.73 -11.66 3.58
N LYS A 93 -5.49 -12.04 3.36
CA LYS A 93 -4.63 -12.41 4.48
C LYS A 93 -3.22 -11.83 4.41
N GLN A 94 -3.04 -10.71 3.72
CA GLN A 94 -1.74 -10.07 3.67
C GLN A 94 -1.77 -8.82 4.55
N PRO A 95 -0.69 -8.01 4.67
CA PRO A 95 -0.73 -6.85 5.54
C PRO A 95 -1.47 -5.69 4.93
N VAL A 96 -1.13 -4.51 5.36
CA VAL A 96 -1.74 -3.30 4.84
C VAL A 96 -0.66 -2.33 4.42
N LEU A 97 -1.08 -1.20 3.90
CA LEU A 97 -0.13 -0.18 3.46
C LEU A 97 -0.45 1.19 4.02
N VAL A 98 0.18 1.55 5.12
CA VAL A 98 -0.05 2.87 5.67
C VAL A 98 0.77 3.90 4.90
N SER A 99 0.07 4.67 4.07
CA SER A 99 0.70 5.70 3.28
C SER A 99 0.83 6.97 4.10
N GLN A 100 2.04 7.51 4.19
CA GLN A 100 2.28 8.71 4.94
C GLN A 100 3.37 9.57 4.29
N PRO A 101 2.97 10.61 3.55
CA PRO A 101 3.91 11.52 2.87
C PRO A 101 4.60 12.47 3.84
N LYS A 102 5.73 13.04 3.41
CA LYS A 102 6.47 13.97 4.24
C LYS A 102 6.92 15.22 3.47
N ARG A 103 6.08 16.25 3.46
CA ARG A 103 6.39 17.51 2.79
C ARG A 103 7.86 17.90 2.96
N ARG A 104 8.38 18.64 1.99
CA ARG A 104 9.77 19.09 2.02
C ARG A 104 9.88 20.42 2.76
N ARG A 105 11.10 20.94 2.86
CA ARG A 105 11.35 22.21 3.53
C ARG A 105 10.95 23.38 2.63
N GLY A 106 10.21 23.07 1.57
CA GLY A 106 9.76 24.09 0.64
C GLY A 106 8.88 25.14 1.28
N PRO A 107 7.57 25.09 1.00
CA PRO A 107 6.60 26.04 1.56
C PRO A 107 6.13 25.63 2.94
N GLY A 108 5.50 24.46 3.02
CA GLY A 108 5.02 23.97 4.31
C GLY A 108 4.07 22.80 4.17
N GLY A 109 3.25 22.80 3.12
CA GLY A 109 2.32 21.72 2.91
C GLY A 109 0.99 22.17 2.29
N THR A 110 -0.10 21.71 2.90
CA THR A 110 -1.48 21.94 2.44
C THR A 110 -1.85 20.94 1.33
N LEU A 111 -1.40 19.71 1.53
CA LEU A 111 -1.62 18.60 0.59
C LEU A 111 -2.14 17.35 1.31
N PRO A 112 -2.53 16.35 0.52
CA PRO A 112 -2.98 15.05 0.99
C PRO A 112 -1.88 14.01 0.83
N GLY A 113 -2.26 12.73 0.76
CA GLY A 113 -1.26 11.71 0.54
C GLY A 113 -1.43 10.42 1.34
N PRO A 114 -1.80 10.47 2.64
CA PRO A 114 -1.92 9.26 3.46
C PRO A 114 -3.16 8.43 3.17
N ALA A 115 -3.01 7.11 3.34
CA ALA A 115 -4.09 6.19 3.06
C ALA A 115 -3.78 4.74 3.44
N MET A 116 -4.68 4.09 4.17
CA MET A 116 -4.50 2.67 4.49
C MET A 116 -4.89 1.90 3.24
N LEU A 117 -3.95 1.22 2.63
CA LEU A 117 -4.21 0.54 1.37
C LEU A 117 -4.14 -0.97 1.46
N ILE A 118 -4.83 -1.59 0.52
CA ILE A 118 -4.84 -3.03 0.41
C ILE A 118 -3.70 -3.45 -0.51
N PRO A 119 -2.63 -4.03 0.03
CA PRO A 119 -1.53 -4.51 -0.79
C PRO A 119 -2.00 -5.26 -2.04
N GLU A 120 -3.15 -5.94 -1.96
CA GLU A 120 -3.66 -6.70 -3.12
C GLU A 120 -4.24 -5.82 -4.23
N LEU A 121 -4.23 -4.51 -4.06
CA LEU A 121 -4.77 -3.61 -5.08
C LEU A 121 -3.81 -2.46 -5.42
N CYS A 122 -2.72 -2.38 -4.69
CA CYS A 122 -1.74 -1.29 -4.84
C CYS A 122 -0.71 -1.47 -5.97
N TYR A 123 -1.01 -0.97 -7.17
CA TYR A 123 -0.05 -1.06 -8.26
C TYR A 123 1.21 -0.30 -7.86
N LEU A 124 2.28 -1.05 -7.62
CA LEU A 124 3.56 -0.48 -7.20
C LEU A 124 4.01 0.67 -8.10
N THR A 125 4.41 1.77 -7.48
CA THR A 125 4.89 2.93 -8.22
C THR A 125 6.19 3.46 -7.63
N GLY A 126 7.11 3.83 -8.51
CA GLY A 126 8.36 4.40 -8.11
C GLY A 126 8.23 5.89 -8.06
N LEU A 127 6.97 6.32 -8.09
CA LEU A 127 6.59 7.71 -8.05
C LEU A 127 7.35 8.48 -6.97
N THR A 128 7.29 7.97 -5.75
CA THR A 128 7.97 8.56 -4.60
C THR A 128 7.56 10.02 -4.38
N ASP A 129 6.34 10.32 -4.73
CA ASP A 129 5.81 11.68 -4.58
C ASP A 129 5.69 12.04 -3.10
N LYS A 130 6.82 12.48 -2.53
CA LYS A 130 6.93 12.85 -1.12
C LYS A 130 5.65 13.47 -0.56
N MET A 131 5.03 14.36 -1.33
CA MET A 131 3.79 15.02 -0.91
C MET A 131 3.91 15.61 0.50
N ARG A 132 2.76 16.07 1.03
CA ARG A 132 2.72 16.69 2.36
C ARG A 132 2.43 15.69 3.49
N ASN A 133 1.32 15.92 4.23
CA ASN A 133 0.91 15.10 5.36
C ASN A 133 2.10 14.54 6.12
N ASP A 134 3.07 15.40 6.34
CA ASP A 134 4.27 15.03 7.08
C ASP A 134 3.93 14.39 8.42
N CYS A 1 19.39 -16.46 -9.92
CA CYS A 1 17.92 -16.53 -9.71
C CYS A 1 17.49 -15.59 -8.59
N THR A 2 18.11 -14.42 -8.52
CA THR A 2 17.79 -13.43 -7.50
C THR A 2 17.42 -12.10 -8.13
N ASP A 3 16.22 -11.61 -7.79
CA ASP A 3 15.74 -10.34 -8.32
C ASP A 3 15.39 -9.38 -7.19
N VAL A 4 15.94 -8.16 -7.26
CA VAL A 4 15.69 -7.15 -6.25
C VAL A 4 15.38 -5.79 -6.88
N SER A 5 15.17 -4.79 -6.04
CA SER A 5 14.86 -3.43 -6.49
C SER A 5 13.75 -3.42 -7.54
N HIS A 6 13.51 -2.25 -8.13
CA HIS A 6 12.48 -2.09 -9.15
C HIS A 6 12.49 -0.67 -9.70
N LYS A 7 12.31 -0.57 -11.02
CA LYS A 7 12.29 0.74 -11.67
C LYS A 7 10.92 1.02 -12.26
N VAL A 8 10.26 2.02 -11.69
CA VAL A 8 8.94 2.46 -12.13
C VAL A 8 8.15 1.34 -12.81
N LEU A 9 7.48 0.52 -11.99
CA LEU A 9 6.68 -0.58 -12.51
C LEU A 9 5.27 -0.12 -12.85
N ARG A 10 4.61 -0.87 -13.74
CA ARG A 10 3.26 -0.54 -14.17
C ARG A 10 2.20 -1.15 -13.23
N SER A 11 1.46 -2.14 -13.72
CA SER A 11 0.42 -2.79 -12.93
C SER A 11 1.01 -3.60 -11.78
N GLU A 12 0.26 -4.59 -11.34
CA GLU A 12 0.67 -5.47 -10.26
C GLU A 12 0.51 -4.79 -8.91
N THR A 13 -0.25 -5.43 -8.05
CA THR A 13 -0.49 -4.94 -6.70
C THR A 13 0.68 -5.31 -5.79
N VAL A 14 0.93 -4.47 -4.79
CA VAL A 14 2.06 -4.67 -3.89
C VAL A 14 1.94 -5.97 -3.11
N LEU A 15 0.80 -6.61 -3.19
CA LEU A 15 0.63 -7.88 -2.53
C LEU A 15 1.28 -8.93 -3.38
N ASP A 16 1.10 -8.78 -4.69
CA ASP A 16 1.70 -9.68 -5.66
C ASP A 16 3.21 -9.44 -5.63
N PHE A 17 3.56 -8.21 -5.27
CA PHE A 17 4.94 -7.79 -5.16
C PHE A 17 5.54 -8.36 -3.88
N MET A 18 5.04 -7.88 -2.75
CA MET A 18 5.49 -8.35 -1.44
C MET A 18 5.37 -9.88 -1.37
N PHE A 19 4.66 -10.47 -2.35
CA PHE A 19 4.50 -11.91 -2.44
C PHE A 19 5.79 -12.51 -2.95
N ASN A 20 6.14 -12.11 -4.16
CA ASN A 20 7.36 -12.55 -4.79
C ASN A 20 8.50 -12.36 -3.81
N PHE A 21 8.40 -11.27 -3.07
CA PHE A 21 9.37 -10.93 -2.05
C PHE A 21 9.33 -11.97 -0.93
N TYR A 22 8.11 -12.35 -0.54
CA TYR A 22 7.90 -13.34 0.52
C TYR A 22 8.84 -14.52 0.34
N HIS A 23 8.99 -14.95 -0.90
CA HIS A 23 9.85 -16.09 -1.24
C HIS A 23 11.33 -15.73 -1.15
N GLN A 24 11.72 -14.74 -1.92
CA GLN A 24 13.11 -14.28 -2.01
C GLN A 24 13.82 -14.17 -0.66
N THR A 25 13.07 -13.85 0.39
CA THR A 25 13.67 -13.65 1.70
C THR A 25 13.04 -14.49 2.81
N GLU A 26 13.74 -14.56 3.95
CA GLU A 26 13.29 -15.31 5.13
C GLU A 26 12.00 -14.71 5.69
N GLU A 27 11.74 -14.92 6.97
CA GLU A 27 10.56 -14.36 7.61
C GLU A 27 10.87 -12.99 8.18
N HIS A 28 11.70 -12.97 9.21
CA HIS A 28 12.14 -11.74 9.85
C HIS A 28 12.68 -10.75 8.82
N LYS A 29 13.74 -11.17 8.14
CA LYS A 29 14.37 -10.38 7.11
C LYS A 29 13.32 -9.83 6.17
N PHE A 30 12.56 -10.77 5.61
CA PHE A 30 11.50 -10.44 4.67
C PHE A 30 10.85 -9.12 5.01
N GLN A 31 9.99 -9.17 5.99
CA GLN A 31 9.24 -8.03 6.44
C GLN A 31 10.08 -6.75 6.47
N GLU A 32 11.29 -6.84 7.01
CA GLU A 32 12.18 -5.68 7.09
C GLU A 32 12.47 -5.11 5.70
N GLN A 33 12.88 -5.97 4.76
CA GLN A 33 13.23 -5.53 3.42
C GLN A 33 12.00 -5.09 2.63
N VAL A 34 11.05 -6.01 2.44
CA VAL A 34 9.83 -5.69 1.69
C VAL A 34 9.44 -4.27 1.94
N SER A 35 9.14 -3.97 3.19
CA SER A 35 8.77 -2.63 3.54
C SER A 35 9.77 -1.67 2.91
N LYS A 36 11.05 -1.80 3.24
CA LYS A 36 12.04 -0.90 2.67
C LYS A 36 11.80 -0.69 1.18
N GLU A 37 11.24 -1.71 0.53
CA GLU A 37 10.95 -1.68 -0.89
C GLU A 37 9.74 -0.79 -1.20
N LEU A 38 8.72 -0.82 -0.34
CA LEU A 38 7.51 -0.02 -0.53
C LEU A 38 7.54 1.26 0.30
N ILE A 39 8.19 1.21 1.45
CA ILE A 39 8.35 2.38 2.31
C ILE A 39 8.96 3.53 1.51
N GLY A 40 8.51 4.75 1.77
CA GLY A 40 9.03 5.89 1.04
C GLY A 40 8.69 5.83 -0.43
N LEU A 41 8.07 4.71 -0.83
CA LEU A 41 7.66 4.46 -2.20
C LEU A 41 6.16 4.70 -2.24
N VAL A 42 5.53 4.69 -3.41
CA VAL A 42 4.10 4.93 -3.46
C VAL A 42 3.37 3.84 -4.24
N VAL A 43 2.06 3.71 -4.02
CA VAL A 43 1.28 2.68 -4.69
C VAL A 43 0.00 3.22 -5.30
N LEU A 44 -0.40 2.62 -6.41
CA LEU A 44 -1.60 2.99 -7.14
C LEU A 44 -2.78 2.17 -6.64
N THR A 45 -3.81 2.82 -6.13
CA THR A 45 -4.98 2.11 -5.66
C THR A 45 -5.81 1.70 -6.86
N LYS A 46 -5.78 0.42 -7.17
CA LYS A 46 -6.51 -0.12 -8.32
C LYS A 46 -8.01 0.18 -8.23
N TYR A 47 -8.53 0.36 -7.01
CA TYR A 47 -9.95 0.66 -6.86
C TYR A 47 -10.27 2.11 -7.17
N ASN A 48 -9.50 3.01 -6.59
CA ASN A 48 -9.70 4.44 -6.78
C ASN A 48 -8.55 5.08 -7.54
N ASN A 49 -7.90 4.29 -8.41
CA ASN A 49 -6.77 4.75 -9.22
C ASN A 49 -6.06 5.94 -8.58
N LYS A 50 -5.59 5.76 -7.35
CA LYS A 50 -4.91 6.83 -6.64
C LYS A 50 -3.57 6.37 -6.07
N THR A 51 -2.52 7.10 -6.36
CA THR A 51 -1.21 6.74 -5.86
C THR A 51 -0.90 7.46 -4.55
N TYR A 52 -0.64 6.69 -3.50
CA TYR A 52 -0.29 7.24 -2.20
C TYR A 52 1.11 6.81 -1.83
N ARG A 53 1.84 7.67 -1.16
CA ARG A 53 3.19 7.34 -0.77
C ARG A 53 3.20 6.39 0.42
N VAL A 54 3.36 5.10 0.15
CA VAL A 54 3.44 4.11 1.21
C VAL A 54 4.74 4.30 1.97
N ASP A 55 4.59 4.76 3.20
CA ASP A 55 5.71 5.04 4.09
C ASP A 55 5.82 3.97 5.15
N ASP A 56 4.78 3.15 5.24
CA ASP A 56 4.73 2.08 6.22
C ASP A 56 3.80 0.97 5.76
N ILE A 57 4.28 -0.26 5.77
CA ILE A 57 3.43 -1.40 5.44
C ILE A 57 2.84 -1.90 6.74
N ASP A 58 1.52 -1.84 6.86
CA ASP A 58 0.89 -2.29 8.08
C ASP A 58 0.95 -3.82 8.18
N TRP A 59 2.04 -4.30 8.74
CA TRP A 59 2.28 -5.74 8.89
C TRP A 59 1.52 -6.27 10.11
N ASP A 60 0.26 -5.85 10.28
CA ASP A 60 -0.52 -6.29 11.41
C ASP A 60 -1.97 -6.62 11.03
N GLN A 61 -2.57 -5.79 10.18
CA GLN A 61 -3.96 -6.01 9.79
C GLN A 61 -4.06 -6.68 8.43
N ASN A 62 -5.13 -7.45 8.25
CA ASN A 62 -5.38 -8.16 7.00
C ASN A 62 -6.23 -7.26 6.09
N PRO A 63 -6.34 -7.60 4.79
CA PRO A 63 -7.12 -6.80 3.83
C PRO A 63 -8.58 -6.75 4.20
N LYS A 64 -8.90 -7.22 5.41
CA LYS A 64 -10.24 -7.21 5.90
C LYS A 64 -10.46 -5.98 6.76
N SER A 65 -9.65 -5.84 7.82
CA SER A 65 -9.73 -4.70 8.77
C SER A 65 -11.02 -3.91 8.60
N THR A 66 -11.89 -3.94 9.60
CA THR A 66 -13.16 -3.25 9.48
C THR A 66 -13.17 -1.86 10.12
N PHE A 67 -14.23 -1.13 9.80
CA PHE A 67 -14.43 0.23 10.28
C PHE A 67 -15.83 0.68 9.90
N LYS A 68 -16.45 1.51 10.72
CA LYS A 68 -17.80 1.96 10.45
C LYS A 68 -17.88 2.94 9.29
N LYS A 69 -19.08 3.04 8.73
CA LYS A 69 -19.37 3.92 7.63
C LYS A 69 -19.64 5.34 8.11
N ALA A 70 -20.43 6.07 7.33
CA ALA A 70 -20.80 7.43 7.67
C ALA A 70 -21.79 7.45 8.83
N ASP A 71 -22.74 6.52 8.77
CA ASP A 71 -23.77 6.42 9.79
C ASP A 71 -23.41 5.34 10.82
N GLY A 72 -22.46 4.47 10.48
CA GLY A 72 -22.07 3.43 11.41
C GLY A 72 -22.06 2.04 10.79
N SER A 73 -22.13 1.95 9.46
CA SER A 73 -22.08 0.65 8.84
C SER A 73 -20.66 0.15 8.88
N GLU A 74 -20.42 -0.93 9.61
CA GLU A 74 -19.08 -1.43 9.72
C GLU A 74 -18.71 -2.29 8.52
N VAL A 75 -17.87 -1.74 7.65
CA VAL A 75 -17.41 -2.47 6.47
C VAL A 75 -15.91 -2.69 6.54
N SER A 76 -15.50 -3.83 6.01
CA SER A 76 -14.10 -4.21 5.95
C SER A 76 -13.46 -3.72 4.68
N PHE A 77 -12.15 -3.49 4.69
CA PHE A 77 -11.46 -3.05 3.48
C PHE A 77 -12.05 -3.79 2.28
N LEU A 78 -11.89 -5.10 2.32
CA LEU A 78 -12.41 -5.96 1.27
C LEU A 78 -13.81 -5.55 0.87
N GLU A 79 -14.65 -5.27 1.86
CA GLU A 79 -16.02 -4.84 1.62
C GLU A 79 -16.05 -3.45 1.01
N TYR A 80 -15.61 -2.45 1.78
CA TYR A 80 -15.57 -1.07 1.31
C TYR A 80 -15.16 -1.01 -0.15
N TYR A 81 -14.14 -1.78 -0.48
CA TYR A 81 -13.60 -1.81 -1.83
C TYR A 81 -14.46 -2.62 -2.79
N ARG A 82 -14.77 -3.86 -2.43
CA ARG A 82 -15.55 -4.74 -3.28
C ARG A 82 -16.95 -4.18 -3.58
N LYS A 83 -17.66 -3.79 -2.54
CA LYS A 83 -19.00 -3.27 -2.69
C LYS A 83 -19.04 -1.89 -3.33
N GLN A 84 -18.14 -1.01 -2.90
CA GLN A 84 -18.12 0.35 -3.42
C GLN A 84 -17.52 0.45 -4.84
N TYR A 85 -16.45 -0.29 -5.10
CA TYR A 85 -15.78 -0.22 -6.42
C TYR A 85 -15.73 -1.58 -7.13
N ASN A 86 -15.61 -2.63 -6.33
CA ASN A 86 -15.60 -4.03 -6.82
C ASN A 86 -14.25 -4.51 -7.38
N GLN A 87 -13.25 -4.67 -6.50
CA GLN A 87 -11.96 -5.22 -6.89
C GLN A 87 -11.57 -6.34 -5.95
N GLU A 88 -12.12 -7.52 -6.21
CA GLU A 88 -11.85 -8.71 -5.40
C GLU A 88 -10.42 -8.73 -4.88
N ILE A 89 -10.29 -8.65 -3.57
CA ILE A 89 -8.99 -8.68 -2.91
C ILE A 89 -8.38 -10.06 -3.07
N THR A 90 -9.17 -11.07 -2.71
CA THR A 90 -8.79 -12.48 -2.79
C THR A 90 -7.75 -12.86 -1.76
N ASP A 91 -6.62 -12.15 -1.75
CA ASP A 91 -5.57 -12.44 -0.79
C ASP A 91 -5.86 -11.69 0.50
N LEU A 92 -6.99 -12.05 1.10
CA LEU A 92 -7.46 -11.44 2.32
C LEU A 92 -6.61 -11.82 3.52
N LYS A 93 -5.35 -12.19 3.31
CA LYS A 93 -4.50 -12.55 4.43
C LYS A 93 -3.11 -11.92 4.37
N GLN A 94 -2.96 -10.78 3.69
CA GLN A 94 -1.68 -10.11 3.64
C GLN A 94 -1.76 -8.86 4.51
N PRO A 95 -0.71 -8.03 4.62
CA PRO A 95 -0.79 -6.86 5.48
C PRO A 95 -1.53 -5.73 4.78
N VAL A 96 -1.23 -4.52 5.21
CA VAL A 96 -1.85 -3.35 4.63
C VAL A 96 -0.76 -2.36 4.25
N LEU A 97 -1.15 -1.22 3.73
CA LEU A 97 -0.21 -0.21 3.32
C LEU A 97 -0.54 1.14 3.91
N VAL A 98 0.02 1.44 5.06
CA VAL A 98 -0.23 2.74 5.66
C VAL A 98 0.61 3.82 4.98
N SER A 99 -0.04 4.55 4.07
CA SER A 99 0.62 5.64 3.38
C SER A 99 0.67 6.84 4.31
N GLN A 100 1.85 7.45 4.46
CA GLN A 100 1.98 8.57 5.39
C GLN A 100 2.66 9.79 4.76
N PRO A 101 2.03 10.98 4.90
CA PRO A 101 2.55 12.24 4.39
C PRO A 101 3.58 12.87 5.33
N LYS A 102 4.23 13.93 4.84
CA LYS A 102 5.21 14.65 5.62
C LYS A 102 4.86 16.13 5.71
N ARG A 103 3.60 16.44 5.36
CA ARG A 103 3.06 17.80 5.37
C ARG A 103 3.91 18.79 6.19
N ARG A 104 4.91 19.36 5.53
CA ARG A 104 5.79 20.34 6.16
C ARG A 104 5.65 21.69 5.46
N ARG A 105 4.56 22.40 5.75
CA ARG A 105 4.27 23.69 5.13
C ARG A 105 4.01 23.50 3.64
N GLY A 106 5.09 23.29 2.90
CA GLY A 106 4.98 23.05 1.46
C GLY A 106 6.32 23.16 0.77
N PRO A 107 7.03 22.04 0.68
CA PRO A 107 8.35 21.95 0.04
C PRO A 107 8.37 22.43 -1.41
N GLY A 108 7.21 22.43 -2.08
CA GLY A 108 7.22 22.89 -3.46
C GLY A 108 5.90 22.72 -4.20
N GLY A 109 5.44 21.48 -4.35
CA GLY A 109 4.20 21.26 -5.08
C GLY A 109 3.81 19.80 -5.27
N THR A 110 2.48 19.56 -5.29
CA THR A 110 1.84 18.23 -5.44
C THR A 110 1.27 17.77 -4.11
N LEU A 111 2.15 17.69 -3.15
CA LEU A 111 1.84 17.29 -1.79
C LEU A 111 1.69 15.76 -1.66
N PRO A 112 1.65 15.25 -0.41
CA PRO A 112 1.53 13.82 -0.11
C PRO A 112 0.08 13.36 -0.02
N GLY A 113 -0.16 12.24 0.67
CA GLY A 113 -1.50 11.70 0.79
C GLY A 113 -1.55 10.36 1.51
N PRO A 114 -1.94 10.33 2.79
CA PRO A 114 -2.04 9.10 3.57
C PRO A 114 -3.25 8.26 3.22
N ALA A 115 -3.12 6.94 3.39
CA ALA A 115 -4.19 6.03 3.08
C ALA A 115 -3.90 4.58 3.44
N MET A 116 -4.82 3.91 4.15
CA MET A 116 -4.66 2.50 4.44
C MET A 116 -5.06 1.75 3.19
N LEU A 117 -4.07 1.20 2.50
CA LEU A 117 -4.32 0.57 1.21
C LEU A 117 -4.12 -0.93 1.19
N ILE A 118 -5.00 -1.61 0.46
CA ILE A 118 -4.90 -3.05 0.30
C ILE A 118 -3.74 -3.35 -0.65
N PRO A 119 -2.76 -4.13 -0.20
CA PRO A 119 -1.61 -4.46 -1.05
C PRO A 119 -2.06 -5.23 -2.29
N GLU A 120 -3.10 -6.06 -2.13
CA GLU A 120 -3.63 -6.84 -3.26
C GLU A 120 -4.27 -5.96 -4.31
N LEU A 121 -4.30 -4.65 -4.07
CA LEU A 121 -4.90 -3.73 -5.03
C LEU A 121 -4.01 -2.54 -5.38
N CYS A 122 -2.83 -2.44 -4.77
CA CYS A 122 -1.96 -1.28 -5.00
C CYS A 122 -0.88 -1.52 -6.07
N TYR A 123 -1.13 -0.99 -7.26
CA TYR A 123 -0.18 -1.09 -8.37
C TYR A 123 1.11 -0.39 -8.03
N LEU A 124 2.17 -1.18 -7.85
CA LEU A 124 3.47 -0.63 -7.51
C LEU A 124 3.86 0.44 -8.52
N THR A 125 4.30 1.59 -8.03
CA THR A 125 4.67 2.69 -8.89
C THR A 125 6.19 2.81 -9.05
N GLY A 126 6.72 3.84 -8.43
CA GLY A 126 8.13 4.17 -8.48
C GLY A 126 8.26 5.65 -8.32
N LEU A 127 7.10 6.24 -8.06
CA LEU A 127 6.93 7.67 -7.86
C LEU A 127 7.83 8.19 -6.74
N THR A 128 7.68 7.58 -5.56
CA THR A 128 8.46 7.96 -4.39
C THR A 128 8.37 9.45 -4.13
N ASP A 129 7.20 10.00 -4.45
CA ASP A 129 6.95 11.43 -4.26
C ASP A 129 6.96 11.77 -2.78
N LYS A 130 8.17 11.93 -2.24
CA LYS A 130 8.35 12.25 -0.82
C LYS A 130 7.34 13.28 -0.33
N MET A 131 7.11 14.30 -1.15
CA MET A 131 6.17 15.35 -0.81
C MET A 131 6.02 16.36 -1.93
N ARG A 132 5.42 17.51 -1.62
CA ARG A 132 5.23 18.58 -2.56
C ARG A 132 6.53 18.80 -3.35
N ASN A 133 7.45 19.62 -2.82
CA ASN A 133 8.74 19.88 -3.46
C ASN A 133 8.65 19.80 -4.98
N ASP A 134 7.71 20.53 -5.56
CA ASP A 134 7.49 20.56 -7.00
C ASP A 134 7.80 19.22 -7.66
N CYS A 1 27.11 -6.83 -4.02
CA CYS A 1 25.98 -5.87 -4.05
C CYS A 1 24.72 -6.51 -4.61
N THR A 2 23.81 -6.88 -3.71
CA THR A 2 22.56 -7.52 -4.13
C THR A 2 21.46 -6.48 -4.33
N ASP A 3 21.03 -6.32 -5.58
CA ASP A 3 19.98 -5.36 -5.92
C ASP A 3 18.61 -6.02 -5.90
N VAL A 4 17.67 -5.40 -5.22
CA VAL A 4 16.31 -5.92 -5.12
C VAL A 4 15.28 -4.84 -5.40
N SER A 5 15.73 -3.80 -6.09
CA SER A 5 14.88 -2.68 -6.42
C SER A 5 14.44 -2.72 -7.89
N HIS A 6 13.13 -2.68 -8.09
CA HIS A 6 12.56 -2.70 -9.44
C HIS A 6 12.19 -1.31 -9.90
N LYS A 7 12.27 -1.07 -11.20
CA LYS A 7 11.93 0.23 -11.76
C LYS A 7 10.53 0.22 -12.35
N VAL A 8 9.66 0.98 -11.71
CA VAL A 8 8.27 1.10 -12.12
C VAL A 8 7.77 -0.13 -12.87
N LEU A 9 7.39 -1.15 -12.12
CA LEU A 9 6.89 -2.39 -12.70
C LEU A 9 5.49 -2.21 -13.25
N ARG A 10 5.15 -2.98 -14.28
CA ARG A 10 3.84 -2.92 -14.90
C ARG A 10 2.74 -3.16 -13.88
N SER A 11 1.50 -3.29 -14.37
CA SER A 11 0.36 -3.52 -13.48
C SER A 11 0.66 -4.67 -12.53
N GLU A 12 0.46 -4.41 -11.25
CA GLU A 12 0.71 -5.39 -10.21
C GLU A 12 0.54 -4.75 -8.85
N THR A 13 -0.16 -5.43 -7.95
CA THR A 13 -0.38 -4.93 -6.61
C THR A 13 0.82 -5.26 -5.73
N VAL A 14 1.15 -4.38 -4.79
CA VAL A 14 2.31 -4.62 -3.93
C VAL A 14 2.14 -5.88 -3.10
N LEU A 15 0.96 -6.50 -3.18
CA LEU A 15 0.73 -7.76 -2.49
C LEU A 15 1.36 -8.85 -3.31
N ASP A 16 1.16 -8.74 -4.63
CA ASP A 16 1.73 -9.66 -5.58
C ASP A 16 3.24 -9.46 -5.55
N PHE A 17 3.62 -8.24 -5.22
CA PHE A 17 5.01 -7.84 -5.13
C PHE A 17 5.60 -8.42 -3.83
N MET A 18 5.10 -7.92 -2.70
CA MET A 18 5.54 -8.40 -1.39
C MET A 18 5.37 -9.92 -1.31
N PHE A 19 4.62 -10.48 -2.29
CA PHE A 19 4.40 -11.93 -2.37
C PHE A 19 5.67 -12.61 -2.82
N ASN A 20 6.13 -12.22 -4.00
CA ASN A 20 7.35 -12.78 -4.54
C ASN A 20 8.45 -12.63 -3.51
N PHE A 21 8.43 -11.47 -2.87
CA PHE A 21 9.38 -11.15 -1.82
C PHE A 21 9.21 -12.11 -0.64
N TYR A 22 7.99 -12.60 -0.47
CA TYR A 22 7.68 -13.54 0.61
C TYR A 22 8.44 -14.84 0.40
N HIS A 23 8.58 -15.23 -0.86
CA HIS A 23 9.28 -16.47 -1.22
C HIS A 23 10.79 -16.39 -0.98
N GLN A 24 11.41 -15.34 -1.53
CA GLN A 24 12.86 -15.16 -1.42
C GLN A 24 13.35 -15.10 0.04
N THR A 25 13.58 -13.88 0.52
CA THR A 25 14.08 -13.62 1.88
C THR A 25 13.43 -14.48 2.97
N GLU A 26 14.10 -14.52 4.12
CA GLU A 26 13.63 -15.28 5.29
C GLU A 26 12.33 -14.68 5.83
N GLU A 27 12.05 -14.90 7.12
CA GLU A 27 10.86 -14.33 7.74
C GLU A 27 11.17 -12.94 8.27
N HIS A 28 12.01 -12.89 9.30
CA HIS A 28 12.43 -11.64 9.91
C HIS A 28 12.99 -10.68 8.84
N LYS A 29 13.95 -11.17 8.08
CA LYS A 29 14.58 -10.41 7.03
C LYS A 29 13.54 -9.90 6.08
N PHE A 30 12.69 -10.83 5.61
CA PHE A 30 11.64 -10.51 4.68
C PHE A 30 11.03 -9.16 5.00
N GLN A 31 10.19 -9.17 6.00
CA GLN A 31 9.48 -7.99 6.45
C GLN A 31 10.36 -6.74 6.43
N GLU A 32 11.58 -6.87 6.95
CA GLU A 32 12.50 -5.73 6.98
C GLU A 32 12.75 -5.15 5.59
N GLN A 33 13.15 -6.00 4.65
CA GLN A 33 13.44 -5.54 3.29
C GLN A 33 12.20 -5.10 2.54
N VAL A 34 11.24 -6.02 2.37
CA VAL A 34 9.99 -5.70 1.67
C VAL A 34 9.63 -4.26 1.92
N SER A 35 9.35 -3.96 3.17
CA SER A 35 9.00 -2.61 3.51
C SER A 35 9.99 -1.67 2.86
N LYS A 36 11.27 -1.79 3.16
CA LYS A 36 12.26 -0.92 2.57
C LYS A 36 11.99 -0.70 1.09
N GLU A 37 11.45 -1.74 0.45
CA GLU A 37 11.11 -1.69 -0.97
C GLU A 37 9.89 -0.82 -1.26
N LEU A 38 8.89 -0.85 -0.38
CA LEU A 38 7.67 -0.06 -0.57
C LEU A 38 7.71 1.24 0.25
N ILE A 39 8.41 1.21 1.36
CA ILE A 39 8.57 2.39 2.20
C ILE A 39 9.15 3.53 1.38
N GLY A 40 8.65 4.74 1.60
CA GLY A 40 9.14 5.88 0.85
C GLY A 40 8.78 5.77 -0.63
N LEU A 41 8.13 4.66 -0.96
CA LEU A 41 7.69 4.37 -2.33
C LEU A 41 6.19 4.65 -2.35
N VAL A 42 5.54 4.59 -3.51
CA VAL A 42 4.10 4.86 -3.55
C VAL A 42 3.36 3.78 -4.32
N VAL A 43 2.06 3.68 -4.11
CA VAL A 43 1.24 2.67 -4.77
C VAL A 43 0.05 3.27 -5.49
N LEU A 44 -0.70 2.41 -6.17
CA LEU A 44 -1.89 2.82 -6.91
C LEU A 44 -3.08 1.99 -6.43
N THR A 45 -4.10 2.64 -5.90
CA THR A 45 -5.26 1.92 -5.43
C THR A 45 -6.12 1.52 -6.62
N LYS A 46 -6.10 0.22 -6.93
CA LYS A 46 -6.82 -0.32 -8.07
C LYS A 46 -8.31 0.06 -8.05
N TYR A 47 -8.92 0.12 -6.86
CA TYR A 47 -10.34 0.44 -6.76
C TYR A 47 -10.64 1.88 -7.19
N ASN A 48 -9.84 2.81 -6.72
CA ASN A 48 -10.05 4.22 -7.04
C ASN A 48 -8.80 4.83 -7.69
N ASN A 49 -8.10 4.02 -8.47
CA ASN A 49 -6.88 4.43 -9.17
C ASN A 49 -6.23 5.65 -8.51
N LYS A 50 -5.89 5.50 -7.23
CA LYS A 50 -5.28 6.61 -6.51
C LYS A 50 -3.89 6.25 -6.00
N THR A 51 -2.92 7.09 -6.30
CA THR A 51 -1.57 6.84 -5.86
C THR A 51 -1.19 7.62 -4.60
N TYR A 52 -0.80 6.86 -3.59
CA TYR A 52 -0.37 7.44 -2.31
C TYR A 52 1.04 6.96 -2.01
N ARG A 53 1.73 7.65 -1.11
CA ARG A 53 3.10 7.28 -0.79
C ARG A 53 3.19 6.35 0.42
N VAL A 54 3.38 5.05 0.15
CA VAL A 54 3.54 4.07 1.22
C VAL A 54 4.85 4.34 1.95
N ASP A 55 4.69 4.77 3.19
CA ASP A 55 5.80 5.11 4.06
C ASP A 55 5.98 4.04 5.11
N ASP A 56 4.97 3.18 5.21
CA ASP A 56 4.97 2.09 6.18
C ASP A 56 4.04 0.98 5.73
N ILE A 57 4.53 -0.25 5.78
CA ILE A 57 3.69 -1.39 5.45
C ILE A 57 3.15 -1.94 6.75
N ASP A 58 1.85 -1.79 6.97
CA ASP A 58 1.23 -2.25 8.20
C ASP A 58 1.20 -3.78 8.25
N TRP A 59 2.28 -4.36 8.76
CA TRP A 59 2.40 -5.81 8.87
C TRP A 59 1.66 -6.32 10.10
N ASP A 60 0.40 -5.88 10.27
CA ASP A 60 -0.38 -6.30 11.42
C ASP A 60 -1.83 -6.64 11.07
N GLN A 61 -2.46 -5.79 10.26
CA GLN A 61 -3.86 -6.02 9.89
C GLN A 61 -4.00 -6.63 8.49
N ASN A 62 -5.16 -7.22 8.24
CA ASN A 62 -5.46 -7.84 6.97
C ASN A 62 -6.50 -7.02 6.21
N PRO A 63 -6.75 -7.32 4.91
CA PRO A 63 -7.73 -6.59 4.10
C PRO A 63 -9.15 -6.78 4.59
N LYS A 64 -9.29 -7.34 5.79
CA LYS A 64 -10.58 -7.58 6.39
C LYS A 64 -10.94 -6.52 7.41
N SER A 65 -9.92 -5.80 7.88
CA SER A 65 -10.13 -4.72 8.85
C SER A 65 -11.40 -3.95 8.49
N THR A 66 -12.11 -3.43 9.49
CA THR A 66 -13.35 -2.72 9.22
C THR A 66 -13.35 -1.27 9.70
N PHE A 67 -14.40 -0.55 9.31
CA PHE A 67 -14.59 0.85 9.66
C PHE A 67 -16.00 1.29 9.25
N LYS A 68 -16.55 2.24 9.98
CA LYS A 68 -17.89 2.73 9.68
C LYS A 68 -17.86 3.73 8.52
N LYS A 69 -19.00 3.91 7.87
CA LYS A 69 -19.11 4.85 6.74
C LYS A 69 -19.21 6.28 7.23
N ALA A 70 -20.39 6.62 7.73
CA ALA A 70 -20.66 7.95 8.23
C ALA A 70 -21.63 7.89 9.41
N ASP A 71 -22.64 7.04 9.26
CA ASP A 71 -23.64 6.85 10.30
C ASP A 71 -23.27 5.71 11.20
N GLY A 72 -22.41 4.81 10.70
CA GLY A 72 -22.00 3.68 11.49
C GLY A 72 -22.02 2.37 10.75
N SER A 73 -22.34 2.40 9.44
CA SER A 73 -22.34 1.15 8.70
C SER A 73 -20.91 0.68 8.65
N GLU A 74 -20.62 -0.45 9.27
CA GLU A 74 -19.27 -0.90 9.32
C GLU A 74 -18.95 -1.92 8.24
N VAL A 75 -18.19 -1.48 7.25
CA VAL A 75 -17.73 -2.35 6.18
C VAL A 75 -16.20 -2.43 6.20
N SER A 76 -15.70 -3.60 5.85
CA SER A 76 -14.26 -3.84 5.83
C SER A 76 -13.63 -3.32 4.56
N PHE A 77 -12.32 -3.43 4.48
CA PHE A 77 -11.61 -3.03 3.28
C PHE A 77 -12.23 -3.78 2.12
N LEU A 78 -12.15 -5.10 2.23
CA LEU A 78 -12.69 -6.02 1.24
C LEU A 78 -14.06 -5.56 0.78
N GLU A 79 -14.91 -5.28 1.76
CA GLU A 79 -16.25 -4.83 1.48
C GLU A 79 -16.26 -3.46 0.82
N TYR A 80 -15.81 -2.46 1.54
CA TYR A 80 -15.75 -1.09 1.03
C TYR A 80 -15.24 -1.06 -0.41
N TYR A 81 -14.32 -1.95 -0.73
CA TYR A 81 -13.70 -1.99 -2.04
C TYR A 81 -14.54 -2.73 -3.08
N ARG A 82 -15.04 -3.91 -2.73
CA ARG A 82 -15.86 -4.68 -3.66
C ARG A 82 -17.27 -4.11 -3.75
N LYS A 83 -17.87 -3.94 -2.60
CA LYS A 83 -19.20 -3.39 -2.50
C LYS A 83 -19.30 -1.99 -3.07
N GLN A 84 -18.30 -1.14 -2.81
CA GLN A 84 -18.36 0.22 -3.29
C GLN A 84 -17.73 0.40 -4.68
N TYR A 85 -16.64 -0.31 -4.95
CA TYR A 85 -15.95 -0.17 -6.24
C TYR A 85 -15.78 -1.51 -6.96
N ASN A 86 -16.35 -2.57 -6.41
CA ASN A 86 -16.24 -3.89 -7.00
C ASN A 86 -14.78 -4.26 -7.21
N GLN A 87 -13.98 -4.02 -6.18
CA GLN A 87 -12.57 -4.30 -6.23
C GLN A 87 -12.21 -5.47 -5.33
N GLU A 88 -12.45 -6.67 -5.82
CA GLU A 88 -12.16 -7.88 -5.04
C GLU A 88 -10.74 -7.83 -4.50
N ILE A 89 -10.62 -8.29 -3.27
CA ILE A 89 -9.35 -8.34 -2.58
C ILE A 89 -8.67 -9.68 -2.83
N THR A 90 -9.36 -10.74 -2.41
CA THR A 90 -8.92 -12.13 -2.56
C THR A 90 -7.85 -12.49 -1.54
N ASP A 91 -6.71 -11.83 -1.59
CA ASP A 91 -5.65 -12.09 -0.63
C ASP A 91 -6.00 -11.37 0.67
N LEU A 92 -7.11 -11.80 1.22
CA LEU A 92 -7.66 -11.24 2.43
C LEU A 92 -6.85 -11.61 3.67
N LYS A 93 -5.57 -11.93 3.49
CA LYS A 93 -4.74 -12.28 4.65
C LYS A 93 -3.34 -11.66 4.61
N GLN A 94 -3.10 -10.69 3.72
CA GLN A 94 -1.80 -10.05 3.69
C GLN A 94 -1.84 -8.82 4.61
N PRO A 95 -0.78 -7.99 4.70
CA PRO A 95 -0.81 -6.85 5.59
C PRO A 95 -1.55 -5.68 4.98
N VAL A 96 -1.22 -4.50 5.44
CA VAL A 96 -1.81 -3.26 4.95
C VAL A 96 -0.70 -2.33 4.54
N LEU A 97 -1.06 -1.26 3.87
CA LEU A 97 -0.08 -0.27 3.46
C LEU A 97 -0.38 1.10 4.05
N VAL A 98 0.22 1.39 5.19
CA VAL A 98 -0.01 2.68 5.82
C VAL A 98 0.79 3.77 5.12
N SER A 99 0.09 4.55 4.30
CA SER A 99 0.69 5.67 3.59
C SER A 99 0.74 6.85 4.54
N GLN A 100 1.85 7.61 4.55
CA GLN A 100 1.96 8.73 5.47
C GLN A 100 2.70 9.94 4.89
N PRO A 101 2.18 11.16 5.15
CA PRO A 101 2.78 12.42 4.70
C PRO A 101 4.11 12.73 5.35
N LYS A 102 5.07 13.16 4.54
CA LYS A 102 6.39 13.52 5.02
C LYS A 102 6.92 14.80 4.37
N ARG A 103 6.11 15.86 4.34
CA ARG A 103 6.50 17.15 3.77
C ARG A 103 8.02 17.32 3.72
N ARG A 104 8.58 17.19 2.52
CA ARG A 104 10.02 17.32 2.35
C ARG A 104 10.38 17.99 1.02
N ARG A 105 11.46 18.77 1.03
CA ARG A 105 11.93 19.47 -0.16
C ARG A 105 12.35 18.49 -1.24
N GLY A 106 12.52 17.23 -0.84
CA GLY A 106 12.90 16.16 -1.76
C GLY A 106 12.35 16.35 -3.15
N PRO A 107 11.13 15.86 -3.37
CA PRO A 107 10.44 15.95 -4.65
C PRO A 107 9.96 17.36 -4.93
N GLY A 108 9.89 18.16 -3.86
CA GLY A 108 9.47 19.54 -3.96
C GLY A 108 8.24 19.73 -4.84
N GLY A 109 7.09 19.32 -4.34
CA GLY A 109 5.85 19.47 -5.08
C GLY A 109 4.94 18.26 -4.97
N THR A 110 3.66 18.46 -5.25
CA THR A 110 2.63 17.43 -5.13
C THR A 110 2.61 16.88 -3.71
N LEU A 111 1.48 17.03 -3.05
CA LEU A 111 1.36 16.57 -1.67
C LEU A 111 1.04 15.08 -1.61
N PRO A 112 1.00 14.50 -0.39
CA PRO A 112 0.76 13.07 -0.20
C PRO A 112 -0.71 12.71 -0.07
N GLY A 113 -0.97 11.67 0.70
CA GLY A 113 -2.31 11.20 0.91
C GLY A 113 -2.32 9.93 1.75
N PRO A 114 -2.09 10.04 3.07
CA PRO A 114 -2.08 8.88 3.96
C PRO A 114 -3.27 7.98 3.73
N ALA A 115 -3.06 6.68 3.84
CA ALA A 115 -4.13 5.73 3.58
C ALA A 115 -3.77 4.29 3.90
N MET A 116 -4.68 3.56 4.55
CA MET A 116 -4.46 2.15 4.81
C MET A 116 -4.87 1.41 3.54
N LEU A 117 -3.88 1.10 2.71
CA LEU A 117 -4.13 0.47 1.43
C LEU A 117 -4.10 -1.04 1.50
N ILE A 118 -4.81 -1.64 0.56
CA ILE A 118 -4.83 -3.09 0.43
C ILE A 118 -3.73 -3.50 -0.51
N PRO A 119 -2.61 -4.06 0.00
CA PRO A 119 -1.54 -4.52 -0.85
C PRO A 119 -2.05 -5.27 -2.09
N GLU A 120 -3.22 -5.92 -1.98
CA GLU A 120 -3.78 -6.68 -3.11
C GLU A 120 -4.37 -5.82 -4.23
N LEU A 121 -4.35 -4.49 -4.09
CA LEU A 121 -4.89 -3.61 -5.14
C LEU A 121 -3.93 -2.47 -5.50
N CYS A 122 -2.83 -2.37 -4.77
CA CYS A 122 -1.87 -1.30 -4.95
C CYS A 122 -0.88 -1.50 -6.11
N TYR A 123 -1.23 -1.00 -7.29
CA TYR A 123 -0.33 -1.10 -8.42
C TYR A 123 0.98 -0.40 -8.10
N LEU A 124 2.05 -1.17 -7.94
CA LEU A 124 3.34 -0.58 -7.63
C LEU A 124 3.64 0.50 -8.65
N THR A 125 4.02 1.67 -8.17
CA THR A 125 4.28 2.81 -9.04
C THR A 125 5.74 3.00 -9.37
N GLY A 126 6.43 3.60 -8.45
CA GLY A 126 7.83 3.94 -8.60
C GLY A 126 7.99 5.42 -8.50
N LEU A 127 6.85 6.04 -8.20
CA LEU A 127 6.73 7.48 -8.04
C LEU A 127 7.70 8.00 -6.98
N THR A 128 7.65 7.39 -5.81
CA THR A 128 8.51 7.76 -4.69
C THR A 128 8.41 9.24 -4.38
N ASP A 129 7.23 9.77 -4.60
CA ASP A 129 6.97 11.18 -4.32
C ASP A 129 6.80 11.39 -2.82
N LYS A 130 7.93 11.51 -2.15
CA LYS A 130 7.95 11.72 -0.70
C LYS A 130 6.84 12.65 -0.27
N MET A 131 6.79 13.83 -0.90
CA MET A 131 5.76 14.82 -0.58
C MET A 131 5.95 16.12 -1.37
N ARG A 132 5.17 17.13 -0.99
CA ARG A 132 5.21 18.44 -1.64
C ARG A 132 6.23 19.36 -0.99
N ASN A 133 5.89 19.87 0.19
CA ASN A 133 6.75 20.78 0.93
C ASN A 133 7.02 22.05 0.13
N ASP A 134 5.94 22.65 -0.36
CA ASP A 134 6.04 23.87 -1.15
C ASP A 134 6.73 24.99 -0.37
N CYS A 1 17.56 -16.15 -9.59
CA CYS A 1 18.23 -15.01 -8.90
C CYS A 1 17.25 -13.90 -8.59
N THR A 2 16.33 -13.65 -9.53
CA THR A 2 15.31 -12.62 -9.38
C THR A 2 15.91 -11.30 -8.90
N ASP A 3 16.32 -10.47 -9.87
CA ASP A 3 16.91 -9.18 -9.56
C ASP A 3 15.97 -8.33 -8.71
N VAL A 4 16.53 -7.65 -7.71
CA VAL A 4 15.75 -6.80 -6.82
C VAL A 4 15.53 -5.41 -7.42
N SER A 5 14.83 -4.56 -6.67
CA SER A 5 14.55 -3.20 -7.12
C SER A 5 13.96 -3.19 -8.52
N HIS A 6 12.67 -3.49 -8.62
CA HIS A 6 11.98 -3.51 -9.91
C HIS A 6 11.98 -2.13 -10.55
N LYS A 7 12.48 -2.05 -11.77
CA LYS A 7 12.55 -0.80 -12.51
C LYS A 7 11.19 -0.14 -12.64
N VAL A 8 10.86 0.66 -11.64
CA VAL A 8 9.59 1.38 -11.57
C VAL A 8 8.50 0.71 -12.40
N LEU A 9 7.80 -0.22 -11.76
CA LEU A 9 6.72 -0.95 -12.43
C LEU A 9 5.45 -0.10 -12.48
N ARG A 10 4.51 -0.55 -13.29
CA ARG A 10 3.23 0.15 -13.45
C ARG A 10 2.10 -0.62 -12.78
N SER A 11 1.81 -1.80 -13.30
CA SER A 11 0.75 -2.65 -12.76
C SER A 11 1.25 -3.49 -11.61
N GLU A 12 0.51 -4.56 -11.31
CA GLU A 12 0.85 -5.47 -10.24
C GLU A 12 0.65 -4.82 -8.88
N THR A 13 -0.15 -5.43 -8.05
CA THR A 13 -0.40 -4.94 -6.70
C THR A 13 0.75 -5.30 -5.78
N VAL A 14 0.98 -4.48 -4.76
CA VAL A 14 2.10 -4.70 -3.85
C VAL A 14 1.95 -5.98 -3.07
N LEU A 15 0.80 -6.61 -3.17
CA LEU A 15 0.59 -7.88 -2.52
C LEU A 15 1.24 -8.95 -3.36
N ASP A 16 1.09 -8.79 -4.67
CA ASP A 16 1.69 -9.70 -5.62
C ASP A 16 3.18 -9.47 -5.61
N PHE A 17 3.54 -8.24 -5.26
CA PHE A 17 4.93 -7.83 -5.16
C PHE A 17 5.53 -8.41 -3.89
N MET A 18 5.04 -7.93 -2.74
CA MET A 18 5.49 -8.41 -1.45
C MET A 18 5.31 -9.93 -1.37
N PHE A 19 4.58 -10.49 -2.35
CA PHE A 19 4.36 -11.95 -2.42
C PHE A 19 5.63 -12.62 -2.91
N ASN A 20 6.06 -12.22 -4.09
CA ASN A 20 7.28 -12.75 -4.66
C ASN A 20 8.40 -12.58 -3.65
N PHE A 21 8.37 -11.42 -3.02
CA PHE A 21 9.33 -11.07 -1.99
C PHE A 21 9.20 -12.03 -0.81
N TYR A 22 8.00 -12.57 -0.62
CA TYR A 22 7.75 -13.51 0.45
C TYR A 22 8.56 -14.79 0.26
N HIS A 23 8.64 -15.24 -0.99
CA HIS A 23 9.37 -16.46 -1.33
C HIS A 23 10.88 -16.31 -1.13
N GLN A 24 11.46 -15.29 -1.73
CA GLN A 24 12.91 -15.05 -1.65
C GLN A 24 13.42 -15.01 -0.19
N THR A 25 13.60 -13.79 0.32
CA THR A 25 14.10 -13.53 1.66
C THR A 25 13.46 -14.42 2.74
N GLU A 26 14.12 -14.48 3.89
CA GLU A 26 13.65 -15.26 5.05
C GLU A 26 12.34 -14.70 5.57
N GLU A 27 12.04 -14.94 6.85
CA GLU A 27 10.82 -14.39 7.46
C GLU A 27 11.09 -13.00 8.02
N HIS A 28 11.95 -12.97 9.02
CA HIS A 28 12.35 -11.71 9.67
C HIS A 28 12.91 -10.74 8.64
N LYS A 29 13.93 -11.20 7.91
CA LYS A 29 14.57 -10.41 6.88
C LYS A 29 13.54 -9.91 5.92
N PHE A 30 12.68 -10.82 5.47
CA PHE A 30 11.64 -10.51 4.53
C PHE A 30 11.01 -9.17 4.85
N GLN A 31 10.15 -9.19 5.85
CA GLN A 31 9.43 -8.01 6.27
C GLN A 31 10.30 -6.75 6.28
N GLU A 32 11.52 -6.89 6.79
CA GLU A 32 12.45 -5.75 6.84
C GLU A 32 12.68 -5.14 5.46
N GLN A 33 13.09 -5.96 4.50
CA GLN A 33 13.37 -5.48 3.14
C GLN A 33 12.11 -5.05 2.42
N VAL A 34 11.16 -5.97 2.24
CA VAL A 34 9.92 -5.66 1.55
C VAL A 34 9.54 -4.24 1.81
N SER A 35 9.26 -3.94 3.07
CA SER A 35 8.91 -2.61 3.43
C SER A 35 9.90 -1.64 2.80
N LYS A 36 11.18 -1.78 3.09
CA LYS A 36 12.17 -0.89 2.52
C LYS A 36 11.90 -0.65 1.04
N GLU A 37 11.32 -1.66 0.39
CA GLU A 37 10.99 -1.59 -1.03
C GLU A 37 9.77 -0.69 -1.31
N LEU A 38 8.76 -0.76 -0.45
CA LEU A 38 7.54 0.03 -0.61
C LEU A 38 7.59 1.32 0.23
N ILE A 39 8.24 1.23 1.38
CA ILE A 39 8.42 2.38 2.27
C ILE A 39 9.01 3.55 1.49
N GLY A 40 8.54 4.77 1.79
CA GLY A 40 9.04 5.95 1.09
C GLY A 40 8.71 5.90 -0.39
N LEU A 41 8.12 4.79 -0.81
CA LEU A 41 7.72 4.56 -2.19
C LEU A 41 6.22 4.76 -2.24
N VAL A 42 5.60 4.74 -3.42
CA VAL A 42 4.16 4.93 -3.49
C VAL A 42 3.49 3.82 -4.30
N VAL A 43 2.19 3.67 -4.12
CA VAL A 43 1.44 2.65 -4.82
C VAL A 43 0.24 3.24 -5.54
N LEU A 44 -0.53 2.38 -6.19
CA LEU A 44 -1.72 2.80 -6.94
C LEU A 44 -2.92 1.99 -6.48
N THR A 45 -3.94 2.64 -5.94
CA THR A 45 -5.11 1.92 -5.48
C THR A 45 -5.97 1.52 -6.67
N LYS A 46 -5.94 0.23 -6.97
CA LYS A 46 -6.67 -0.33 -8.10
C LYS A 46 -8.14 0.10 -8.12
N TYR A 47 -8.75 0.22 -6.94
CA TYR A 47 -10.16 0.59 -6.89
C TYR A 47 -10.40 1.96 -7.52
N ASN A 48 -9.89 3.03 -6.90
CA ASN A 48 -10.07 4.36 -7.45
C ASN A 48 -8.74 4.92 -7.95
N ASN A 49 -7.98 4.05 -8.63
CA ASN A 49 -6.67 4.40 -9.20
C ASN A 49 -6.03 5.60 -8.53
N LYS A 50 -5.79 5.51 -7.22
CA LYS A 50 -5.18 6.62 -6.50
C LYS A 50 -3.81 6.23 -5.96
N THR A 51 -2.82 7.03 -6.28
CA THR A 51 -1.47 6.73 -5.82
C THR A 51 -1.12 7.47 -4.54
N TYR A 52 -0.77 6.69 -3.52
CA TYR A 52 -0.37 7.24 -2.24
C TYR A 52 1.04 6.79 -1.93
N ARG A 53 1.71 7.51 -1.07
CA ARG A 53 3.09 7.17 -0.76
C ARG A 53 3.18 6.23 0.45
N VAL A 54 3.35 4.94 0.16
CA VAL A 54 3.49 3.96 1.23
C VAL A 54 4.79 4.22 1.97
N ASP A 55 4.64 4.62 3.23
CA ASP A 55 5.74 4.96 4.10
C ASP A 55 5.91 3.91 5.17
N ASP A 56 4.90 3.09 5.30
CA ASP A 56 4.89 2.04 6.30
C ASP A 56 3.95 0.92 5.89
N ILE A 57 4.46 -0.30 5.77
CA ILE A 57 3.60 -1.41 5.47
C ILE A 57 3.02 -1.92 6.78
N ASP A 58 1.71 -1.83 6.92
CA ASP A 58 1.09 -2.25 8.17
C ASP A 58 1.08 -3.77 8.25
N TRP A 59 2.17 -4.33 8.77
CA TRP A 59 2.31 -5.78 8.91
C TRP A 59 1.55 -6.27 10.15
N ASP A 60 0.31 -5.82 10.32
CA ASP A 60 -0.47 -6.20 11.48
C ASP A 60 -1.92 -6.53 11.15
N GLN A 61 -2.55 -5.75 10.28
CA GLN A 61 -3.95 -5.97 9.95
C GLN A 61 -4.12 -6.67 8.61
N ASN A 62 -5.25 -7.35 8.46
CA ASN A 62 -5.57 -8.08 7.23
C ASN A 62 -6.39 -7.19 6.29
N PRO A 63 -6.46 -7.56 4.99
CA PRO A 63 -7.21 -6.78 3.99
C PRO A 63 -8.70 -6.74 4.28
N LYS A 64 -9.08 -7.20 5.47
CA LYS A 64 -10.46 -7.19 5.88
C LYS A 64 -10.73 -6.01 6.79
N SER A 65 -9.92 -5.89 7.85
CA SER A 65 -10.04 -4.80 8.84
C SER A 65 -11.26 -3.91 8.60
N THR A 66 -12.16 -3.84 9.57
CA THR A 66 -13.36 -3.03 9.40
C THR A 66 -13.25 -1.66 10.05
N PHE A 67 -14.24 -0.84 9.73
CA PHE A 67 -14.35 0.52 10.25
C PHE A 67 -15.69 1.09 9.84
N LYS A 68 -16.14 2.13 10.53
CA LYS A 68 -17.42 2.73 10.19
C LYS A 68 -17.31 3.70 9.03
N LYS A 69 -18.45 3.98 8.40
CA LYS A 69 -18.51 4.88 7.29
C LYS A 69 -18.80 6.31 7.73
N ALA A 70 -19.30 7.11 6.80
CA ALA A 70 -19.64 8.50 7.06
C ALA A 70 -20.52 8.65 8.28
N ASP A 71 -21.67 7.97 8.25
CA ASP A 71 -22.62 8.04 9.35
C ASP A 71 -22.40 6.90 10.34
N GLY A 72 -21.61 5.90 9.96
CA GLY A 72 -21.37 4.79 10.88
C GLY A 72 -21.56 3.43 10.24
N SER A 73 -21.62 3.36 8.91
CA SER A 73 -21.76 2.08 8.26
C SER A 73 -20.46 1.32 8.43
N GLU A 74 -20.48 0.21 9.15
CA GLU A 74 -19.26 -0.51 9.36
C GLU A 74 -18.97 -1.44 8.19
N VAL A 75 -17.96 -1.06 7.40
CA VAL A 75 -17.54 -1.86 6.27
C VAL A 75 -16.05 -2.19 6.37
N SER A 76 -15.71 -3.36 5.89
CA SER A 76 -14.33 -3.82 5.89
C SER A 76 -13.57 -3.21 4.74
N PHE A 77 -12.25 -3.38 4.74
CA PHE A 77 -11.45 -2.89 3.64
C PHE A 77 -12.01 -3.51 2.37
N LEU A 78 -11.89 -4.83 2.31
CA LEU A 78 -12.38 -5.62 1.21
C LEU A 78 -13.78 -5.19 0.79
N GLU A 79 -14.62 -4.97 1.79
CA GLU A 79 -16.00 -4.56 1.56
C GLU A 79 -16.04 -3.19 0.87
N TYR A 80 -15.57 -2.16 1.56
CA TYR A 80 -15.56 -0.81 0.99
C TYR A 80 -15.08 -0.82 -0.45
N TYR A 81 -14.10 -1.64 -0.72
CA TYR A 81 -13.50 -1.70 -2.06
C TYR A 81 -14.30 -2.53 -3.05
N ARG A 82 -14.89 -3.62 -2.59
CA ARG A 82 -15.64 -4.52 -3.47
C ARG A 82 -17.09 -4.08 -3.69
N LYS A 83 -17.71 -3.52 -2.67
CA LYS A 83 -19.08 -3.07 -2.78
C LYS A 83 -19.15 -1.69 -3.40
N GLN A 84 -18.20 -0.84 -3.06
CA GLN A 84 -18.19 0.51 -3.60
C GLN A 84 -17.59 0.56 -5.01
N TYR A 85 -16.40 0.00 -5.18
CA TYR A 85 -15.72 0.04 -6.47
C TYR A 85 -15.55 -1.36 -7.09
N ASN A 86 -16.06 -2.39 -6.43
CA ASN A 86 -15.94 -3.75 -6.93
C ASN A 86 -14.48 -4.11 -7.16
N GLN A 87 -13.69 -3.98 -6.11
CA GLN A 87 -12.29 -4.26 -6.17
C GLN A 87 -11.93 -5.50 -5.36
N GLU A 88 -12.21 -6.67 -5.93
CA GLU A 88 -11.92 -7.92 -5.27
C GLU A 88 -10.48 -7.98 -4.80
N ILE A 89 -10.32 -8.51 -3.61
CA ILE A 89 -9.01 -8.64 -2.98
C ILE A 89 -8.44 -10.05 -3.12
N THR A 90 -9.23 -11.04 -2.71
CA THR A 90 -8.85 -12.45 -2.76
C THR A 90 -7.83 -12.80 -1.69
N ASP A 91 -6.69 -12.12 -1.71
CA ASP A 91 -5.65 -12.37 -0.73
C ASP A 91 -5.96 -11.62 0.55
N LEU A 92 -7.06 -12.02 1.16
CA LEU A 92 -7.55 -11.42 2.38
C LEU A 92 -6.68 -11.77 3.58
N LYS A 93 -5.42 -12.12 3.36
CA LYS A 93 -4.56 -12.46 4.48
C LYS A 93 -3.16 -11.84 4.41
N GLN A 94 -3.00 -10.75 3.66
CA GLN A 94 -1.70 -10.09 3.62
C GLN A 94 -1.76 -8.86 4.51
N PRO A 95 -0.68 -8.07 4.66
CA PRO A 95 -0.74 -6.92 5.55
C PRO A 95 -1.46 -5.76 4.91
N VAL A 96 -1.18 -4.58 5.41
CA VAL A 96 -1.77 -3.38 4.89
C VAL A 96 -0.69 -2.41 4.48
N LEU A 97 -1.10 -1.26 4.00
CA LEU A 97 -0.15 -0.26 3.57
C LEU A 97 -0.47 1.11 4.15
N VAL A 98 0.13 1.44 5.28
CA VAL A 98 -0.12 2.75 5.85
C VAL A 98 0.71 3.79 5.10
N SER A 99 0.04 4.49 4.19
CA SER A 99 0.68 5.52 3.40
C SER A 99 0.81 6.80 4.20
N GLN A 100 2.04 7.26 4.39
CA GLN A 100 2.30 8.48 5.14
C GLN A 100 3.48 9.25 4.54
N PRO A 101 3.22 10.25 3.70
CA PRO A 101 4.27 11.03 3.05
C PRO A 101 4.76 12.24 3.84
N LYS A 102 6.04 12.56 3.65
CA LYS A 102 6.67 13.69 4.27
C LYS A 102 7.45 14.50 3.21
N ARG A 103 6.87 15.62 2.77
CA ARG A 103 7.49 16.49 1.75
C ARG A 103 8.99 16.26 1.60
N ARG A 104 9.40 16.14 0.34
CA ARG A 104 10.81 15.91 -0.02
C ARG A 104 11.51 14.95 0.95
N ARG A 105 12.83 14.90 0.88
CA ARG A 105 13.62 14.05 1.76
C ARG A 105 13.94 14.80 3.04
N GLY A 106 13.18 15.86 3.30
CA GLY A 106 13.39 16.67 4.47
C GLY A 106 12.31 16.51 5.52
N PRO A 107 11.38 17.46 5.59
CA PRO A 107 10.28 17.48 6.54
C PRO A 107 9.02 16.86 5.98
N GLY A 108 7.88 17.29 6.51
CA GLY A 108 6.61 16.80 6.05
C GLY A 108 5.51 17.81 6.32
N GLY A 109 5.36 18.78 5.42
CA GLY A 109 4.36 19.82 5.59
C GLY A 109 2.93 19.33 5.50
N THR A 110 1.97 20.22 5.76
CA THR A 110 0.56 19.86 5.68
C THR A 110 0.16 19.58 4.24
N LEU A 111 -0.51 18.45 4.01
CA LEU A 111 -0.89 18.04 2.66
C LEU A 111 -1.59 16.69 2.67
N PRO A 112 -2.23 16.29 1.56
CA PRO A 112 -2.87 15.01 1.43
C PRO A 112 -1.96 13.94 0.89
N GLY A 113 -2.45 12.70 0.89
CA GLY A 113 -1.65 11.59 0.39
C GLY A 113 -1.61 10.35 1.28
N PRO A 114 -2.06 10.37 2.56
CA PRO A 114 -2.01 9.18 3.41
C PRO A 114 -3.22 8.28 3.21
N ALA A 115 -3.03 6.98 3.40
CA ALA A 115 -4.12 6.03 3.18
C ALA A 115 -3.80 4.60 3.58
N MET A 116 -4.72 3.95 4.29
CA MET A 116 -4.56 2.54 4.61
C MET A 116 -4.95 1.77 3.36
N LEU A 117 -3.99 1.11 2.74
CA LEU A 117 -4.25 0.45 1.47
C LEU A 117 -4.19 -1.06 1.51
N ILE A 118 -4.88 -1.65 0.54
CA ILE A 118 -4.85 -3.07 0.36
C ILE A 118 -3.72 -3.39 -0.61
N PRO A 119 -2.73 -4.18 -0.17
CA PRO A 119 -1.60 -4.52 -1.03
C PRO A 119 -2.07 -5.27 -2.27
N GLU A 120 -3.15 -6.05 -2.13
CA GLU A 120 -3.69 -6.80 -3.26
C GLU A 120 -4.31 -5.89 -4.31
N LEU A 121 -4.29 -4.59 -4.08
CA LEU A 121 -4.86 -3.65 -5.04
C LEU A 121 -3.92 -2.50 -5.37
N CYS A 122 -2.79 -2.40 -4.68
CA CYS A 122 -1.89 -1.26 -4.89
C CYS A 122 -0.82 -1.50 -5.96
N TYR A 123 -1.10 -1.02 -7.17
CA TYR A 123 -0.16 -1.14 -8.28
C TYR A 123 1.14 -0.44 -7.94
N LEU A 124 2.21 -1.23 -7.82
CA LEU A 124 3.51 -0.68 -7.49
C LEU A 124 3.90 0.40 -8.49
N THR A 125 4.30 1.55 -7.98
CA THR A 125 4.68 2.67 -8.83
C THR A 125 6.21 2.85 -8.85
N GLY A 126 6.62 4.06 -8.57
CA GLY A 126 8.02 4.44 -8.56
C GLY A 126 8.10 5.94 -8.36
N LEU A 127 6.92 6.47 -8.08
CA LEU A 127 6.70 7.89 -7.87
C LEU A 127 7.58 8.43 -6.76
N THR A 128 7.51 7.79 -5.60
CA THR A 128 8.29 8.19 -4.43
C THR A 128 8.05 9.64 -4.08
N ASP A 129 6.83 10.07 -4.34
CA ASP A 129 6.43 11.45 -4.07
C ASP A 129 6.38 11.70 -2.56
N LYS A 130 7.53 12.06 -2.00
CA LYS A 130 7.68 12.34 -0.58
C LYS A 130 6.44 13.02 -0.02
N MET A 131 5.99 14.05 -0.73
CA MET A 131 4.77 14.80 -0.38
C MET A 131 4.65 15.22 1.10
N ARG A 132 4.26 16.47 1.31
CA ARG A 132 4.08 17.08 2.63
C ARG A 132 3.38 16.16 3.63
N ASN A 133 2.07 16.32 3.78
CA ASN A 133 1.28 15.50 4.69
C ASN A 133 1.80 15.57 6.12
N ASP A 134 1.62 16.72 6.76
CA ASP A 134 2.06 16.90 8.14
C ASP A 134 1.29 15.99 9.09
N CYS A 1 11.39 -19.78 -9.94
CA CYS A 1 12.34 -18.64 -10.01
C CYS A 1 11.66 -17.34 -9.60
N THR A 2 12.42 -16.43 -9.00
CA THR A 2 11.89 -15.15 -8.56
C THR A 2 12.79 -14.00 -8.99
N ASP A 3 12.19 -12.81 -9.12
CA ASP A 3 12.94 -11.62 -9.52
C ASP A 3 12.89 -10.55 -8.43
N VAL A 4 14.01 -9.85 -8.24
CA VAL A 4 14.10 -8.81 -7.23
C VAL A 4 14.06 -7.41 -7.86
N SER A 5 14.17 -6.40 -7.01
CA SER A 5 14.15 -5.00 -7.45
C SER A 5 12.97 -4.70 -8.36
N HIS A 6 12.88 -3.45 -8.82
CA HIS A 6 11.80 -3.03 -9.70
C HIS A 6 12.03 -1.61 -10.20
N LYS A 7 11.73 -1.36 -11.48
CA LYS A 7 11.91 -0.05 -12.06
C LYS A 7 10.61 0.46 -12.67
N VAL A 8 10.08 1.51 -12.07
CA VAL A 8 8.85 2.15 -12.53
C VAL A 8 7.93 1.18 -13.27
N LEU A 9 7.14 0.43 -12.51
CA LEU A 9 6.21 -0.53 -13.09
C LEU A 9 4.85 0.11 -13.36
N ARG A 10 4.05 -0.56 -14.17
CA ARG A 10 2.73 -0.06 -14.52
C ARG A 10 1.65 -0.68 -13.64
N SER A 11 1.42 -1.97 -13.81
CA SER A 11 0.40 -2.68 -13.04
C SER A 11 1.02 -3.45 -11.88
N GLU A 12 0.28 -4.46 -11.42
CA GLU A 12 0.70 -5.30 -10.32
C GLU A 12 0.59 -4.58 -8.99
N THR A 13 -0.15 -5.19 -8.09
CA THR A 13 -0.34 -4.64 -6.75
C THR A 13 0.81 -5.09 -5.85
N VAL A 14 1.20 -4.25 -4.89
CA VAL A 14 2.31 -4.57 -4.03
C VAL A 14 2.11 -5.87 -3.26
N LEU A 15 0.92 -6.45 -3.35
CA LEU A 15 0.67 -7.72 -2.71
C LEU A 15 1.36 -8.79 -3.52
N ASP A 16 1.20 -8.68 -4.84
CA ASP A 16 1.83 -9.60 -5.77
C ASP A 16 3.33 -9.37 -5.70
N PHE A 17 3.69 -8.14 -5.39
CA PHE A 17 5.08 -7.73 -5.26
C PHE A 17 5.66 -8.31 -3.97
N MET A 18 5.15 -7.84 -2.84
CA MET A 18 5.57 -8.33 -1.54
C MET A 18 5.36 -9.85 -1.47
N PHE A 19 4.64 -10.39 -2.47
CA PHE A 19 4.38 -11.83 -2.57
C PHE A 19 5.64 -12.57 -2.95
N ASN A 20 6.16 -12.26 -4.14
CA ASN A 20 7.38 -12.90 -4.61
C ASN A 20 8.46 -12.72 -3.56
N PHE A 21 8.44 -11.57 -2.91
CA PHE A 21 9.37 -11.25 -1.85
C PHE A 21 9.16 -12.21 -0.70
N TYR A 22 7.91 -12.63 -0.51
CA TYR A 22 7.57 -13.59 0.54
C TYR A 22 8.36 -14.87 0.31
N HIS A 23 8.35 -15.32 -0.93
CA HIS A 23 9.08 -16.52 -1.33
C HIS A 23 10.54 -16.38 -0.96
N GLN A 24 11.05 -15.18 -1.20
CA GLN A 24 12.44 -14.86 -0.90
C GLN A 24 12.59 -14.48 0.56
N THR A 25 13.80 -14.04 0.94
CA THR A 25 14.15 -13.62 2.30
C THR A 25 13.55 -14.49 3.42
N GLU A 26 14.05 -14.31 4.64
CA GLU A 26 13.57 -15.05 5.80
C GLU A 26 12.21 -14.52 6.24
N GLU A 27 11.85 -14.72 7.51
CA GLU A 27 10.60 -14.20 8.04
C GLU A 27 10.80 -12.78 8.55
N HIS A 28 11.59 -12.68 9.63
CA HIS A 28 11.93 -11.40 10.22
C HIS A 28 12.55 -10.49 9.18
N LYS A 29 13.53 -11.03 8.44
CA LYS A 29 14.22 -10.30 7.41
C LYS A 29 13.21 -9.82 6.40
N PHE A 30 12.42 -10.76 5.89
CA PHE A 30 11.40 -10.47 4.90
C PHE A 30 10.78 -9.12 5.15
N GLN A 31 9.90 -9.09 6.12
CA GLN A 31 9.18 -7.88 6.48
C GLN A 31 10.08 -6.65 6.48
N GLU A 32 11.29 -6.79 7.02
CA GLU A 32 12.23 -5.68 7.08
C GLU A 32 12.59 -5.16 5.69
N GLN A 33 12.93 -6.08 4.78
CA GLN A 33 13.33 -5.69 3.42
C GLN A 33 12.14 -5.24 2.58
N VAL A 34 11.16 -6.14 2.41
CA VAL A 34 9.97 -5.81 1.63
C VAL A 34 9.63 -4.37 1.85
N SER A 35 9.34 -4.01 3.09
CA SER A 35 9.02 -2.65 3.40
C SER A 35 10.04 -1.74 2.76
N LYS A 36 11.31 -1.90 3.11
CA LYS A 36 12.34 -1.06 2.53
C LYS A 36 12.13 -0.89 1.02
N GLU A 37 11.53 -1.91 0.40
CA GLU A 37 11.25 -1.91 -1.03
C GLU A 37 10.08 -0.98 -1.39
N LEU A 38 9.07 -0.92 -0.51
CA LEU A 38 7.89 -0.09 -0.73
C LEU A 38 7.95 1.20 0.07
N ILE A 39 8.60 1.16 1.22
CA ILE A 39 8.78 2.33 2.05
C ILE A 39 9.39 3.46 1.23
N GLY A 40 8.89 4.67 1.40
CA GLY A 40 9.39 5.78 0.62
C GLY A 40 8.91 5.70 -0.82
N LEU A 41 8.30 4.56 -1.14
CA LEU A 41 7.78 4.29 -2.49
C LEU A 41 6.26 4.41 -2.46
N VAL A 42 5.67 4.88 -3.55
CA VAL A 42 4.21 5.07 -3.61
C VAL A 42 3.51 3.95 -4.39
N VAL A 43 2.19 3.82 -4.18
CA VAL A 43 1.39 2.79 -4.85
C VAL A 43 0.16 3.39 -5.53
N LEU A 44 -0.61 2.53 -6.18
CA LEU A 44 -1.83 2.93 -6.88
C LEU A 44 -3.01 2.08 -6.40
N THR A 45 -4.03 2.70 -5.86
CA THR A 45 -5.19 1.96 -5.38
C THR A 45 -6.06 1.56 -6.56
N LYS A 46 -6.07 0.27 -6.85
CA LYS A 46 -6.81 -0.25 -7.99
C LYS A 46 -8.30 0.11 -7.97
N TYR A 47 -8.94 0.10 -6.79
CA TYR A 47 -10.37 0.41 -6.73
C TYR A 47 -10.66 1.75 -7.38
N ASN A 48 -10.12 2.84 -6.84
CA ASN A 48 -10.33 4.16 -7.41
C ASN A 48 -9.00 4.82 -7.79
N ASN A 49 -8.17 4.05 -8.50
CA ASN A 49 -6.85 4.50 -8.98
C ASN A 49 -6.32 5.70 -8.21
N LYS A 50 -5.77 5.47 -7.03
CA LYS A 50 -5.22 6.56 -6.22
C LYS A 50 -3.81 6.25 -5.76
N THR A 51 -2.89 7.15 -6.05
CA THR A 51 -1.51 6.95 -5.67
C THR A 51 -1.12 7.72 -4.42
N TYR A 52 -0.66 6.96 -3.44
CA TYR A 52 -0.23 7.49 -2.17
C TYR A 52 1.19 7.03 -1.91
N ARG A 53 1.91 7.78 -1.10
CA ARG A 53 3.28 7.44 -0.82
C ARG A 53 3.42 6.44 0.32
N VAL A 54 3.63 5.17 -0.03
CA VAL A 54 3.80 4.13 0.98
C VAL A 54 5.11 4.33 1.71
N ASP A 55 4.95 4.85 2.93
CA ASP A 55 6.05 5.16 3.81
C ASP A 55 6.19 4.10 4.88
N ASP A 56 5.14 3.31 4.99
CA ASP A 56 5.09 2.23 5.96
C ASP A 56 4.12 1.14 5.54
N ILE A 57 4.57 -0.10 5.57
CA ILE A 57 3.71 -1.23 5.25
C ILE A 57 3.12 -1.76 6.55
N ASP A 58 1.81 -1.64 6.70
CA ASP A 58 1.17 -2.08 7.93
C ASP A 58 1.16 -3.60 8.01
N TRP A 59 2.24 -4.16 8.56
CA TRP A 59 2.38 -5.60 8.70
C TRP A 59 1.64 -6.10 9.93
N ASP A 60 0.37 -5.72 10.08
CA ASP A 60 -0.40 -6.13 11.23
C ASP A 60 -1.82 -6.58 10.87
N GLN A 61 -2.51 -5.80 10.05
CA GLN A 61 -3.88 -6.13 9.66
C GLN A 61 -3.95 -6.78 8.29
N ASN A 62 -5.09 -7.41 8.01
CA ASN A 62 -5.32 -8.09 6.74
C ASN A 62 -6.29 -7.27 5.87
N PRO A 63 -6.48 -7.65 4.58
CA PRO A 63 -7.37 -6.93 3.67
C PRO A 63 -8.83 -7.06 4.08
N LYS A 64 -9.05 -7.51 5.31
CA LYS A 64 -10.38 -7.65 5.83
C LYS A 64 -10.70 -6.52 6.79
N SER A 65 -9.77 -6.26 7.72
CA SER A 65 -9.92 -5.19 8.73
C SER A 65 -11.13 -4.29 8.43
N THR A 66 -12.03 -4.16 9.40
CA THR A 66 -13.23 -3.36 9.20
C THR A 66 -13.13 -1.96 9.79
N PHE A 67 -14.06 -1.13 9.36
CA PHE A 67 -14.17 0.25 9.82
C PHE A 67 -15.57 0.77 9.55
N LYS A 68 -16.01 1.78 10.30
CA LYS A 68 -17.33 2.33 10.12
C LYS A 68 -17.36 3.43 9.06
N LYS A 69 -18.48 3.52 8.34
CA LYS A 69 -18.66 4.52 7.31
C LYS A 69 -18.53 5.92 7.88
N ALA A 70 -19.62 6.37 8.50
CA ALA A 70 -19.67 7.70 9.09
C ALA A 70 -20.56 7.66 10.33
N ASP A 71 -21.69 6.99 10.17
CA ASP A 71 -22.64 6.85 11.26
C ASP A 71 -22.32 5.59 12.06
N GLY A 72 -21.52 4.70 11.45
CA GLY A 72 -21.15 3.48 12.13
C GLY A 72 -21.34 2.25 11.29
N SER A 73 -21.56 2.39 9.98
CA SER A 73 -21.71 1.21 9.16
C SER A 73 -20.35 0.55 9.08
N GLU A 74 -20.21 -0.62 9.65
CA GLU A 74 -18.93 -1.25 9.66
C GLU A 74 -18.73 -2.24 8.51
N VAL A 75 -17.91 -1.84 7.55
CA VAL A 75 -17.58 -2.69 6.42
C VAL A 75 -16.08 -2.95 6.39
N SER A 76 -15.73 -4.15 5.99
CA SER A 76 -14.34 -4.57 5.92
C SER A 76 -13.64 -3.91 4.75
N PHE A 77 -12.33 -4.08 4.67
CA PHE A 77 -11.59 -3.52 3.56
C PHE A 77 -12.15 -4.14 2.29
N LEU A 78 -12.03 -5.46 2.24
CA LEU A 78 -12.53 -6.26 1.14
C LEU A 78 -13.91 -5.78 0.72
N GLU A 79 -14.76 -5.53 1.70
CA GLU A 79 -16.11 -5.05 1.46
C GLU A 79 -16.09 -3.63 0.92
N TYR A 80 -15.66 -2.68 1.73
CA TYR A 80 -15.58 -1.28 1.32
C TYR A 80 -15.11 -1.15 -0.13
N TYR A 81 -14.21 -2.02 -0.52
CA TYR A 81 -13.63 -1.99 -1.85
C TYR A 81 -14.47 -2.76 -2.88
N ARG A 82 -15.07 -3.88 -2.46
CA ARG A 82 -15.87 -4.71 -3.34
C ARG A 82 -17.28 -4.14 -3.57
N LYS A 83 -17.78 -3.44 -2.59
CA LYS A 83 -19.11 -2.86 -2.66
C LYS A 83 -19.08 -1.43 -3.17
N GLN A 84 -18.16 -0.63 -2.64
CA GLN A 84 -18.07 0.76 -3.05
C GLN A 84 -17.50 0.92 -4.46
N TYR A 85 -16.54 0.09 -4.84
CA TYR A 85 -15.93 0.19 -6.16
C TYR A 85 -15.86 -1.16 -6.87
N ASN A 86 -16.13 -2.23 -6.12
CA ASN A 86 -16.11 -3.59 -6.65
C ASN A 86 -14.72 -4.01 -7.11
N GLN A 87 -13.71 -3.73 -6.29
CA GLN A 87 -12.35 -4.10 -6.60
C GLN A 87 -11.95 -5.31 -5.76
N GLU A 88 -12.28 -6.50 -6.25
CA GLU A 88 -11.97 -7.74 -5.55
C GLU A 88 -10.57 -7.70 -4.95
N ILE A 89 -10.47 -8.31 -3.78
CA ILE A 89 -9.22 -8.40 -3.04
C ILE A 89 -8.55 -9.73 -3.31
N THR A 90 -9.27 -10.80 -2.97
CA THR A 90 -8.84 -12.18 -3.14
C THR A 90 -7.80 -12.60 -2.12
N ASP A 91 -6.64 -11.95 -2.15
CA ASP A 91 -5.58 -12.28 -1.20
C ASP A 91 -5.89 -11.60 0.12
N LEU A 92 -6.97 -12.06 0.72
CA LEU A 92 -7.47 -11.54 1.97
C LEU A 92 -6.59 -11.94 3.15
N LYS A 93 -5.32 -12.23 2.91
CA LYS A 93 -4.44 -12.61 4.01
C LYS A 93 -3.06 -11.96 3.96
N GLN A 94 -2.93 -10.79 3.34
CA GLN A 94 -1.65 -10.10 3.31
C GLN A 94 -1.74 -8.89 4.26
N PRO A 95 -0.68 -8.06 4.42
CA PRO A 95 -0.77 -6.95 5.35
C PRO A 95 -1.50 -5.77 4.75
N VAL A 96 -1.20 -4.58 5.25
CA VAL A 96 -1.80 -3.38 4.77
C VAL A 96 -0.73 -2.38 4.39
N LEU A 97 -1.15 -1.23 3.92
CA LEU A 97 -0.20 -0.21 3.51
C LEU A 97 -0.50 1.18 4.05
N VAL A 98 0.25 1.63 5.04
CA VAL A 98 0.06 2.97 5.54
C VAL A 98 0.83 3.90 4.59
N SER A 99 0.07 4.55 3.70
CA SER A 99 0.66 5.41 2.67
C SER A 99 0.27 6.87 2.82
N GLN A 100 1.27 7.71 3.05
CA GLN A 100 1.06 9.15 3.18
C GLN A 100 0.87 9.82 1.80
N PRO A 101 -0.37 10.25 1.49
CA PRO A 101 -0.74 10.89 0.21
C PRO A 101 -0.02 12.19 -0.07
N LYS A 102 -0.48 12.87 -1.13
CA LYS A 102 0.04 14.15 -1.54
C LYS A 102 -1.04 15.23 -1.43
N ARG A 103 -1.20 15.78 -0.23
CA ARG A 103 -2.20 16.80 0.03
C ARG A 103 -2.27 17.86 -1.06
N ARG A 104 -1.22 18.66 -1.22
CA ARG A 104 -1.22 19.72 -2.23
C ARG A 104 0.08 19.76 -3.02
N ARG A 105 0.07 20.55 -4.09
CA ARG A 105 1.24 20.73 -4.95
C ARG A 105 1.59 22.22 -5.02
N GLY A 106 1.09 22.96 -4.03
CA GLY A 106 1.32 24.39 -3.94
C GLY A 106 2.72 24.83 -4.34
N PRO A 107 3.60 24.99 -3.35
CA PRO A 107 4.97 25.41 -3.54
C PRO A 107 5.89 24.26 -3.89
N GLY A 108 6.08 23.34 -2.94
CA GLY A 108 6.92 22.19 -3.19
C GLY A 108 6.80 21.12 -2.13
N GLY A 109 5.61 20.98 -1.57
CA GLY A 109 5.38 19.96 -0.56
C GLY A 109 4.05 19.27 -0.73
N THR A 110 4.09 17.95 -0.79
CA THR A 110 2.89 17.14 -0.95
C THR A 110 2.17 16.98 0.35
N LEU A 111 2.95 16.65 1.36
CA LEU A 111 2.47 16.47 2.74
C LEU A 111 1.94 15.06 2.98
N PRO A 112 1.81 14.63 4.26
CA PRO A 112 1.34 13.31 4.62
C PRO A 112 -0.17 13.20 4.85
N GLY A 113 -0.57 12.07 5.44
CA GLY A 113 -1.97 11.79 5.72
C GLY A 113 -2.31 10.37 5.26
N PRO A 114 -1.58 9.36 5.78
CA PRO A 114 -1.71 7.96 5.39
C PRO A 114 -3.09 7.48 5.00
N ALA A 115 -3.06 6.35 4.31
CA ALA A 115 -4.24 5.69 3.80
C ALA A 115 -4.06 4.18 3.90
N MET A 116 -4.96 3.50 4.60
CA MET A 116 -4.87 2.05 4.73
C MET A 116 -5.24 1.40 3.40
N LEU A 117 -4.22 0.97 2.67
CA LEU A 117 -4.42 0.36 1.36
C LEU A 117 -4.34 -1.14 1.39
N ILE A 118 -4.99 -1.75 0.41
CA ILE A 118 -4.94 -3.18 0.26
C ILE A 118 -3.79 -3.50 -0.69
N PRO A 119 -2.77 -4.24 -0.22
CA PRO A 119 -1.63 -4.57 -1.06
C PRO A 119 -2.09 -5.26 -2.34
N GLU A 120 -3.22 -5.95 -2.29
CA GLU A 120 -3.74 -6.64 -3.48
C GLU A 120 -4.33 -5.68 -4.53
N LEU A 121 -4.27 -4.38 -4.28
CA LEU A 121 -4.79 -3.41 -5.26
C LEU A 121 -3.81 -2.27 -5.56
N CYS A 122 -2.72 -2.19 -4.80
CA CYS A 122 -1.73 -1.12 -4.93
C CYS A 122 -0.77 -1.31 -6.09
N TYR A 123 -1.16 -0.89 -7.28
CA TYR A 123 -0.28 -0.98 -8.43
C TYR A 123 1.03 -0.27 -8.12
N LEU A 124 2.10 -1.04 -7.97
CA LEU A 124 3.39 -0.45 -7.66
C LEU A 124 3.69 0.62 -8.69
N THR A 125 4.06 1.79 -8.22
CA THR A 125 4.31 2.92 -9.12
C THR A 125 5.77 3.09 -9.47
N GLY A 126 6.47 3.74 -8.58
CA GLY A 126 7.87 4.05 -8.76
C GLY A 126 8.03 5.55 -8.65
N LEU A 127 6.89 6.18 -8.37
CA LEU A 127 6.78 7.60 -8.20
C LEU A 127 7.74 8.13 -7.16
N THR A 128 7.71 7.51 -5.99
CA THR A 128 8.58 7.87 -4.88
C THR A 128 8.49 9.35 -4.54
N ASP A 129 7.31 9.74 -4.13
CA ASP A 129 7.05 11.14 -3.74
C ASP A 129 7.59 11.42 -2.34
N LYS A 130 8.89 11.69 -2.27
CA LYS A 130 9.59 11.99 -1.01
C LYS A 130 8.69 12.66 0.03
N MET A 131 7.86 13.56 -0.46
CA MET A 131 6.90 14.28 0.37
C MET A 131 7.52 15.39 1.20
N ARG A 132 6.67 16.24 1.80
CA ARG A 132 7.14 17.35 2.63
C ARG A 132 7.93 16.83 3.82
N ASN A 133 7.38 15.84 4.51
CA ASN A 133 8.02 15.26 5.67
C ASN A 133 8.20 16.32 6.75
N ASP A 134 7.21 17.20 6.84
CA ASP A 134 7.21 18.29 7.81
C ASP A 134 8.58 18.95 7.91
N CYS A 1 10.97 -16.58 -6.99
CA CYS A 1 11.83 -15.37 -7.04
C CYS A 1 11.86 -14.78 -8.45
N THR A 2 11.71 -13.46 -8.53
CA THR A 2 11.71 -12.77 -9.81
C THR A 2 12.56 -11.51 -9.76
N ASP A 3 13.77 -11.65 -9.23
CA ASP A 3 14.69 -10.52 -9.11
C ASP A 3 14.14 -9.45 -8.17
N VAL A 4 15.05 -8.66 -7.59
CA VAL A 4 14.66 -7.60 -6.66
C VAL A 4 14.70 -6.24 -7.34
N SER A 5 14.37 -5.19 -6.58
CA SER A 5 14.37 -3.82 -7.09
C SER A 5 13.67 -3.73 -8.44
N HIS A 6 12.34 -3.58 -8.40
CA HIS A 6 11.55 -3.48 -9.61
C HIS A 6 11.50 -2.04 -10.13
N LYS A 7 12.17 -1.81 -11.26
CA LYS A 7 12.20 -0.48 -11.87
C LYS A 7 10.84 -0.07 -12.39
N VAL A 8 10.12 0.73 -11.60
CA VAL A 8 8.81 1.23 -11.95
C VAL A 8 8.07 0.31 -12.93
N LEU A 9 7.30 -0.62 -12.38
CA LEU A 9 6.54 -1.56 -13.18
C LEU A 9 5.30 -0.92 -13.77
N ARG A 10 4.50 -1.70 -14.48
CA ARG A 10 3.28 -1.21 -15.10
C ARG A 10 2.07 -1.45 -14.18
N SER A 11 1.68 -2.71 -14.04
CA SER A 11 0.53 -3.07 -13.21
C SER A 11 0.85 -4.29 -12.36
N GLU A 12 0.58 -4.18 -11.07
CA GLU A 12 0.82 -5.24 -10.11
C GLU A 12 0.60 -4.73 -8.70
N THR A 13 -0.18 -5.46 -7.93
CA THR A 13 -0.45 -5.09 -6.55
C THR A 13 0.73 -5.40 -5.65
N VAL A 14 0.95 -4.54 -4.65
CA VAL A 14 2.09 -4.71 -3.75
C VAL A 14 1.97 -6.00 -2.96
N LEU A 15 0.82 -6.61 -3.00
CA LEU A 15 0.63 -7.88 -2.33
C LEU A 15 1.27 -8.93 -3.20
N ASP A 16 1.06 -8.77 -4.50
CA ASP A 16 1.63 -9.64 -5.49
C ASP A 16 3.14 -9.44 -5.48
N PHE A 17 3.51 -8.20 -5.18
CA PHE A 17 4.91 -7.81 -5.11
C PHE A 17 5.52 -8.39 -3.85
N MET A 18 5.09 -7.87 -2.71
CA MET A 18 5.55 -8.34 -1.41
C MET A 18 5.39 -9.87 -1.32
N PHE A 19 4.66 -10.45 -2.28
CA PHE A 19 4.46 -11.91 -2.35
C PHE A 19 5.73 -12.58 -2.83
N ASN A 20 6.08 -12.32 -4.08
CA ASN A 20 7.29 -12.89 -4.65
C ASN A 20 8.42 -12.68 -3.67
N PHE A 21 8.38 -11.52 -3.02
CA PHE A 21 9.35 -11.15 -2.02
C PHE A 21 9.25 -12.11 -0.83
N TYR A 22 8.02 -12.42 -0.44
CA TYR A 22 7.77 -13.34 0.68
C TYR A 22 8.69 -14.56 0.57
N HIS A 23 8.88 -15.02 -0.65
CA HIS A 23 9.73 -16.18 -0.90
C HIS A 23 11.23 -15.83 -0.93
N GLN A 24 11.55 -14.82 -1.73
CA GLN A 24 12.92 -14.36 -1.91
C GLN A 24 13.68 -14.10 -0.62
N THR A 25 13.00 -14.06 0.52
CA THR A 25 13.67 -13.75 1.78
C THR A 25 13.08 -14.51 2.97
N GLU A 26 13.87 -14.56 4.06
CA GLU A 26 13.48 -15.23 5.28
C GLU A 26 12.24 -14.59 5.89
N GLU A 27 12.03 -14.78 7.19
CA GLU A 27 10.90 -14.18 7.87
C GLU A 27 11.26 -12.78 8.38
N HIS A 28 12.13 -12.75 9.38
CA HIS A 28 12.61 -11.50 9.97
C HIS A 28 13.15 -10.57 8.88
N LYS A 29 13.85 -11.19 7.95
CA LYS A 29 14.47 -10.50 6.85
C LYS A 29 13.41 -9.91 5.98
N PHE A 30 12.57 -10.81 5.49
CA PHE A 30 11.47 -10.45 4.62
C PHE A 30 10.92 -9.11 4.98
N GLN A 31 10.11 -9.12 6.02
CA GLN A 31 9.45 -7.93 6.50
C GLN A 31 10.36 -6.71 6.45
N GLU A 32 11.57 -6.84 6.98
CA GLU A 32 12.52 -5.72 6.98
C GLU A 32 12.72 -5.15 5.57
N GLN A 33 13.15 -6.00 4.65
CA GLN A 33 13.40 -5.58 3.27
C GLN A 33 12.15 -5.11 2.55
N VAL A 34 11.20 -6.03 2.34
CA VAL A 34 9.97 -5.71 1.62
C VAL A 34 9.59 -4.28 1.88
N SER A 35 9.30 -3.98 3.13
CA SER A 35 8.96 -2.63 3.48
C SER A 35 9.93 -1.68 2.83
N LYS A 36 11.22 -1.80 3.15
CA LYS A 36 12.21 -0.91 2.56
C LYS A 36 11.97 -0.72 1.07
N GLU A 37 11.41 -1.76 0.44
CA GLU A 37 11.11 -1.75 -0.99
C GLU A 37 9.92 -0.84 -1.31
N LEU A 38 8.91 -0.85 -0.44
CA LEU A 38 7.70 -0.03 -0.64
C LEU A 38 7.75 1.28 0.17
N ILE A 39 8.39 1.23 1.32
CA ILE A 39 8.55 2.40 2.16
C ILE A 39 9.14 3.56 1.34
N GLY A 40 8.66 4.77 1.60
CA GLY A 40 9.16 5.93 0.86
C GLY A 40 8.77 5.88 -0.61
N LEU A 41 8.12 4.78 -0.98
CA LEU A 41 7.66 4.53 -2.35
C LEU A 41 6.16 4.79 -2.35
N VAL A 42 5.51 4.74 -3.51
CA VAL A 42 4.07 5.00 -3.55
C VAL A 42 3.32 3.89 -4.31
N VAL A 43 2.04 3.73 -3.99
CA VAL A 43 1.23 2.70 -4.62
C VAL A 43 -0.08 3.23 -5.20
N LEU A 44 -0.54 2.58 -6.26
CA LEU A 44 -1.77 2.94 -6.96
C LEU A 44 -2.94 2.10 -6.44
N THR A 45 -3.99 2.75 -5.94
CA THR A 45 -5.14 2.00 -5.46
C THR A 45 -5.98 1.58 -6.65
N LYS A 46 -5.93 0.29 -6.96
CA LYS A 46 -6.63 -0.28 -8.10
C LYS A 46 -8.14 0.04 -8.07
N TYR A 47 -8.71 0.19 -6.88
CA TYR A 47 -10.14 0.49 -6.77
C TYR A 47 -10.47 1.94 -7.11
N ASN A 48 -9.70 2.85 -6.54
CA ASN A 48 -9.94 4.27 -6.76
C ASN A 48 -8.77 4.92 -7.48
N ASN A 49 -8.07 4.12 -8.31
CA ASN A 49 -6.91 4.59 -9.08
C ASN A 49 -6.25 5.80 -8.41
N LYS A 50 -5.80 5.59 -7.18
CA LYS A 50 -5.15 6.67 -6.44
C LYS A 50 -3.80 6.27 -5.89
N THR A 51 -2.79 7.06 -6.20
CA THR A 51 -1.45 6.76 -5.73
C THR A 51 -1.11 7.52 -4.46
N TYR A 52 -0.72 6.77 -3.43
CA TYR A 52 -0.35 7.35 -2.15
C TYR A 52 1.07 6.93 -1.78
N ARG A 53 1.76 7.78 -1.04
CA ARG A 53 3.13 7.47 -0.67
C ARG A 53 3.19 6.44 0.47
N VAL A 54 3.41 5.19 0.12
CA VAL A 54 3.55 4.14 1.13
C VAL A 54 4.87 4.31 1.87
N ASP A 55 4.75 4.75 3.12
CA ASP A 55 5.89 5.00 3.98
C ASP A 55 6.01 3.94 5.05
N ASP A 56 4.98 3.12 5.14
CA ASP A 56 4.93 2.05 6.12
C ASP A 56 3.99 0.95 5.67
N ILE A 57 4.46 -0.29 5.69
CA ILE A 57 3.61 -1.42 5.33
C ILE A 57 3.00 -1.96 6.62
N ASP A 58 1.70 -1.84 6.75
CA ASP A 58 1.02 -2.32 7.95
C ASP A 58 1.10 -3.84 8.02
N TRP A 59 2.19 -4.33 8.60
CA TRP A 59 2.42 -5.77 8.74
C TRP A 59 1.64 -6.33 9.93
N ASP A 60 0.42 -5.85 10.14
CA ASP A 60 -0.39 -6.30 11.25
C ASP A 60 -1.83 -6.59 10.83
N GLN A 61 -2.50 -5.58 10.28
CA GLN A 61 -3.89 -5.73 9.86
C GLN A 61 -4.00 -6.43 8.51
N ASN A 62 -5.13 -7.08 8.30
CA ASN A 62 -5.40 -7.80 7.05
C ASN A 62 -6.41 -7.01 6.21
N PRO A 63 -6.64 -7.39 4.94
CA PRO A 63 -7.58 -6.70 4.06
C PRO A 63 -9.02 -6.85 4.53
N LYS A 64 -9.18 -7.43 5.73
CA LYS A 64 -10.49 -7.66 6.29
C LYS A 64 -10.86 -6.59 7.31
N SER A 65 -9.85 -5.94 7.87
CA SER A 65 -10.07 -4.87 8.84
C SER A 65 -11.34 -4.08 8.51
N THR A 66 -12.10 -3.71 9.54
CA THR A 66 -13.35 -2.99 9.30
C THR A 66 -13.34 -1.58 9.87
N PHE A 67 -14.38 -0.85 9.49
CA PHE A 67 -14.59 0.53 9.92
C PHE A 67 -15.99 0.98 9.50
N LYS A 68 -16.62 1.81 10.33
CA LYS A 68 -17.96 2.27 10.02
C LYS A 68 -17.99 3.25 8.87
N LYS A 69 -19.16 3.42 8.27
CA LYS A 69 -19.35 4.30 7.14
C LYS A 69 -19.85 5.67 7.59
N ALA A 70 -20.45 6.38 6.64
CA ALA A 70 -21.00 7.71 6.91
C ALA A 70 -21.91 7.69 8.13
N ASP A 71 -22.98 6.92 8.03
CA ASP A 71 -23.94 6.80 9.12
C ASP A 71 -23.42 5.84 10.18
N GLY A 72 -22.38 5.08 9.83
CA GLY A 72 -21.81 4.13 10.77
C GLY A 72 -21.86 2.70 10.27
N SER A 73 -22.01 2.51 8.95
CA SER A 73 -22.05 1.17 8.40
C SER A 73 -20.67 0.54 8.52
N GLU A 74 -20.54 -0.52 9.30
CA GLU A 74 -19.25 -1.15 9.47
C GLU A 74 -18.94 -2.06 8.29
N VAL A 75 -18.02 -1.60 7.44
CA VAL A 75 -17.58 -2.38 6.29
C VAL A 75 -16.08 -2.58 6.34
N SER A 76 -15.63 -3.72 5.86
CA SER A 76 -14.22 -4.06 5.83
C SER A 76 -13.60 -3.57 4.54
N PHE A 77 -12.27 -3.45 4.53
CA PHE A 77 -11.58 -3.03 3.32
C PHE A 77 -12.19 -3.77 2.15
N LEU A 78 -12.03 -5.09 2.20
CA LEU A 78 -12.55 -5.98 1.19
C LEU A 78 -13.95 -5.54 0.76
N GLU A 79 -14.78 -5.26 1.74
CA GLU A 79 -16.15 -4.84 1.50
C GLU A 79 -16.19 -3.47 0.82
N TYR A 80 -15.79 -2.41 1.54
CA TYR A 80 -15.80 -1.07 0.97
C TYR A 80 -15.28 -1.07 -0.46
N TYR A 81 -14.31 -1.91 -0.73
CA TYR A 81 -13.70 -1.98 -2.05
C TYR A 81 -14.50 -2.84 -3.04
N ARG A 82 -15.14 -3.90 -2.54
CA ARG A 82 -15.90 -4.83 -3.37
C ARG A 82 -17.35 -4.36 -3.62
N LYS A 83 -17.91 -3.68 -2.66
CA LYS A 83 -19.28 -3.20 -2.77
C LYS A 83 -19.32 -1.84 -3.43
N GLN A 84 -18.39 -0.97 -3.03
CA GLN A 84 -18.34 0.36 -3.58
C GLN A 84 -17.66 0.42 -4.95
N TYR A 85 -16.63 -0.39 -5.17
CA TYR A 85 -15.92 -0.39 -6.45
C TYR A 85 -15.69 -1.80 -7.00
N ASN A 86 -16.34 -2.80 -6.40
CA ASN A 86 -16.18 -4.18 -6.83
C ASN A 86 -14.71 -4.52 -7.03
N GLN A 87 -13.93 -4.36 -5.96
CA GLN A 87 -12.51 -4.64 -5.99
C GLN A 87 -12.17 -5.79 -5.06
N GLU A 88 -12.57 -7.00 -5.44
CA GLU A 88 -12.29 -8.18 -4.64
C GLU A 88 -10.80 -8.26 -4.32
N ILE A 89 -10.50 -8.31 -3.04
CA ILE A 89 -9.13 -8.40 -2.57
C ILE A 89 -8.53 -9.77 -2.87
N THR A 90 -9.29 -10.80 -2.51
CA THR A 90 -8.91 -12.21 -2.72
C THR A 90 -7.86 -12.65 -1.72
N ASP A 91 -6.71 -11.98 -1.70
CA ASP A 91 -5.66 -12.31 -0.76
C ASP A 91 -5.95 -11.60 0.55
N LEU A 92 -7.10 -11.96 1.09
CA LEU A 92 -7.62 -11.38 2.31
C LEU A 92 -6.80 -11.78 3.54
N LYS A 93 -5.55 -12.18 3.35
CA LYS A 93 -4.73 -12.56 4.49
C LYS A 93 -3.30 -12.01 4.43
N GLN A 94 -3.12 -10.86 3.79
CA GLN A 94 -1.80 -10.24 3.74
C GLN A 94 -1.84 -8.96 4.58
N PRO A 95 -0.78 -8.13 4.63
CA PRO A 95 -0.83 -6.93 5.45
C PRO A 95 -1.54 -5.81 4.74
N VAL A 96 -1.20 -4.59 5.12
CA VAL A 96 -1.79 -3.40 4.51
C VAL A 96 -0.68 -2.41 4.20
N LEU A 97 -1.06 -1.25 3.73
CA LEU A 97 -0.09 -0.23 3.37
C LEU A 97 -0.41 1.11 3.98
N VAL A 98 0.21 1.44 5.09
CA VAL A 98 -0.02 2.72 5.70
C VAL A 98 0.81 3.79 5.01
N SER A 99 0.15 4.55 4.15
CA SER A 99 0.79 5.64 3.44
C SER A 99 0.96 6.79 4.44
N GLN A 100 2.21 7.22 4.66
CA GLN A 100 2.45 8.26 5.64
C GLN A 100 3.24 9.45 5.07
N PRO A 101 2.70 10.67 5.26
CA PRO A 101 3.35 11.90 4.80
C PRO A 101 4.67 12.19 5.49
N LYS A 102 5.55 12.91 4.81
CA LYS A 102 6.83 13.28 5.36
C LYS A 102 6.79 14.70 5.90
N ARG A 103 5.60 15.31 5.83
CA ARG A 103 5.39 16.68 6.31
C ARG A 103 6.10 16.90 7.64
N ARG A 104 6.47 18.15 7.90
CA ARG A 104 7.17 18.50 9.13
C ARG A 104 6.21 19.09 10.17
N ARG A 105 6.03 20.40 10.12
CA ARG A 105 5.15 21.09 11.06
C ARG A 105 4.77 22.47 10.53
N GLY A 106 5.75 23.14 9.94
CA GLY A 106 5.53 24.47 9.39
C GLY A 106 5.36 24.43 7.89
N PRO A 107 6.34 24.98 7.15
CA PRO A 107 6.31 25.02 5.69
C PRO A 107 6.82 23.72 5.08
N GLY A 108 8.15 23.59 4.97
CA GLY A 108 8.74 22.40 4.40
C GLY A 108 8.05 21.95 3.12
N GLY A 109 7.36 20.81 3.19
CA GLY A 109 6.67 20.30 2.03
C GLY A 109 6.81 18.81 1.86
N THR A 110 7.03 18.40 0.62
CA THR A 110 7.13 17.00 0.26
C THR A 110 6.08 16.18 0.97
N LEU A 111 4.85 16.23 0.46
CA LEU A 111 3.80 15.47 1.10
C LEU A 111 2.80 14.81 0.14
N PRO A 112 2.20 13.70 0.59
CA PRO A 112 1.23 12.94 -0.17
C PRO A 112 -0.18 12.91 0.41
N GLY A 113 -0.82 11.76 0.21
CA GLY A 113 -2.18 11.53 0.65
C GLY A 113 -2.31 10.28 1.49
N PRO A 114 -1.76 10.28 2.71
CA PRO A 114 -1.80 9.16 3.66
C PRO A 114 -3.06 8.32 3.53
N ALA A 115 -2.92 7.01 3.79
CA ALA A 115 -4.06 6.11 3.66
C ALA A 115 -3.76 4.68 4.13
N MET A 116 -4.83 3.90 4.27
CA MET A 116 -4.73 2.48 4.62
C MET A 116 -5.07 1.71 3.35
N LEU A 117 -4.04 1.28 2.63
CA LEU A 117 -4.24 0.64 1.34
C LEU A 117 -4.03 -0.87 1.32
N ILE A 118 -4.94 -1.56 0.66
CA ILE A 118 -4.83 -3.00 0.49
C ILE A 118 -3.68 -3.28 -0.46
N PRO A 119 -2.72 -4.12 -0.05
CA PRO A 119 -1.58 -4.46 -0.91
C PRO A 119 -2.07 -5.21 -2.15
N GLU A 120 -3.10 -6.05 -1.98
CA GLU A 120 -3.66 -6.82 -3.09
C GLU A 120 -4.33 -5.93 -4.13
N LEU A 121 -4.29 -4.63 -3.93
CA LEU A 121 -4.89 -3.72 -4.88
C LEU A 121 -3.99 -2.53 -5.23
N CYS A 122 -2.84 -2.43 -4.58
CA CYS A 122 -1.96 -1.29 -4.83
C CYS A 122 -0.90 -1.55 -5.90
N TYR A 123 -1.15 -0.99 -7.08
CA TYR A 123 -0.23 -1.11 -8.20
C TYR A 123 1.08 -0.41 -7.90
N LEU A 124 2.13 -1.19 -7.70
CA LEU A 124 3.44 -0.64 -7.43
C LEU A 124 3.76 0.39 -8.50
N THR A 125 4.16 1.58 -8.08
CA THR A 125 4.44 2.64 -9.02
C THR A 125 5.91 2.83 -9.30
N GLY A 126 6.56 3.50 -8.38
CA GLY A 126 7.95 3.83 -8.50
C GLY A 126 8.08 5.33 -8.47
N LEU A 127 6.90 5.91 -8.28
CA LEU A 127 6.71 7.35 -8.22
C LEU A 127 7.55 8.02 -7.16
N THR A 128 7.50 7.48 -5.94
CA THR A 128 8.20 8.05 -4.81
C THR A 128 7.85 9.54 -4.70
N ASP A 129 6.64 9.82 -5.15
CA ASP A 129 6.08 11.17 -5.20
C ASP A 129 6.32 11.97 -3.91
N LYS A 130 7.43 12.68 -3.87
CA LYS A 130 7.75 13.51 -2.71
C LYS A 130 6.73 14.62 -2.59
N MET A 131 6.46 15.27 -3.71
CA MET A 131 5.48 16.35 -3.80
C MET A 131 5.89 17.59 -3.01
N ARG A 132 4.88 18.39 -2.67
CA ARG A 132 5.03 19.65 -1.95
C ARG A 132 6.42 20.28 -2.13
N ASN A 133 7.08 20.59 -1.02
CA ASN A 133 8.37 21.23 -1.05
C ASN A 133 8.21 22.64 -1.59
N ASP A 134 6.99 23.12 -1.40
CA ASP A 134 6.62 24.46 -1.84
C ASP A 134 6.97 25.51 -0.79
N CYS A 1 17.69 -17.56 -9.03
CA CYS A 1 17.97 -16.69 -7.86
C CYS A 1 16.86 -15.66 -7.65
N THR A 2 15.64 -16.04 -8.02
CA THR A 2 14.49 -15.16 -7.89
C THR A 2 14.72 -13.82 -8.58
N ASP A 3 13.79 -12.89 -8.38
CA ASP A 3 13.89 -11.57 -8.98
C ASP A 3 13.61 -10.48 -7.95
N VAL A 4 14.56 -9.57 -7.79
CA VAL A 4 14.42 -8.48 -6.83
C VAL A 4 14.57 -7.12 -7.51
N SER A 5 14.50 -6.06 -6.70
CA SER A 5 14.62 -4.69 -7.20
C SER A 5 13.80 -4.45 -8.46
N HIS A 6 12.52 -4.13 -8.26
CA HIS A 6 11.62 -3.86 -9.39
C HIS A 6 11.68 -2.39 -9.78
N LYS A 7 11.64 -2.12 -11.07
CA LYS A 7 11.69 -0.76 -11.57
C LYS A 7 10.40 -0.40 -12.27
N VAL A 8 9.66 0.52 -11.66
CA VAL A 8 8.40 1.01 -12.20
C VAL A 8 7.71 0.00 -13.09
N LEU A 9 6.96 -0.91 -12.49
CA LEU A 9 6.25 -1.94 -13.23
C LEU A 9 4.94 -1.39 -13.80
N ARG A 10 4.37 -2.11 -14.76
CA ARG A 10 3.13 -1.71 -15.40
C ARG A 10 1.94 -1.86 -14.44
N SER A 11 1.58 -3.12 -14.16
CA SER A 11 0.46 -3.40 -13.26
C SER A 11 0.80 -4.54 -12.31
N GLU A 12 0.47 -4.35 -11.03
CA GLU A 12 0.72 -5.33 -9.99
C GLU A 12 0.51 -4.71 -8.63
N THR A 13 -0.29 -5.37 -7.82
CA THR A 13 -0.54 -4.88 -6.46
C THR A 13 0.64 -5.23 -5.56
N VAL A 14 0.90 -4.38 -4.58
CA VAL A 14 2.03 -4.58 -3.69
C VAL A 14 1.92 -5.87 -2.89
N LEU A 15 0.74 -6.46 -2.92
CA LEU A 15 0.55 -7.73 -2.25
C LEU A 15 1.19 -8.79 -3.10
N ASP A 16 0.98 -8.65 -4.40
CA ASP A 16 1.55 -9.56 -5.37
C ASP A 16 3.05 -9.34 -5.38
N PHE A 17 3.43 -8.09 -5.12
CA PHE A 17 4.83 -7.70 -5.06
C PHE A 17 5.46 -8.30 -3.81
N MET A 18 5.01 -7.81 -2.66
CA MET A 18 5.49 -8.30 -1.37
C MET A 18 5.28 -9.82 -1.27
N PHE A 19 4.51 -10.37 -2.23
CA PHE A 19 4.26 -11.82 -2.31
C PHE A 19 5.51 -12.55 -2.77
N ASN A 20 5.95 -12.20 -3.96
CA ASN A 20 7.14 -12.81 -4.51
C ASN A 20 8.30 -12.59 -3.57
N PHE A 21 8.19 -11.52 -2.78
CA PHE A 21 9.20 -11.18 -1.78
C PHE A 21 9.07 -12.13 -0.59
N TYR A 22 7.86 -12.63 -0.39
CA TYR A 22 7.60 -13.56 0.70
C TYR A 22 8.39 -14.86 0.49
N HIS A 23 8.39 -15.33 -0.75
CA HIS A 23 9.10 -16.56 -1.11
C HIS A 23 10.61 -16.46 -0.86
N GLN A 24 11.23 -15.48 -1.51
CA GLN A 24 12.68 -15.28 -1.41
C GLN A 24 13.19 -15.20 0.04
N THR A 25 13.46 -13.99 0.50
CA THR A 25 13.96 -13.71 1.84
C THR A 25 13.29 -14.53 2.93
N GLU A 26 13.97 -14.61 4.09
CA GLU A 26 13.48 -15.35 5.25
C GLU A 26 12.19 -14.72 5.80
N GLU A 27 11.92 -14.92 7.08
CA GLU A 27 10.74 -14.33 7.71
C GLU A 27 11.08 -12.93 8.23
N HIS A 28 11.93 -12.91 9.24
CA HIS A 28 12.39 -11.65 9.85
C HIS A 28 12.96 -10.72 8.77
N LYS A 29 13.91 -11.25 8.00
CA LYS A 29 14.54 -10.50 6.95
C LYS A 29 13.50 -9.96 6.00
N PHE A 30 12.64 -10.87 5.54
CA PHE A 30 11.58 -10.52 4.62
C PHE A 30 11.01 -9.17 4.95
N GLN A 31 10.16 -9.16 5.96
CA GLN A 31 9.48 -7.97 6.41
C GLN A 31 10.38 -6.74 6.37
N GLU A 32 11.59 -6.86 6.90
CA GLU A 32 12.53 -5.75 6.92
C GLU A 32 12.78 -5.19 5.52
N GLN A 33 13.16 -6.04 4.58
CA GLN A 33 13.45 -5.61 3.21
C GLN A 33 12.21 -5.16 2.47
N VAL A 34 11.24 -6.05 2.32
CA VAL A 34 10.00 -5.72 1.61
C VAL A 34 9.66 -4.29 1.84
N SER A 35 9.40 -3.95 3.09
CA SER A 35 9.09 -2.59 3.43
C SER A 35 10.09 -1.66 2.75
N LYS A 36 11.37 -1.82 3.06
CA LYS A 36 12.37 -0.95 2.46
C LYS A 36 12.11 -0.77 0.97
N GLU A 37 11.52 -1.80 0.36
CA GLU A 37 11.20 -1.78 -1.07
C GLU A 37 10.01 -0.86 -1.37
N LEU A 38 8.99 -0.87 -0.51
CA LEU A 38 7.80 -0.04 -0.69
C LEU A 38 7.88 1.27 0.09
N ILE A 39 8.54 1.22 1.24
CA ILE A 39 8.73 2.40 2.05
C ILE A 39 9.33 3.53 1.22
N GLY A 40 8.84 4.75 1.40
CA GLY A 40 9.34 5.87 0.62
C GLY A 40 8.92 5.78 -0.83
N LEU A 41 8.26 4.67 -1.17
CA LEU A 41 7.76 4.41 -2.51
C LEU A 41 6.27 4.68 -2.49
N VAL A 42 5.58 4.67 -3.62
CA VAL A 42 4.15 4.94 -3.62
C VAL A 42 3.38 3.87 -4.38
N VAL A 43 2.07 3.77 -4.12
CA VAL A 43 1.25 2.76 -4.76
C VAL A 43 0.01 3.34 -5.42
N LEU A 44 -0.78 2.48 -6.06
CA LEU A 44 -2.01 2.89 -6.75
C LEU A 44 -3.20 2.00 -6.36
N THR A 45 -4.26 2.58 -5.86
CA THR A 45 -5.42 1.81 -5.50
C THR A 45 -6.17 1.45 -6.76
N LYS A 46 -6.17 0.17 -7.08
CA LYS A 46 -6.79 -0.34 -8.29
C LYS A 46 -8.30 -0.10 -8.31
N TYR A 47 -8.94 -0.12 -7.14
CA TYR A 47 -10.39 0.08 -7.09
C TYR A 47 -10.82 1.45 -7.58
N ASN A 48 -10.13 2.50 -7.12
CA ASN A 48 -10.48 3.85 -7.53
C ASN A 48 -9.27 4.65 -8.01
N ASN A 49 -8.32 3.97 -8.65
CA ASN A 49 -7.10 4.61 -9.17
C ASN A 49 -6.65 5.76 -8.27
N LYS A 50 -5.93 5.42 -7.20
CA LYS A 50 -5.44 6.43 -6.26
C LYS A 50 -4.03 6.14 -5.77
N THR A 51 -3.13 7.10 -5.93
CA THR A 51 -1.74 6.90 -5.53
C THR A 51 -1.35 7.61 -4.24
N TYR A 52 -0.80 6.84 -3.31
CA TYR A 52 -0.31 7.37 -2.04
C TYR A 52 1.13 6.93 -1.85
N ARG A 53 1.88 7.67 -1.05
CA ARG A 53 3.26 7.32 -0.81
C ARG A 53 3.40 6.35 0.36
N VAL A 54 3.55 5.07 0.04
CA VAL A 54 3.74 4.06 1.08
C VAL A 54 5.09 4.27 1.76
N ASP A 55 5.00 4.79 2.97
CA ASP A 55 6.17 5.09 3.79
C ASP A 55 6.28 4.07 4.90
N ASP A 56 5.25 3.27 5.04
CA ASP A 56 5.19 2.23 6.06
C ASP A 56 4.22 1.13 5.67
N ILE A 57 4.69 -0.11 5.66
CA ILE A 57 3.82 -1.23 5.37
C ILE A 57 3.24 -1.70 6.68
N ASP A 58 1.94 -1.54 6.86
CA ASP A 58 1.32 -1.94 8.11
C ASP A 58 1.30 -3.45 8.25
N TRP A 59 2.39 -4.00 8.79
CA TRP A 59 2.51 -5.44 8.97
C TRP A 59 1.77 -5.87 10.24
N ASP A 60 0.52 -5.46 10.38
CA ASP A 60 -0.27 -5.80 11.55
C ASP A 60 -1.70 -6.22 11.23
N GLN A 61 -2.37 -5.49 10.32
CA GLN A 61 -3.75 -5.79 9.99
C GLN A 61 -3.88 -6.51 8.65
N ASN A 62 -5.11 -6.85 8.29
CA ASN A 62 -5.40 -7.54 7.03
C ASN A 62 -6.52 -6.80 6.29
N PRO A 63 -6.74 -7.12 4.99
CA PRO A 63 -7.78 -6.48 4.17
C PRO A 63 -9.19 -6.83 4.65
N LYS A 64 -9.28 -7.49 5.81
CA LYS A 64 -10.57 -7.87 6.36
C LYS A 64 -10.99 -6.90 7.44
N SER A 65 -10.01 -6.23 8.04
CA SER A 65 -10.28 -5.23 9.07
C SER A 65 -11.52 -4.44 8.71
N THR A 66 -12.33 -4.09 9.70
CA THR A 66 -13.55 -3.36 9.42
C THR A 66 -13.60 -1.97 10.03
N PHE A 67 -14.65 -1.25 9.65
CA PHE A 67 -14.90 0.10 10.12
C PHE A 67 -16.32 0.50 9.74
N LYS A 68 -16.97 1.26 10.60
CA LYS A 68 -18.33 1.68 10.36
C LYS A 68 -18.44 2.71 9.25
N LYS A 69 -19.64 2.84 8.69
CA LYS A 69 -19.90 3.77 7.61
C LYS A 69 -20.62 5.01 8.11
N ALA A 70 -19.90 5.86 8.84
CA ALA A 70 -20.49 7.08 9.37
C ALA A 70 -21.63 6.74 10.30
N ASP A 71 -22.77 6.41 9.72
CA ASP A 71 -23.94 6.02 10.48
C ASP A 71 -23.63 4.79 11.32
N GLY A 72 -22.68 3.97 10.84
CA GLY A 72 -22.32 2.78 11.59
C GLY A 72 -22.36 1.51 10.79
N SER A 73 -22.39 1.59 9.46
CA SER A 73 -22.39 0.38 8.67
C SER A 73 -20.99 -0.17 8.72
N GLU A 74 -20.82 -1.33 9.33
CA GLU A 74 -19.49 -1.87 9.44
C GLU A 74 -19.08 -2.64 8.20
N VAL A 75 -18.18 -2.04 7.42
CA VAL A 75 -17.65 -2.69 6.23
C VAL A 75 -16.15 -2.83 6.34
N SER A 76 -15.65 -3.95 5.83
CA SER A 76 -14.22 -4.23 5.85
C SER A 76 -13.57 -3.69 4.60
N PHE A 77 -12.25 -3.56 4.64
CA PHE A 77 -11.53 -3.08 3.45
C PHE A 77 -12.08 -3.81 2.24
N LEU A 78 -11.94 -5.12 2.28
CA LEU A 78 -12.42 -5.99 1.23
C LEU A 78 -13.80 -5.54 0.75
N GLU A 79 -14.68 -5.30 1.72
CA GLU A 79 -16.02 -4.85 1.43
C GLU A 79 -16.03 -3.45 0.84
N TYR A 80 -15.68 -2.45 1.65
CA TYR A 80 -15.64 -1.06 1.18
C TYR A 80 -15.13 -0.97 -0.25
N TYR A 81 -14.16 -1.82 -0.58
CA TYR A 81 -13.54 -1.81 -1.89
C TYR A 81 -14.32 -2.63 -2.93
N ARG A 82 -14.92 -3.74 -2.49
CA ARG A 82 -15.68 -4.62 -3.39
C ARG A 82 -17.10 -4.12 -3.64
N LYS A 83 -17.67 -3.44 -2.67
CA LYS A 83 -19.02 -2.93 -2.79
C LYS A 83 -19.03 -1.57 -3.48
N GLN A 84 -18.09 -0.72 -3.10
CA GLN A 84 -18.00 0.59 -3.69
C GLN A 84 -17.48 0.56 -5.12
N TYR A 85 -16.29 0.01 -5.30
CA TYR A 85 -15.66 -0.03 -6.62
C TYR A 85 -15.60 -1.45 -7.20
N ASN A 86 -15.87 -2.44 -6.36
CA ASN A 86 -15.88 -3.84 -6.78
C ASN A 86 -14.49 -4.35 -7.15
N GLN A 87 -13.52 -4.16 -6.24
CA GLN A 87 -12.18 -4.63 -6.47
C GLN A 87 -11.82 -5.72 -5.49
N GLU A 88 -12.23 -6.94 -5.78
CA GLU A 88 -11.95 -8.08 -4.92
C GLU A 88 -10.48 -8.11 -4.51
N ILE A 89 -10.26 -8.53 -3.29
CA ILE A 89 -8.92 -8.63 -2.73
C ILE A 89 -8.38 -10.05 -2.92
N THR A 90 -9.18 -11.02 -2.48
CA THR A 90 -8.87 -12.45 -2.59
C THR A 90 -7.83 -12.91 -1.57
N ASP A 91 -6.64 -12.32 -1.62
CA ASP A 91 -5.58 -12.70 -0.67
C ASP A 91 -6.10 -12.48 0.71
N LEU A 92 -6.45 -11.24 0.96
CA LEU A 92 -7.01 -10.81 2.21
C LEU A 92 -6.23 -11.32 3.41
N LYS A 93 -5.09 -11.97 3.18
CA LYS A 93 -4.31 -12.47 4.29
C LYS A 93 -2.90 -11.89 4.33
N GLN A 94 -2.74 -10.69 3.76
CA GLN A 94 -1.44 -10.03 3.79
C GLN A 94 -1.56 -8.80 4.70
N PRO A 95 -0.51 -7.97 4.87
CA PRO A 95 -0.62 -6.83 5.74
C PRO A 95 -1.35 -5.69 5.07
N VAL A 96 -1.05 -4.48 5.51
CA VAL A 96 -1.65 -3.30 4.94
C VAL A 96 -0.57 -2.33 4.52
N LEU A 97 -0.99 -1.21 4.00
CA LEU A 97 -0.04 -0.19 3.56
C LEU A 97 -0.33 1.18 4.12
N VAL A 98 0.39 1.59 5.15
CA VAL A 98 0.19 2.94 5.66
C VAL A 98 1.01 3.91 4.80
N SER A 99 0.29 4.54 3.88
CA SER A 99 0.88 5.48 2.94
C SER A 99 0.58 6.90 3.38
N GLN A 100 1.61 7.65 3.77
CA GLN A 100 1.36 9.00 4.27
C GLN A 100 1.89 10.10 3.34
N PRO A 101 1.02 10.64 2.46
CA PRO A 101 1.30 11.75 1.56
C PRO A 101 0.47 12.98 1.94
N LYS A 102 0.63 14.07 1.20
CA LYS A 102 -0.13 15.29 1.48
C LYS A 102 -0.84 15.75 0.21
N ARG A 103 -0.09 15.75 -0.90
CA ARG A 103 -0.59 16.16 -2.21
C ARG A 103 -1.89 16.96 -2.14
N ARG A 104 -1.77 18.22 -1.74
CA ARG A 104 -2.92 19.11 -1.64
C ARG A 104 -3.12 19.90 -2.92
N ARG A 105 -2.42 21.02 -3.03
CA ARG A 105 -2.50 21.88 -4.20
C ARG A 105 -1.39 22.94 -4.16
N GLY A 106 -0.68 22.98 -3.04
CA GLY A 106 0.39 23.92 -2.86
C GLY A 106 1.55 23.71 -3.82
N PRO A 107 2.69 23.21 -3.31
CA PRO A 107 3.89 22.95 -4.10
C PRO A 107 3.84 21.61 -4.81
N GLY A 108 4.02 20.53 -4.05
CA GLY A 108 4.00 19.21 -4.63
C GLY A 108 4.53 18.15 -3.68
N GLY A 109 5.53 18.51 -2.88
CA GLY A 109 6.10 17.58 -1.92
C GLY A 109 5.03 16.91 -1.08
N THR A 110 5.18 15.61 -0.90
CA THR A 110 4.22 14.85 -0.09
C THR A 110 4.79 14.53 1.27
N LEU A 111 4.05 14.88 2.30
CA LEU A 111 4.47 14.67 3.67
C LEU A 111 3.45 13.78 4.39
N PRO A 112 3.56 13.57 5.73
CA PRO A 112 2.62 12.70 6.47
C PRO A 112 1.16 12.86 6.07
N GLY A 113 0.38 11.81 6.37
CA GLY A 113 -1.02 11.76 6.03
C GLY A 113 -1.41 10.37 5.55
N PRO A 114 -1.25 9.34 6.41
CA PRO A 114 -1.50 7.94 6.06
C PRO A 114 -2.76 7.67 5.26
N ALA A 115 -2.73 6.51 4.64
CA ALA A 115 -3.79 5.98 3.81
C ALA A 115 -3.76 4.46 3.88
N MET A 116 -4.71 3.86 4.60
CA MET A 116 -4.75 2.42 4.71
C MET A 116 -5.11 1.81 3.37
N LEU A 117 -4.09 1.30 2.70
CA LEU A 117 -4.23 0.72 1.38
C LEU A 117 -4.09 -0.78 1.39
N ILE A 118 -4.96 -1.46 0.65
CA ILE A 118 -4.87 -2.90 0.53
C ILE A 118 -3.74 -3.26 -0.43
N PRO A 119 -2.65 -3.85 0.07
CA PRO A 119 -1.56 -4.29 -0.79
C PRO A 119 -2.07 -5.05 -2.01
N GLU A 120 -3.14 -5.85 -1.82
CA GLU A 120 -3.71 -6.64 -2.93
C GLU A 120 -4.36 -5.77 -3.99
N LEU A 121 -4.37 -4.47 -3.78
CA LEU A 121 -4.97 -3.57 -4.75
C LEU A 121 -4.08 -2.38 -5.10
N CYS A 122 -2.91 -2.29 -4.47
CA CYS A 122 -2.03 -1.15 -4.72
C CYS A 122 -0.98 -1.41 -5.79
N TYR A 123 -1.28 -0.98 -7.01
CA TYR A 123 -0.36 -1.10 -8.13
C TYR A 123 0.93 -0.39 -7.84
N LEU A 124 2.01 -1.14 -7.70
CA LEU A 124 3.29 -0.54 -7.44
C LEU A 124 3.56 0.48 -8.53
N THR A 125 3.85 1.69 -8.12
CA THR A 125 4.06 2.78 -9.06
C THR A 125 5.51 2.93 -9.49
N GLY A 126 6.26 3.58 -8.65
CA GLY A 126 7.65 3.87 -8.91
C GLY A 126 7.84 5.36 -8.83
N LEU A 127 6.73 6.01 -8.50
CA LEU A 127 6.65 7.45 -8.34
C LEU A 127 7.74 7.93 -7.40
N THR A 128 7.62 7.51 -6.15
CA THR A 128 8.58 7.80 -5.10
C THR A 128 8.53 9.23 -4.65
N ASP A 129 7.95 9.38 -3.49
CA ASP A 129 7.79 10.65 -2.84
C ASP A 129 7.86 10.45 -1.33
N LYS A 130 9.01 9.96 -0.90
CA LYS A 130 9.29 9.67 0.50
C LYS A 130 8.66 10.67 1.43
N MET A 131 9.07 11.92 1.26
CA MET A 131 8.58 13.00 2.07
C MET A 131 9.11 14.35 1.62
N ARG A 132 8.52 15.42 2.16
CA ARG A 132 8.91 16.78 1.82
C ARG A 132 9.98 17.28 2.78
N ASN A 133 9.71 17.16 4.07
CA ASN A 133 10.63 17.62 5.10
C ASN A 133 10.96 19.09 4.89
N ASP A 134 9.94 19.83 4.49
CA ASP A 134 10.05 21.27 4.23
C ASP A 134 11.42 21.64 3.64
N CYS A 1 17.66 -13.59 -10.76
CA CYS A 1 16.72 -12.47 -10.99
C CYS A 1 17.36 -11.14 -10.61
N THR A 2 17.71 -10.34 -11.61
CA THR A 2 18.33 -9.04 -11.38
C THR A 2 17.37 -8.10 -10.68
N ASP A 3 17.81 -7.56 -9.54
CA ASP A 3 17.00 -6.63 -8.76
C ASP A 3 15.75 -7.33 -8.20
N VAL A 4 15.18 -6.75 -7.16
CA VAL A 4 13.98 -7.31 -6.54
C VAL A 4 12.99 -6.22 -6.18
N SER A 5 13.21 -5.05 -6.76
CA SER A 5 12.36 -3.88 -6.53
C SER A 5 11.45 -3.63 -7.72
N HIS A 6 11.95 -3.90 -8.93
CA HIS A 6 11.20 -3.69 -10.15
C HIS A 6 10.79 -2.23 -10.31
N LYS A 7 11.55 -1.49 -11.10
CA LYS A 7 11.29 -0.08 -11.35
C LYS A 7 9.88 0.15 -11.87
N VAL A 8 9.00 0.59 -10.97
CA VAL A 8 7.60 0.89 -11.30
C VAL A 8 7.12 0.10 -12.52
N LEU A 9 6.57 -1.08 -12.27
CA LEU A 9 6.07 -1.93 -13.33
C LEU A 9 4.73 -1.42 -13.86
N ARG A 10 4.29 -1.99 -14.96
CA ARG A 10 3.02 -1.60 -15.58
C ARG A 10 1.86 -1.82 -14.62
N SER A 11 1.55 -3.08 -14.34
CA SER A 11 0.46 -3.42 -13.43
C SER A 11 0.84 -4.59 -12.53
N GLU A 12 0.51 -4.44 -11.24
CA GLU A 12 0.80 -5.44 -10.24
C GLU A 12 0.59 -4.85 -8.86
N THR A 13 -0.18 -5.54 -8.04
CA THR A 13 -0.45 -5.08 -6.69
C THR A 13 0.72 -5.45 -5.77
N VAL A 14 0.98 -4.61 -4.77
CA VAL A 14 2.10 -4.82 -3.87
C VAL A 14 1.95 -6.12 -3.09
N LEU A 15 0.79 -6.74 -3.18
CA LEU A 15 0.59 -8.02 -2.55
C LEU A 15 1.28 -9.06 -3.39
N ASP A 16 1.09 -8.92 -4.71
CA ASP A 16 1.71 -9.80 -5.67
C ASP A 16 3.20 -9.58 -5.64
N PHE A 17 3.55 -8.34 -5.31
CA PHE A 17 4.93 -7.91 -5.21
C PHE A 17 5.56 -8.48 -3.94
N MET A 18 5.10 -7.98 -2.81
CA MET A 18 5.57 -8.45 -1.52
C MET A 18 5.42 -9.97 -1.43
N PHE A 19 4.68 -10.54 -2.40
CA PHE A 19 4.49 -12.00 -2.48
C PHE A 19 5.77 -12.65 -2.94
N ASN A 20 6.21 -12.26 -4.12
CA ASN A 20 7.45 -12.79 -4.68
C ASN A 20 8.56 -12.59 -3.68
N PHE A 21 8.45 -11.49 -2.93
CA PHE A 21 9.41 -11.16 -1.90
C PHE A 21 9.30 -12.15 -0.74
N TYR A 22 8.09 -12.67 -0.54
CA TYR A 22 7.86 -13.64 0.51
C TYR A 22 8.71 -14.88 0.26
N HIS A 23 8.77 -15.29 -1.00
CA HIS A 23 9.55 -16.45 -1.40
C HIS A 23 11.01 -16.27 -0.96
N GLN A 24 11.58 -15.14 -1.34
CA GLN A 24 12.97 -14.83 -0.99
C GLN A 24 13.07 -14.42 0.47
N THR A 25 14.22 -13.84 0.85
CA THR A 25 14.52 -13.38 2.21
C THR A 25 13.97 -14.28 3.33
N GLU A 26 14.47 -14.07 4.56
CA GLU A 26 14.04 -14.84 5.72
C GLU A 26 12.67 -14.35 6.18
N GLU A 27 12.34 -14.55 7.45
CA GLU A 27 11.08 -14.07 8.00
C GLU A 27 11.25 -12.64 8.49
N HIS A 28 12.07 -12.49 9.53
CA HIS A 28 12.38 -11.20 10.10
C HIS A 28 12.96 -10.28 9.03
N LYS A 29 13.88 -10.84 8.23
CA LYS A 29 14.51 -10.13 7.17
C LYS A 29 13.49 -9.70 6.16
N PHE A 30 12.66 -10.66 5.76
CA PHE A 30 11.60 -10.42 4.79
C PHE A 30 10.99 -9.07 5.03
N GLN A 31 10.13 -9.02 6.02
CA GLN A 31 9.41 -7.83 6.38
C GLN A 31 10.30 -6.58 6.35
N GLU A 32 11.53 -6.70 6.85
CA GLU A 32 12.45 -5.57 6.87
C GLU A 32 12.72 -5.03 5.46
N GLN A 33 13.09 -5.91 4.54
CA GLN A 33 13.41 -5.50 3.17
C GLN A 33 12.17 -5.08 2.40
N VAL A 34 11.22 -6.00 2.24
CA VAL A 34 9.99 -5.70 1.51
C VAL A 34 9.60 -4.28 1.76
N SER A 35 9.31 -3.97 3.02
CA SER A 35 8.94 -2.63 3.35
C SER A 35 9.90 -1.68 2.69
N LYS A 36 11.20 -1.77 2.98
CA LYS A 36 12.16 -0.87 2.37
C LYS A 36 11.82 -0.64 0.89
N GLU A 37 11.37 -1.72 0.24
CA GLU A 37 10.98 -1.69 -1.16
C GLU A 37 9.79 -0.78 -1.45
N LEU A 38 8.80 -0.78 -0.55
CA LEU A 38 7.59 0.03 -0.71
C LEU A 38 7.63 1.31 0.14
N ILE A 39 8.37 1.27 1.26
CA ILE A 39 8.52 2.42 2.13
C ILE A 39 9.10 3.59 1.34
N GLY A 40 8.67 4.81 1.66
CA GLY A 40 9.15 5.98 0.95
C GLY A 40 8.76 5.93 -0.52
N LEU A 41 8.15 4.82 -0.91
CA LEU A 41 7.71 4.57 -2.26
C LEU A 41 6.20 4.74 -2.25
N VAL A 42 5.54 4.68 -3.40
CA VAL A 42 4.09 4.84 -3.39
C VAL A 42 3.37 3.72 -4.15
N VAL A 43 2.08 3.53 -3.86
CA VAL A 43 1.28 2.50 -4.50
C VAL A 43 0.01 3.07 -5.13
N LEU A 44 -0.48 2.41 -6.17
CA LEU A 44 -1.69 2.85 -6.87
C LEU A 44 -2.90 2.07 -6.38
N THR A 45 -3.95 2.76 -5.99
CA THR A 45 -5.15 2.06 -5.54
C THR A 45 -5.99 1.69 -6.74
N LYS A 46 -5.98 0.41 -7.06
CA LYS A 46 -6.70 -0.12 -8.22
C LYS A 46 -8.16 0.31 -8.25
N TYR A 47 -8.85 0.23 -7.11
CA TYR A 47 -10.27 0.59 -7.05
C TYR A 47 -10.52 2.04 -7.46
N ASN A 48 -9.78 2.96 -6.88
CA ASN A 48 -9.93 4.38 -7.19
C ASN A 48 -8.60 4.97 -7.65
N ASN A 49 -8.00 4.32 -8.64
CA ASN A 49 -6.71 4.72 -9.21
C ASN A 49 -6.08 5.90 -8.48
N LYS A 50 -5.65 5.68 -7.25
CA LYS A 50 -5.02 6.73 -6.47
C LYS A 50 -3.72 6.26 -5.87
N THR A 51 -2.67 7.01 -6.14
CA THR A 51 -1.36 6.66 -5.63
C THR A 51 -1.02 7.40 -4.35
N TYR A 52 -0.68 6.64 -3.30
CA TYR A 52 -0.29 7.25 -2.03
C TYR A 52 1.11 6.81 -1.68
N ARG A 53 1.86 7.68 -1.02
CA ARG A 53 3.23 7.37 -0.67
C ARG A 53 3.29 6.40 0.52
N VAL A 54 3.48 5.12 0.23
CA VAL A 54 3.61 4.11 1.27
C VAL A 54 4.92 4.31 2.02
N ASP A 55 4.78 4.75 3.27
CA ASP A 55 5.90 5.01 4.14
C ASP A 55 6.04 3.90 5.16
N ASP A 56 5.03 3.07 5.23
CA ASP A 56 4.99 1.95 6.16
C ASP A 56 4.07 0.85 5.66
N ILE A 57 4.53 -0.38 5.69
CA ILE A 57 3.70 -1.51 5.31
C ILE A 57 3.13 -2.11 6.59
N ASP A 58 1.85 -1.93 6.79
CA ASP A 58 1.20 -2.44 7.99
C ASP A 58 1.22 -3.96 8.01
N TRP A 59 2.30 -4.52 8.54
CA TRP A 59 2.46 -5.98 8.61
C TRP A 59 1.68 -6.55 9.79
N ASP A 60 0.41 -6.17 9.92
CA ASP A 60 -0.41 -6.66 11.03
C ASP A 60 -1.85 -6.91 10.61
N GLN A 61 -2.45 -5.97 9.90
CA GLN A 61 -3.85 -6.10 9.48
C GLN A 61 -3.99 -6.90 8.20
N ASN A 62 -5.19 -6.85 7.64
CA ASN A 62 -5.53 -7.56 6.41
C ASN A 62 -6.66 -6.83 5.70
N PRO A 63 -6.95 -7.17 4.42
CA PRO A 63 -8.02 -6.53 3.66
C PRO A 63 -9.40 -6.82 4.25
N LYS A 64 -9.43 -7.43 5.42
CA LYS A 64 -10.67 -7.74 6.09
C LYS A 64 -11.00 -6.71 7.16
N SER A 65 -9.94 -6.14 7.74
CA SER A 65 -10.09 -5.10 8.76
C SER A 65 -11.29 -4.22 8.45
N THR A 66 -11.90 -3.64 9.48
CA THR A 66 -13.08 -2.81 9.28
C THR A 66 -12.91 -1.38 9.77
N PHE A 67 -13.80 -0.53 9.26
CA PHE A 67 -13.86 0.88 9.63
C PHE A 67 -15.25 1.42 9.34
N LYS A 68 -15.64 2.47 10.04
CA LYS A 68 -16.97 3.04 9.85
C LYS A 68 -17.10 3.79 8.53
N LYS A 69 -18.33 4.00 8.12
CA LYS A 69 -18.65 4.69 6.88
C LYS A 69 -19.11 6.10 7.16
N ALA A 70 -18.18 6.99 7.50
CA ALA A 70 -18.52 8.37 7.79
C ALA A 70 -19.49 8.45 8.95
N ASP A 71 -20.77 8.18 8.65
CA ASP A 71 -21.81 8.20 9.67
C ASP A 71 -21.56 7.10 10.70
N GLY A 72 -20.87 6.04 10.29
CA GLY A 72 -20.58 4.96 11.22
C GLY A 72 -20.90 3.58 10.68
N SER A 73 -21.12 3.44 9.38
CA SER A 73 -21.40 2.10 8.85
C SER A 73 -20.09 1.36 8.81
N GLU A 74 -19.96 0.32 9.62
CA GLU A 74 -18.72 -0.39 9.65
C GLU A 74 -18.60 -1.38 8.51
N VAL A 75 -17.76 -1.04 7.54
CA VAL A 75 -17.49 -1.91 6.41
C VAL A 75 -16.01 -2.25 6.38
N SER A 76 -15.69 -3.44 5.93
CA SER A 76 -14.31 -3.89 5.85
C SER A 76 -13.67 -3.42 4.57
N PHE A 77 -12.34 -3.34 4.55
CA PHE A 77 -11.64 -2.92 3.35
C PHE A 77 -12.24 -3.63 2.16
N LEU A 78 -12.13 -4.95 2.20
CA LEU A 78 -12.66 -5.81 1.17
C LEU A 78 -14.04 -5.35 0.75
N GLU A 79 -14.86 -5.05 1.75
CA GLU A 79 -16.21 -4.59 1.52
C GLU A 79 -16.21 -3.22 0.86
N TYR A 80 -15.78 -2.20 1.59
CA TYR A 80 -15.72 -0.84 1.05
C TYR A 80 -15.27 -0.84 -0.41
N TYR A 81 -14.33 -1.71 -0.73
CA TYR A 81 -13.78 -1.77 -2.07
C TYR A 81 -14.62 -2.58 -3.05
N ARG A 82 -15.28 -3.64 -2.56
CA ARG A 82 -16.10 -4.50 -3.41
C ARG A 82 -17.52 -3.97 -3.59
N LYS A 83 -18.06 -3.37 -2.55
CA LYS A 83 -19.41 -2.84 -2.59
C LYS A 83 -19.43 -1.46 -3.21
N GLN A 84 -18.44 -0.64 -2.87
CA GLN A 84 -18.38 0.70 -3.39
C GLN A 84 -17.76 0.75 -4.80
N TYR A 85 -16.75 -0.09 -5.05
CA TYR A 85 -16.08 -0.07 -6.36
C TYR A 85 -15.95 -1.46 -6.97
N ASN A 86 -16.54 -2.46 -6.33
CA ASN A 86 -16.46 -3.84 -6.82
C ASN A 86 -15.01 -4.21 -7.12
N GLN A 87 -14.16 -3.99 -6.11
CA GLN A 87 -12.76 -4.28 -6.24
C GLN A 87 -12.38 -5.43 -5.31
N GLU A 88 -12.84 -6.62 -5.65
CA GLU A 88 -12.57 -7.81 -4.87
C GLU A 88 -11.09 -7.96 -4.58
N ILE A 89 -10.79 -8.24 -3.33
CA ILE A 89 -9.43 -8.42 -2.86
C ILE A 89 -8.96 -9.85 -3.11
N THR A 90 -9.79 -10.79 -2.69
CA THR A 90 -9.56 -12.23 -2.86
C THR A 90 -8.52 -12.78 -1.88
N ASP A 91 -7.31 -12.26 -1.93
CA ASP A 91 -6.26 -12.74 -1.04
C ASP A 91 -6.71 -12.59 0.39
N LEU A 92 -7.08 -11.37 0.73
CA LEU A 92 -7.56 -11.05 2.04
C LEU A 92 -6.62 -11.52 3.14
N LYS A 93 -5.49 -12.12 2.77
CA LYS A 93 -4.56 -12.60 3.76
C LYS A 93 -3.16 -11.98 3.65
N GLN A 94 -3.11 -10.72 3.28
CA GLN A 94 -1.85 -10.00 3.20
C GLN A 94 -1.87 -8.88 4.22
N PRO A 95 -0.80 -8.08 4.37
CA PRO A 95 -0.82 -7.00 5.32
C PRO A 95 -1.54 -5.81 4.74
N VAL A 96 -1.19 -4.64 5.22
CA VAL A 96 -1.77 -3.41 4.73
C VAL A 96 -0.66 -2.45 4.37
N LEU A 97 -1.02 -1.40 3.68
CA LEU A 97 -0.05 -0.40 3.28
C LEU A 97 -0.36 0.94 3.92
N VAL A 98 0.24 1.22 5.06
CA VAL A 98 0.01 2.48 5.72
C VAL A 98 0.81 3.58 5.04
N SER A 99 0.13 4.35 4.21
CA SER A 99 0.75 5.46 3.50
C SER A 99 0.77 6.67 4.43
N GLN A 100 1.94 7.31 4.58
CA GLN A 100 2.05 8.46 5.46
C GLN A 100 2.97 9.54 4.91
N PRO A 101 2.44 10.76 4.73
CA PRO A 101 3.19 11.91 4.22
C PRO A 101 3.72 12.78 5.36
N LYS A 102 3.90 14.07 5.06
CA LYS A 102 4.39 15.02 6.05
C LYS A 102 3.25 15.76 6.76
N ARG A 103 2.45 16.49 5.98
CA ARG A 103 1.32 17.28 6.49
C ARG A 103 1.46 17.68 7.96
N ARG A 104 1.92 18.91 8.17
CA ARG A 104 2.11 19.46 9.52
C ARG A 104 1.89 20.96 9.53
N ARG A 105 2.21 21.59 10.65
CA ARG A 105 2.06 23.03 10.81
C ARG A 105 3.43 23.67 11.05
N GLY A 106 4.45 23.02 10.52
CA GLY A 106 5.82 23.50 10.67
C GLY A 106 6.08 24.83 10.00
N PRO A 107 6.85 24.81 8.90
CA PRO A 107 7.22 26.00 8.15
C PRO A 107 6.20 26.34 7.06
N GLY A 108 6.25 25.58 5.97
CA GLY A 108 5.33 25.80 4.88
C GLY A 108 4.98 24.55 4.11
N GLY A 109 5.97 23.69 3.88
CA GLY A 109 5.72 22.44 3.16
C GLY A 109 4.76 21.54 3.90
N THR A 110 5.22 20.34 4.18
CA THR A 110 4.41 19.33 4.85
C THR A 110 3.11 19.16 4.09
N LEU A 111 2.86 17.97 3.62
CA LEU A 111 1.68 17.76 2.79
C LEU A 111 0.99 16.41 3.00
N PRO A 112 -0.23 16.25 2.45
CA PRO A 112 -1.01 15.01 2.59
C PRO A 112 -0.50 13.85 1.76
N GLY A 113 -1.36 12.83 1.65
CA GLY A 113 -1.01 11.64 0.89
C GLY A 113 -1.08 10.31 1.68
N PRO A 114 -1.75 10.22 2.86
CA PRO A 114 -1.83 8.96 3.60
C PRO A 114 -3.06 8.16 3.26
N ALA A 115 -2.99 6.84 3.48
CA ALA A 115 -4.11 5.98 3.16
C ALA A 115 -3.91 4.53 3.62
N MET A 116 -4.96 3.95 4.21
CA MET A 116 -4.92 2.55 4.60
C MET A 116 -5.27 1.74 3.35
N LEU A 117 -4.24 1.26 2.67
CA LEU A 117 -4.41 0.57 1.41
C LEU A 117 -4.43 -0.94 1.51
N ILE A 118 -4.90 -1.55 0.42
CA ILE A 118 -4.93 -2.99 0.28
C ILE A 118 -3.81 -3.39 -0.67
N PRO A 119 -2.69 -3.94 -0.16
CA PRO A 119 -1.61 -4.40 -1.01
C PRO A 119 -2.09 -5.19 -2.22
N GLU A 120 -3.21 -5.93 -2.09
CA GLU A 120 -3.75 -6.74 -3.20
C GLU A 120 -4.36 -5.88 -4.30
N LEU A 121 -4.43 -4.58 -4.09
CA LEU A 121 -5.00 -3.69 -5.07
C LEU A 121 -4.08 -2.51 -5.37
N CYS A 122 -2.92 -2.48 -4.75
CA CYS A 122 -2.01 -1.35 -4.93
C CYS A 122 -0.91 -1.60 -5.96
N TYR A 123 -1.06 -1.00 -7.14
CA TYR A 123 -0.06 -1.13 -8.20
C TYR A 123 1.24 -0.48 -7.79
N LEU A 124 2.29 -1.29 -7.71
CA LEU A 124 3.59 -0.79 -7.32
C LEU A 124 4.04 0.30 -8.28
N THR A 125 4.43 1.43 -7.73
CA THR A 125 4.87 2.56 -8.54
C THR A 125 6.38 2.76 -8.44
N GLY A 126 6.75 4.01 -8.55
CA GLY A 126 8.13 4.44 -8.49
C GLY A 126 8.13 5.94 -8.30
N LEU A 127 6.92 6.41 -8.04
CA LEU A 127 6.64 7.81 -7.82
C LEU A 127 7.47 8.40 -6.69
N THR A 128 7.39 7.76 -5.53
CA THR A 128 8.11 8.20 -4.35
C THR A 128 7.85 9.69 -4.10
N ASP A 129 6.67 10.12 -4.53
CA ASP A 129 6.23 11.50 -4.40
C ASP A 129 6.37 11.99 -2.97
N LYS A 130 7.22 12.98 -2.78
CA LYS A 130 7.46 13.57 -1.48
C LYS A 130 6.63 14.82 -1.26
N MET A 131 6.38 15.52 -2.35
CA MET A 131 5.61 16.76 -2.32
C MET A 131 6.36 17.83 -1.52
N ARG A 132 5.76 19.01 -1.36
CA ARG A 132 6.40 20.09 -0.63
C ARG A 132 7.76 20.45 -1.21
N ASN A 133 8.20 21.67 -0.94
CA ASN A 133 9.48 22.14 -1.43
C ASN A 133 10.61 21.63 -0.55
N ASP A 134 10.79 20.32 -0.52
CA ASP A 134 11.83 19.68 0.27
C ASP A 134 13.20 20.25 -0.07
N CYS A 1 13.95 -16.54 -12.25
CA CYS A 1 12.62 -16.84 -11.67
C CYS A 1 12.39 -16.04 -10.39
N THR A 2 13.47 -15.64 -9.74
CA THR A 2 13.40 -14.87 -8.52
C THR A 2 14.13 -13.53 -8.65
N ASP A 3 13.58 -12.64 -9.47
CA ASP A 3 14.18 -11.33 -9.69
C ASP A 3 13.77 -10.35 -8.59
N VAL A 4 14.71 -9.48 -8.22
CA VAL A 4 14.47 -8.49 -7.18
C VAL A 4 14.67 -7.07 -7.71
N SER A 5 14.62 -6.08 -6.81
CA SER A 5 14.79 -4.69 -7.18
C SER A 5 13.91 -4.31 -8.36
N HIS A 6 12.61 -4.20 -8.11
CA HIS A 6 11.65 -3.84 -9.15
C HIS A 6 11.60 -2.32 -9.33
N LYS A 7 11.61 -1.87 -10.57
CA LYS A 7 11.56 -0.45 -10.87
C LYS A 7 10.26 -0.06 -11.55
N VAL A 8 9.52 0.80 -10.87
CA VAL A 8 8.25 1.33 -11.37
C VAL A 8 7.56 0.37 -12.35
N LEU A 9 6.85 -0.60 -11.81
CA LEU A 9 6.12 -1.56 -12.64
C LEU A 9 4.72 -1.06 -12.96
N ARG A 10 4.22 -1.39 -14.15
CA ARG A 10 2.90 -0.97 -14.56
C ARG A 10 1.82 -1.48 -13.60
N SER A 11 1.27 -2.66 -13.88
CA SER A 11 0.25 -3.25 -13.04
C SER A 11 0.86 -3.95 -11.84
N GLU A 12 0.13 -4.94 -11.32
CA GLU A 12 0.57 -5.71 -10.18
C GLU A 12 0.43 -4.95 -8.88
N THR A 13 -0.30 -5.55 -7.95
CA THR A 13 -0.50 -4.96 -6.65
C THR A 13 0.67 -5.34 -5.73
N VAL A 14 0.95 -4.49 -4.74
CA VAL A 14 2.07 -4.71 -3.85
C VAL A 14 1.94 -5.99 -3.05
N LEU A 15 0.77 -6.62 -3.11
CA LEU A 15 0.57 -7.87 -2.42
C LEU A 15 1.23 -8.96 -3.24
N ASP A 16 1.04 -8.87 -4.55
CA ASP A 16 1.63 -9.80 -5.49
C ASP A 16 3.12 -9.56 -5.49
N PHE A 17 3.47 -8.31 -5.22
CA PHE A 17 4.86 -7.88 -5.15
C PHE A 17 5.49 -8.47 -3.90
N MET A 18 5.03 -7.97 -2.75
CA MET A 18 5.52 -8.44 -1.47
C MET A 18 5.34 -9.96 -1.36
N PHE A 19 4.58 -10.53 -2.30
CA PHE A 19 4.34 -11.97 -2.35
C PHE A 19 5.59 -12.69 -2.82
N ASN A 20 6.05 -12.31 -4.01
CA ASN A 20 7.24 -12.89 -4.57
C ASN A 20 8.40 -12.65 -3.62
N PHE A 21 8.26 -11.58 -2.83
CA PHE A 21 9.25 -11.22 -1.83
C PHE A 21 9.16 -12.16 -0.65
N TYR A 22 7.99 -12.76 -0.48
CA TYR A 22 7.76 -13.71 0.60
C TYR A 22 8.52 -15.00 0.36
N HIS A 23 8.50 -15.47 -0.88
CA HIS A 23 9.16 -16.72 -1.25
C HIS A 23 10.70 -16.63 -1.21
N GLN A 24 11.24 -15.41 -1.28
CA GLN A 24 12.69 -15.23 -1.26
C GLN A 24 13.25 -15.11 0.16
N THR A 25 13.56 -13.88 0.56
CA THR A 25 14.11 -13.55 1.88
C THR A 25 13.51 -14.36 3.02
N GLU A 26 14.23 -14.39 4.15
CA GLU A 26 13.80 -15.12 5.35
C GLU A 26 12.49 -14.54 5.88
N GLU A 27 12.22 -14.73 7.17
CA GLU A 27 11.01 -14.20 7.79
C GLU A 27 11.27 -12.78 8.28
N HIS A 28 12.12 -12.68 9.29
CA HIS A 28 12.52 -11.41 9.87
C HIS A 28 13.04 -10.47 8.79
N LYS A 29 14.00 -10.96 8.02
CA LYS A 29 14.61 -10.21 6.95
C LYS A 29 13.56 -9.79 5.96
N PHE A 30 12.70 -10.73 5.60
CA PHE A 30 11.64 -10.47 4.65
C PHE A 30 11.01 -9.12 4.91
N GLN A 31 10.18 -9.09 5.92
CA GLN A 31 9.47 -7.89 6.30
C GLN A 31 10.36 -6.65 6.28
N GLU A 32 11.59 -6.79 6.74
CA GLU A 32 12.53 -5.68 6.78
C GLU A 32 12.74 -5.08 5.38
N GLN A 33 13.12 -5.92 4.42
CA GLN A 33 13.38 -5.46 3.05
C GLN A 33 12.11 -5.04 2.34
N VAL A 34 11.17 -5.98 2.18
CA VAL A 34 9.91 -5.67 1.50
C VAL A 34 9.53 -4.26 1.77
N SER A 35 9.27 -3.95 3.03
CA SER A 35 8.91 -2.62 3.40
C SER A 35 9.88 -1.65 2.74
N LYS A 36 11.17 -1.78 3.02
CA LYS A 36 12.15 -0.88 2.44
C LYS A 36 11.85 -0.64 0.95
N GLU A 37 11.28 -1.66 0.32
CA GLU A 37 10.92 -1.60 -1.10
C GLU A 37 9.71 -0.70 -1.35
N LEU A 38 8.71 -0.76 -0.46
CA LEU A 38 7.50 0.05 -0.59
C LEU A 38 7.56 1.32 0.27
N ILE A 39 8.22 1.22 1.41
CA ILE A 39 8.41 2.36 2.31
C ILE A 39 9.00 3.55 1.53
N GLY A 40 8.56 4.76 1.85
CA GLY A 40 9.07 5.93 1.16
C GLY A 40 8.70 5.91 -0.32
N LEU A 41 8.11 4.80 -0.73
CA LEU A 41 7.67 4.58 -2.11
C LEU A 41 6.17 4.76 -2.10
N VAL A 42 5.52 4.73 -3.26
CA VAL A 42 4.07 4.91 -3.27
C VAL A 42 3.36 3.77 -4.05
N VAL A 43 2.07 3.60 -3.78
CA VAL A 43 1.29 2.56 -4.43
C VAL A 43 0.05 3.15 -5.12
N LEU A 44 -0.41 2.47 -6.17
CA LEU A 44 -1.58 2.89 -6.94
C LEU A 44 -2.80 2.10 -6.50
N THR A 45 -3.83 2.77 -6.02
CA THR A 45 -5.03 2.05 -5.61
C THR A 45 -5.84 1.68 -6.84
N LYS A 46 -5.82 0.39 -7.16
CA LYS A 46 -6.53 -0.13 -8.33
C LYS A 46 -8.01 0.22 -8.30
N TYR A 47 -8.59 0.34 -7.10
CA TYR A 47 -10.02 0.67 -7.00
C TYR A 47 -10.30 2.11 -7.37
N ASN A 48 -9.54 3.03 -6.77
CA ASN A 48 -9.74 4.45 -7.02
C ASN A 48 -8.52 5.05 -7.72
N ASN A 49 -7.84 4.23 -8.52
CA ASN A 49 -6.64 4.64 -9.26
C ASN A 49 -5.95 5.82 -8.61
N LYS A 50 -5.60 5.67 -7.34
CA LYS A 50 -4.95 6.76 -6.61
C LYS A 50 -3.64 6.31 -6.00
N THR A 51 -2.58 7.06 -6.27
CA THR A 51 -1.29 6.70 -5.74
C THR A 51 -0.98 7.45 -4.44
N TYR A 52 -0.74 6.67 -3.38
CA TYR A 52 -0.39 7.23 -2.08
C TYR A 52 1.01 6.80 -1.71
N ARG A 53 1.70 7.63 -0.96
CA ARG A 53 3.07 7.33 -0.58
C ARG A 53 3.15 6.36 0.61
N VAL A 54 3.36 5.08 0.30
CA VAL A 54 3.51 4.06 1.33
C VAL A 54 4.84 4.26 2.04
N ASP A 55 4.73 4.62 3.31
CA ASP A 55 5.89 4.87 4.15
C ASP A 55 6.00 3.83 5.24
N ASP A 56 4.96 3.02 5.35
CA ASP A 56 4.92 1.97 6.35
C ASP A 56 3.98 0.88 5.92
N ILE A 57 4.47 -0.35 5.81
CA ILE A 57 3.61 -1.47 5.48
C ILE A 57 3.00 -1.98 6.77
N ASP A 58 1.69 -1.89 6.90
CA ASP A 58 1.03 -2.35 8.10
C ASP A 58 1.07 -3.88 8.17
N TRP A 59 2.17 -4.39 8.73
CA TRP A 59 2.37 -5.83 8.85
C TRP A 59 1.60 -6.39 10.05
N ASP A 60 0.37 -5.91 10.25
CA ASP A 60 -0.44 -6.37 11.37
C ASP A 60 -1.87 -6.66 10.94
N GLN A 61 -2.52 -5.68 10.32
CA GLN A 61 -3.91 -5.84 9.87
C GLN A 61 -3.98 -6.52 8.51
N ASN A 62 -5.14 -7.13 8.24
CA ASN A 62 -5.39 -7.81 6.98
C ASN A 62 -6.42 -7.02 6.17
N PRO A 63 -6.66 -7.39 4.89
CA PRO A 63 -7.63 -6.68 4.05
C PRO A 63 -9.07 -6.88 4.55
N LYS A 64 -9.19 -7.47 5.73
CA LYS A 64 -10.49 -7.72 6.31
C LYS A 64 -10.85 -6.65 7.32
N SER A 65 -9.83 -6.00 7.89
CA SER A 65 -10.05 -4.92 8.85
C SER A 65 -11.30 -4.13 8.49
N THR A 66 -12.04 -3.67 9.50
CA THR A 66 -13.26 -2.93 9.25
C THR A 66 -13.21 -1.47 9.68
N PHE A 67 -14.24 -0.75 9.26
CA PHE A 67 -14.40 0.67 9.54
C PHE A 67 -15.78 1.12 9.09
N LYS A 68 -16.32 2.13 9.73
CA LYS A 68 -17.66 2.60 9.40
C LYS A 68 -17.63 3.68 8.30
N LYS A 69 -18.77 3.88 7.62
CA LYS A 69 -18.84 4.87 6.54
C LYS A 69 -18.92 6.28 7.10
N ALA A 70 -20.12 6.64 7.53
CA ALA A 70 -20.40 7.96 8.06
C ALA A 70 -21.47 7.87 9.13
N ASP A 71 -22.55 7.19 8.80
CA ASP A 71 -23.66 7.00 9.71
C ASP A 71 -23.30 5.95 10.74
N GLY A 72 -22.32 5.10 10.40
CA GLY A 72 -21.89 4.07 11.31
C GLY A 72 -21.88 2.70 10.67
N SER A 73 -22.10 2.62 9.36
CA SER A 73 -22.07 1.33 8.69
C SER A 73 -20.63 0.88 8.61
N GLU A 74 -20.29 -0.20 9.29
CA GLU A 74 -18.94 -0.65 9.29
C GLU A 74 -18.69 -1.77 8.29
N VAL A 75 -18.00 -1.43 7.21
CA VAL A 75 -17.63 -2.38 6.18
C VAL A 75 -16.11 -2.56 6.19
N SER A 76 -15.66 -3.75 5.82
CA SER A 76 -14.24 -4.05 5.80
C SER A 76 -13.61 -3.62 4.49
N PHE A 77 -12.28 -3.44 4.50
CA PHE A 77 -11.58 -3.05 3.28
C PHE A 77 -12.18 -3.82 2.11
N LEU A 78 -12.03 -5.13 2.18
CA LEU A 78 -12.55 -6.04 1.17
C LEU A 78 -13.94 -5.59 0.71
N GLU A 79 -14.80 -5.32 1.69
CA GLU A 79 -16.15 -4.88 1.42
C GLU A 79 -16.16 -3.49 0.79
N TYR A 80 -15.75 -2.48 1.55
CA TYR A 80 -15.72 -1.11 1.05
C TYR A 80 -15.23 -1.05 -0.39
N TYR A 81 -14.25 -1.87 -0.70
CA TYR A 81 -13.65 -1.87 -2.02
C TYR A 81 -14.46 -2.68 -3.04
N ARG A 82 -15.08 -3.78 -2.60
CA ARG A 82 -15.87 -4.63 -3.50
C ARG A 82 -17.29 -4.12 -3.73
N LYS A 83 -17.90 -3.60 -2.69
CA LYS A 83 -19.25 -3.09 -2.77
C LYS A 83 -19.27 -1.71 -3.40
N GLN A 84 -18.30 -0.89 -3.04
CA GLN A 84 -18.23 0.46 -3.57
C GLN A 84 -17.59 0.52 -4.95
N TYR A 85 -16.38 -0.02 -5.09
CA TYR A 85 -15.66 0.01 -6.38
C TYR A 85 -15.50 -1.39 -7.00
N ASN A 86 -16.08 -2.40 -6.36
CA ASN A 86 -15.96 -3.78 -6.85
C ASN A 86 -14.51 -4.17 -7.02
N GLN A 87 -13.77 -4.12 -5.91
CA GLN A 87 -12.36 -4.47 -5.91
C GLN A 87 -12.10 -5.64 -4.98
N GLU A 88 -12.52 -6.84 -5.39
CA GLU A 88 -12.31 -8.02 -4.58
C GLU A 88 -10.82 -8.18 -4.26
N ILE A 89 -10.52 -8.17 -2.98
CA ILE A 89 -9.15 -8.32 -2.52
C ILE A 89 -8.60 -9.70 -2.84
N THR A 90 -9.36 -10.72 -2.47
CA THR A 90 -9.01 -12.12 -2.69
C THR A 90 -7.94 -12.59 -1.71
N ASP A 91 -6.79 -11.94 -1.72
CA ASP A 91 -5.72 -12.30 -0.80
C ASP A 91 -5.98 -11.60 0.52
N LEU A 92 -7.11 -11.96 1.09
CA LEU A 92 -7.59 -11.41 2.32
C LEU A 92 -6.73 -11.79 3.53
N LYS A 93 -5.49 -12.18 3.31
CA LYS A 93 -4.63 -12.54 4.43
C LYS A 93 -3.22 -11.94 4.35
N GLN A 94 -3.07 -10.79 3.71
CA GLN A 94 -1.77 -10.14 3.67
C GLN A 94 -1.83 -8.89 4.53
N PRO A 95 -0.76 -8.05 4.61
CA PRO A 95 -0.83 -6.87 5.46
C PRO A 95 -1.54 -5.73 4.78
N VAL A 96 -1.22 -4.53 5.22
CA VAL A 96 -1.82 -3.33 4.66
C VAL A 96 -0.69 -2.35 4.34
N LEU A 97 -1.05 -1.20 3.85
CA LEU A 97 -0.08 -0.20 3.48
C LEU A 97 -0.39 1.15 4.07
N VAL A 98 0.20 1.49 5.20
CA VAL A 98 -0.06 2.79 5.76
C VAL A 98 0.75 3.82 5.00
N SER A 99 0.06 4.53 4.11
CA SER A 99 0.68 5.56 3.31
C SER A 99 0.79 6.85 4.10
N GLN A 100 1.99 7.16 4.56
CA GLN A 100 2.22 8.36 5.34
C GLN A 100 3.60 8.91 5.04
N PRO A 101 3.68 9.85 4.10
CA PRO A 101 4.94 10.47 3.69
C PRO A 101 5.36 11.61 4.57
N LYS A 102 4.42 11.98 5.37
CA LYS A 102 4.58 13.07 6.34
C LYS A 102 5.75 12.82 7.29
N ARG A 103 6.97 13.03 6.80
CA ARG A 103 8.16 12.82 7.60
C ARG A 103 9.10 14.02 7.52
N ARG A 104 8.65 15.09 6.86
CA ARG A 104 9.47 16.30 6.70
C ARG A 104 9.85 16.91 8.05
N ARG A 105 10.53 18.05 7.97
CA ARG A 105 10.98 18.78 9.14
C ARG A 105 11.78 20.01 8.70
N GLY A 106 11.65 20.36 7.43
CA GLY A 106 12.37 21.50 6.89
C GLY A 106 11.59 22.27 5.84
N PRO A 107 11.92 22.04 4.56
CA PRO A 107 11.30 22.69 3.42
C PRO A 107 10.13 21.88 2.88
N GLY A 108 9.10 21.75 3.70
CA GLY A 108 7.95 21.00 3.29
C GLY A 108 6.67 21.51 3.93
N GLY A 109 5.66 21.79 3.11
CA GLY A 109 4.40 22.26 3.64
C GLY A 109 3.19 21.46 3.20
N THR A 110 2.48 20.94 4.20
CA THR A 110 1.30 20.09 4.01
C THR A 110 1.57 18.98 3.01
N LEU A 111 1.65 17.77 3.50
CA LEU A 111 1.97 16.63 2.66
C LEU A 111 0.71 15.97 2.09
N PRO A 112 0.84 15.31 0.93
CA PRO A 112 -0.24 14.64 0.25
C PRO A 112 -0.13 13.11 0.22
N GLY A 113 -1.13 12.51 -0.41
CA GLY A 113 -1.19 11.07 -0.62
C GLY A 113 -1.12 10.16 0.59
N PRO A 114 -1.79 10.46 1.72
CA PRO A 114 -1.80 9.55 2.88
C PRO A 114 -3.01 8.62 2.84
N ALA A 115 -2.82 7.33 3.14
CA ALA A 115 -3.94 6.39 3.06
C ALA A 115 -3.62 4.95 3.51
N MET A 116 -4.57 4.31 4.19
CA MET A 116 -4.42 2.90 4.54
C MET A 116 -4.77 2.14 3.28
N LEU A 117 -3.91 1.24 2.82
CA LEU A 117 -4.16 0.60 1.53
C LEU A 117 -4.01 -0.91 1.49
N ILE A 118 -4.90 -1.56 0.71
CA ILE A 118 -4.83 -2.99 0.52
C ILE A 118 -3.70 -3.28 -0.45
N PRO A 119 -2.74 -4.14 -0.08
CA PRO A 119 -1.63 -4.46 -0.96
C PRO A 119 -2.11 -5.23 -2.19
N GLU A 120 -3.18 -6.03 -2.04
CA GLU A 120 -3.72 -6.80 -3.16
C GLU A 120 -4.38 -5.91 -4.21
N LEU A 121 -4.41 -4.61 -3.96
CA LEU A 121 -5.03 -3.70 -4.92
C LEU A 121 -4.13 -2.52 -5.26
N CYS A 122 -2.95 -2.47 -4.67
CA CYS A 122 -2.06 -1.33 -4.90
C CYS A 122 -0.95 -1.56 -5.93
N TYR A 123 -1.15 -1.04 -7.13
CA TYR A 123 -0.16 -1.14 -8.20
C TYR A 123 1.14 -0.48 -7.81
N LEU A 124 2.20 -1.26 -7.74
CA LEU A 124 3.51 -0.76 -7.36
C LEU A 124 3.96 0.36 -8.31
N THR A 125 4.40 1.46 -7.74
CA THR A 125 4.86 2.60 -8.53
C THR A 125 6.38 2.78 -8.43
N GLY A 126 6.77 4.04 -8.43
CA GLY A 126 8.16 4.44 -8.36
C GLY A 126 8.20 5.93 -8.15
N LEU A 127 7.02 6.44 -7.87
CA LEU A 127 6.77 7.85 -7.66
C LEU A 127 7.62 8.42 -6.52
N THR A 128 7.46 7.84 -5.34
CA THR A 128 8.18 8.27 -4.15
C THR A 128 7.94 9.75 -3.90
N ASP A 129 6.77 10.20 -4.33
CA ASP A 129 6.36 11.59 -4.20
C ASP A 129 6.40 12.08 -2.77
N LYS A 130 7.14 13.16 -2.57
CA LYS A 130 7.28 13.78 -1.25
C LYS A 130 6.48 15.07 -1.17
N MET A 131 6.54 15.87 -2.22
CA MET A 131 5.84 17.15 -2.28
C MET A 131 6.13 18.00 -1.04
N ARG A 132 5.16 18.86 -0.70
CA ARG A 132 5.25 19.75 0.44
C ARG A 132 6.24 20.88 0.18
N ASN A 133 5.76 22.11 0.29
CA ASN A 133 6.56 23.29 0.04
C ASN A 133 7.24 23.15 -1.31
N ASP A 134 6.69 22.24 -2.08
CA ASP A 134 7.19 21.95 -3.42
C ASP A 134 7.18 23.21 -4.29
N CYS A 1 21.14 -4.25 -10.80
CA CYS A 1 20.18 -4.57 -11.89
C CYS A 1 19.54 -5.93 -11.67
N THR A 2 20.30 -6.85 -11.07
CA THR A 2 19.80 -8.20 -10.80
C THR A 2 19.27 -8.31 -9.37
N ASP A 3 19.07 -7.17 -8.72
CA ASP A 3 18.56 -7.14 -7.36
C ASP A 3 17.08 -7.52 -7.32
N VAL A 4 16.59 -7.82 -6.12
CA VAL A 4 15.20 -8.21 -5.94
C VAL A 4 14.31 -6.99 -5.77
N SER A 5 14.78 -5.86 -6.26
CA SER A 5 14.04 -4.61 -6.16
C SER A 5 13.42 -4.24 -7.51
N HIS A 6 12.11 -4.47 -7.62
CA HIS A 6 11.38 -4.16 -8.84
C HIS A 6 11.37 -2.66 -9.10
N LYS A 7 11.60 -2.27 -10.35
CA LYS A 7 11.62 -0.87 -10.74
C LYS A 7 10.44 -0.53 -11.62
N VAL A 8 9.61 0.37 -11.12
CA VAL A 8 8.44 0.85 -11.82
C VAL A 8 7.90 -0.16 -12.84
N LEU A 9 7.08 -1.09 -12.35
CA LEU A 9 6.48 -2.10 -13.20
C LEU A 9 5.22 -1.56 -13.87
N ARG A 10 4.73 -2.29 -14.87
CA ARG A 10 3.52 -1.88 -15.58
C ARG A 10 2.31 -1.98 -14.67
N SER A 11 1.92 -3.20 -14.33
CA SER A 11 0.77 -3.43 -13.47
C SER A 11 1.05 -4.59 -12.51
N GLU A 12 0.78 -4.36 -11.22
CA GLU A 12 1.01 -5.36 -10.19
C GLU A 12 0.75 -4.77 -8.82
N THR A 13 -0.05 -5.47 -8.02
CA THR A 13 -0.34 -5.02 -6.67
C THR A 13 0.81 -5.32 -5.74
N VAL A 14 1.01 -4.48 -4.73
CA VAL A 14 2.12 -4.63 -3.80
C VAL A 14 2.00 -5.92 -3.01
N LEU A 15 0.85 -6.56 -3.10
CA LEU A 15 0.65 -7.82 -2.44
C LEU A 15 1.30 -8.88 -3.28
N ASP A 16 1.13 -8.73 -4.60
CA ASP A 16 1.72 -9.62 -5.56
C ASP A 16 3.21 -9.39 -5.53
N PHE A 17 3.56 -8.15 -5.21
CA PHE A 17 4.95 -7.73 -5.12
C PHE A 17 5.56 -8.33 -3.85
N MET A 18 5.08 -7.87 -2.72
CA MET A 18 5.54 -8.36 -1.43
C MET A 18 5.38 -9.89 -1.35
N PHE A 19 4.63 -10.44 -2.32
CA PHE A 19 4.42 -11.89 -2.41
C PHE A 19 5.70 -12.58 -2.85
N ASN A 20 6.15 -12.20 -4.03
CA ASN A 20 7.38 -12.76 -4.56
C ASN A 20 8.47 -12.60 -3.53
N PHE A 21 8.47 -11.43 -2.91
CA PHE A 21 9.41 -11.10 -1.86
C PHE A 21 9.25 -12.04 -0.68
N TYR A 22 8.03 -12.56 -0.51
CA TYR A 22 7.76 -13.49 0.58
C TYR A 22 8.58 -14.76 0.44
N HIS A 23 8.60 -15.31 -0.76
CA HIS A 23 9.35 -16.54 -1.04
C HIS A 23 10.85 -16.40 -0.81
N GLN A 24 11.46 -15.39 -1.43
CA GLN A 24 12.91 -15.16 -1.32
C GLN A 24 13.40 -15.07 0.12
N THR A 25 13.63 -13.84 0.59
CA THR A 25 14.13 -13.55 1.93
C THR A 25 13.47 -14.40 3.03
N GLU A 26 14.14 -14.45 4.19
CA GLU A 26 13.66 -15.20 5.36
C GLU A 26 12.33 -14.64 5.86
N GLU A 27 12.03 -14.85 7.14
CA GLU A 27 10.80 -14.31 7.73
C GLU A 27 11.05 -12.90 8.26
N HIS A 28 11.88 -12.84 9.30
CA HIS A 28 12.27 -11.58 9.92
C HIS A 28 12.85 -10.63 8.87
N LYS A 29 13.85 -11.12 8.15
CA LYS A 29 14.50 -10.36 7.12
C LYS A 29 13.49 -9.87 6.11
N PHE A 30 12.64 -10.80 5.69
CA PHE A 30 11.61 -10.50 4.72
C PHE A 30 10.99 -9.15 5.00
N GLN A 31 10.11 -9.15 5.98
CA GLN A 31 9.39 -7.96 6.38
C GLN A 31 10.27 -6.71 6.39
N GLU A 32 11.49 -6.84 6.91
CA GLU A 32 12.42 -5.72 6.96
C GLU A 32 12.67 -5.12 5.58
N GLN A 33 13.12 -5.96 4.64
CA GLN A 33 13.41 -5.50 3.29
C GLN A 33 12.17 -5.06 2.53
N VAL A 34 11.22 -5.99 2.34
CA VAL A 34 10.00 -5.67 1.62
C VAL A 34 9.62 -4.25 1.87
N SER A 35 9.34 -3.94 3.12
CA SER A 35 8.99 -2.60 3.48
C SER A 35 9.97 -1.64 2.82
N LYS A 36 11.26 -1.76 3.14
CA LYS A 36 12.25 -0.87 2.55
C LYS A 36 11.97 -0.65 1.07
N GLU A 37 11.43 -1.68 0.43
CA GLU A 37 11.09 -1.63 -0.99
C GLU A 37 9.88 -0.74 -1.27
N LEU A 38 8.85 -0.83 -0.43
CA LEU A 38 7.63 -0.04 -0.59
C LEU A 38 7.69 1.26 0.20
N ILE A 39 8.36 1.22 1.34
CA ILE A 39 8.54 2.41 2.17
C ILE A 39 9.14 3.54 1.34
N GLY A 40 8.67 4.76 1.55
CA GLY A 40 9.19 5.89 0.79
C GLY A 40 8.82 5.79 -0.68
N LEU A 41 8.18 4.70 -1.03
CA LEU A 41 7.74 4.43 -2.40
C LEU A 41 6.24 4.70 -2.43
N VAL A 42 5.61 4.67 -3.59
CA VAL A 42 4.18 4.94 -3.66
C VAL A 42 3.44 3.85 -4.45
N VAL A 43 2.13 3.72 -4.21
CA VAL A 43 1.34 2.71 -4.87
C VAL A 43 0.15 3.31 -5.62
N LEU A 44 -0.67 2.44 -6.21
CA LEU A 44 -1.85 2.86 -6.98
C LEU A 44 -3.06 2.02 -6.56
N THR A 45 -4.14 2.66 -6.13
CA THR A 45 -5.32 1.91 -5.74
C THR A 45 -6.06 1.48 -6.99
N LYS A 46 -5.96 0.19 -7.29
CA LYS A 46 -6.54 -0.41 -8.48
C LYS A 46 -8.03 -0.16 -8.62
N TYR A 47 -8.78 -0.17 -7.51
CA TYR A 47 -10.23 0.01 -7.61
C TYR A 47 -10.62 1.44 -7.95
N ASN A 48 -9.94 2.41 -7.35
CA ASN A 48 -10.24 3.81 -7.62
C ASN A 48 -8.98 4.58 -8.04
N ASN A 49 -8.13 3.92 -8.83
CA ASN A 49 -6.87 4.48 -9.34
C ASN A 49 -6.38 5.67 -8.53
N LYS A 50 -5.77 5.40 -7.38
CA LYS A 50 -5.25 6.48 -6.53
C LYS A 50 -3.84 6.17 -6.04
N THR A 51 -2.92 7.07 -6.28
CA THR A 51 -1.55 6.85 -5.84
C THR A 51 -1.18 7.59 -4.56
N TYR A 52 -0.71 6.81 -3.59
CA TYR A 52 -0.27 7.36 -2.30
C TYR A 52 1.15 6.91 -2.02
N ARG A 53 1.85 7.65 -1.18
CA ARG A 53 3.23 7.30 -0.88
C ARG A 53 3.31 6.36 0.32
N VAL A 54 3.46 5.06 0.05
CA VAL A 54 3.60 4.07 1.12
C VAL A 54 4.91 4.29 1.85
N ASP A 55 4.79 4.72 3.11
CA ASP A 55 5.93 5.01 3.96
C ASP A 55 6.06 3.96 5.06
N ASP A 56 5.04 3.14 5.18
CA ASP A 56 5.02 2.10 6.19
C ASP A 56 4.07 0.98 5.78
N ILE A 57 4.54 -0.25 5.81
CA ILE A 57 3.67 -1.38 5.50
C ILE A 57 3.07 -1.89 6.80
N ASP A 58 1.76 -1.83 6.90
CA ASP A 58 1.10 -2.29 8.11
C ASP A 58 1.14 -3.80 8.19
N TRP A 59 2.23 -4.32 8.75
CA TRP A 59 2.42 -5.77 8.90
C TRP A 59 1.66 -6.29 10.11
N ASP A 60 0.43 -5.81 10.31
CA ASP A 60 -0.37 -6.23 11.45
C ASP A 60 -1.81 -6.55 11.04
N GLN A 61 -2.44 -5.67 10.29
CA GLN A 61 -3.83 -5.87 9.88
C GLN A 61 -3.93 -6.57 8.54
N ASN A 62 -5.08 -7.18 8.29
CA ASN A 62 -5.34 -7.89 7.05
C ASN A 62 -6.38 -7.11 6.23
N PRO A 63 -6.62 -7.50 4.96
CA PRO A 63 -7.59 -6.82 4.09
C PRO A 63 -9.03 -7.01 4.58
N LYS A 64 -9.16 -7.49 5.81
CA LYS A 64 -10.46 -7.74 6.40
C LYS A 64 -10.84 -6.63 7.38
N SER A 65 -9.85 -5.88 7.83
CA SER A 65 -10.09 -4.76 8.75
C SER A 65 -11.42 -4.08 8.43
N THR A 66 -12.09 -3.53 9.44
CA THR A 66 -13.37 -2.89 9.20
C THR A 66 -13.44 -1.43 9.63
N PHE A 67 -14.51 -0.78 9.19
CA PHE A 67 -14.80 0.62 9.50
C PHE A 67 -16.20 0.98 9.02
N LYS A 68 -16.68 2.17 9.38
CA LYS A 68 -18.01 2.58 8.96
C LYS A 68 -17.96 3.49 7.73
N LYS A 69 -19.03 3.49 6.94
CA LYS A 69 -19.10 4.32 5.74
C LYS A 69 -19.13 5.79 6.10
N ALA A 70 -20.29 6.23 6.56
CA ALA A 70 -20.53 7.60 6.94
C ALA A 70 -21.55 7.67 8.06
N ASP A 71 -22.64 6.92 7.87
CA ASP A 71 -23.70 6.87 8.84
C ASP A 71 -23.36 5.88 9.94
N GLY A 72 -22.50 4.91 9.60
CA GLY A 72 -22.10 3.94 10.59
C GLY A 72 -22.13 2.52 10.06
N SER A 73 -22.45 2.33 8.77
CA SER A 73 -22.46 0.98 8.23
C SER A 73 -21.04 0.47 8.25
N GLU A 74 -20.79 -0.57 9.02
CA GLU A 74 -19.46 -1.07 9.14
C GLU A 74 -19.16 -2.21 8.17
N VAL A 75 -18.35 -1.89 7.16
CA VAL A 75 -17.91 -2.87 6.19
C VAL A 75 -16.39 -2.95 6.20
N SER A 76 -15.87 -4.13 5.92
CA SER A 76 -14.44 -4.36 5.91
C SER A 76 -13.81 -3.89 4.61
N PHE A 77 -12.48 -3.83 4.57
CA PHE A 77 -11.80 -3.44 3.36
C PHE A 77 -12.37 -4.25 2.21
N LEU A 78 -12.16 -5.55 2.30
CA LEU A 78 -12.65 -6.51 1.32
C LEU A 78 -14.07 -6.16 0.90
N GLU A 79 -14.93 -6.03 1.90
CA GLU A 79 -16.32 -5.70 1.68
C GLU A 79 -16.46 -4.40 0.91
N TYR A 80 -16.18 -3.29 1.56
CA TYR A 80 -16.27 -1.97 0.94
C TYR A 80 -15.88 -2.03 -0.52
N TYR A 81 -14.68 -2.49 -0.77
CA TYR A 81 -14.10 -2.55 -2.10
C TYR A 81 -14.89 -3.46 -3.03
N ARG A 82 -15.44 -4.54 -2.49
CA ARG A 82 -16.18 -5.51 -3.29
C ARG A 82 -17.65 -5.13 -3.52
N LYS A 83 -18.26 -4.47 -2.57
CA LYS A 83 -19.66 -4.09 -2.68
C LYS A 83 -19.84 -2.79 -3.42
N GLN A 84 -19.03 -1.80 -3.08
CA GLN A 84 -19.12 -0.50 -3.74
C GLN A 84 -18.37 -0.48 -5.08
N TYR A 85 -17.20 -1.11 -5.11
CA TYR A 85 -16.35 -1.12 -6.27
C TYR A 85 -16.37 -2.45 -7.00
N ASN A 86 -16.49 -3.49 -6.20
CA ASN A 86 -16.48 -4.87 -6.67
C ASN A 86 -15.05 -5.29 -6.98
N GLN A 87 -14.16 -4.83 -6.11
CA GLN A 87 -12.74 -5.10 -6.22
C GLN A 87 -12.34 -6.16 -5.19
N GLU A 88 -12.67 -7.41 -5.48
CA GLU A 88 -12.36 -8.50 -4.56
C GLU A 88 -10.88 -8.52 -4.24
N ILE A 89 -10.59 -8.41 -2.95
CA ILE A 89 -9.23 -8.43 -2.45
C ILE A 89 -8.55 -9.76 -2.77
N THR A 90 -9.24 -10.85 -2.41
CA THR A 90 -8.79 -12.21 -2.64
C THR A 90 -7.73 -12.63 -1.64
N ASP A 91 -6.62 -11.91 -1.60
CA ASP A 91 -5.56 -12.22 -0.66
C ASP A 91 -5.87 -11.53 0.65
N LEU A 92 -7.01 -11.93 1.19
CA LEU A 92 -7.53 -11.39 2.42
C LEU A 92 -6.68 -11.76 3.63
N LYS A 93 -5.42 -12.10 3.43
CA LYS A 93 -4.57 -12.44 4.56
C LYS A 93 -3.17 -11.84 4.49
N GLN A 94 -2.99 -10.75 3.75
CA GLN A 94 -1.69 -10.10 3.69
C GLN A 94 -1.74 -8.85 4.56
N PRO A 95 -0.67 -8.05 4.68
CA PRO A 95 -0.72 -6.87 5.53
C PRO A 95 -1.46 -5.73 4.87
N VAL A 96 -1.15 -4.53 5.30
CA VAL A 96 -1.74 -3.34 4.74
C VAL A 96 -0.63 -2.37 4.39
N LEU A 97 -1.00 -1.21 3.91
CA LEU A 97 -0.02 -0.22 3.53
C LEU A 97 -0.33 1.14 4.12
N VAL A 98 0.29 1.47 5.23
CA VAL A 98 0.07 2.77 5.81
C VAL A 98 0.86 3.84 5.07
N SER A 99 0.15 4.59 4.23
CA SER A 99 0.76 5.67 3.47
C SER A 99 0.90 6.89 4.36
N GLN A 100 2.09 7.48 4.40
CA GLN A 100 2.32 8.64 5.26
C GLN A 100 3.18 9.72 4.61
N PRO A 101 2.64 10.95 4.47
CA PRO A 101 3.37 12.08 3.91
C PRO A 101 4.11 12.88 4.97
N LYS A 102 4.61 14.05 4.60
CA LYS A 102 5.33 14.91 5.53
C LYS A 102 4.70 16.29 5.61
N ARG A 103 3.42 16.39 5.19
CA ARG A 103 2.66 17.65 5.19
C ARG A 103 3.35 18.76 6.00
N ARG A 104 3.76 19.81 5.31
CA ARG A 104 4.43 20.95 5.94
C ARG A 104 3.66 22.25 5.73
N ARG A 105 2.73 22.23 4.76
CA ARG A 105 1.92 23.40 4.41
C ARG A 105 2.73 24.70 4.48
N GLY A 106 4.04 24.55 4.35
CA GLY A 106 4.96 25.67 4.41
C GLY A 106 4.66 26.75 3.39
N PRO A 107 5.42 26.80 2.29
CA PRO A 107 5.28 27.78 1.23
C PRO A 107 4.30 27.34 0.16
N GLY A 108 4.70 26.36 -0.63
CA GLY A 108 3.85 25.87 -1.68
C GLY A 108 3.98 24.38 -1.91
N GLY A 109 5.21 23.90 -2.03
CA GLY A 109 5.43 22.48 -2.24
C GLY A 109 4.92 21.65 -1.09
N THR A 110 5.45 20.45 -0.97
CA THR A 110 5.07 19.50 0.04
C THR A 110 3.57 19.29 0.07
N LEU A 111 3.18 18.09 -0.27
CA LEU A 111 1.79 17.72 -0.29
C LEU A 111 1.56 16.42 0.46
N PRO A 112 0.36 16.27 1.03
CA PRO A 112 0.01 15.11 1.81
C PRO A 112 -0.80 14.09 1.01
N GLY A 113 -1.03 12.95 1.62
CA GLY A 113 -1.77 11.88 0.99
C GLY A 113 -1.60 10.55 1.69
N PRO A 114 -1.98 10.44 2.98
CA PRO A 114 -1.86 9.21 3.73
C PRO A 114 -3.07 8.32 3.56
N ALA A 115 -2.85 7.02 3.63
CA ALA A 115 -3.93 6.08 3.42
C ALA A 115 -3.54 4.63 3.70
N MET A 116 -4.35 3.93 4.48
CA MET A 116 -4.11 2.51 4.69
C MET A 116 -4.43 1.88 3.36
N LEU A 117 -3.68 0.88 2.90
CA LEU A 117 -3.98 0.35 1.57
C LEU A 117 -3.90 -1.16 1.47
N ILE A 118 -4.85 -1.72 0.71
CA ILE A 118 -4.88 -3.15 0.45
C ILE A 118 -3.76 -3.46 -0.52
N PRO A 119 -2.71 -4.16 -0.09
CA PRO A 119 -1.60 -4.50 -0.97
C PRO A 119 -2.08 -5.23 -2.21
N GLU A 120 -3.13 -6.05 -2.05
CA GLU A 120 -3.69 -6.80 -3.18
C GLU A 120 -4.32 -5.90 -4.23
N LEU A 121 -4.38 -4.60 -3.96
CA LEU A 121 -4.96 -3.69 -4.93
C LEU A 121 -4.05 -2.49 -5.24
N CYS A 122 -2.89 -2.39 -4.62
CA CYS A 122 -2.01 -1.25 -4.86
C CYS A 122 -0.93 -1.50 -5.91
N TYR A 123 -1.18 -1.01 -7.12
CA TYR A 123 -0.22 -1.13 -8.22
C TYR A 123 1.07 -0.43 -7.87
N LEU A 124 2.16 -1.19 -7.78
CA LEU A 124 3.44 -0.59 -7.48
C LEU A 124 3.74 0.44 -8.55
N THR A 125 4.07 1.64 -8.13
CA THR A 125 4.32 2.72 -9.07
C THR A 125 5.78 2.89 -9.44
N GLY A 126 6.51 3.47 -8.52
CA GLY A 126 7.89 3.76 -8.71
C GLY A 126 8.07 5.26 -8.61
N LEU A 127 6.93 5.90 -8.43
CA LEU A 127 6.81 7.33 -8.29
C LEU A 127 7.79 7.87 -7.27
N THR A 128 7.73 7.34 -6.05
CA THR A 128 8.60 7.77 -4.96
C THR A 128 8.54 9.28 -4.80
N ASP A 129 7.38 9.82 -5.15
CA ASP A 129 7.14 11.25 -5.06
C ASP A 129 7.35 11.74 -3.64
N LYS A 130 8.58 12.15 -3.35
CA LYS A 130 8.92 12.66 -2.03
C LYS A 130 7.86 13.65 -1.58
N MET A 131 7.64 14.66 -2.42
CA MET A 131 6.64 15.69 -2.14
C MET A 131 6.71 16.87 -3.11
N ARG A 132 5.76 17.79 -2.94
CA ARG A 132 5.67 18.98 -3.79
C ARG A 132 6.81 19.95 -3.52
N ASN A 133 6.95 20.94 -4.42
CA ASN A 133 7.98 21.95 -4.34
C ASN A 133 7.93 22.85 -5.56
N ASP A 134 6.71 23.26 -5.90
CA ASP A 134 6.49 24.13 -7.05
C ASP A 134 6.71 25.59 -6.68
N CYS A 1 21.71 -6.57 -13.15
CA CYS A 1 20.84 -7.77 -13.32
C CYS A 1 20.69 -8.53 -12.00
N THR A 2 19.74 -9.45 -11.95
CA THR A 2 19.49 -10.25 -10.76
C THR A 2 19.41 -9.38 -9.51
N ASP A 3 18.52 -8.39 -9.53
CA ASP A 3 18.34 -7.49 -8.41
C ASP A 3 17.04 -7.79 -7.65
N VAL A 4 16.82 -7.06 -6.56
CA VAL A 4 15.62 -7.25 -5.75
C VAL A 4 15.07 -5.92 -5.29
N SER A 5 15.39 -4.88 -6.04
CA SER A 5 14.96 -3.53 -5.74
C SER A 5 13.80 -3.09 -6.63
N HIS A 6 13.76 -3.60 -7.86
CA HIS A 6 12.70 -3.25 -8.81
C HIS A 6 12.75 -1.76 -9.14
N LYS A 7 12.82 -1.46 -10.44
CA LYS A 7 12.89 -0.08 -10.89
C LYS A 7 11.58 0.37 -11.50
N VAL A 8 10.97 1.37 -10.87
CA VAL A 8 9.73 1.97 -11.31
C VAL A 8 8.87 1.03 -12.16
N LEU A 9 8.05 0.22 -11.50
CA LEU A 9 7.17 -0.71 -12.18
C LEU A 9 5.84 -0.01 -12.51
N ARG A 10 5.09 -0.58 -13.45
CA ARG A 10 3.81 0.01 -13.86
C ARG A 10 2.63 -0.59 -13.10
N SER A 11 2.26 -1.82 -13.45
CA SER A 11 1.13 -2.49 -12.81
C SER A 11 1.59 -3.34 -11.65
N GLU A 12 0.80 -4.36 -11.33
CA GLU A 12 1.10 -5.26 -10.24
C GLU A 12 0.90 -4.59 -8.90
N THR A 13 0.04 -5.17 -8.07
CA THR A 13 -0.22 -4.66 -6.74
C THR A 13 0.92 -5.05 -5.81
N VAL A 14 1.18 -4.23 -4.79
CA VAL A 14 2.28 -4.49 -3.87
C VAL A 14 2.11 -5.80 -3.12
N LEU A 15 0.94 -6.41 -3.25
CA LEU A 15 0.71 -7.68 -2.61
C LEU A 15 1.38 -8.74 -3.45
N ASP A 16 1.24 -8.59 -4.77
CA ASP A 16 1.85 -9.49 -5.72
C ASP A 16 3.35 -9.26 -5.68
N PHE A 17 3.71 -8.02 -5.34
CA PHE A 17 5.10 -7.61 -5.22
C PHE A 17 5.69 -8.21 -3.95
N MET A 18 5.19 -7.74 -2.81
CA MET A 18 5.63 -8.25 -1.52
C MET A 18 5.44 -9.77 -1.46
N PHE A 19 4.71 -10.30 -2.45
CA PHE A 19 4.47 -11.75 -2.55
C PHE A 19 5.75 -12.45 -2.99
N ASN A 20 6.23 -12.04 -4.16
CA ASN A 20 7.44 -12.62 -4.70
C ASN A 20 8.54 -12.53 -3.65
N PHE A 21 8.49 -11.43 -2.90
CA PHE A 21 9.44 -11.19 -1.83
C PHE A 21 9.24 -12.20 -0.71
N TYR A 22 7.99 -12.64 -0.54
CA TYR A 22 7.67 -13.64 0.48
C TYR A 22 8.47 -14.92 0.22
N HIS A 23 8.49 -15.33 -1.04
CA HIS A 23 9.22 -16.54 -1.43
C HIS A 23 10.68 -16.43 -1.01
N GLN A 24 11.32 -15.34 -1.42
CA GLN A 24 12.72 -15.10 -1.09
C GLN A 24 12.86 -14.67 0.38
N THR A 25 14.02 -14.09 0.73
CA THR A 25 14.35 -13.62 2.08
C THR A 25 13.81 -14.53 3.21
N GLU A 26 14.32 -14.31 4.43
CA GLU A 26 13.89 -15.08 5.59
C GLU A 26 12.54 -14.57 6.08
N GLU A 27 12.17 -14.90 7.32
CA GLU A 27 10.92 -14.41 7.88
C GLU A 27 11.11 -13.01 8.45
N HIS A 28 11.90 -12.94 9.53
CA HIS A 28 12.21 -11.66 10.15
C HIS A 28 12.79 -10.71 9.11
N LYS A 29 13.58 -11.29 8.22
CA LYS A 29 14.21 -10.55 7.15
C LYS A 29 13.13 -10.03 6.26
N PHE A 30 12.42 -10.96 5.64
CA PHE A 30 11.34 -10.64 4.72
C PHE A 30 10.74 -9.32 5.09
N GLN A 31 9.91 -9.36 6.10
CA GLN A 31 9.19 -8.19 6.57
C GLN A 31 10.06 -6.94 6.59
N GLU A 32 11.22 -7.02 7.23
CA GLU A 32 12.12 -5.87 7.30
C GLU A 32 12.45 -5.32 5.91
N GLN A 33 12.97 -6.18 5.04
CA GLN A 33 13.34 -5.78 3.69
C GLN A 33 12.15 -5.32 2.85
N VAL A 34 11.19 -6.23 2.63
CA VAL A 34 10.02 -5.89 1.81
C VAL A 34 9.66 -4.44 2.00
N SER A 35 9.32 -4.09 3.24
CA SER A 35 8.98 -2.72 3.53
C SER A 35 10.03 -1.81 2.91
N LYS A 36 11.28 -1.97 3.28
CA LYS A 36 12.33 -1.13 2.74
C LYS A 36 12.17 -1.01 1.23
N GLU A 37 11.70 -2.09 0.60
CA GLU A 37 11.48 -2.11 -0.84
C GLU A 37 10.38 -1.14 -1.25
N LEU A 38 9.32 -1.08 -0.46
CA LEU A 38 8.20 -0.18 -0.74
C LEU A 38 8.35 1.13 0.01
N ILE A 39 8.56 1.04 1.32
CA ILE A 39 8.72 2.22 2.17
C ILE A 39 9.42 3.35 1.41
N GLY A 40 8.71 4.46 1.23
CA GLY A 40 9.28 5.59 0.53
C GLY A 40 8.78 5.68 -0.89
N LEU A 41 8.02 4.66 -1.28
CA LEU A 41 7.46 4.55 -2.60
C LEU A 41 6.01 4.95 -2.53
N VAL A 42 5.36 4.96 -3.68
CA VAL A 42 3.94 5.24 -3.73
C VAL A 42 3.23 4.10 -4.47
N VAL A 43 1.94 3.92 -4.24
CA VAL A 43 1.20 2.84 -4.86
C VAL A 43 -0.12 3.31 -5.44
N LEU A 44 -0.56 2.65 -6.51
CA LEU A 44 -1.81 2.96 -7.19
C LEU A 44 -2.93 2.07 -6.65
N THR A 45 -3.97 2.66 -6.08
CA THR A 45 -5.07 1.88 -5.56
C THR A 45 -5.95 1.42 -6.70
N LYS A 46 -5.89 0.12 -6.98
CA LYS A 46 -6.63 -0.48 -8.09
C LYS A 46 -8.13 -0.18 -8.04
N TYR A 47 -8.68 0.10 -6.86
CA TYR A 47 -10.11 0.36 -6.79
C TYR A 47 -10.49 1.65 -7.53
N ASN A 48 -10.44 2.79 -6.85
CA ASN A 48 -10.78 4.05 -7.50
C ASN A 48 -9.53 4.72 -8.07
N ASN A 49 -8.56 3.89 -8.46
CA ASN A 49 -7.31 4.37 -9.04
C ASN A 49 -6.75 5.61 -8.34
N LYS A 50 -6.03 5.41 -7.24
CA LYS A 50 -5.44 6.53 -6.51
C LYS A 50 -4.04 6.20 -6.01
N THR A 51 -3.08 7.04 -6.33
CA THR A 51 -1.72 6.81 -5.89
C THR A 51 -1.37 7.56 -4.63
N TYR A 52 -0.99 6.81 -3.59
CA TYR A 52 -0.56 7.41 -2.33
C TYR A 52 0.87 7.00 -2.08
N ARG A 53 1.57 7.72 -1.23
CA ARG A 53 2.96 7.41 -0.98
C ARG A 53 3.14 6.48 0.22
N VAL A 54 3.31 5.18 -0.05
CA VAL A 54 3.52 4.18 0.99
C VAL A 54 4.87 4.41 1.67
N ASP A 55 4.79 4.67 2.97
CA ASP A 55 5.95 4.93 3.80
C ASP A 55 6.06 3.92 4.91
N ASP A 56 5.02 3.13 5.06
CA ASP A 56 4.97 2.10 6.10
C ASP A 56 4.03 0.98 5.69
N ILE A 57 4.55 -0.24 5.58
CA ILE A 57 3.69 -1.37 5.27
C ILE A 57 3.12 -1.88 6.59
N ASP A 58 1.82 -1.76 6.76
CA ASP A 58 1.20 -2.20 8.01
C ASP A 58 1.15 -3.72 8.08
N TRP A 59 2.23 -4.30 8.61
CA TRP A 59 2.34 -5.74 8.74
C TRP A 59 1.57 -6.22 9.97
N ASP A 60 0.34 -5.75 10.13
CA ASP A 60 -0.47 -6.13 11.27
C ASP A 60 -1.89 -6.52 10.86
N GLN A 61 -2.57 -5.66 10.11
CA GLN A 61 -3.95 -5.93 9.70
C GLN A 61 -4.01 -6.57 8.32
N ASN A 62 -5.19 -7.11 8.00
CA ASN A 62 -5.43 -7.76 6.72
C ASN A 62 -6.52 -7.01 5.96
N PRO A 63 -6.73 -7.32 4.66
CA PRO A 63 -7.76 -6.65 3.85
C PRO A 63 -9.17 -6.98 4.34
N LYS A 64 -9.25 -7.65 5.50
CA LYS A 64 -10.53 -8.03 6.08
C LYS A 64 -10.92 -7.07 7.18
N SER A 65 -9.91 -6.51 7.84
CA SER A 65 -10.14 -5.54 8.92
C SER A 65 -11.34 -4.66 8.61
N THR A 66 -12.10 -4.28 9.64
CA THR A 66 -13.29 -3.46 9.44
C THR A 66 -13.18 -2.07 10.04
N PHE A 67 -14.20 -1.28 9.74
CA PHE A 67 -14.30 0.10 10.21
C PHE A 67 -15.68 0.64 9.84
N LYS A 68 -16.23 1.52 10.67
CA LYS A 68 -17.55 2.07 10.40
C LYS A 68 -17.50 3.16 9.33
N LYS A 69 -18.65 3.43 8.73
CA LYS A 69 -18.76 4.43 7.68
C LYS A 69 -19.09 5.80 8.28
N ALA A 70 -19.61 6.69 7.44
CA ALA A 70 -19.99 8.03 7.87
C ALA A 70 -20.96 7.95 9.03
N ASP A 71 -22.10 7.30 8.80
CA ASP A 71 -23.10 7.15 9.83
C ASP A 71 -22.70 6.04 10.80
N GLY A 72 -21.72 5.25 10.41
CA GLY A 72 -21.27 4.16 11.26
C GLY A 72 -21.42 2.80 10.64
N SER A 73 -21.57 2.74 9.31
CA SER A 73 -21.71 1.44 8.65
C SER A 73 -20.40 0.70 8.75
N GLU A 74 -20.40 -0.42 9.46
CA GLU A 74 -19.17 -1.17 9.62
C GLU A 74 -18.90 -2.06 8.42
N VAL A 75 -17.91 -1.66 7.63
CA VAL A 75 -17.51 -2.43 6.46
C VAL A 75 -16.01 -2.68 6.49
N SER A 76 -15.62 -3.83 5.97
CA SER A 76 -14.21 -4.22 5.91
C SER A 76 -13.58 -3.72 4.64
N PHE A 77 -12.25 -3.65 4.61
CA PHE A 77 -11.55 -3.23 3.40
C PHE A 77 -12.17 -3.93 2.21
N LEU A 78 -12.04 -5.25 2.22
CA LEU A 78 -12.58 -6.11 1.18
C LEU A 78 -13.98 -5.67 0.79
N GLU A 79 -14.76 -5.29 1.79
CA GLU A 79 -16.12 -4.85 1.58
C GLU A 79 -16.16 -3.46 0.94
N TYR A 80 -15.78 -2.44 1.70
CA TYR A 80 -15.77 -1.07 1.21
C TYR A 80 -15.30 -1.01 -0.24
N TYR A 81 -14.28 -1.79 -0.54
CA TYR A 81 -13.67 -1.81 -1.85
C TYR A 81 -14.47 -2.59 -2.89
N ARG A 82 -15.09 -3.69 -2.49
CA ARG A 82 -15.86 -4.50 -3.44
C ARG A 82 -17.28 -3.99 -3.60
N LYS A 83 -17.93 -3.70 -2.50
CA LYS A 83 -19.30 -3.21 -2.51
C LYS A 83 -19.40 -1.84 -3.13
N GLN A 84 -18.48 -0.95 -2.76
CA GLN A 84 -18.52 0.40 -3.28
C GLN A 84 -17.56 0.63 -4.43
N TYR A 85 -16.36 0.05 -4.37
CA TYR A 85 -15.35 0.26 -5.41
C TYR A 85 -15.29 -0.93 -6.35
N ASN A 86 -16.07 -1.98 -6.06
CA ASN A 86 -16.08 -3.20 -6.86
C ASN A 86 -14.66 -3.59 -7.19
N GLN A 87 -13.84 -3.71 -6.16
CA GLN A 87 -12.44 -4.05 -6.31
C GLN A 87 -12.08 -5.25 -5.44
N GLU A 88 -12.48 -6.44 -5.89
CA GLU A 88 -12.20 -7.66 -5.16
C GLU A 88 -10.75 -7.69 -4.68
N ILE A 89 -10.60 -8.17 -3.47
CA ILE A 89 -9.29 -8.28 -2.82
C ILE A 89 -8.66 -9.64 -3.16
N THR A 90 -9.37 -10.69 -2.76
CA THR A 90 -8.98 -12.08 -3.00
C THR A 90 -7.94 -12.57 -2.00
N ASP A 91 -6.74 -12.01 -2.05
CA ASP A 91 -5.68 -12.42 -1.13
C ASP A 91 -6.21 -12.38 0.27
N LEU A 92 -6.67 -11.20 0.65
CA LEU A 92 -7.25 -10.97 1.95
C LEU A 92 -6.40 -11.51 3.09
N LYS A 93 -5.21 -12.05 2.80
CA LYS A 93 -4.38 -12.57 3.87
C LYS A 93 -3.00 -11.95 3.94
N GLN A 94 -2.83 -10.78 3.32
CA GLN A 94 -1.56 -10.08 3.37
C GLN A 94 -1.68 -8.88 4.32
N PRO A 95 -0.64 -8.04 4.48
CA PRO A 95 -0.74 -6.91 5.39
C PRO A 95 -1.45 -5.73 4.75
N VAL A 96 -1.15 -4.55 5.26
CA VAL A 96 -1.73 -3.33 4.76
C VAL A 96 -0.64 -2.37 4.34
N LEU A 97 -1.06 -1.22 3.85
CA LEU A 97 -0.11 -0.20 3.41
C LEU A 97 -0.44 1.16 3.98
N VAL A 98 0.24 1.54 5.05
CA VAL A 98 0.00 2.85 5.61
C VAL A 98 0.81 3.91 4.86
N SER A 99 0.10 4.68 4.04
CA SER A 99 0.73 5.76 3.28
C SER A 99 0.84 6.98 4.19
N GLN A 100 2.03 7.57 4.27
CA GLN A 100 2.22 8.72 5.14
C GLN A 100 2.84 9.92 4.40
N PRO A 101 2.20 11.10 4.51
CA PRO A 101 2.67 12.34 3.88
C PRO A 101 3.84 13.00 4.63
N LYS A 102 4.71 13.66 3.88
CA LYS A 102 5.85 14.36 4.44
C LYS A 102 5.90 15.80 3.94
N ARG A 103 4.81 16.53 4.21
CA ARG A 103 4.67 17.94 3.79
C ARG A 103 6.01 18.66 3.66
N ARG A 104 6.11 19.48 2.61
CA ARG A 104 7.31 20.23 2.32
C ARG A 104 7.50 21.37 3.32
N ARG A 105 8.36 22.32 2.97
CA ARG A 105 8.62 23.46 3.83
C ARG A 105 8.29 24.78 3.14
N GLY A 106 7.96 24.71 1.84
CA GLY A 106 7.64 25.92 1.12
C GLY A 106 6.72 25.70 -0.06
N PRO A 107 7.23 25.91 -1.28
CA PRO A 107 6.51 25.78 -2.54
C PRO A 107 6.80 24.46 -3.22
N GLY A 108 6.71 24.46 -4.55
CA GLY A 108 6.97 23.27 -5.30
C GLY A 108 5.79 22.81 -6.13
N GLY A 109 5.36 21.57 -5.93
CA GLY A 109 4.23 21.04 -6.66
C GLY A 109 3.98 19.56 -6.43
N THR A 110 2.71 19.17 -6.50
CA THR A 110 2.28 17.79 -6.26
C THR A 110 2.58 17.41 -4.83
N LEU A 111 1.57 16.92 -4.13
CA LEU A 111 1.75 16.56 -2.73
C LEU A 111 1.38 15.10 -2.41
N PRO A 112 1.65 14.66 -1.16
CA PRO A 112 1.34 13.30 -0.72
C PRO A 112 -0.14 13.04 -0.48
N GLY A 113 -0.41 12.06 0.38
CA GLY A 113 -1.76 11.68 0.70
C GLY A 113 -1.78 10.35 1.45
N PRO A 114 -1.98 10.36 2.77
CA PRO A 114 -1.99 9.15 3.58
C PRO A 114 -3.21 8.28 3.31
N ALA A 115 -3.03 6.97 3.47
CA ALA A 115 -4.12 6.04 3.19
C ALA A 115 -3.79 4.60 3.57
N MET A 116 -4.70 3.95 4.30
CA MET A 116 -4.54 2.53 4.61
C MET A 116 -4.96 1.77 3.37
N LEU A 117 -4.00 1.14 2.70
CA LEU A 117 -4.28 0.48 1.44
C LEU A 117 -4.17 -1.02 1.47
N ILE A 118 -4.85 -1.63 0.50
CA ILE A 118 -4.79 -3.06 0.32
C ILE A 118 -3.68 -3.35 -0.68
N PRO A 119 -2.63 -4.06 -0.25
CA PRO A 119 -1.51 -4.38 -1.14
C PRO A 119 -1.99 -5.12 -2.38
N GLU A 120 -3.08 -5.87 -2.23
CA GLU A 120 -3.63 -6.64 -3.36
C GLU A 120 -4.18 -5.74 -4.45
N LEU A 121 -4.21 -4.43 -4.21
CA LEU A 121 -4.72 -3.51 -5.21
C LEU A 121 -3.75 -2.37 -5.52
N CYS A 122 -2.68 -2.24 -4.73
CA CYS A 122 -1.76 -1.12 -4.90
C CYS A 122 -0.69 -1.33 -5.96
N TYR A 123 -1.01 -0.95 -7.20
CA TYR A 123 -0.07 -1.05 -8.31
C TYR A 123 1.21 -0.31 -8.00
N LEU A 124 2.30 -1.05 -7.83
CA LEU A 124 3.58 -0.43 -7.55
C LEU A 124 3.87 0.62 -8.61
N THR A 125 4.10 1.83 -8.16
CA THR A 125 4.34 2.95 -9.07
C THR A 125 5.80 3.18 -9.36
N GLY A 126 6.51 3.47 -8.30
CA GLY A 126 7.91 3.79 -8.40
C GLY A 126 8.02 5.28 -8.48
N LEU A 127 6.88 5.91 -8.25
CA LEU A 127 6.71 7.34 -8.28
C LEU A 127 7.62 8.01 -7.26
N THR A 128 7.57 7.52 -6.02
CA THR A 128 8.40 8.02 -4.94
C THR A 128 8.20 9.50 -4.72
N ASP A 129 6.96 9.92 -4.85
CA ASP A 129 6.59 11.32 -4.65
C ASP A 129 7.29 11.89 -3.43
N LYS A 130 8.44 12.51 -3.65
CA LYS A 130 9.20 13.11 -2.57
C LYS A 130 8.33 14.05 -1.79
N MET A 131 7.72 14.99 -2.52
CA MET A 131 6.80 16.01 -1.98
C MET A 131 6.80 17.25 -2.86
N ARG A 132 5.86 18.16 -2.59
CA ARG A 132 5.78 19.40 -3.35
C ARG A 132 7.10 20.14 -3.32
N ASN A 133 7.79 20.03 -4.43
CA ASN A 133 9.06 20.66 -4.65
C ASN A 133 9.22 20.87 -6.13
N ASP A 134 8.06 20.99 -6.77
CA ASP A 134 7.98 21.20 -8.20
C ASP A 134 8.89 20.23 -8.96
N CYS A 1 17.80 -15.83 -12.31
CA CYS A 1 16.33 -15.67 -12.18
C CYS A 1 15.99 -14.85 -10.94
N THR A 2 16.89 -14.86 -9.95
CA THR A 2 16.68 -14.12 -8.72
C THR A 2 17.00 -12.64 -8.91
N ASP A 3 15.99 -11.80 -8.80
CA ASP A 3 16.16 -10.36 -8.95
C ASP A 3 15.30 -9.59 -7.96
N VAL A 4 15.81 -8.46 -7.49
CA VAL A 4 15.10 -7.63 -6.52
C VAL A 4 15.07 -6.17 -6.98
N SER A 5 14.56 -5.30 -6.12
CA SER A 5 14.47 -3.87 -6.42
C SER A 5 13.82 -3.61 -7.78
N HIS A 6 12.49 -3.53 -7.77
CA HIS A 6 11.73 -3.28 -8.99
C HIS A 6 12.05 -1.90 -9.56
N LYS A 7 11.78 -1.73 -10.85
CA LYS A 7 12.03 -0.46 -11.52
C LYS A 7 10.76 0.07 -12.15
N VAL A 8 10.26 1.16 -11.59
CA VAL A 8 9.06 1.83 -12.08
C VAL A 8 8.11 0.87 -12.80
N LEU A 9 7.36 0.10 -12.03
CA LEU A 9 6.40 -0.85 -12.60
C LEU A 9 5.04 -0.19 -12.75
N ARG A 10 4.21 -0.75 -13.62
CA ARG A 10 2.88 -0.20 -13.87
C ARG A 10 1.80 -0.96 -13.11
N SER A 11 1.55 -2.20 -13.52
CA SER A 11 0.53 -3.02 -12.87
C SER A 11 1.11 -3.80 -11.70
N GLU A 12 0.40 -4.85 -11.31
CA GLU A 12 0.80 -5.69 -10.20
C GLU A 12 0.65 -4.97 -8.88
N THR A 13 -0.14 -5.54 -7.99
CA THR A 13 -0.35 -4.97 -6.67
C THR A 13 0.81 -5.34 -5.75
N VAL A 14 1.09 -4.49 -4.78
CA VAL A 14 2.21 -4.71 -3.88
C VAL A 14 2.06 -5.99 -3.08
N LEU A 15 0.89 -6.59 -3.16
CA LEU A 15 0.65 -7.85 -2.48
C LEU A 15 1.31 -8.95 -3.29
N ASP A 16 1.15 -8.84 -4.61
CA ASP A 16 1.74 -9.80 -5.52
C ASP A 16 3.24 -9.56 -5.52
N PHE A 17 3.58 -8.31 -5.23
CA PHE A 17 4.97 -7.89 -5.15
C PHE A 17 5.60 -8.45 -3.89
N MET A 18 5.15 -7.93 -2.76
CA MET A 18 5.61 -8.38 -1.45
C MET A 18 5.46 -9.90 -1.34
N PHE A 19 4.69 -10.48 -2.28
CA PHE A 19 4.48 -11.93 -2.33
C PHE A 19 5.75 -12.63 -2.79
N ASN A 20 6.21 -12.24 -3.97
CA ASN A 20 7.41 -12.80 -4.53
C ASN A 20 8.56 -12.56 -3.57
N PHE A 21 8.44 -11.49 -2.80
CA PHE A 21 9.43 -11.11 -1.80
C PHE A 21 9.32 -12.05 -0.61
N TYR A 22 8.13 -12.62 -0.44
CA TYR A 22 7.89 -13.57 0.64
C TYR A 22 8.72 -14.84 0.45
N HIS A 23 8.69 -15.37 -0.76
CA HIS A 23 9.41 -16.59 -1.10
C HIS A 23 10.92 -16.46 -0.87
N GLN A 24 11.50 -15.37 -1.37
CA GLN A 24 12.94 -15.15 -1.24
C GLN A 24 13.41 -15.05 0.22
N THR A 25 13.70 -13.83 0.65
CA THR A 25 14.17 -13.53 2.01
C THR A 25 13.47 -14.35 3.10
N GLU A 26 14.13 -14.45 4.26
CA GLU A 26 13.60 -15.17 5.41
C GLU A 26 12.29 -14.55 5.89
N GLU A 27 11.98 -14.74 7.17
CA GLU A 27 10.78 -14.16 7.75
C GLU A 27 11.07 -12.76 8.28
N HIS A 28 11.93 -12.71 9.30
CA HIS A 28 12.37 -11.46 9.91
C HIS A 28 12.92 -10.50 8.85
N LYS A 29 13.94 -10.98 8.12
CA LYS A 29 14.56 -10.21 7.08
C LYS A 29 13.53 -9.71 6.12
N PHE A 30 12.72 -10.64 5.62
CA PHE A 30 11.67 -10.35 4.68
C PHE A 30 11.03 -9.01 4.98
N GLN A 31 10.16 -9.04 5.97
CA GLN A 31 9.41 -7.87 6.37
C GLN A 31 10.27 -6.60 6.38
N GLU A 32 11.49 -6.71 6.90
CA GLU A 32 12.38 -5.56 6.96
C GLU A 32 12.66 -5.00 5.55
N GLN A 33 13.09 -5.86 4.64
CA GLN A 33 13.41 -5.42 3.27
C GLN A 33 12.17 -5.00 2.50
N VAL A 34 11.24 -5.94 2.30
CA VAL A 34 10.01 -5.64 1.56
C VAL A 34 9.62 -4.22 1.82
N SER A 35 9.33 -3.92 3.07
CA SER A 35 8.97 -2.58 3.43
C SER A 35 9.91 -1.60 2.77
N LYS A 36 11.20 -1.69 3.06
CA LYS A 36 12.16 -0.78 2.47
C LYS A 36 11.89 -0.59 0.98
N GLU A 37 11.38 -1.65 0.34
CA GLU A 37 11.06 -1.63 -1.08
C GLU A 37 9.84 -0.75 -1.39
N LEU A 38 8.87 -0.73 -0.47
CA LEU A 38 7.64 0.06 -0.65
C LEU A 38 7.65 1.35 0.18
N ILE A 39 8.36 1.33 1.31
CA ILE A 39 8.48 2.49 2.17
C ILE A 39 9.07 3.68 1.39
N GLY A 40 8.62 4.88 1.73
CA GLY A 40 9.09 6.08 1.04
C GLY A 40 8.74 6.05 -0.44
N LEU A 41 8.14 4.94 -0.85
CA LEU A 41 7.72 4.71 -2.23
C LEU A 41 6.21 4.88 -2.26
N VAL A 42 5.60 4.82 -3.43
CA VAL A 42 4.15 4.99 -3.50
C VAL A 42 3.46 3.84 -4.25
N VAL A 43 2.19 3.62 -3.94
CA VAL A 43 1.42 2.56 -4.57
C VAL A 43 0.23 3.12 -5.34
N LEU A 44 -0.52 2.26 -6.01
CA LEU A 44 -1.68 2.66 -6.82
C LEU A 44 -2.91 1.87 -6.40
N THR A 45 -3.94 2.55 -5.91
CA THR A 45 -5.15 1.87 -5.48
C THR A 45 -5.96 1.47 -6.70
N LYS A 46 -5.96 0.17 -6.98
CA LYS A 46 -6.64 -0.39 -8.16
C LYS A 46 -8.11 0.06 -8.24
N TYR A 47 -8.82 0.02 -7.12
CA TYR A 47 -10.24 0.39 -7.11
C TYR A 47 -10.46 1.82 -7.57
N ASN A 48 -9.58 2.72 -7.18
CA ASN A 48 -9.72 4.12 -7.56
C ASN A 48 -8.44 4.71 -8.15
N ASN A 49 -7.68 3.87 -8.87
CA ASN A 49 -6.41 4.29 -9.49
C ASN A 49 -5.84 5.53 -8.81
N LYS A 50 -5.66 5.40 -7.50
CA LYS A 50 -5.13 6.50 -6.69
C LYS A 50 -3.83 6.12 -6.03
N THR A 51 -2.81 6.93 -6.25
CA THR A 51 -1.49 6.63 -5.69
C THR A 51 -1.14 7.43 -4.44
N TYR A 52 -0.67 6.71 -3.40
CA TYR A 52 -0.22 7.35 -2.16
C TYR A 52 1.19 6.91 -1.87
N ARG A 53 1.89 7.69 -1.07
CA ARG A 53 3.26 7.36 -0.73
C ARG A 53 3.31 6.40 0.48
N VAL A 54 3.47 5.11 0.20
CA VAL A 54 3.58 4.13 1.27
C VAL A 54 4.86 4.36 2.04
N ASP A 55 4.69 4.74 3.29
CA ASP A 55 5.79 5.01 4.21
C ASP A 55 5.94 3.90 5.21
N ASP A 56 4.92 3.04 5.26
CA ASP A 56 4.90 1.92 6.17
C ASP A 56 3.98 0.84 5.65
N ILE A 57 4.44 -0.40 5.71
CA ILE A 57 3.62 -1.54 5.32
C ILE A 57 3.05 -2.14 6.59
N ASP A 58 1.76 -1.96 6.80
CA ASP A 58 1.12 -2.47 8.01
C ASP A 58 1.12 -4.00 8.02
N TRP A 59 2.20 -4.57 8.56
CA TRP A 59 2.35 -6.02 8.64
C TRP A 59 1.59 -6.57 9.83
N ASP A 60 0.36 -6.11 10.04
CA ASP A 60 -0.45 -6.56 11.16
C ASP A 60 -1.90 -6.85 10.77
N GLN A 61 -2.54 -5.89 10.09
CA GLN A 61 -3.93 -6.05 9.70
C GLN A 61 -4.08 -6.70 8.34
N ASN A 62 -5.24 -7.29 8.12
CA ASN A 62 -5.56 -7.95 6.86
C ASN A 62 -6.59 -7.11 6.10
N PRO A 63 -6.86 -7.42 4.81
CA PRO A 63 -7.84 -6.67 4.01
C PRO A 63 -9.26 -6.85 4.53
N LYS A 64 -9.39 -7.46 5.72
CA LYS A 64 -10.68 -7.71 6.32
C LYS A 64 -10.99 -6.71 7.42
N SER A 65 -9.97 -6.13 8.03
CA SER A 65 -10.17 -5.15 9.08
C SER A 65 -11.30 -4.19 8.69
N THR A 66 -12.03 -3.68 9.68
CA THR A 66 -13.14 -2.79 9.39
C THR A 66 -12.98 -1.39 9.96
N PHE A 67 -13.94 -0.55 9.61
CA PHE A 67 -14.00 0.84 10.03
C PHE A 67 -15.37 1.41 9.68
N LYS A 68 -15.88 2.31 10.51
CA LYS A 68 -17.20 2.88 10.26
C LYS A 68 -17.16 3.89 9.12
N LYS A 69 -18.34 4.17 8.56
CA LYS A 69 -18.49 5.11 7.46
C LYS A 69 -18.87 6.49 7.98
N ALA A 70 -19.19 7.39 7.04
CA ALA A 70 -19.60 8.75 7.38
C ALA A 70 -20.49 8.78 8.60
N ASP A 71 -21.66 8.15 8.49
CA ASP A 71 -22.61 8.10 9.58
C ASP A 71 -22.19 7.06 10.62
N GLY A 72 -21.32 6.14 10.21
CA GLY A 72 -20.86 5.10 11.12
C GLY A 72 -21.07 3.70 10.59
N SER A 73 -21.26 3.57 9.28
CA SER A 73 -21.45 2.24 8.71
C SER A 73 -20.14 1.47 8.79
N GLU A 74 -20.14 0.39 9.54
CA GLU A 74 -18.91 -0.37 9.67
C GLU A 74 -18.69 -1.30 8.48
N VAL A 75 -17.74 -0.92 7.64
CA VAL A 75 -17.37 -1.71 6.47
C VAL A 75 -15.88 -2.00 6.50
N SER A 76 -15.51 -3.15 5.97
CA SER A 76 -14.12 -3.55 5.91
C SER A 76 -13.49 -3.07 4.62
N PHE A 77 -12.20 -3.28 4.50
CA PHE A 77 -11.51 -2.93 3.27
C PHE A 77 -12.20 -3.65 2.14
N LEU A 78 -12.12 -4.97 2.22
CA LEU A 78 -12.73 -5.86 1.25
C LEU A 78 -14.09 -5.34 0.85
N GLU A 79 -14.88 -4.99 1.85
CA GLU A 79 -16.21 -4.46 1.64
C GLU A 79 -16.18 -3.09 0.96
N TYR A 80 -15.71 -2.07 1.67
CA TYR A 80 -15.64 -0.72 1.11
C TYR A 80 -15.20 -0.75 -0.34
N TYR A 81 -14.28 -1.64 -0.66
CA TYR A 81 -13.75 -1.75 -2.01
C TYR A 81 -14.66 -2.54 -2.95
N ARG A 82 -15.34 -3.55 -2.42
CA ARG A 82 -16.22 -4.40 -3.23
C ARG A 82 -17.62 -3.80 -3.42
N LYS A 83 -18.12 -3.14 -2.40
CA LYS A 83 -19.44 -2.55 -2.44
C LYS A 83 -19.40 -1.17 -3.08
N GLN A 84 -18.35 -0.41 -2.77
CA GLN A 84 -18.22 0.93 -3.32
C GLN A 84 -17.64 0.93 -4.73
N TYR A 85 -16.70 0.02 -5.00
CA TYR A 85 -16.04 -0.03 -6.30
C TYR A 85 -16.00 -1.45 -6.88
N ASN A 86 -16.58 -2.41 -6.17
CA ASN A 86 -16.55 -3.80 -6.62
C ASN A 86 -15.13 -4.21 -6.96
N GLN A 87 -14.26 -4.08 -5.98
CA GLN A 87 -12.86 -4.41 -6.15
C GLN A 87 -12.46 -5.56 -5.24
N GLU A 88 -12.87 -6.77 -5.63
CA GLU A 88 -12.55 -7.96 -4.87
C GLU A 88 -11.06 -8.02 -4.55
N ILE A 89 -10.79 -8.17 -3.25
CA ILE A 89 -9.44 -8.23 -2.72
C ILE A 89 -8.74 -9.55 -3.07
N THR A 90 -9.42 -10.64 -2.76
CA THR A 90 -8.93 -12.01 -3.01
C THR A 90 -7.93 -12.45 -1.95
N ASP A 91 -6.82 -11.74 -1.84
CA ASP A 91 -5.81 -12.10 -0.85
C ASP A 91 -6.16 -11.44 0.47
N LEU A 92 -7.30 -11.85 0.99
CA LEU A 92 -7.83 -11.32 2.21
C LEU A 92 -7.03 -11.76 3.44
N LYS A 93 -5.76 -12.10 3.25
CA LYS A 93 -4.94 -12.52 4.37
C LYS A 93 -3.51 -11.96 4.33
N GLN A 94 -3.27 -10.88 3.58
CA GLN A 94 -1.95 -10.29 3.54
C GLN A 94 -1.95 -9.05 4.44
N PRO A 95 -0.88 -8.21 4.48
CA PRO A 95 -0.89 -7.08 5.36
C PRO A 95 -1.60 -5.89 4.73
N VAL A 96 -1.22 -4.71 5.18
CA VAL A 96 -1.79 -3.48 4.67
C VAL A 96 -0.68 -2.53 4.31
N LEU A 97 -1.04 -1.47 3.64
CA LEU A 97 -0.09 -0.45 3.26
C LEU A 97 -0.42 0.87 3.91
N VAL A 98 0.17 1.13 5.06
CA VAL A 98 -0.09 2.38 5.73
C VAL A 98 0.69 3.51 5.07
N SER A 99 -0.01 4.25 4.21
CA SER A 99 0.58 5.39 3.55
C SER A 99 0.56 6.53 4.56
N GLN A 100 1.65 7.27 4.67
CA GLN A 100 1.73 8.30 5.70
C GLN A 100 1.39 9.72 5.25
N PRO A 101 0.61 10.44 6.09
CA PRO A 101 0.21 11.85 5.87
C PRO A 101 1.37 12.83 6.06
N LYS A 102 1.03 14.10 6.29
CA LYS A 102 2.01 15.16 6.49
C LYS A 102 3.12 14.72 7.43
N ARG A 103 4.23 14.25 6.86
CA ARG A 103 5.35 13.80 7.63
C ARG A 103 5.98 14.90 8.46
N ARG A 104 6.25 16.06 7.85
CA ARG A 104 6.86 17.17 8.55
C ARG A 104 6.04 18.44 8.39
N ARG A 105 6.10 19.30 9.41
CA ARG A 105 5.39 20.57 9.39
C ARG A 105 6.40 21.70 9.47
N GLY A 106 5.98 22.90 9.08
CA GLY A 106 6.89 24.02 9.11
C GLY A 106 6.73 24.94 7.92
N PRO A 107 7.51 24.68 6.87
CA PRO A 107 7.50 25.46 5.64
C PRO A 107 6.38 25.05 4.69
N GLY A 108 6.58 23.94 3.99
CA GLY A 108 5.59 23.47 3.06
C GLY A 108 6.10 22.37 2.15
N GLY A 109 7.31 22.55 1.60
CA GLY A 109 7.90 21.57 0.73
C GLY A 109 7.84 20.17 1.30
N THR A 110 8.26 19.21 0.49
CA THR A 110 8.20 17.80 0.84
C THR A 110 6.82 17.43 1.31
N LEU A 111 6.18 16.55 0.57
CA LEU A 111 4.84 16.14 0.90
C LEU A 111 4.59 14.65 0.72
N PRO A 112 3.58 14.15 1.43
CA PRO A 112 3.20 12.76 1.47
C PRO A 112 1.84 12.44 0.84
N GLY A 113 1.19 11.42 1.40
CA GLY A 113 -0.11 10.96 0.94
C GLY A 113 -0.58 9.77 1.78
N PRO A 114 -1.44 10.01 2.79
CA PRO A 114 -1.92 8.97 3.70
C PRO A 114 -3.13 8.17 3.21
N ALA A 115 -3.08 6.87 3.46
CA ALA A 115 -4.17 5.99 3.05
C ALA A 115 -3.97 4.54 3.53
N MET A 116 -5.00 3.96 4.14
CA MET A 116 -4.92 2.56 4.53
C MET A 116 -5.27 1.75 3.29
N LEU A 117 -4.24 1.28 2.61
CA LEU A 117 -4.41 0.58 1.34
C LEU A 117 -4.39 -0.94 1.45
N ILE A 118 -4.94 -1.56 0.41
CA ILE A 118 -4.93 -3.02 0.30
C ILE A 118 -3.81 -3.40 -0.65
N PRO A 119 -2.71 -3.99 -0.15
CA PRO A 119 -1.61 -4.40 -1.01
C PRO A 119 -2.10 -5.19 -2.22
N GLU A 120 -3.18 -5.98 -2.06
CA GLU A 120 -3.73 -6.78 -3.17
C GLU A 120 -4.33 -5.92 -4.26
N LEU A 121 -4.39 -4.61 -4.05
CA LEU A 121 -4.94 -3.71 -5.04
C LEU A 121 -3.99 -2.56 -5.38
N CYS A 122 -2.89 -2.45 -4.67
CA CYS A 122 -1.98 -1.33 -4.89
C CYS A 122 -0.89 -1.59 -5.94
N TYR A 123 -1.15 -1.16 -7.17
CA TYR A 123 -0.18 -1.29 -8.25
C TYR A 123 1.12 -0.61 -7.89
N LEU A 124 2.20 -1.37 -7.84
CA LEU A 124 3.49 -0.80 -7.51
C LEU A 124 3.80 0.27 -8.54
N THR A 125 4.18 1.44 -8.06
CA THR A 125 4.44 2.55 -8.94
C THR A 125 5.92 2.74 -9.27
N GLY A 126 6.62 3.28 -8.32
CA GLY A 126 8.02 3.60 -8.46
C GLY A 126 8.15 5.10 -8.51
N LEU A 127 7.00 5.70 -8.26
CA LEU A 127 6.81 7.13 -8.25
C LEU A 127 7.70 7.86 -7.25
N THR A 128 7.52 7.55 -5.97
CA THR A 128 8.24 8.22 -4.91
C THR A 128 8.02 9.72 -5.06
N ASP A 129 6.99 10.03 -5.82
CA ASP A 129 6.59 11.39 -6.19
C ASP A 129 5.87 12.12 -5.07
N LYS A 130 5.04 13.09 -5.49
CA LYS A 130 4.22 13.89 -4.59
C LYS A 130 5.03 14.86 -3.75
N MET A 131 6.07 14.35 -3.12
CA MET A 131 6.93 15.16 -2.26
C MET A 131 7.17 16.55 -2.83
N ARG A 132 6.80 17.53 -2.03
CA ARG A 132 6.93 18.94 -2.38
C ARG A 132 8.39 19.40 -2.32
N ASN A 133 8.61 20.64 -1.91
CA ASN A 133 9.96 21.20 -1.84
C ASN A 133 10.53 21.27 -3.25
N ASP A 134 9.63 21.46 -4.19
CA ASP A 134 9.98 21.56 -5.60
C ASP A 134 10.49 22.96 -5.94
#